data_2RPZ
#
_entry.id   2RPZ
#
loop_
_entity.id
_entity.type
_entity.pdbx_description
1 polymer 'Probable C->U-editing enzyme APOBEC-2'
2 non-polymer 'ZINC ION'
#
_entity_poly.entity_id   1
_entity_poly.type   'polypeptide(L)'
_entity_poly.pdbx_seq_one_letter_code
;GSSGSSGRLPVNFFKFQFRNVEYSSGRNKTFLCYVVEVQSKGGQAQATQGYLEDEHAGAHAEEAFFNTILPAFDPALKYN
VTWYVSSSPCAACADRILKTLSKTKNLRLLILVSRLFMWEEPEVQAALKKLKEAGCKLRIMKPQDFEYIWQNFVEQEEGE
SKAFEPWEDIQENFLYYEEKLADILKSGPSSG
;
_entity_poly.pdbx_strand_id   A
#
# COMPACT_ATOMS: atom_id res chain seq x y z
N GLY A 1 -6.25 11.32 6.05
CA GLY A 1 -7.01 12.31 5.31
C GLY A 1 -6.19 13.52 4.94
N SER A 2 -6.22 14.55 5.80
CA SER A 2 -5.47 15.76 5.55
C SER A 2 -5.68 16.26 4.12
N SER A 3 -6.83 15.92 3.55
CA SER A 3 -7.16 16.33 2.19
C SER A 3 -7.12 17.84 2.05
N GLY A 4 -7.13 18.31 0.80
CA GLY A 4 -7.09 19.74 0.55
C GLY A 4 -7.65 20.10 -0.81
N SER A 5 -6.88 19.86 -1.86
CA SER A 5 -7.30 20.17 -3.22
C SER A 5 -7.35 18.91 -4.06
N SER A 6 -6.19 18.41 -4.45
CA SER A 6 -6.10 17.20 -5.27
C SER A 6 -5.73 15.99 -4.41
N GLY A 7 -6.04 14.80 -4.94
CA GLY A 7 -5.74 13.58 -4.21
C GLY A 7 -4.45 12.94 -4.67
N ARG A 8 -3.69 13.65 -5.50
CA ARG A 8 -2.43 13.14 -6.02
C ARG A 8 -1.29 14.11 -5.74
N LEU A 9 -0.08 13.73 -6.12
CA LEU A 9 1.10 14.57 -5.91
C LEU A 9 1.72 14.98 -7.24
N PRO A 10 2.21 16.23 -7.30
CA PRO A 10 2.83 16.78 -8.51
C PRO A 10 4.18 16.12 -8.81
N VAL A 11 4.35 15.64 -10.03
CA VAL A 11 5.59 15.00 -10.44
C VAL A 11 6.80 15.83 -10.05
N ASN A 12 6.71 17.15 -10.26
CA ASN A 12 7.80 18.05 -9.92
C ASN A 12 8.30 17.79 -8.51
N PHE A 13 7.40 17.36 -7.63
CA PHE A 13 7.75 17.07 -6.25
C PHE A 13 8.00 15.58 -6.05
N PHE A 14 7.01 14.77 -6.42
CA PHE A 14 7.12 13.32 -6.28
C PHE A 14 8.49 12.83 -6.76
N LYS A 15 9.04 13.52 -7.76
CA LYS A 15 10.34 13.15 -8.32
C LYS A 15 11.41 13.18 -7.25
N PHE A 16 11.34 14.17 -6.35
CA PHE A 16 12.30 14.31 -5.27
C PHE A 16 11.75 13.76 -3.97
N GLN A 17 10.47 13.40 -3.98
CA GLN A 17 9.81 12.86 -2.79
C GLN A 17 9.83 11.33 -2.81
N PHE A 18 9.16 10.75 -3.82
CA PHE A 18 9.10 9.30 -3.94
C PHE A 18 10.48 8.72 -4.26
N ARG A 19 11.45 9.60 -4.45
CA ARG A 19 12.82 9.18 -4.75
C ARG A 19 13.41 8.36 -3.60
N ASN A 20 12.80 8.50 -2.42
CA ASN A 20 13.27 7.78 -1.25
C ASN A 20 13.54 6.31 -1.57
N VAL A 21 14.76 6.02 -1.98
CA VAL A 21 15.15 4.65 -2.32
C VAL A 21 16.34 4.19 -1.51
N GLU A 22 16.44 2.88 -1.28
CA GLU A 22 17.54 2.32 -0.51
C GLU A 22 18.87 2.89 -0.97
N TYR A 23 19.02 3.08 -2.27
CA TYR A 23 20.25 3.61 -2.84
C TYR A 23 20.24 5.14 -2.80
N SER A 24 19.65 5.69 -1.75
CA SER A 24 19.57 7.14 -1.58
C SER A 24 19.46 7.52 -0.12
N SER A 25 20.43 8.28 0.38
CA SER A 25 20.44 8.70 1.77
C SER A 25 19.73 10.04 1.93
N GLY A 26 18.69 10.05 2.75
CA GLY A 26 17.94 11.28 2.98
C GLY A 26 16.46 11.12 2.65
N ARG A 27 15.64 10.92 3.68
CA ARG A 27 14.21 10.75 3.48
C ARG A 27 13.43 11.75 4.34
N ASN A 28 12.28 12.18 3.84
CA ASN A 28 11.44 13.14 4.55
C ASN A 28 10.16 12.47 5.04
N LYS A 29 9.23 12.23 4.13
CA LYS A 29 7.96 11.59 4.47
C LYS A 29 7.36 10.90 3.26
N THR A 30 6.96 9.64 3.43
CA THR A 30 6.37 8.87 2.35
C THR A 30 4.85 8.93 2.40
N PHE A 31 4.21 8.90 1.23
CA PHE A 31 2.76 8.95 1.14
C PHE A 31 2.20 7.59 0.73
N LEU A 32 1.03 7.26 1.27
CA LEU A 32 0.37 5.99 0.97
C LEU A 32 -0.92 6.22 0.19
N CYS A 33 -0.97 5.71 -1.02
CA CYS A 33 -2.15 5.85 -1.87
C CYS A 33 -3.19 4.80 -1.53
N TYR A 34 -4.46 5.21 -1.53
CA TYR A 34 -5.56 4.29 -1.22
C TYR A 34 -6.68 4.42 -2.24
N VAL A 35 -7.18 3.27 -2.71
CA VAL A 35 -8.25 3.26 -3.70
C VAL A 35 -9.36 2.30 -3.28
N VAL A 36 -10.49 2.86 -2.85
CA VAL A 36 -11.62 2.05 -2.41
C VAL A 36 -12.74 2.06 -3.46
N GLU A 37 -13.18 0.89 -3.87
CA GLU A 37 -14.24 0.76 -4.86
C GLU A 37 -15.38 -0.10 -4.34
N VAL A 38 -16.50 0.53 -4.03
CA VAL A 38 -17.67 -0.18 -3.52
C VAL A 38 -18.67 -0.47 -4.63
N GLN A 39 -19.53 -1.46 -4.41
CA GLN A 39 -20.54 -1.84 -5.39
C GLN A 39 -21.76 -2.43 -4.72
N SER A 40 -22.92 -2.31 -5.38
CA SER A 40 -24.17 -2.83 -4.85
C SER A 40 -24.86 -3.71 -5.87
N LYS A 41 -24.63 -5.02 -5.76
CA LYS A 41 -25.25 -5.99 -6.67
C LYS A 41 -25.25 -5.45 -8.10
N GLY A 42 -24.17 -4.77 -8.48
CA GLY A 42 -24.08 -4.22 -9.82
C GLY A 42 -24.98 -3.02 -10.02
N GLY A 43 -24.38 -1.84 -10.20
CA GLY A 43 -25.16 -0.64 -10.40
C GLY A 43 -24.44 0.60 -9.92
N GLN A 44 -24.68 1.00 -8.68
CA GLN A 44 -24.05 2.17 -8.10
C GLN A 44 -22.80 1.79 -7.32
N ALA A 45 -21.68 2.42 -7.65
CA ALA A 45 -20.42 2.14 -6.97
C ALA A 45 -19.72 3.44 -6.56
N GLN A 46 -19.14 3.44 -5.37
CA GLN A 46 -18.45 4.62 -4.85
C GLN A 46 -16.94 4.41 -4.87
N ALA A 47 -16.24 5.19 -5.69
CA ALA A 47 -14.79 5.09 -5.79
C ALA A 47 -14.10 6.25 -5.08
N THR A 48 -13.12 5.93 -4.25
CA THR A 48 -12.39 6.96 -3.51
C THR A 48 -10.89 6.87 -3.79
N GLN A 49 -10.19 7.98 -3.60
CA GLN A 49 -8.75 8.03 -3.83
C GLN A 49 -8.10 9.14 -3.00
N GLY A 50 -6.82 8.98 -2.69
CA GLY A 50 -6.11 9.96 -1.92
C GLY A 50 -4.92 9.38 -1.17
N TYR A 51 -4.04 10.25 -0.69
CA TYR A 51 -2.86 9.81 0.04
C TYR A 51 -2.97 10.16 1.53
N LEU A 52 -2.28 9.39 2.37
CA LEU A 52 -2.30 9.63 3.80
C LEU A 52 -0.91 9.99 4.31
N GLU A 53 -0.87 10.73 5.42
CA GLU A 53 0.39 11.15 6.01
C GLU A 53 0.63 10.45 7.34
N ASP A 54 1.78 9.80 7.46
CA ASP A 54 2.13 9.08 8.69
C ASP A 54 2.31 10.06 9.85
N GLU A 55 1.72 9.73 10.99
CA GLU A 55 1.81 10.58 12.18
C GLU A 55 3.11 10.29 12.95
N HIS A 56 3.86 11.34 13.23
CA HIS A 56 5.12 11.21 13.96
C HIS A 56 4.93 10.36 15.20
N ALA A 57 3.74 10.43 15.80
CA ALA A 57 3.43 9.68 17.00
C ALA A 57 1.92 9.54 17.19
N GLY A 58 1.35 8.53 16.54
CA GLY A 58 -0.09 8.30 16.66
C GLY A 58 -0.59 7.25 15.69
N ALA A 59 -1.06 7.69 14.52
CA ALA A 59 -1.56 6.77 13.52
C ALA A 59 -0.69 6.80 12.27
N HIS A 60 -0.13 5.65 11.92
CA HIS A 60 0.72 5.56 10.73
C HIS A 60 -0.13 5.73 9.48
N ALA A 61 0.51 6.26 8.44
CA ALA A 61 -0.16 6.48 7.17
C ALA A 61 -1.19 5.39 6.89
N GLU A 62 -0.82 4.15 7.19
CA GLU A 62 -1.71 3.01 6.97
C GLU A 62 -3.00 3.18 7.78
N GLU A 63 -2.85 3.41 9.08
CA GLU A 63 -4.00 3.58 9.96
C GLU A 63 -4.85 4.77 9.52
N ALA A 64 -4.19 5.90 9.31
CA ALA A 64 -4.89 7.13 8.89
C ALA A 64 -5.99 6.80 7.89
N PHE A 65 -5.83 5.71 7.16
CA PHE A 65 -6.81 5.29 6.17
C PHE A 65 -8.16 4.98 6.83
N PHE A 66 -8.23 3.86 7.51
CA PHE A 66 -9.45 3.45 8.19
C PHE A 66 -9.86 4.48 9.24
N ASN A 67 -8.98 5.43 9.51
CA ASN A 67 -9.24 6.46 10.49
C ASN A 67 -10.21 7.50 9.94
N THR A 68 -10.07 7.83 8.66
CA THR A 68 -10.93 8.81 8.02
C THR A 68 -11.39 8.31 6.65
N ILE A 69 -10.47 7.71 5.90
CA ILE A 69 -10.79 7.19 4.57
C ILE A 69 -11.93 6.18 4.64
N LEU A 70 -11.63 4.99 5.15
CA LEU A 70 -12.63 3.94 5.27
C LEU A 70 -13.04 3.72 6.72
N PRO A 71 -13.86 4.65 7.25
CA PRO A 71 -14.34 4.59 8.63
C PRO A 71 -15.32 3.44 8.85
N ALA A 72 -16.21 3.22 7.89
CA ALA A 72 -17.19 2.16 7.98
C ALA A 72 -17.51 1.59 6.60
N PHE A 73 -18.03 0.36 6.58
CA PHE A 73 -18.36 -0.30 5.33
C PHE A 73 -19.65 -1.12 5.48
N ASP A 74 -20.47 -1.12 4.44
CA ASP A 74 -21.73 -1.86 4.46
C ASP A 74 -21.52 -3.29 3.94
N PRO A 75 -22.01 -4.27 4.72
CA PRO A 75 -21.88 -5.68 4.36
C PRO A 75 -22.76 -6.06 3.18
N ALA A 76 -23.39 -5.06 2.57
CA ALA A 76 -24.24 -5.28 1.41
C ALA A 76 -23.56 -4.83 0.12
N LEU A 77 -22.41 -4.20 0.26
CA LEU A 77 -21.66 -3.72 -0.89
C LEU A 77 -20.28 -4.36 -0.95
N LYS A 78 -19.67 -4.36 -2.14
CA LYS A 78 -18.35 -4.94 -2.32
C LYS A 78 -17.28 -3.85 -2.39
N TYR A 79 -16.64 -3.58 -1.26
CA TYR A 79 -15.60 -2.56 -1.20
C TYR A 79 -14.26 -3.11 -1.69
N ASN A 80 -13.64 -2.38 -2.61
CA ASN A 80 -12.34 -2.80 -3.15
C ASN A 80 -11.25 -1.80 -2.80
N VAL A 81 -10.56 -2.05 -1.69
CA VAL A 81 -9.49 -1.17 -1.25
C VAL A 81 -8.15 -1.58 -1.87
N THR A 82 -7.33 -0.58 -2.19
CA THR A 82 -6.03 -0.84 -2.79
C THR A 82 -4.98 0.15 -2.26
N TRP A 83 -3.87 -0.40 -1.76
CA TRP A 83 -2.80 0.42 -1.22
C TRP A 83 -1.54 0.29 -2.06
N TYR A 84 -1.00 1.42 -2.50
CA TYR A 84 0.21 1.43 -3.33
C TYR A 84 1.33 2.20 -2.63
N VAL A 85 2.22 1.46 -1.98
CA VAL A 85 3.35 2.07 -1.28
C VAL A 85 4.65 1.31 -1.55
N SER A 86 5.74 1.79 -0.97
CA SER A 86 7.05 1.16 -1.15
C SER A 86 7.51 0.48 0.14
N SER A 87 7.08 1.04 1.27
CA SER A 87 7.45 0.50 2.58
C SER A 87 6.31 -0.32 3.16
N SER A 88 6.65 -1.50 3.69
CA SER A 88 5.64 -2.38 4.29
C SER A 88 5.22 -1.87 5.66
N PRO A 89 3.98 -2.17 6.04
CA PRO A 89 3.42 -1.77 7.34
C PRO A 89 4.07 -2.50 8.51
N CYS A 90 4.36 -1.76 9.57
CA CYS A 90 4.98 -2.35 10.75
C CYS A 90 4.04 -3.35 11.42
N ALA A 91 4.59 -4.14 12.34
CA ALA A 91 3.79 -5.13 13.05
C ALA A 91 2.53 -4.51 13.65
N ALA A 92 2.52 -3.19 13.74
CA ALA A 92 1.37 -2.48 14.29
C ALA A 92 0.45 -1.99 13.18
N CYS A 93 1.03 -1.55 12.07
CA CYS A 93 0.26 -1.07 10.93
C CYS A 93 -0.61 -2.17 10.36
N ALA A 94 -0.03 -3.36 10.20
CA ALA A 94 -0.75 -4.49 9.65
C ALA A 94 -1.75 -5.04 10.66
N ASP A 95 -1.64 -4.59 11.91
CA ASP A 95 -2.53 -5.04 12.97
C ASP A 95 -3.94 -4.49 12.77
N ARG A 96 -4.10 -3.19 13.00
CA ARG A 96 -5.40 -2.56 12.85
C ARG A 96 -6.00 -2.87 11.48
N ILE A 97 -5.17 -3.33 10.56
CA ILE A 97 -5.62 -3.68 9.22
C ILE A 97 -6.24 -5.07 9.19
N LEU A 98 -5.64 -6.00 9.90
CA LEU A 98 -6.13 -7.37 9.97
C LEU A 98 -7.42 -7.44 10.79
N LYS A 99 -7.52 -6.59 11.79
CA LYS A 99 -8.70 -6.55 12.64
C LYS A 99 -9.93 -6.09 11.87
N THR A 100 -9.70 -5.53 10.69
CA THR A 100 -10.78 -5.05 9.85
C THR A 100 -11.23 -6.12 8.86
N LEU A 101 -10.27 -6.92 8.40
CA LEU A 101 -10.56 -7.99 7.45
C LEU A 101 -11.21 -9.18 8.14
N SER A 102 -10.83 -9.42 9.39
CA SER A 102 -11.38 -10.52 10.16
C SER A 102 -12.84 -10.26 10.53
N LYS A 103 -13.33 -9.08 10.16
CA LYS A 103 -14.72 -8.71 10.44
C LYS A 103 -15.47 -8.43 9.15
N THR A 104 -14.79 -7.84 8.18
CA THR A 104 -15.40 -7.52 6.90
C THR A 104 -14.99 -8.53 5.83
N LYS A 105 -15.99 -9.16 5.20
CA LYS A 105 -15.74 -10.14 4.16
C LYS A 105 -15.88 -9.52 2.78
N ASN A 106 -17.05 -8.96 2.50
CA ASN A 106 -17.31 -8.32 1.22
C ASN A 106 -16.24 -7.29 0.90
N LEU A 107 -15.47 -6.90 1.91
CA LEU A 107 -14.41 -5.92 1.74
C LEU A 107 -13.10 -6.60 1.32
N ARG A 108 -12.56 -6.18 0.19
CA ARG A 108 -11.30 -6.74 -0.31
C ARG A 108 -10.16 -5.74 -0.18
N LEU A 109 -9.36 -5.90 0.86
CA LEU A 109 -8.23 -5.00 1.11
C LEU A 109 -6.99 -5.50 0.38
N LEU A 110 -6.30 -4.59 -0.31
CA LEU A 110 -5.09 -4.93 -1.04
C LEU A 110 -3.96 -3.96 -0.70
N ILE A 111 -2.74 -4.49 -0.62
CA ILE A 111 -1.57 -3.68 -0.31
C ILE A 111 -0.34 -4.18 -1.04
N LEU A 112 0.41 -3.26 -1.65
CA LEU A 112 1.62 -3.61 -2.38
C LEU A 112 2.81 -2.82 -1.86
N VAL A 113 4.00 -3.42 -1.95
CA VAL A 113 5.22 -2.78 -1.49
C VAL A 113 6.40 -3.13 -2.39
N SER A 114 6.95 -2.13 -3.07
CA SER A 114 8.08 -2.33 -3.96
C SER A 114 9.31 -2.79 -3.19
N ARG A 115 9.26 -2.65 -1.87
CA ARG A 115 10.37 -3.04 -1.02
C ARG A 115 9.88 -3.47 0.36
N LEU A 116 10.41 -4.58 0.86
CA LEU A 116 10.02 -5.11 2.16
C LEU A 116 10.81 -4.43 3.27
N PHE A 117 10.10 -4.00 4.32
CA PHE A 117 10.73 -3.34 5.45
C PHE A 117 10.54 -4.15 6.73
N MET A 118 11.51 -4.07 7.63
CA MET A 118 11.44 -4.79 8.90
C MET A 118 10.90 -6.20 8.69
N TRP A 119 11.21 -6.80 7.54
CA TRP A 119 10.74 -8.14 7.22
C TRP A 119 11.68 -9.19 7.81
N GLU A 120 12.39 -8.82 8.87
CA GLU A 120 13.33 -9.74 9.52
C GLU A 120 13.06 -9.82 11.02
N GLU A 121 12.09 -9.05 11.48
CA GLU A 121 11.73 -9.03 12.89
C GLU A 121 10.73 -10.14 13.21
N PRO A 122 10.94 -10.79 14.38
CA PRO A 122 10.07 -11.88 14.83
C PRO A 122 8.68 -11.40 15.23
N GLU A 123 8.50 -10.08 15.22
CA GLU A 123 7.22 -9.48 15.58
C GLU A 123 6.40 -9.16 14.34
N VAL A 124 7.07 -8.69 13.29
CA VAL A 124 6.40 -8.35 12.04
C VAL A 124 5.89 -9.59 11.33
N GLN A 125 6.59 -10.70 11.52
CA GLN A 125 6.20 -11.96 10.90
C GLN A 125 4.82 -12.40 11.36
N ALA A 126 4.59 -12.33 12.67
CA ALA A 126 3.31 -12.72 13.25
C ALA A 126 2.28 -11.61 13.08
N ALA A 127 2.75 -10.41 12.73
CA ALA A 127 1.87 -9.27 12.55
C ALA A 127 1.45 -9.15 11.08
N LEU A 128 2.25 -9.70 10.19
CA LEU A 128 1.96 -9.65 8.76
C LEU A 128 1.18 -10.88 8.31
N LYS A 129 1.35 -11.98 9.06
CA LYS A 129 0.66 -13.22 8.74
C LYS A 129 -0.85 -13.05 8.80
N LYS A 130 -1.34 -12.63 9.97
CA LYS A 130 -2.77 -12.42 10.16
C LYS A 130 -3.42 -11.85 8.90
N LEU A 131 -2.72 -10.93 8.25
CA LEU A 131 -3.22 -10.31 7.04
C LEU A 131 -3.47 -11.35 5.95
N LYS A 132 -2.52 -12.28 5.79
CA LYS A 132 -2.64 -13.34 4.80
C LYS A 132 -3.58 -14.43 5.29
N GLU A 133 -3.78 -14.50 6.61
CA GLU A 133 -4.66 -15.50 7.20
C GLU A 133 -6.07 -14.96 7.38
N ALA A 134 -6.20 -13.63 7.35
CA ALA A 134 -7.50 -12.99 7.50
C ALA A 134 -8.18 -12.79 6.15
N GLY A 135 -7.38 -12.74 5.09
CA GLY A 135 -7.92 -12.56 3.76
C GLY A 135 -7.28 -11.41 3.02
N CYS A 136 -6.40 -10.68 3.71
CA CYS A 136 -5.70 -9.55 3.10
C CYS A 136 -4.94 -9.97 1.86
N LYS A 137 -4.67 -9.01 0.97
CA LYS A 137 -3.94 -9.30 -0.26
C LYS A 137 -2.60 -8.57 -0.27
N LEU A 138 -1.52 -9.34 -0.22
CA LEU A 138 -0.17 -8.78 -0.23
C LEU A 138 0.58 -9.19 -1.49
N ARG A 139 1.20 -8.22 -2.14
CA ARG A 139 1.96 -8.48 -3.36
C ARG A 139 3.07 -7.45 -3.54
N ILE A 140 4.23 -7.91 -4.01
CA ILE A 140 5.37 -7.03 -4.22
C ILE A 140 5.07 -5.99 -5.29
N MET A 141 4.85 -4.76 -4.86
CA MET A 141 4.55 -3.67 -5.78
C MET A 141 5.31 -3.85 -7.09
N LYS A 142 4.63 -4.43 -8.08
CA LYS A 142 5.23 -4.67 -9.39
C LYS A 142 5.54 -3.34 -10.09
N PRO A 143 6.50 -3.38 -11.01
CA PRO A 143 6.91 -2.19 -11.77
C PRO A 143 5.85 -1.74 -12.77
N GLN A 144 4.77 -2.52 -12.87
CA GLN A 144 3.68 -2.20 -13.78
C GLN A 144 2.60 -1.40 -13.07
N ASP A 145 2.52 -1.57 -11.74
CA ASP A 145 1.52 -0.86 -10.95
C ASP A 145 1.88 0.62 -10.81
N PHE A 146 3.17 0.90 -10.70
CA PHE A 146 3.64 2.26 -10.56
C PHE A 146 3.03 3.16 -11.64
N GLU A 147 3.19 2.76 -12.89
CA GLU A 147 2.65 3.52 -14.01
C GLU A 147 1.33 4.19 -13.63
N TYR A 148 0.33 3.37 -13.32
CA TYR A 148 -0.99 3.89 -12.94
C TYR A 148 -0.86 4.92 -11.82
N ILE A 149 -0.23 4.51 -10.72
CA ILE A 149 -0.04 5.40 -9.57
C ILE A 149 0.83 6.58 -9.94
N TRP A 150 1.49 6.51 -11.09
CA TRP A 150 2.36 7.58 -11.55
C TRP A 150 1.62 8.54 -12.47
N GLN A 151 0.64 7.99 -13.20
CA GLN A 151 -0.16 8.80 -14.13
C GLN A 151 -1.47 9.24 -13.48
N ASN A 152 -1.83 8.58 -12.38
CA ASN A 152 -3.06 8.90 -11.68
C ASN A 152 -2.77 9.57 -10.34
N PHE A 153 -2.11 8.83 -9.44
CA PHE A 153 -1.77 9.34 -8.13
C PHE A 153 -0.66 10.38 -8.23
N VAL A 154 -0.22 10.65 -9.45
CA VAL A 154 0.83 11.63 -9.68
C VAL A 154 0.49 12.53 -10.87
N GLU A 155 0.61 13.84 -10.67
CA GLU A 155 0.30 14.81 -11.72
C GLU A 155 1.52 15.00 -12.64
N GLN A 156 1.29 14.89 -13.94
CA GLN A 156 2.36 15.04 -14.92
C GLN A 156 2.38 16.47 -15.46
N GLU A 157 3.55 16.89 -15.94
CA GLU A 157 3.70 18.23 -16.49
C GLU A 157 2.62 18.53 -17.53
N GLU A 158 2.39 19.82 -17.79
CA GLU A 158 1.38 20.22 -18.75
C GLU A 158 1.89 20.07 -20.19
N GLY A 159 1.09 19.43 -21.03
CA GLY A 159 1.48 19.24 -22.41
C GLY A 159 2.40 18.04 -22.58
N GLU A 160 3.24 17.79 -21.58
CA GLU A 160 4.17 16.67 -21.64
C GLU A 160 3.53 15.40 -21.08
N SER A 161 4.22 14.28 -21.25
CA SER A 161 3.72 12.99 -20.78
C SER A 161 4.84 11.94 -20.75
N LYS A 162 5.25 11.56 -19.55
CA LYS A 162 6.30 10.56 -19.40
C LYS A 162 5.73 9.23 -18.91
N ALA A 163 6.61 8.35 -18.46
CA ALA A 163 6.19 7.04 -17.96
C ALA A 163 7.30 6.36 -17.18
N PHE A 164 7.05 6.07 -15.91
CA PHE A 164 8.03 5.43 -15.05
C PHE A 164 8.44 4.06 -15.62
N GLU A 165 9.54 4.05 -16.36
CA GLU A 165 10.04 2.82 -16.97
C GLU A 165 11.33 2.36 -16.29
N PRO A 166 11.21 1.43 -15.34
CA PRO A 166 12.35 0.90 -14.60
C PRO A 166 13.24 0.02 -15.48
N TRP A 167 14.27 0.64 -16.06
CA TRP A 167 15.20 -0.09 -16.92
C TRP A 167 16.25 -0.82 -16.09
N GLU A 168 16.18 -0.66 -14.78
CA GLU A 168 17.12 -1.31 -13.88
C GLU A 168 16.80 -2.79 -13.72
N ASP A 169 15.57 -3.08 -13.30
CA ASP A 169 15.12 -4.45 -13.11
C ASP A 169 13.65 -4.51 -12.75
N ILE A 170 12.88 -5.24 -13.54
CA ILE A 170 11.44 -5.37 -13.31
C ILE A 170 11.13 -6.60 -12.47
N GLN A 171 11.77 -7.72 -12.83
CA GLN A 171 11.56 -8.97 -12.12
C GLN A 171 12.63 -9.17 -11.04
N GLU A 172 13.90 -9.10 -11.44
CA GLU A 172 15.01 -9.27 -10.51
C GLU A 172 14.67 -8.65 -9.15
N ASN A 173 14.09 -7.45 -9.18
CA ASN A 173 13.72 -6.75 -7.95
C ASN A 173 12.46 -7.35 -7.34
N PHE A 174 11.53 -7.75 -8.21
CA PHE A 174 10.27 -8.34 -7.74
C PHE A 174 10.52 -9.68 -7.05
N LEU A 175 11.14 -10.61 -7.77
CA LEU A 175 11.42 -11.92 -7.22
C LEU A 175 12.16 -11.81 -5.89
N TYR A 176 13.05 -10.83 -5.79
CA TYR A 176 13.83 -10.61 -4.58
C TYR A 176 12.91 -10.31 -3.40
N TYR A 177 12.10 -9.27 -3.54
CA TYR A 177 11.17 -8.87 -2.49
C TYR A 177 10.04 -9.89 -2.34
N GLU A 178 9.79 -10.64 -3.41
CA GLU A 178 8.74 -11.65 -3.40
C GLU A 178 9.01 -12.71 -2.34
N GLU A 179 10.25 -13.17 -2.27
CA GLU A 179 10.64 -14.19 -1.29
C GLU A 179 10.58 -13.63 0.13
N LYS A 180 10.76 -12.32 0.25
CA LYS A 180 10.71 -11.66 1.55
C LYS A 180 9.30 -11.66 2.12
N LEU A 181 8.35 -11.11 1.36
CA LEU A 181 6.97 -11.05 1.79
C LEU A 181 6.43 -12.45 2.11
N ALA A 182 6.76 -13.41 1.25
CA ALA A 182 6.31 -14.78 1.45
C ALA A 182 7.01 -15.41 2.66
N ASP A 183 8.32 -15.20 2.76
CA ASP A 183 9.09 -15.76 3.86
C ASP A 183 8.29 -15.73 5.16
N ILE A 184 7.86 -14.53 5.56
CA ILE A 184 7.09 -14.37 6.79
C ILE A 184 5.93 -15.36 6.83
N LEU A 185 5.33 -15.62 5.67
CA LEU A 185 4.21 -16.55 5.59
C LEU A 185 4.70 -18.00 5.67
N LYS A 186 5.97 -18.20 5.36
CA LYS A 186 6.56 -19.54 5.39
C LYS A 186 7.81 -19.56 6.27
N SER A 187 7.69 -20.18 7.44
CA SER A 187 8.80 -20.27 8.38
C SER A 187 9.25 -21.72 8.55
N GLY A 188 10.56 -21.93 8.58
CA GLY A 188 11.09 -23.26 8.74
C GLY A 188 11.08 -23.73 10.18
N PRO A 189 11.02 -25.06 10.38
CA PRO A 189 10.99 -25.66 11.71
C PRO A 189 12.32 -25.50 12.45
N SER A 190 12.24 -25.32 13.76
CA SER A 190 13.44 -25.15 14.59
C SER A 190 13.99 -26.51 15.03
N SER A 191 15.09 -26.92 14.40
CA SER A 191 15.71 -28.20 14.72
C SER A 191 17.13 -28.00 15.23
N GLY A 192 17.62 -26.76 15.13
CA GLY A 192 18.96 -26.46 15.59
C GLY A 192 19.17 -26.81 17.05
N GLY A 1 -5.67 17.91 9.83
CA GLY A 1 -6.60 18.97 9.50
C GLY A 1 -6.87 19.06 8.01
N SER A 2 -5.96 19.68 7.28
CA SER A 2 -6.12 19.84 5.83
C SER A 2 -5.54 18.63 5.09
N SER A 3 -6.07 18.37 3.91
CA SER A 3 -5.60 17.24 3.09
C SER A 3 -5.12 17.73 1.73
N GLY A 4 -5.96 18.48 1.03
CA GLY A 4 -5.58 18.98 -0.27
C GLY A 4 -6.73 18.94 -1.27
N SER A 5 -6.55 19.59 -2.41
CA SER A 5 -7.59 19.63 -3.44
C SER A 5 -7.60 18.33 -4.24
N SER A 6 -6.62 18.18 -5.13
CA SER A 6 -6.53 16.98 -5.95
C SER A 6 -6.08 15.77 -5.12
N GLY A 7 -6.17 14.59 -5.73
CA GLY A 7 -5.78 13.38 -5.03
C GLY A 7 -4.47 12.81 -5.55
N ARG A 8 -3.66 13.66 -6.19
CA ARG A 8 -2.37 13.23 -6.73
C ARG A 8 -1.28 14.23 -6.40
N LEU A 9 -0.06 13.93 -6.81
CA LEU A 9 1.08 14.80 -6.55
C LEU A 9 1.74 15.24 -7.86
N PRO A 10 2.21 16.50 -7.90
CA PRO A 10 2.87 17.05 -9.08
C PRO A 10 4.24 16.42 -9.34
N VAL A 11 4.43 15.90 -10.54
CA VAL A 11 5.70 15.28 -10.91
C VAL A 11 6.88 16.07 -10.39
N ASN A 12 6.98 17.32 -10.84
CA ASN A 12 8.08 18.19 -10.41
C ASN A 12 8.42 17.96 -8.94
N PHE A 13 7.42 17.61 -8.15
CA PHE A 13 7.62 17.36 -6.73
C PHE A 13 7.82 15.86 -6.46
N PHE A 14 6.81 15.07 -6.81
CA PHE A 14 6.87 13.63 -6.60
C PHE A 14 8.24 13.08 -7.01
N LYS A 15 8.67 13.44 -8.21
CA LYS A 15 9.97 12.99 -8.71
C LYS A 15 10.98 12.86 -7.59
N PHE A 16 10.92 13.79 -6.63
CA PHE A 16 11.84 13.78 -5.50
C PHE A 16 11.16 13.22 -4.27
N GLN A 17 9.93 13.66 -4.01
CA GLN A 17 9.17 13.19 -2.85
C GLN A 17 9.15 11.66 -2.80
N PHE A 18 8.56 11.05 -3.83
CA PHE A 18 8.47 9.59 -3.90
C PHE A 18 9.85 8.97 -4.09
N ARG A 19 10.78 9.76 -4.62
CA ARG A 19 12.14 9.28 -4.86
C ARG A 19 12.98 9.40 -3.59
N ASN A 20 12.69 8.54 -2.61
CA ASN A 20 13.43 8.55 -1.35
C ASN A 20 13.81 7.13 -0.94
N VAL A 21 15.05 6.75 -1.22
CA VAL A 21 15.54 5.42 -0.88
C VAL A 21 16.06 5.38 0.56
N GLU A 22 16.40 4.18 1.02
CA GLU A 22 16.91 4.01 2.38
C GLU A 22 18.27 4.68 2.53
N TYR A 23 18.93 4.95 1.41
CA TYR A 23 20.24 5.58 1.42
C TYR A 23 20.20 6.93 0.71
N SER A 24 19.71 6.92 -0.52
CA SER A 24 19.61 8.14 -1.32
C SER A 24 19.22 9.33 -0.45
N SER A 25 17.97 9.33 0.01
CA SER A 25 17.48 10.40 0.85
C SER A 25 16.63 9.85 2.00
N GLY A 26 16.41 10.68 3.01
CA GLY A 26 15.62 10.27 4.16
C GLY A 26 14.83 11.41 4.76
N ARG A 27 14.04 11.10 5.79
CA ARG A 27 13.22 12.09 6.45
C ARG A 27 12.22 12.71 5.48
N ASN A 28 11.49 11.86 4.77
CA ASN A 28 10.49 12.30 3.81
C ASN A 28 9.14 11.67 4.08
N LYS A 29 8.21 12.46 4.59
CA LYS A 29 6.87 11.96 4.88
C LYS A 29 6.29 11.20 3.71
N THR A 30 6.45 9.88 3.71
CA THR A 30 5.94 9.04 2.64
C THR A 30 4.43 9.19 2.48
N PHE A 31 3.93 8.93 1.28
CA PHE A 31 2.51 9.03 1.00
C PHE A 31 1.94 7.70 0.53
N LEU A 32 0.98 7.18 1.27
CA LEU A 32 0.35 5.89 0.93
C LEU A 32 -0.91 6.12 0.10
N CYS A 33 -0.91 5.60 -1.12
CA CYS A 33 -2.05 5.73 -2.02
C CYS A 33 -3.11 4.70 -1.70
N TYR A 34 -4.34 5.15 -1.44
CA TYR A 34 -5.44 4.25 -1.13
C TYR A 34 -6.50 4.30 -2.21
N VAL A 35 -6.98 3.13 -2.63
CA VAL A 35 -8.00 3.04 -3.65
C VAL A 35 -9.14 2.12 -3.22
N VAL A 36 -10.25 2.71 -2.81
CA VAL A 36 -11.42 1.95 -2.36
C VAL A 36 -12.48 1.89 -3.46
N GLU A 37 -12.92 0.68 -3.78
CA GLU A 37 -13.94 0.49 -4.80
C GLU A 37 -15.10 -0.36 -4.27
N VAL A 38 -16.22 0.29 -4.00
CA VAL A 38 -17.40 -0.41 -3.49
C VAL A 38 -18.39 -0.71 -4.60
N GLN A 39 -19.25 -1.69 -4.37
CA GLN A 39 -20.24 -2.09 -5.37
C GLN A 39 -21.47 -2.68 -4.69
N SER A 40 -22.62 -2.56 -5.35
CA SER A 40 -23.87 -3.09 -4.81
C SER A 40 -24.56 -4.00 -5.83
N LYS A 41 -25.49 -4.81 -5.35
CA LYS A 41 -26.23 -5.72 -6.22
C LYS A 41 -26.70 -5.01 -7.49
N GLY A 42 -27.17 -3.78 -7.33
CA GLY A 42 -27.63 -3.01 -8.48
C GLY A 42 -26.53 -2.75 -9.48
N GLY A 43 -25.53 -1.97 -9.08
CA GLY A 43 -24.43 -1.65 -9.97
C GLY A 43 -23.68 -0.41 -9.54
N GLN A 44 -24.30 0.39 -8.68
CA GLN A 44 -23.68 1.62 -8.20
C GLN A 44 -22.43 1.31 -7.40
N ALA A 45 -21.31 1.90 -7.82
CA ALA A 45 -20.04 1.70 -7.13
C ALA A 45 -19.40 3.03 -6.75
N GLN A 46 -18.81 3.08 -5.56
CA GLN A 46 -18.17 4.29 -5.08
C GLN A 46 -16.65 4.12 -5.04
N ALA A 47 -15.96 4.82 -5.93
CA ALA A 47 -14.50 4.76 -5.99
C ALA A 47 -13.86 5.93 -5.27
N THR A 48 -12.85 5.65 -4.46
CA THR A 48 -12.15 6.69 -3.71
C THR A 48 -10.65 6.63 -3.96
N GLN A 49 -9.98 7.77 -3.82
CA GLN A 49 -8.54 7.84 -4.02
C GLN A 49 -7.93 8.98 -3.21
N GLY A 50 -6.64 8.86 -2.89
CA GLY A 50 -5.96 9.88 -2.12
C GLY A 50 -4.81 9.33 -1.33
N TYR A 51 -3.93 10.22 -0.86
CA TYR A 51 -2.77 9.81 -0.09
C TYR A 51 -2.93 10.20 1.39
N LEU A 52 -2.32 9.41 2.26
CA LEU A 52 -2.40 9.66 3.70
C LEU A 52 -1.03 10.01 4.27
N GLU A 53 -1.03 10.68 5.42
CA GLU A 53 0.21 11.09 6.06
C GLU A 53 0.52 10.19 7.26
N ASP A 54 1.75 9.67 7.31
CA ASP A 54 2.17 8.80 8.39
C ASP A 54 2.55 9.61 9.63
N GLU A 55 1.69 9.57 10.64
CA GLU A 55 1.93 10.30 11.88
C GLU A 55 3.25 9.86 12.52
N HIS A 56 4.07 10.84 12.88
CA HIS A 56 5.36 10.57 13.50
C HIS A 56 5.19 9.67 14.72
N ALA A 57 4.08 9.82 15.42
CA ALA A 57 3.79 9.02 16.60
C ALA A 57 2.29 8.97 16.89
N GLY A 58 1.53 8.41 15.96
CA GLY A 58 0.10 8.31 16.13
C GLY A 58 -0.55 7.35 15.16
N ALA A 59 -1.27 7.89 14.18
CA ALA A 59 -1.94 7.08 13.18
C ALA A 59 -1.15 7.05 11.88
N HIS A 60 -0.53 5.92 11.58
CA HIS A 60 0.25 5.79 10.37
C HIS A 60 -0.68 5.85 9.15
N ALA A 61 -0.08 6.11 7.99
CA ALA A 61 -0.82 6.21 6.74
C ALA A 61 -1.80 5.04 6.60
N GLU A 62 -1.39 3.87 7.07
CA GLU A 62 -2.24 2.68 7.00
C GLU A 62 -3.42 2.79 7.95
N GLU A 63 -3.21 3.42 9.10
CA GLU A 63 -4.25 3.59 10.10
C GLU A 63 -5.18 4.74 9.72
N ALA A 64 -4.62 5.94 9.64
CA ALA A 64 -5.39 7.13 9.29
C ALA A 64 -6.42 6.81 8.21
N PHE A 65 -6.13 5.79 7.40
CA PHE A 65 -7.04 5.38 6.33
C PHE A 65 -8.40 4.98 6.89
N PHE A 66 -8.39 4.00 7.79
CA PHE A 66 -9.62 3.51 8.40
C PHE A 66 -10.13 4.49 9.46
N ASN A 67 -9.50 5.65 9.53
CA ASN A 67 -9.87 6.67 10.49
C ASN A 67 -10.59 7.84 9.80
N THR A 68 -10.29 8.04 8.53
CA THR A 68 -10.90 9.11 7.75
C THR A 68 -11.36 8.62 6.39
N ILE A 69 -10.53 7.79 5.76
CA ILE A 69 -10.85 7.25 4.44
C ILE A 69 -11.97 6.21 4.53
N LEU A 70 -11.64 5.04 5.07
CA LEU A 70 -12.60 3.96 5.21
C LEU A 70 -12.98 3.77 6.68
N PRO A 71 -13.74 4.73 7.22
CA PRO A 71 -14.19 4.68 8.62
C PRO A 71 -15.23 3.59 8.86
N ALA A 72 -16.08 3.37 7.88
CA ALA A 72 -17.12 2.35 7.98
C ALA A 72 -17.41 1.72 6.63
N PHE A 73 -17.96 0.50 6.65
CA PHE A 73 -18.29 -0.21 5.42
C PHE A 73 -19.58 -1.00 5.57
N ASP A 74 -20.33 -1.12 4.47
CA ASP A 74 -21.58 -1.86 4.49
C ASP A 74 -21.39 -3.30 4.00
N PRO A 75 -21.90 -4.26 4.79
CA PRO A 75 -21.78 -5.68 4.45
C PRO A 75 -22.65 -6.07 3.25
N ALA A 76 -23.25 -5.07 2.62
CA ALA A 76 -24.09 -5.31 1.46
C ALA A 76 -23.38 -4.90 0.17
N LEU A 77 -22.21 -4.28 0.31
CA LEU A 77 -21.44 -3.85 -0.84
C LEU A 77 -20.05 -4.49 -0.84
N LYS A 78 -19.43 -4.55 -2.01
CA LYS A 78 -18.10 -5.13 -2.15
C LYS A 78 -17.03 -4.05 -2.22
N TYR A 79 -16.42 -3.75 -1.09
CA TYR A 79 -15.38 -2.73 -1.01
C TYR A 79 -14.03 -3.30 -1.46
N ASN A 80 -13.40 -2.64 -2.41
CA ASN A 80 -12.11 -3.07 -2.92
C ASN A 80 -11.02 -2.04 -2.61
N VAL A 81 -10.33 -2.21 -1.50
CA VAL A 81 -9.28 -1.30 -1.09
C VAL A 81 -7.93 -1.75 -1.64
N THR A 82 -7.22 -0.83 -2.28
CA THR A 82 -5.90 -1.13 -2.84
C THR A 82 -4.87 -0.10 -2.42
N TRP A 83 -3.89 -0.53 -1.62
CA TRP A 83 -2.84 0.35 -1.15
C TRP A 83 -1.59 0.22 -2.00
N TYR A 84 -0.94 1.35 -2.27
CA TYR A 84 0.28 1.36 -3.08
C TYR A 84 1.38 2.17 -2.40
N VAL A 85 2.29 1.47 -1.73
CA VAL A 85 3.40 2.12 -1.03
C VAL A 85 4.73 1.50 -1.41
N SER A 86 5.81 2.04 -0.87
CA SER A 86 7.15 1.53 -1.16
C SER A 86 7.72 0.81 0.05
N SER A 87 7.39 1.29 1.25
CA SER A 87 7.87 0.69 2.48
C SER A 87 6.76 -0.12 3.17
N SER A 88 7.12 -1.30 3.65
CA SER A 88 6.15 -2.17 4.33
C SER A 88 5.73 -1.57 5.67
N PRO A 89 4.49 -1.87 6.08
CA PRO A 89 3.95 -1.38 7.34
C PRO A 89 4.60 -2.04 8.55
N CYS A 90 4.47 -1.40 9.72
CA CYS A 90 5.05 -1.93 10.94
C CYS A 90 4.21 -3.06 11.50
N ALA A 91 4.63 -3.60 12.65
CA ALA A 91 3.90 -4.69 13.28
C ALA A 91 2.55 -4.23 13.81
N ALA A 92 2.37 -2.91 13.88
CA ALA A 92 1.12 -2.33 14.37
C ALA A 92 0.20 -1.97 13.22
N CYS A 93 0.78 -1.50 12.12
CA CYS A 93 0.01 -1.12 10.94
C CYS A 93 -0.76 -2.32 10.39
N ALA A 94 -0.09 -3.46 10.34
CA ALA A 94 -0.71 -4.68 9.82
C ALA A 94 -1.64 -5.31 10.86
N ASP A 95 -1.55 -4.81 12.09
CA ASP A 95 -2.39 -5.32 13.18
C ASP A 95 -3.83 -4.86 13.02
N ARG A 96 -4.08 -3.57 13.24
CA ARG A 96 -5.41 -3.02 13.11
C ARG A 96 -6.03 -3.36 11.77
N ILE A 97 -5.17 -3.56 10.76
CA ILE A 97 -5.63 -3.90 9.42
C ILE A 97 -6.32 -5.26 9.40
N LEU A 98 -5.75 -6.22 10.13
CA LEU A 98 -6.31 -7.56 10.20
C LEU A 98 -7.65 -7.56 10.93
N LYS A 99 -7.81 -6.63 11.86
CA LYS A 99 -9.04 -6.52 12.63
C LYS A 99 -10.18 -5.99 11.76
N THR A 100 -9.82 -5.40 10.62
CA THR A 100 -10.81 -4.85 9.70
C THR A 100 -11.24 -5.89 8.68
N LEU A 101 -10.37 -6.86 8.42
CA LEU A 101 -10.67 -7.92 7.46
C LEU A 101 -11.40 -9.07 8.13
N SER A 102 -11.07 -9.32 9.39
CA SER A 102 -11.71 -10.40 10.16
C SER A 102 -13.14 -10.02 10.54
N LYS A 103 -13.55 -8.82 10.17
CA LYS A 103 -14.89 -8.35 10.47
C LYS A 103 -15.63 -7.94 9.20
N THR A 104 -14.86 -7.70 8.14
CA THR A 104 -15.45 -7.31 6.86
C THR A 104 -14.96 -8.23 5.73
N LYS A 105 -15.73 -9.29 5.49
CA LYS A 105 -15.38 -10.25 4.43
C LYS A 105 -15.52 -9.61 3.05
N ASN A 106 -16.70 -9.09 2.76
CA ASN A 106 -16.96 -8.46 1.48
C ASN A 106 -15.91 -7.41 1.17
N LEU A 107 -15.17 -7.00 2.18
CA LEU A 107 -14.12 -5.99 2.02
C LEU A 107 -12.79 -6.65 1.66
N ARG A 108 -12.23 -6.25 0.52
CA ARG A 108 -10.96 -6.81 0.06
C ARG A 108 -9.85 -5.76 0.15
N LEU A 109 -9.05 -5.85 1.21
CA LEU A 109 -7.95 -4.91 1.42
C LEU A 109 -6.68 -5.42 0.76
N LEU A 110 -6.08 -4.58 -0.08
CA LEU A 110 -4.85 -4.95 -0.78
C LEU A 110 -3.73 -3.97 -0.43
N ILE A 111 -2.49 -4.46 -0.49
CA ILE A 111 -1.33 -3.63 -0.19
C ILE A 111 -0.10 -4.11 -0.96
N LEU A 112 0.59 -3.17 -1.60
CA LEU A 112 1.79 -3.49 -2.37
C LEU A 112 2.98 -2.66 -1.90
N VAL A 113 4.15 -3.28 -1.90
CA VAL A 113 5.38 -2.60 -1.48
C VAL A 113 6.55 -2.97 -2.37
N SER A 114 7.30 -1.95 -2.78
CA SER A 114 8.46 -2.17 -3.66
C SER A 114 9.64 -2.73 -2.86
N ARG A 115 9.58 -2.57 -1.54
CA ARG A 115 10.65 -3.06 -0.67
C ARG A 115 10.08 -3.53 0.67
N LEU A 116 10.50 -4.71 1.10
CA LEU A 116 10.03 -5.28 2.36
C LEU A 116 10.85 -4.76 3.53
N PHE A 117 10.18 -4.30 4.58
CA PHE A 117 10.85 -3.78 5.76
C PHE A 117 10.64 -4.70 6.96
N MET A 118 11.64 -4.76 7.83
CA MET A 118 11.57 -5.60 9.01
C MET A 118 10.79 -6.88 8.73
N TRP A 119 11.03 -7.47 7.56
CA TRP A 119 10.36 -8.69 7.17
C TRP A 119 11.05 -9.92 7.78
N GLU A 120 12.10 -9.67 8.54
CA GLU A 120 12.84 -10.76 9.17
C GLU A 120 12.57 -10.80 10.68
N GLU A 121 12.15 -9.67 11.23
CA GLU A 121 11.86 -9.58 12.65
C GLU A 121 10.76 -10.56 13.05
N PRO A 122 10.87 -11.13 14.25
CA PRO A 122 9.89 -12.10 14.77
C PRO A 122 8.56 -11.43 15.10
N GLU A 123 8.57 -10.12 15.25
CA GLU A 123 7.37 -9.37 15.57
C GLU A 123 6.59 -9.01 14.31
N VAL A 124 7.31 -8.79 13.21
CA VAL A 124 6.69 -8.45 11.94
C VAL A 124 5.97 -9.65 11.34
N GLN A 125 6.59 -10.82 11.43
CA GLN A 125 6.02 -12.04 10.89
C GLN A 125 4.64 -12.30 11.50
N ALA A 126 4.61 -12.51 12.82
CA ALA A 126 3.37 -12.76 13.52
C ALA A 126 2.37 -11.64 13.29
N ALA A 127 2.86 -10.48 12.86
CA ALA A 127 2.01 -9.33 12.61
C ALA A 127 1.60 -9.27 11.14
N LEU A 128 2.38 -9.91 10.28
CA LEU A 128 2.09 -9.93 8.85
C LEU A 128 1.26 -11.15 8.47
N LYS A 129 1.40 -12.22 9.26
CA LYS A 129 0.66 -13.46 9.02
C LYS A 129 -0.84 -13.21 9.08
N LYS A 130 -1.30 -12.67 10.20
CA LYS A 130 -2.71 -12.37 10.39
C LYS A 130 -3.33 -11.82 9.11
N LEU A 131 -2.57 -11.00 8.40
CA LEU A 131 -3.05 -10.41 7.15
C LEU A 131 -3.31 -11.48 6.10
N LYS A 132 -2.39 -12.44 5.99
CA LYS A 132 -2.53 -13.53 5.02
C LYS A 132 -3.50 -14.59 5.55
N GLU A 133 -3.75 -14.56 6.85
CA GLU A 133 -4.65 -15.54 7.47
C GLU A 133 -6.07 -14.98 7.56
N ALA A 134 -6.16 -13.65 7.58
CA ALA A 134 -7.46 -12.98 7.66
C ALA A 134 -8.09 -12.84 6.28
N GLY A 135 -7.26 -12.84 5.25
CA GLY A 135 -7.76 -12.71 3.89
C GLY A 135 -7.17 -11.51 3.16
N CYS A 136 -6.26 -10.82 3.83
CA CYS A 136 -5.62 -9.64 3.24
C CYS A 136 -4.81 -10.02 2.01
N LYS A 137 -4.56 -9.03 1.15
CA LYS A 137 -3.80 -9.26 -0.07
C LYS A 137 -2.47 -8.50 -0.04
N LEU A 138 -1.38 -9.25 0.13
CA LEU A 138 -0.06 -8.65 0.19
C LEU A 138 0.76 -9.02 -1.05
N ARG A 139 1.30 -8.01 -1.72
CA ARG A 139 2.10 -8.23 -2.91
C ARG A 139 3.24 -7.22 -3.00
N ILE A 140 4.11 -7.40 -3.99
CA ILE A 140 5.24 -6.50 -4.19
C ILE A 140 4.96 -5.48 -5.29
N MET A 141 4.96 -4.21 -4.94
CA MET A 141 4.71 -3.14 -5.90
C MET A 141 5.26 -3.50 -7.27
N LYS A 142 4.41 -4.08 -8.11
CA LYS A 142 4.82 -4.47 -9.46
C LYS A 142 5.26 -3.26 -10.26
N PRO A 143 6.12 -3.50 -11.26
CA PRO A 143 6.64 -2.43 -12.13
C PRO A 143 5.57 -1.89 -13.07
N GLN A 144 4.40 -2.52 -13.04
CA GLN A 144 3.29 -2.09 -13.90
C GLN A 144 2.39 -1.11 -13.17
N ASP A 145 2.36 -1.21 -11.85
CA ASP A 145 1.54 -0.33 -11.03
C ASP A 145 2.09 1.10 -11.03
N PHE A 146 3.36 1.23 -10.65
CA PHE A 146 4.01 2.54 -10.60
C PHE A 146 3.50 3.44 -11.72
N GLU A 147 3.83 3.08 -12.96
CA GLU A 147 3.41 3.86 -14.12
C GLU A 147 2.03 4.46 -13.89
N TYR A 148 1.09 3.64 -13.42
CA TYR A 148 -0.27 4.09 -13.15
C TYR A 148 -0.28 5.19 -12.09
N ILE A 149 0.34 4.90 -10.95
CA ILE A 149 0.40 5.86 -9.86
C ILE A 149 1.20 7.09 -10.24
N TRP A 150 1.88 7.01 -11.39
CA TRP A 150 2.69 8.13 -11.87
C TRP A 150 1.90 8.99 -12.84
N GLN A 151 0.82 8.44 -13.38
CA GLN A 151 -0.02 9.16 -14.32
C GLN A 151 -1.23 9.77 -13.61
N ASN A 152 -1.97 8.94 -12.88
CA ASN A 152 -3.15 9.39 -12.16
C ASN A 152 -2.77 9.99 -10.81
N PHE A 153 -2.23 9.15 -9.93
CA PHE A 153 -1.83 9.60 -8.60
C PHE A 153 -0.79 10.72 -8.71
N VAL A 154 -0.28 10.94 -9.92
CA VAL A 154 0.72 11.99 -10.14
C VAL A 154 0.34 12.84 -11.34
N GLU A 155 0.20 14.14 -11.11
CA GLU A 155 -0.16 15.07 -12.18
C GLU A 155 1.03 15.32 -13.10
N GLN A 156 0.91 14.85 -14.35
CA GLN A 156 1.98 15.02 -15.33
C GLN A 156 1.98 16.44 -15.87
N GLU A 157 3.08 16.81 -16.53
CA GLU A 157 3.22 18.14 -17.10
C GLU A 157 2.29 18.32 -18.30
N GLU A 158 2.04 19.57 -18.68
CA GLU A 158 1.16 19.87 -19.81
C GLU A 158 1.95 19.94 -21.11
N GLY A 159 1.35 19.47 -22.19
CA GLY A 159 2.01 19.49 -23.48
C GLY A 159 3.01 18.36 -23.64
N GLU A 160 3.26 17.64 -22.54
CA GLU A 160 4.20 16.52 -22.57
C GLU A 160 3.52 15.23 -22.13
N SER A 161 4.31 14.18 -21.96
CA SER A 161 3.78 12.87 -21.56
C SER A 161 4.90 11.85 -21.39
N LYS A 162 5.18 11.49 -20.15
CA LYS A 162 6.24 10.52 -19.85
C LYS A 162 5.66 9.28 -19.18
N ALA A 163 6.54 8.40 -18.72
CA ALA A 163 6.12 7.17 -18.07
C ALA A 163 7.29 6.51 -17.33
N PHE A 164 7.16 6.39 -16.01
CA PHE A 164 8.19 5.78 -15.19
C PHE A 164 8.52 4.37 -15.68
N GLU A 165 9.60 4.24 -16.44
CA GLU A 165 10.01 2.94 -16.97
C GLU A 165 11.36 2.52 -16.37
N PRO A 166 11.30 1.67 -15.33
CA PRO A 166 12.50 1.17 -14.65
C PRO A 166 13.28 0.20 -15.52
N TRP A 167 14.46 0.64 -15.97
CA TRP A 167 15.31 -0.19 -16.82
C TRP A 167 16.37 -0.90 -15.99
N GLU A 168 16.51 -0.48 -14.73
CA GLU A 168 17.49 -1.08 -13.83
C GLU A 168 17.14 -2.54 -13.54
N ASP A 169 15.95 -2.76 -13.00
CA ASP A 169 15.50 -4.11 -12.68
C ASP A 169 14.04 -4.10 -12.25
N ILE A 170 13.17 -4.58 -13.14
CA ILE A 170 11.74 -4.63 -12.86
C ILE A 170 11.35 -5.97 -12.25
N GLN A 171 12.00 -7.04 -12.71
CA GLN A 171 11.71 -8.39 -12.21
C GLN A 171 12.65 -8.75 -11.07
N GLU A 172 13.94 -8.84 -11.37
CA GLU A 172 14.94 -9.19 -10.37
C GLU A 172 14.66 -8.45 -9.06
N ASN A 173 13.97 -7.33 -9.15
CA ASN A 173 13.64 -6.53 -7.97
C ASN A 173 12.31 -6.99 -7.36
N PHE A 174 11.31 -7.19 -8.21
CA PHE A 174 10.00 -7.62 -7.75
C PHE A 174 10.08 -9.00 -7.11
N LEU A 175 10.81 -9.90 -7.74
CA LEU A 175 10.97 -11.26 -7.23
C LEU A 175 11.68 -11.25 -5.89
N TYR A 176 12.95 -10.82 -5.89
CA TYR A 176 13.73 -10.77 -4.66
C TYR A 176 12.86 -10.42 -3.46
N TYR A 177 11.92 -9.51 -3.67
CA TYR A 177 11.02 -9.08 -2.60
C TYR A 177 9.82 -10.01 -2.50
N GLU A 178 9.31 -10.44 -3.65
CA GLU A 178 8.16 -11.35 -3.68
C GLU A 178 8.35 -12.52 -2.74
N GLU A 179 9.59 -13.01 -2.66
CA GLU A 179 9.91 -14.14 -1.79
C GLU A 179 9.94 -13.70 -0.33
N LYS A 180 10.35 -12.46 -0.09
CA LYS A 180 10.42 -11.92 1.26
C LYS A 180 9.05 -11.95 1.93
N LEU A 181 8.05 -11.38 1.27
CA LEU A 181 6.70 -11.35 1.80
C LEU A 181 6.21 -12.74 2.14
N ALA A 182 6.12 -13.60 1.12
CA ALA A 182 5.67 -14.98 1.32
C ALA A 182 6.45 -15.66 2.44
N ASP A 183 7.78 -15.54 2.39
CA ASP A 183 8.64 -16.14 3.40
C ASP A 183 7.98 -16.10 4.77
N ILE A 184 7.63 -14.90 5.22
CA ILE A 184 6.99 -14.72 6.51
C ILE A 184 5.89 -15.76 6.74
N LEU A 185 4.95 -15.83 5.80
CA LEU A 185 3.86 -16.79 5.88
C LEU A 185 4.38 -18.20 6.12
N LYS A 186 5.41 -18.58 5.38
CA LYS A 186 6.01 -19.89 5.50
C LYS A 186 7.21 -19.86 6.45
N SER A 187 7.91 -20.99 6.54
CA SER A 187 9.08 -21.08 7.41
C SER A 187 10.25 -21.72 6.67
N GLY A 188 10.07 -22.96 6.22
CA GLY A 188 11.12 -23.65 5.50
C GLY A 188 11.05 -25.15 5.67
N PRO A 189 12.07 -25.86 5.18
CA PRO A 189 12.14 -27.32 5.25
C PRO A 189 12.37 -27.81 6.68
N SER A 190 12.83 -26.91 7.54
CA SER A 190 13.09 -27.25 8.94
C SER A 190 11.88 -26.97 9.81
N SER A 191 11.83 -27.59 10.99
CA SER A 191 10.72 -27.41 11.91
C SER A 191 11.15 -26.61 13.13
N GLY A 192 10.20 -25.93 13.75
CA GLY A 192 10.49 -25.13 14.93
C GLY A 192 11.29 -23.89 14.59
N GLY A 1 -8.96 13.82 10.69
CA GLY A 1 -9.35 14.91 9.81
C GLY A 1 -9.44 14.49 8.36
N SER A 2 -9.79 15.44 7.49
CA SER A 2 -9.90 15.16 6.06
C SER A 2 -9.95 16.45 5.25
N SER A 3 -9.60 16.37 3.97
CA SER A 3 -9.60 17.53 3.10
C SER A 3 -10.13 17.16 1.71
N GLY A 4 -10.15 18.14 0.82
CA GLY A 4 -10.63 17.91 -0.53
C GLY A 4 -9.71 18.49 -1.59
N SER A 5 -8.97 17.61 -2.28
CA SER A 5 -8.05 18.05 -3.32
C SER A 5 -7.91 16.98 -4.40
N SER A 6 -7.16 17.30 -5.45
CA SER A 6 -6.95 16.38 -6.55
C SER A 6 -6.88 14.94 -6.05
N GLY A 7 -5.77 14.60 -5.39
CA GLY A 7 -5.61 13.26 -4.87
C GLY A 7 -4.32 12.61 -5.34
N ARG A 8 -3.44 13.41 -5.92
CA ARG A 8 -2.16 12.91 -6.42
C ARG A 8 -1.02 13.86 -6.06
N LEU A 9 0.20 13.48 -6.42
CA LEU A 9 1.37 14.30 -6.13
C LEU A 9 2.05 14.75 -7.43
N PRO A 10 2.59 15.99 -7.40
CA PRO A 10 3.27 16.57 -8.57
C PRO A 10 4.60 15.88 -8.85
N VAL A 11 4.74 15.37 -10.08
CA VAL A 11 5.97 14.69 -10.48
C VAL A 11 7.20 15.38 -9.91
N ASN A 12 7.42 16.63 -10.35
CA ASN A 12 8.56 17.41 -9.89
C ASN A 12 8.89 17.08 -8.44
N PHE A 13 7.85 16.81 -7.65
CA PHE A 13 8.03 16.48 -6.24
C PHE A 13 8.14 14.98 -6.04
N PHE A 14 7.09 14.26 -6.44
CA PHE A 14 7.06 12.82 -6.29
C PHE A 14 8.36 12.19 -6.79
N LYS A 15 9.09 12.94 -7.62
CA LYS A 15 10.35 12.47 -8.18
C LYS A 15 11.39 12.28 -7.08
N PHE A 16 11.79 13.39 -6.46
CA PHE A 16 12.78 13.35 -5.38
C PHE A 16 12.15 12.85 -4.09
N GLN A 17 10.84 12.66 -4.10
CA GLN A 17 10.13 12.18 -2.92
C GLN A 17 9.93 10.67 -2.97
N PHE A 18 9.19 10.21 -3.99
CA PHE A 18 8.93 8.79 -4.15
C PHE A 18 10.20 8.04 -4.54
N ARG A 19 11.28 8.79 -4.75
CA ARG A 19 12.56 8.20 -5.13
C ARG A 19 13.54 8.23 -3.97
N ASN A 20 13.00 8.23 -2.74
CA ASN A 20 13.83 8.26 -1.55
C ASN A 20 14.45 6.89 -1.28
N VAL A 21 15.06 6.31 -2.31
CA VAL A 21 15.69 5.00 -2.19
C VAL A 21 16.86 5.05 -1.21
N GLU A 22 17.45 3.89 -0.96
CA GLU A 22 18.59 3.80 -0.05
C GLU A 22 19.87 4.29 -0.71
N TYR A 23 20.07 3.90 -1.96
CA TYR A 23 21.25 4.30 -2.72
C TYR A 23 21.25 5.80 -2.98
N SER A 24 20.10 6.44 -2.75
CA SER A 24 19.96 7.87 -2.97
C SER A 24 19.37 8.55 -1.74
N SER A 25 20.12 9.50 -1.18
CA SER A 25 19.67 10.22 0.00
C SER A 25 18.51 11.15 -0.34
N GLY A 26 17.64 11.40 0.63
CA GLY A 26 16.50 12.26 0.42
C GLY A 26 15.23 11.71 1.03
N ARG A 27 15.33 11.23 2.27
CA ARG A 27 14.18 10.67 2.97
C ARG A 27 13.44 11.75 3.76
N ASN A 28 12.17 11.95 3.45
CA ASN A 28 11.36 12.95 4.14
C ASN A 28 10.06 12.34 4.64
N LYS A 29 9.15 12.04 3.72
CA LYS A 29 7.86 11.45 4.06
C LYS A 29 7.21 10.80 2.84
N THR A 30 6.84 9.53 3.00
CA THR A 30 6.22 8.79 1.91
C THR A 30 4.69 8.88 1.99
N PHE A 31 4.05 8.82 0.84
CA PHE A 31 2.58 8.88 0.78
C PHE A 31 1.99 7.52 0.46
N LEU A 32 0.86 7.21 1.10
CA LEU A 32 0.18 5.94 0.88
C LEU A 32 -1.08 6.13 0.05
N CYS A 33 -1.04 5.64 -1.19
CA CYS A 33 -2.19 5.76 -2.09
C CYS A 33 -3.24 4.70 -1.77
N TYR A 34 -4.47 5.15 -1.56
CA TYR A 34 -5.57 4.24 -1.24
C TYR A 34 -6.69 4.35 -2.28
N VAL A 35 -7.32 3.21 -2.57
CA VAL A 35 -8.40 3.18 -3.54
C VAL A 35 -9.55 2.29 -3.05
N VAL A 36 -10.66 2.92 -2.68
CA VAL A 36 -11.83 2.18 -2.20
C VAL A 36 -12.94 2.19 -3.24
N GLU A 37 -13.46 1.01 -3.55
CA GLU A 37 -14.54 0.88 -4.52
C GLU A 37 -15.68 0.05 -3.96
N VAL A 38 -16.80 0.70 -3.65
CA VAL A 38 -17.96 0.01 -3.11
C VAL A 38 -19.00 -0.25 -4.19
N GLN A 39 -19.86 -1.24 -3.96
CA GLN A 39 -20.89 -1.60 -4.92
C GLN A 39 -22.10 -2.22 -4.21
N SER A 40 -23.28 -2.05 -4.82
CA SER A 40 -24.51 -2.59 -4.25
C SER A 40 -25.23 -3.47 -5.25
N LYS A 41 -26.12 -4.33 -4.75
CA LYS A 41 -26.88 -5.23 -5.61
C LYS A 41 -27.34 -4.52 -6.88
N GLY A 42 -26.53 -4.61 -7.94
CA GLY A 42 -26.87 -3.97 -9.18
C GLY A 42 -27.31 -2.53 -9.00
N GLY A 43 -26.56 -1.78 -8.20
CA GLY A 43 -26.89 -0.39 -7.95
C GLY A 43 -25.76 0.55 -8.30
N GLN A 44 -25.51 1.53 -7.43
CA GLN A 44 -24.44 2.50 -7.65
C GLN A 44 -23.20 2.13 -6.86
N ALA A 45 -22.03 2.47 -7.40
CA ALA A 45 -20.77 2.18 -6.75
C ALA A 45 -20.01 3.46 -6.40
N GLN A 46 -19.37 3.47 -5.24
CA GLN A 46 -18.61 4.64 -4.80
C GLN A 46 -17.11 4.37 -4.89
N ALA A 47 -16.39 5.30 -5.49
CA ALA A 47 -14.94 5.17 -5.64
C ALA A 47 -14.21 6.30 -4.92
N THR A 48 -13.19 5.94 -4.15
CA THR A 48 -12.41 6.92 -3.40
C THR A 48 -10.93 6.82 -3.75
N GLN A 49 -10.21 7.91 -3.53
CA GLN A 49 -8.77 7.94 -3.81
C GLN A 49 -8.09 9.07 -3.04
N GLY A 50 -6.80 8.90 -2.78
CA GLY A 50 -6.05 9.91 -2.05
C GLY A 50 -4.85 9.33 -1.33
N TYR A 51 -4.04 10.21 -0.75
CA TYR A 51 -2.84 9.79 -0.03
C TYR A 51 -2.92 10.18 1.44
N LEU A 52 -2.54 9.26 2.32
CA LEU A 52 -2.56 9.51 3.76
C LEU A 52 -1.17 9.81 4.29
N GLU A 53 -1.09 10.70 5.27
CA GLU A 53 0.19 11.07 5.87
C GLU A 53 0.50 10.20 7.08
N ASP A 54 1.71 9.63 7.11
CA ASP A 54 2.12 8.77 8.21
C ASP A 54 2.48 9.61 9.43
N GLU A 55 1.62 9.55 10.46
CA GLU A 55 1.84 10.29 11.69
C GLU A 55 3.16 9.88 12.34
N HIS A 56 4.00 10.87 12.64
CA HIS A 56 5.28 10.61 13.27
C HIS A 56 5.13 9.69 14.48
N ALA A 57 4.08 9.91 15.26
CA ALA A 57 3.82 9.10 16.44
C ALA A 57 2.33 9.07 16.76
N GLY A 58 1.54 8.48 15.88
CA GLY A 58 0.11 8.39 16.09
C GLY A 58 -0.56 7.42 15.13
N ALA A 59 -1.15 7.97 14.08
CA ALA A 59 -1.84 7.15 13.08
C ALA A 59 -1.15 7.24 11.73
N HIS A 60 -0.48 6.15 11.34
CA HIS A 60 0.22 6.12 10.07
C HIS A 60 -0.80 6.22 8.92
N ALA A 61 -0.26 6.17 7.71
CA ALA A 61 -1.09 6.25 6.51
C ALA A 61 -2.13 5.13 6.47
N GLU A 62 -1.75 3.98 7.02
CA GLU A 62 -2.65 2.82 7.04
C GLU A 62 -3.74 3.01 8.09
N GLU A 63 -3.35 3.45 9.28
CA GLU A 63 -4.30 3.67 10.36
C GLU A 63 -5.29 4.78 10.00
N ALA A 64 -4.76 5.96 9.68
CA ALA A 64 -5.59 7.09 9.31
C ALA A 64 -6.66 6.69 8.31
N PHE A 65 -6.31 5.79 7.39
CA PHE A 65 -7.24 5.33 6.37
C PHE A 65 -8.59 5.00 7.00
N PHE A 66 -8.62 3.99 7.86
CA PHE A 66 -9.85 3.58 8.52
C PHE A 66 -10.29 4.61 9.56
N ASN A 67 -9.53 5.69 9.66
CA ASN A 67 -9.85 6.75 10.61
C ASN A 67 -10.52 7.92 9.90
N THR A 68 -10.23 8.08 8.61
CA THR A 68 -10.83 9.17 7.83
C THR A 68 -11.33 8.65 6.48
N ILE A 69 -10.54 7.79 5.85
CA ILE A 69 -10.91 7.22 4.57
C ILE A 69 -12.06 6.24 4.70
N LEU A 70 -11.77 5.05 5.23
CA LEU A 70 -12.78 4.03 5.42
C LEU A 70 -13.11 3.85 6.90
N PRO A 71 -13.81 4.85 7.47
CA PRO A 71 -14.21 4.82 8.88
C PRO A 71 -15.28 3.77 9.17
N ALA A 72 -16.17 3.56 8.20
CA ALA A 72 -17.24 2.58 8.34
C ALA A 72 -17.59 1.94 7.00
N PHE A 73 -18.17 0.74 7.06
CA PHE A 73 -18.55 0.03 5.86
C PHE A 73 -19.87 -0.71 6.06
N ASP A 74 -20.62 -0.88 4.96
CA ASP A 74 -21.90 -1.56 5.01
C ASP A 74 -21.79 -2.99 4.47
N PRO A 75 -22.29 -3.96 5.24
CA PRO A 75 -22.25 -5.37 4.85
C PRO A 75 -23.19 -5.67 3.68
N ALA A 76 -23.76 -4.63 3.10
CA ALA A 76 -24.67 -4.78 1.97
C ALA A 76 -24.00 -4.39 0.67
N LEU A 77 -22.79 -3.83 0.77
CA LEU A 77 -22.04 -3.41 -0.41
C LEU A 77 -20.68 -4.10 -0.46
N LYS A 78 -20.07 -4.10 -1.64
CA LYS A 78 -18.76 -4.72 -1.82
C LYS A 78 -17.66 -3.66 -1.93
N TYR A 79 -17.00 -3.39 -0.81
CA TYR A 79 -15.93 -2.40 -0.79
C TYR A 79 -14.62 -3.00 -1.30
N ASN A 80 -13.97 -2.30 -2.22
CA ASN A 80 -12.71 -2.76 -2.79
C ASN A 80 -11.58 -1.79 -2.47
N VAL A 81 -10.88 -2.05 -1.37
CA VAL A 81 -9.77 -1.19 -0.95
C VAL A 81 -8.46 -1.66 -1.56
N THR A 82 -7.62 -0.71 -1.96
CA THR A 82 -6.32 -1.03 -2.56
C THR A 82 -5.27 -0.01 -2.15
N TRP A 83 -4.16 -0.49 -1.63
CA TRP A 83 -3.06 0.38 -1.20
C TRP A 83 -1.84 0.17 -2.07
N TYR A 84 -1.11 1.25 -2.34
CA TYR A 84 0.09 1.19 -3.17
C TYR A 84 1.23 1.96 -2.51
N VAL A 85 2.12 1.24 -1.84
CA VAL A 85 3.26 1.85 -1.16
C VAL A 85 4.56 1.15 -1.55
N SER A 86 5.67 1.69 -1.06
CA SER A 86 6.98 1.11 -1.35
C SER A 86 7.54 0.37 -0.14
N SER A 87 7.16 0.83 1.05
CA SER A 87 7.62 0.22 2.29
C SER A 87 6.50 -0.54 2.96
N SER A 88 6.85 -1.62 3.66
CA SER A 88 5.87 -2.44 4.36
C SER A 88 5.44 -1.79 5.66
N PRO A 89 4.17 -1.99 6.04
CA PRO A 89 3.60 -1.42 7.27
C PRO A 89 4.17 -2.08 8.52
N CYS A 90 4.24 -1.32 9.61
CA CYS A 90 4.76 -1.82 10.87
C CYS A 90 3.89 -2.94 11.41
N ALA A 91 4.36 -3.60 12.47
CA ALA A 91 3.61 -4.69 13.08
C ALA A 91 2.30 -4.19 13.68
N ALA A 92 2.15 -2.87 13.77
CA ALA A 92 0.94 -2.28 14.32
C ALA A 92 -0.04 -1.88 13.22
N CYS A 93 0.51 -1.51 12.06
CA CYS A 93 -0.31 -1.12 10.93
C CYS A 93 -1.02 -2.33 10.31
N ALA A 94 -0.31 -3.45 10.25
CA ALA A 94 -0.87 -4.67 9.70
C ALA A 94 -1.78 -5.37 10.71
N ASP A 95 -1.73 -4.92 11.95
CA ASP A 95 -2.54 -5.50 13.01
C ASP A 95 -4.00 -5.09 12.85
N ARG A 96 -4.30 -3.83 13.15
CA ARG A 96 -5.66 -3.32 13.05
C ARG A 96 -6.27 -3.67 11.69
N ILE A 97 -5.42 -3.76 10.68
CA ILE A 97 -5.88 -4.09 9.33
C ILE A 97 -6.53 -5.47 9.29
N LEU A 98 -5.93 -6.42 10.01
CA LEU A 98 -6.45 -7.78 10.06
C LEU A 98 -7.77 -7.83 10.83
N LYS A 99 -7.93 -6.91 11.78
CA LYS A 99 -9.14 -6.86 12.58
C LYS A 99 -10.32 -6.35 11.75
N THR A 100 -10.02 -5.75 10.61
CA THR A 100 -11.05 -5.22 9.72
C THR A 100 -11.48 -6.27 8.70
N LEU A 101 -10.55 -7.14 8.32
CA LEU A 101 -10.83 -8.18 7.35
C LEU A 101 -11.53 -9.37 8.01
N SER A 102 -11.08 -9.71 9.21
CA SER A 102 -11.67 -10.82 9.95
C SER A 102 -13.11 -10.51 10.36
N LYS A 103 -13.55 -9.29 10.06
CA LYS A 103 -14.90 -8.86 10.39
C LYS A 103 -15.66 -8.43 9.15
N THR A 104 -14.94 -7.82 8.21
CA THR A 104 -15.55 -7.36 6.97
C THR A 104 -15.18 -8.27 5.80
N LYS A 105 -16.06 -9.21 5.48
CA LYS A 105 -15.82 -10.14 4.38
C LYS A 105 -16.05 -9.46 3.03
N ASN A 106 -17.21 -8.85 2.88
CA ASN A 106 -17.55 -8.17 1.63
C ASN A 106 -16.50 -7.12 1.29
N LEU A 107 -15.65 -6.80 2.25
CA LEU A 107 -14.60 -5.80 2.04
C LEU A 107 -13.31 -6.47 1.61
N ARG A 108 -12.81 -6.09 0.44
CA ARG A 108 -11.58 -6.65 -0.10
C ARG A 108 -10.44 -5.65 0.00
N LEU A 109 -9.54 -5.88 0.96
CA LEU A 109 -8.40 -5.00 1.17
C LEU A 109 -7.17 -5.49 0.40
N LEU A 110 -6.45 -4.56 -0.20
CA LEU A 110 -5.25 -4.91 -0.97
C LEU A 110 -4.10 -3.98 -0.63
N ILE A 111 -2.88 -4.51 -0.65
CA ILE A 111 -1.70 -3.72 -0.34
C ILE A 111 -0.48 -4.25 -1.09
N LEU A 112 0.34 -3.33 -1.60
CA LEU A 112 1.54 -3.71 -2.34
C LEU A 112 2.75 -2.95 -1.82
N VAL A 113 3.93 -3.55 -1.95
CA VAL A 113 5.16 -2.93 -1.50
C VAL A 113 6.32 -3.24 -2.45
N SER A 114 6.84 -2.20 -3.09
CA SER A 114 7.94 -2.35 -4.03
C SER A 114 9.18 -2.90 -3.32
N ARG A 115 9.17 -2.86 -1.99
CA ARG A 115 10.29 -3.35 -1.21
C ARG A 115 9.85 -3.73 0.20
N LEU A 116 10.41 -4.81 0.73
CA LEU A 116 10.07 -5.26 2.07
C LEU A 116 10.88 -4.54 3.12
N PHE A 117 10.24 -4.17 4.23
CA PHE A 117 10.90 -3.46 5.32
C PHE A 117 10.80 -4.25 6.62
N MET A 118 11.82 -4.13 7.46
CA MET A 118 11.84 -4.83 8.74
C MET A 118 11.24 -6.22 8.61
N TRP A 119 11.68 -6.96 7.60
CA TRP A 119 11.18 -8.31 7.36
C TRP A 119 12.06 -9.34 8.06
N GLU A 120 12.84 -8.88 9.04
CA GLU A 120 13.72 -9.77 9.79
C GLU A 120 13.26 -9.91 11.23
N GLU A 121 12.49 -8.93 11.70
CA GLU A 121 11.98 -8.94 13.07
C GLU A 121 10.87 -9.99 13.22
N PRO A 122 10.85 -10.64 14.40
CA PRO A 122 9.85 -11.68 14.69
C PRO A 122 8.45 -11.10 14.89
N GLU A 123 8.39 -9.78 15.08
CA GLU A 123 7.11 -9.10 15.28
C GLU A 123 6.45 -8.79 13.94
N VAL A 124 7.24 -8.25 13.01
CA VAL A 124 6.73 -7.91 11.69
C VAL A 124 6.08 -9.12 11.01
N GLN A 125 6.91 -10.09 10.63
CA GLN A 125 6.41 -11.30 9.98
C GLN A 125 5.14 -11.80 10.66
N ALA A 126 5.27 -12.24 11.91
CA ALA A 126 4.13 -12.74 12.66
C ALA A 126 2.99 -11.72 12.68
N ALA A 127 3.33 -10.46 12.45
CA ALA A 127 2.34 -9.39 12.43
C ALA A 127 1.76 -9.19 11.03
N LEU A 128 2.52 -9.61 10.02
CA LEU A 128 2.09 -9.47 8.63
C LEU A 128 1.35 -10.72 8.16
N LYS A 129 1.60 -11.84 8.85
CA LYS A 129 0.97 -13.11 8.52
C LYS A 129 -0.54 -13.00 8.63
N LYS A 130 -1.01 -12.43 9.74
CA LYS A 130 -2.45 -12.27 9.98
C LYS A 130 -3.14 -11.71 8.74
N LEU A 131 -2.40 -10.94 7.95
CA LEU A 131 -2.95 -10.34 6.73
C LEU A 131 -3.16 -11.40 5.66
N LYS A 132 -2.26 -12.37 5.59
CA LYS A 132 -2.35 -13.44 4.61
C LYS A 132 -3.36 -14.49 5.06
N GLU A 133 -3.69 -14.49 6.34
CA GLU A 133 -4.64 -15.45 6.89
C GLU A 133 -6.05 -14.85 6.92
N ALA A 134 -6.14 -13.58 7.29
CA ALA A 134 -7.43 -12.90 7.36
C ALA A 134 -8.06 -12.78 5.98
N GLY A 135 -7.22 -12.80 4.95
CA GLY A 135 -7.72 -12.69 3.59
C GLY A 135 -7.10 -11.53 2.84
N CYS A 136 -6.40 -10.67 3.56
CA CYS A 136 -5.75 -9.51 2.95
C CYS A 136 -4.96 -9.91 1.71
N LYS A 137 -4.75 -8.96 0.81
CA LYS A 137 -4.01 -9.21 -0.42
C LYS A 137 -2.67 -8.49 -0.41
N LEU A 138 -1.59 -9.24 -0.32
CA LEU A 138 -0.24 -8.67 -0.30
C LEU A 138 0.55 -9.11 -1.52
N ARG A 139 1.08 -8.13 -2.26
CA ARG A 139 1.86 -8.42 -3.46
C ARG A 139 3.03 -7.44 -3.59
N ILE A 140 4.17 -7.94 -4.04
CA ILE A 140 5.35 -7.11 -4.21
C ILE A 140 5.14 -6.07 -5.32
N MET A 141 4.84 -4.84 -4.91
CA MET A 141 4.62 -3.76 -5.85
C MET A 141 5.51 -3.91 -7.08
N LYS A 142 4.98 -4.54 -8.12
CA LYS A 142 5.73 -4.75 -9.35
C LYS A 142 6.08 -3.42 -10.01
N PRO A 143 7.04 -3.46 -10.95
CA PRO A 143 7.48 -2.27 -11.68
C PRO A 143 6.43 -1.74 -12.63
N GLN A 144 5.31 -2.46 -12.74
CA GLN A 144 4.23 -2.06 -13.61
C GLN A 144 3.21 -1.19 -12.88
N ASP A 145 3.06 -1.44 -11.58
CA ASP A 145 2.12 -0.69 -10.76
C ASP A 145 2.50 0.79 -10.73
N PHE A 146 3.77 1.07 -10.42
CA PHE A 146 4.26 2.43 -10.35
C PHE A 146 3.65 3.29 -11.46
N GLU A 147 3.87 2.88 -12.71
CA GLU A 147 3.35 3.60 -13.86
C GLU A 147 1.99 4.21 -13.54
N TYR A 148 0.99 3.36 -13.37
CA TYR A 148 -0.37 3.81 -13.07
C TYR A 148 -0.36 4.86 -11.95
N ILE A 149 0.28 4.50 -10.84
CA ILE A 149 0.37 5.41 -9.70
C ILE A 149 1.22 6.64 -10.04
N TRP A 150 1.94 6.57 -11.15
CA TRP A 150 2.79 7.67 -11.58
C TRP A 150 2.06 8.56 -12.58
N GLN A 151 1.15 7.96 -13.34
CA GLN A 151 0.38 8.70 -14.33
C GLN A 151 -0.98 9.10 -13.78
N ASN A 152 -1.40 8.43 -12.70
CA ASN A 152 -2.69 8.71 -12.08
C ASN A 152 -2.51 9.39 -10.73
N PHE A 153 -1.89 8.66 -9.79
CA PHE A 153 -1.64 9.19 -8.46
C PHE A 153 -0.60 10.31 -8.49
N VAL A 154 -0.09 10.59 -9.69
CA VAL A 154 0.91 11.63 -9.85
C VAL A 154 0.58 12.52 -11.05
N GLU A 155 0.55 13.83 -10.81
CA GLU A 155 0.24 14.79 -11.87
C GLU A 155 1.47 15.02 -12.77
N GLN A 156 1.32 14.68 -14.04
CA GLN A 156 2.41 14.84 -15.00
C GLN A 156 2.59 16.31 -15.38
N GLU A 157 3.69 16.61 -16.05
CA GLU A 157 3.97 17.98 -16.47
C GLU A 157 3.02 18.41 -17.60
N GLU A 158 3.24 19.62 -18.11
CA GLU A 158 2.40 20.15 -19.19
C GLU A 158 3.14 20.10 -20.52
N GLY A 159 2.50 19.48 -21.51
CA GLY A 159 3.11 19.37 -22.83
C GLY A 159 4.05 18.19 -22.93
N GLU A 160 4.67 17.82 -21.82
CA GLU A 160 5.60 16.70 -21.79
C GLU A 160 4.87 15.40 -21.48
N SER A 161 5.64 14.31 -21.37
CA SER A 161 5.06 13.01 -21.09
C SER A 161 6.16 11.97 -20.85
N LYS A 162 6.34 11.57 -19.59
CA LYS A 162 7.35 10.59 -19.23
C LYS A 162 6.70 9.29 -18.77
N ALA A 163 7.53 8.31 -18.43
CA ALA A 163 7.05 7.02 -17.95
C ALA A 163 8.09 6.31 -17.10
N PHE A 164 7.73 6.04 -15.85
CA PHE A 164 8.64 5.38 -14.93
C PHE A 164 9.13 4.05 -15.50
N GLU A 165 10.36 4.06 -16.02
CA GLU A 165 10.94 2.86 -16.61
C GLU A 165 12.16 2.40 -15.81
N PRO A 166 11.94 1.43 -14.92
CA PRO A 166 13.01 0.88 -14.07
C PRO A 166 14.01 0.05 -14.87
N TRP A 167 15.14 0.66 -15.19
CA TRP A 167 16.19 -0.02 -15.94
C TRP A 167 17.25 -0.60 -15.01
N GLU A 168 17.07 -0.39 -13.72
CA GLU A 168 18.01 -0.90 -12.72
C GLU A 168 17.82 -2.39 -12.51
N ASP A 169 16.62 -2.78 -12.09
CA ASP A 169 16.30 -4.19 -11.86
C ASP A 169 14.80 -4.41 -11.79
N ILE A 170 14.26 -5.06 -12.82
CA ILE A 170 12.83 -5.33 -12.89
C ILE A 170 12.51 -6.71 -12.30
N GLN A 171 13.32 -7.70 -12.64
CA GLN A 171 13.13 -9.06 -12.14
C GLN A 171 13.91 -9.29 -10.86
N GLU A 172 15.24 -9.23 -10.97
CA GLU A 172 16.11 -9.44 -9.81
C GLU A 172 15.60 -8.67 -8.60
N ASN A 173 14.88 -7.58 -8.86
CA ASN A 173 14.33 -6.75 -7.79
C ASN A 173 13.02 -7.33 -7.28
N PHE A 174 12.12 -7.66 -8.20
CA PHE A 174 10.82 -8.21 -7.85
C PHE A 174 10.98 -9.57 -7.15
N LEU A 175 11.73 -10.45 -7.79
CA LEU A 175 11.96 -11.79 -7.24
C LEU A 175 12.75 -11.71 -5.93
N TYR A 176 13.48 -10.61 -5.75
CA TYR A 176 14.27 -10.41 -4.55
C TYR A 176 13.38 -10.12 -3.35
N TYR A 177 12.30 -9.38 -3.59
CA TYR A 177 11.37 -9.02 -2.52
C TYR A 177 10.23 -10.03 -2.45
N GLU A 178 9.93 -10.68 -3.58
CA GLU A 178 8.86 -11.67 -3.63
C GLU A 178 9.12 -12.79 -2.64
N GLU A 179 10.37 -13.23 -2.55
CA GLU A 179 10.75 -14.31 -1.64
C GLU A 179 10.52 -13.90 -0.18
N LYS A 180 10.71 -12.61 0.10
CA LYS A 180 10.52 -12.09 1.44
C LYS A 180 9.07 -12.22 1.88
N LEU A 181 8.18 -11.50 1.21
CA LEU A 181 6.76 -11.54 1.53
C LEU A 181 6.30 -12.96 1.80
N ALA A 182 6.74 -13.90 0.96
CA ALA A 182 6.38 -15.30 1.11
C ALA A 182 7.17 -15.96 2.23
N ASP A 183 8.43 -15.53 2.39
CA ASP A 183 9.29 -16.09 3.42
C ASP A 183 8.69 -15.85 4.81
N ILE A 184 7.87 -14.81 4.93
CA ILE A 184 7.24 -14.47 6.19
C ILE A 184 6.12 -15.46 6.53
N LEU A 185 5.35 -15.83 5.51
CA LEU A 185 4.25 -16.77 5.70
C LEU A 185 4.77 -18.19 5.89
N LYS A 186 5.98 -18.44 5.41
CA LYS A 186 6.60 -19.76 5.52
C LYS A 186 7.92 -19.67 6.28
N SER A 187 8.00 -20.37 7.40
CA SER A 187 9.21 -20.37 8.22
C SER A 187 9.57 -21.78 8.66
N GLY A 188 10.61 -21.90 9.49
CA GLY A 188 11.03 -23.19 9.97
C GLY A 188 10.47 -23.52 11.34
N PRO A 189 10.49 -24.81 11.70
CA PRO A 189 9.98 -25.28 12.99
C PRO A 189 10.86 -24.84 14.15
N SER A 190 10.22 -24.30 15.20
CA SER A 190 10.95 -23.84 16.37
C SER A 190 10.02 -23.72 17.58
N SER A 191 10.36 -24.43 18.65
CA SER A 191 9.55 -24.41 19.87
C SER A 191 10.35 -23.84 21.03
N GLY A 192 11.68 -23.81 20.88
CA GLY A 192 12.53 -23.29 21.94
C GLY A 192 13.87 -24.00 21.99
N GLY A 1 -7.60 20.90 11.17
CA GLY A 1 -8.35 20.09 10.21
C GLY A 1 -7.56 19.81 8.95
N SER A 2 -8.11 18.95 8.10
CA SER A 2 -7.45 18.58 6.85
C SER A 2 -8.21 19.14 5.65
N SER A 3 -7.47 19.62 4.66
CA SER A 3 -8.09 20.18 3.46
C SER A 3 -7.22 19.89 2.23
N GLY A 4 -7.86 19.42 1.17
CA GLY A 4 -7.14 19.11 -0.05
C GLY A 4 -8.00 19.28 -1.29
N SER A 5 -7.36 19.26 -2.46
CA SER A 5 -8.08 19.42 -3.72
C SER A 5 -8.00 18.14 -4.56
N SER A 6 -6.83 17.89 -5.13
CA SER A 6 -6.63 16.70 -5.95
C SER A 6 -6.22 15.51 -5.09
N GLY A 7 -5.93 14.39 -5.76
CA GLY A 7 -5.54 13.19 -5.04
C GLY A 7 -4.24 12.61 -5.54
N ARG A 8 -3.45 13.43 -6.23
CA ARG A 8 -2.16 13.00 -6.78
C ARG A 8 -1.05 13.97 -6.39
N LEU A 9 0.19 13.57 -6.66
CA LEU A 9 1.34 14.41 -6.35
C LEU A 9 2.12 14.75 -7.62
N PRO A 10 2.64 15.99 -7.68
CA PRO A 10 3.42 16.47 -8.83
C PRO A 10 4.79 15.78 -8.93
N VAL A 11 5.05 15.17 -10.08
CA VAL A 11 6.31 14.49 -10.30
C VAL A 11 7.47 15.24 -9.66
N ASN A 12 7.77 16.42 -10.19
CA ASN A 12 8.86 17.24 -9.66
C ASN A 12 8.98 17.08 -8.15
N PHE A 13 7.83 16.92 -7.48
CA PHE A 13 7.81 16.75 -6.04
C PHE A 13 8.07 15.31 -5.65
N PHE A 14 7.44 14.38 -6.36
CA PHE A 14 7.60 12.96 -6.08
C PHE A 14 9.04 12.52 -6.34
N LYS A 15 9.74 13.27 -7.19
CA LYS A 15 11.12 12.96 -7.53
C LYS A 15 11.97 12.80 -6.26
N PHE A 16 11.95 13.81 -5.40
CA PHE A 16 12.70 13.77 -4.16
C PHE A 16 11.91 13.06 -3.07
N GLN A 17 10.60 13.17 -3.13
CA GLN A 17 9.72 12.54 -2.14
C GLN A 17 9.79 11.02 -2.25
N PHE A 18 9.37 10.50 -3.40
CA PHE A 18 9.38 9.06 -3.62
C PHE A 18 10.77 8.57 -4.01
N ARG A 19 11.70 9.52 -4.17
CA ARG A 19 13.07 9.19 -4.54
C ARG A 19 13.50 7.86 -3.92
N ASN A 20 13.34 6.79 -4.69
CA ASN A 20 13.71 5.45 -4.22
C ASN A 20 15.10 5.46 -3.59
N VAL A 21 15.17 5.07 -2.32
CA VAL A 21 16.43 5.03 -1.60
C VAL A 21 16.91 3.60 -1.41
N GLU A 22 18.21 3.44 -1.16
CA GLU A 22 18.80 2.12 -0.97
C GLU A 22 19.34 1.98 0.45
N TYR A 23 19.51 3.11 1.13
CA TYR A 23 20.03 3.11 2.49
C TYR A 23 18.93 3.43 3.50
N SER A 24 18.24 4.55 3.27
CA SER A 24 17.16 4.97 4.16
C SER A 24 16.34 6.08 3.52
N SER A 25 15.02 5.97 3.63
CA SER A 25 14.11 6.96 3.06
C SER A 25 14.71 8.36 3.18
N GLY A 26 14.80 8.87 4.40
CA GLY A 26 15.34 10.19 4.64
C GLY A 26 14.52 11.01 5.60
N ARG A 27 13.89 12.06 5.10
CA ARG A 27 13.07 12.93 5.94
C ARG A 27 11.66 13.05 5.38
N ASN A 28 11.55 13.58 4.16
CA ASN A 28 10.25 13.73 3.52
C ASN A 28 9.34 12.54 3.82
N LYS A 29 8.16 12.84 4.38
CA LYS A 29 7.20 11.80 4.72
C LYS A 29 6.77 11.02 3.48
N THR A 30 6.37 9.77 3.67
CA THR A 30 5.92 8.93 2.57
C THR A 30 4.42 9.04 2.35
N PHE A 31 4.00 9.00 1.10
CA PHE A 31 2.59 9.10 0.76
C PHE A 31 2.05 7.75 0.27
N LEU A 32 0.99 7.27 0.92
CA LEU A 32 0.39 6.00 0.55
C LEU A 32 -0.92 6.23 -0.22
N CYS A 33 -1.02 5.59 -1.39
CA CYS A 33 -2.21 5.72 -2.22
C CYS A 33 -3.27 4.68 -1.83
N TYR A 34 -4.51 5.12 -1.73
CA TYR A 34 -5.61 4.24 -1.36
C TYR A 34 -6.75 4.32 -2.37
N VAL A 35 -7.25 3.16 -2.78
CA VAL A 35 -8.35 3.10 -3.75
C VAL A 35 -9.47 2.19 -3.26
N VAL A 36 -10.57 2.79 -2.83
CA VAL A 36 -11.72 2.04 -2.34
C VAL A 36 -12.84 2.00 -3.37
N GLU A 37 -13.31 0.80 -3.67
CA GLU A 37 -14.39 0.63 -4.65
C GLU A 37 -15.51 -0.21 -4.07
N VAL A 38 -16.63 0.44 -3.77
CA VAL A 38 -17.79 -0.25 -3.21
C VAL A 38 -18.82 -0.57 -4.30
N GLN A 39 -19.67 -1.55 -4.02
CA GLN A 39 -20.70 -1.97 -4.97
C GLN A 39 -21.91 -2.54 -4.25
N SER A 40 -23.08 -2.43 -4.87
CA SER A 40 -24.31 -2.94 -4.28
C SER A 40 -25.00 -3.92 -5.23
N LYS A 41 -24.45 -5.13 -5.32
CA LYS A 41 -25.01 -6.15 -6.19
C LYS A 41 -24.92 -5.73 -7.66
N GLY A 42 -23.82 -5.07 -8.01
CA GLY A 42 -23.64 -4.63 -9.38
C GLY A 42 -24.31 -3.30 -9.66
N GLY A 43 -25.08 -2.81 -8.69
CA GLY A 43 -25.77 -1.54 -8.86
C GLY A 43 -24.83 -0.36 -8.79
N GLN A 44 -25.11 0.57 -7.86
CA GLN A 44 -24.29 1.76 -7.70
C GLN A 44 -22.98 1.42 -6.97
N ALA A 45 -21.87 1.94 -7.48
CA ALA A 45 -20.57 1.70 -6.87
C ALA A 45 -19.84 3.01 -6.60
N GLN A 46 -19.20 3.10 -5.43
CA GLN A 46 -18.47 4.30 -5.05
C GLN A 46 -16.97 4.07 -5.14
N ALA A 47 -16.27 5.01 -5.77
CA ALA A 47 -14.82 4.90 -5.92
C ALA A 47 -14.12 6.09 -5.29
N THR A 48 -13.16 5.81 -4.40
CA THR A 48 -12.42 6.87 -3.71
C THR A 48 -10.93 6.75 -4.00
N GLN A 49 -10.22 7.87 -3.88
CA GLN A 49 -8.78 7.89 -4.12
C GLN A 49 -8.12 9.04 -3.36
N GLY A 50 -6.85 8.87 -3.02
CA GLY A 50 -6.13 9.90 -2.29
C GLY A 50 -4.90 9.36 -1.59
N TYR A 51 -4.00 10.26 -1.21
CA TYR A 51 -2.77 9.87 -0.51
C TYR A 51 -2.77 10.37 0.92
N LEU A 52 -2.35 9.50 1.84
CA LEU A 52 -2.30 9.85 3.26
C LEU A 52 -0.87 10.08 3.71
N GLU A 53 -0.71 10.80 4.82
CA GLU A 53 0.61 11.09 5.36
C GLU A 53 0.90 10.22 6.57
N ASP A 54 2.16 9.82 6.71
CA ASP A 54 2.58 8.98 7.84
C ASP A 54 3.00 9.83 9.03
N GLU A 55 2.17 9.80 10.08
CA GLU A 55 2.46 10.57 11.29
C GLU A 55 3.78 10.15 11.91
N HIS A 56 4.71 11.09 12.03
CA HIS A 56 6.02 10.83 12.61
C HIS A 56 5.88 10.04 13.91
N ALA A 57 4.78 10.27 14.62
CA ALA A 57 4.54 9.57 15.88
C ALA A 57 3.06 9.63 16.26
N GLY A 58 2.25 8.86 15.54
CA GLY A 58 0.82 8.84 15.81
C GLY A 58 0.08 7.84 14.93
N ALA A 59 -0.51 8.33 13.84
CA ALA A 59 -1.26 7.47 12.93
C ALA A 59 -0.59 7.43 11.57
N HIS A 60 -0.03 6.27 11.22
CA HIS A 60 0.65 6.12 9.93
C HIS A 60 -0.39 6.20 8.81
N ALA A 61 0.11 6.24 7.58
CA ALA A 61 -0.74 6.30 6.40
C ALA A 61 -1.80 5.22 6.44
N GLU A 62 -1.46 4.07 7.01
CA GLU A 62 -2.39 2.95 7.10
C GLU A 62 -3.51 3.24 8.10
N GLU A 63 -3.12 3.61 9.32
CA GLU A 63 -4.09 3.92 10.36
C GLU A 63 -4.95 5.11 9.96
N ALA A 64 -4.31 6.21 9.59
CA ALA A 64 -5.02 7.42 9.17
C ALA A 64 -6.12 7.09 8.18
N PHE A 65 -5.87 6.11 7.32
CA PHE A 65 -6.84 5.71 6.31
C PHE A 65 -8.15 5.26 6.96
N PHE A 66 -8.13 4.09 7.57
CA PHE A 66 -9.31 3.55 8.23
C PHE A 66 -9.76 4.45 9.36
N ASN A 67 -8.93 5.45 9.68
CA ASN A 67 -9.24 6.39 10.75
C ASN A 67 -10.27 7.42 10.29
N THR A 68 -10.16 7.84 9.04
CA THR A 68 -11.07 8.82 8.48
C THR A 68 -11.55 8.40 7.10
N ILE A 69 -10.65 7.87 6.30
CA ILE A 69 -10.98 7.42 4.94
C ILE A 69 -12.06 6.34 4.97
N LEU A 70 -11.68 5.14 5.39
CA LEU A 70 -12.61 4.03 5.47
C LEU A 70 -12.97 3.70 6.92
N PRO A 71 -13.78 4.57 7.53
CA PRO A 71 -14.21 4.39 8.92
C PRO A 71 -15.16 3.21 9.10
N ALA A 72 -16.09 3.06 8.17
CA ALA A 72 -17.06 1.97 8.22
C ALA A 72 -17.44 1.51 6.82
N PHE A 73 -17.93 0.28 6.71
CA PHE A 73 -18.33 -0.29 5.43
C PHE A 73 -19.58 -1.15 5.57
N ASP A 74 -20.63 -0.81 4.83
CA ASP A 74 -21.87 -1.56 4.88
C ASP A 74 -21.66 -3.01 4.43
N PRO A 75 -22.14 -3.96 5.25
CA PRO A 75 -22.02 -5.38 4.95
C PRO A 75 -22.89 -5.81 3.77
N ALA A 76 -23.51 -4.84 3.12
CA ALA A 76 -24.37 -5.13 1.98
C ALA A 76 -23.69 -4.74 0.67
N LEU A 77 -22.53 -4.10 0.79
CA LEU A 77 -21.77 -3.68 -0.40
C LEU A 77 -20.39 -4.33 -0.41
N LYS A 78 -19.78 -4.37 -1.59
CA LYS A 78 -18.45 -4.96 -1.74
C LYS A 78 -17.39 -3.87 -1.89
N TYR A 79 -16.73 -3.55 -0.79
CA TYR A 79 -15.69 -2.53 -0.79
C TYR A 79 -14.36 -3.10 -1.27
N ASN A 80 -13.75 -2.43 -2.25
CA ASN A 80 -12.48 -2.88 -2.80
C ASN A 80 -11.38 -1.86 -2.52
N VAL A 81 -10.65 -2.07 -1.42
CA VAL A 81 -9.58 -1.16 -1.04
C VAL A 81 -8.25 -1.61 -1.65
N THR A 82 -7.42 -0.64 -2.01
CA THR A 82 -6.12 -0.93 -2.61
C THR A 82 -5.06 0.05 -2.13
N TRP A 83 -4.01 -0.47 -1.50
CA TRP A 83 -2.93 0.36 -0.99
C TRP A 83 -1.67 0.19 -1.82
N TYR A 84 -1.05 1.30 -2.19
CA TYR A 84 0.17 1.27 -2.99
C TYR A 84 1.27 2.09 -2.35
N VAL A 85 2.17 1.42 -1.63
CA VAL A 85 3.28 2.09 -0.97
C VAL A 85 4.62 1.44 -1.33
N SER A 86 5.69 2.00 -0.79
CA SER A 86 7.03 1.48 -1.06
C SER A 86 7.61 0.80 0.17
N SER A 87 7.12 1.21 1.34
CA SER A 87 7.60 0.64 2.60
C SER A 87 6.49 -0.16 3.29
N SER A 88 6.84 -1.35 3.76
CA SER A 88 5.89 -2.22 4.43
C SER A 88 5.46 -1.63 5.77
N PRO A 89 4.20 -1.90 6.16
CA PRO A 89 3.64 -1.40 7.42
C PRO A 89 4.26 -2.09 8.64
N CYS A 90 4.12 -1.47 9.80
CA CYS A 90 4.67 -2.01 11.04
C CYS A 90 3.75 -3.08 11.61
N ALA A 91 4.25 -3.82 12.59
CA ALA A 91 3.48 -4.88 13.22
C ALA A 91 2.17 -4.34 13.78
N ALA A 92 2.08 -3.01 13.87
CA ALA A 92 0.88 -2.36 14.39
C ALA A 92 -0.04 -1.93 13.24
N CYS A 93 0.55 -1.52 12.14
CA CYS A 93 -0.21 -1.07 10.97
C CYS A 93 -0.96 -2.23 10.34
N ALA A 94 -0.26 -3.35 10.15
CA ALA A 94 -0.87 -4.54 9.56
C ALA A 94 -1.84 -5.21 10.54
N ASP A 95 -1.79 -4.79 11.79
CA ASP A 95 -2.65 -5.35 12.82
C ASP A 95 -4.09 -4.90 12.62
N ARG A 96 -4.36 -3.63 12.89
CA ARG A 96 -5.69 -3.07 12.74
C ARG A 96 -6.27 -3.40 11.36
N ILE A 97 -5.38 -3.61 10.39
CA ILE A 97 -5.81 -3.94 9.04
C ILE A 97 -6.46 -5.32 8.98
N LEU A 98 -5.93 -6.25 9.76
CA LEU A 98 -6.47 -7.61 9.80
C LEU A 98 -7.76 -7.66 10.61
N LYS A 99 -7.89 -6.75 11.58
CA LYS A 99 -9.09 -6.70 12.41
C LYS A 99 -10.28 -6.17 11.62
N THR A 100 -9.99 -5.56 10.47
CA THR A 100 -11.04 -5.01 9.62
C THR A 100 -11.52 -6.04 8.60
N LEU A 101 -10.63 -6.96 8.24
CA LEU A 101 -10.95 -8.01 7.27
C LEU A 101 -11.68 -9.17 7.95
N SER A 102 -11.17 -9.58 9.09
CA SER A 102 -11.77 -10.69 9.83
C SER A 102 -13.18 -10.34 10.29
N LYS A 103 -13.57 -9.09 10.09
CA LYS A 103 -14.89 -8.62 10.47
C LYS A 103 -15.67 -8.14 9.26
N THR A 104 -15.01 -8.09 8.11
CA THR A 104 -15.64 -7.65 6.87
C THR A 104 -15.26 -8.55 5.70
N LYS A 105 -16.12 -9.50 5.37
CA LYS A 105 -15.87 -10.42 4.27
C LYS A 105 -16.11 -9.73 2.93
N ASN A 106 -17.12 -8.88 2.88
CA ASN A 106 -17.46 -8.17 1.64
C ASN A 106 -16.42 -7.10 1.34
N LEU A 107 -15.43 -6.97 2.22
CA LEU A 107 -14.37 -5.99 2.05
C LEU A 107 -13.07 -6.65 1.62
N ARG A 108 -12.52 -6.21 0.49
CA ARG A 108 -11.28 -6.76 -0.03
C ARG A 108 -10.14 -5.76 0.11
N LEU A 109 -9.31 -5.96 1.13
CA LEU A 109 -8.18 -5.07 1.38
C LEU A 109 -6.94 -5.54 0.61
N LEU A 110 -6.28 -4.61 -0.06
CA LEU A 110 -5.08 -4.93 -0.82
C LEU A 110 -3.94 -3.96 -0.49
N ILE A 111 -2.72 -4.45 -0.55
CA ILE A 111 -1.55 -3.63 -0.26
C ILE A 111 -0.32 -4.12 -1.02
N LEU A 112 0.45 -3.20 -1.55
CA LEU A 112 1.66 -3.54 -2.30
C LEU A 112 2.86 -2.73 -1.80
N VAL A 113 4.03 -3.33 -1.86
CA VAL A 113 5.26 -2.67 -1.42
C VAL A 113 6.44 -3.06 -2.30
N SER A 114 7.21 -2.06 -2.72
CA SER A 114 8.37 -2.30 -3.57
C SER A 114 9.59 -2.70 -2.74
N ARG A 115 9.53 -2.40 -1.44
CA ARG A 115 10.63 -2.72 -0.53
C ARG A 115 10.09 -3.25 0.80
N LEU A 116 10.60 -4.40 1.22
CA LEU A 116 10.18 -5.01 2.48
C LEU A 116 10.95 -4.42 3.66
N PHE A 117 10.22 -3.92 4.64
CA PHE A 117 10.84 -3.34 5.83
C PHE A 117 10.66 -4.24 7.04
N MET A 118 11.74 -4.42 7.80
CA MET A 118 11.70 -5.26 8.99
C MET A 118 11.00 -6.59 8.70
N TRP A 119 11.45 -7.26 7.65
CA TRP A 119 10.87 -8.55 7.27
C TRP A 119 11.67 -9.71 7.85
N GLU A 120 12.35 -9.45 8.96
CA GLU A 120 13.15 -10.47 9.62
C GLU A 120 12.74 -10.63 11.09
N GLU A 121 12.24 -9.55 11.68
CA GLU A 121 11.81 -9.57 13.07
C GLU A 121 10.72 -10.61 13.29
N PRO A 122 10.75 -11.27 14.45
CA PRO A 122 9.77 -12.30 14.81
C PRO A 122 8.39 -11.72 15.07
N GLU A 123 8.34 -10.41 15.30
CA GLU A 123 7.08 -9.73 15.57
C GLU A 123 6.44 -9.24 14.27
N VAL A 124 7.27 -8.96 13.27
CA VAL A 124 6.79 -8.49 11.98
C VAL A 124 6.12 -9.61 11.20
N GLN A 125 6.76 -10.77 11.18
CA GLN A 125 6.22 -11.93 10.47
C GLN A 125 4.83 -12.27 10.97
N ALA A 126 4.69 -12.40 12.29
CA ALA A 126 3.41 -12.73 12.90
C ALA A 126 2.40 -11.60 12.71
N ALA A 127 2.90 -10.42 12.34
CA ALA A 127 2.04 -9.27 12.12
C ALA A 127 1.59 -9.18 10.67
N LEU A 128 2.40 -9.72 9.76
CA LEU A 128 2.08 -9.71 8.34
C LEU A 128 1.37 -10.99 7.94
N LYS A 129 1.68 -12.08 8.64
CA LYS A 129 1.06 -13.38 8.35
C LYS A 129 -0.45 -13.29 8.49
N LYS A 130 -0.92 -12.82 9.63
CA LYS A 130 -2.35 -12.68 9.88
C LYS A 130 -3.07 -12.11 8.66
N LEU A 131 -2.53 -11.03 8.11
CA LEU A 131 -3.11 -10.39 6.94
C LEU A 131 -3.38 -11.41 5.84
N LYS A 132 -2.51 -12.42 5.74
CA LYS A 132 -2.65 -13.46 4.74
C LYS A 132 -3.55 -14.59 5.25
N GLU A 133 -3.73 -14.65 6.56
CA GLU A 133 -4.55 -15.68 7.17
C GLU A 133 -5.97 -15.17 7.41
N ALA A 134 -6.14 -13.85 7.33
CA ALA A 134 -7.44 -13.25 7.53
C ALA A 134 -8.17 -13.06 6.19
N GLY A 135 -7.40 -12.95 5.12
CA GLY A 135 -8.00 -12.76 3.80
C GLY A 135 -7.48 -11.52 3.11
N CYS A 136 -6.43 -10.92 3.67
CA CYS A 136 -5.85 -9.71 3.09
C CYS A 136 -4.97 -10.05 1.89
N LYS A 137 -4.75 -9.07 1.02
CA LYS A 137 -3.93 -9.27 -0.17
C LYS A 137 -2.60 -8.52 -0.04
N LEU A 138 -1.52 -9.28 0.01
CA LEU A 138 -0.19 -8.68 0.14
C LEU A 138 0.68 -9.05 -1.07
N ARG A 139 1.21 -8.03 -1.73
CA ARG A 139 2.06 -8.24 -2.90
C ARG A 139 3.19 -7.22 -2.94
N ILE A 140 4.09 -7.38 -3.90
CA ILE A 140 5.22 -6.46 -4.06
C ILE A 140 4.98 -5.48 -5.18
N MET A 141 4.91 -4.20 -4.83
CA MET A 141 4.67 -3.14 -5.83
C MET A 141 5.31 -3.51 -7.17
N LYS A 142 4.52 -4.12 -8.03
CA LYS A 142 5.00 -4.52 -9.35
C LYS A 142 5.29 -3.30 -10.22
N PRO A 143 6.18 -3.48 -11.21
CA PRO A 143 6.55 -2.39 -12.14
C PRO A 143 5.42 -2.02 -13.08
N GLN A 144 4.32 -2.78 -13.03
CA GLN A 144 3.18 -2.53 -13.88
C GLN A 144 2.15 -1.64 -13.18
N ASP A 145 2.12 -1.74 -11.85
CA ASP A 145 1.20 -0.94 -11.06
C ASP A 145 1.66 0.51 -10.96
N PHE A 146 2.90 0.70 -10.50
CA PHE A 146 3.46 2.03 -10.36
C PHE A 146 3.00 2.95 -11.49
N GLU A 147 3.26 2.51 -12.72
CA GLU A 147 2.88 3.29 -13.91
C GLU A 147 1.55 4.01 -13.66
N TYR A 148 0.51 3.25 -13.34
CA TYR A 148 -0.81 3.81 -13.09
C TYR A 148 -0.76 4.82 -11.95
N ILE A 149 -0.03 4.48 -10.90
CA ILE A 149 0.10 5.36 -9.74
C ILE A 149 1.02 6.54 -10.05
N TRP A 150 1.77 6.43 -11.14
CA TRP A 150 2.69 7.49 -11.54
C TRP A 150 2.04 8.42 -12.55
N GLN A 151 1.10 7.89 -13.32
CA GLN A 151 0.39 8.67 -14.33
C GLN A 151 -0.94 9.17 -13.79
N ASN A 152 -1.43 8.52 -12.74
CA ASN A 152 -2.71 8.89 -12.14
C ASN A 152 -2.50 9.55 -10.78
N PHE A 153 -1.99 8.77 -9.83
CA PHE A 153 -1.75 9.29 -8.49
C PHE A 153 -0.65 10.34 -8.51
N VAL A 154 -0.05 10.55 -9.67
CA VAL A 154 1.02 11.54 -9.82
C VAL A 154 0.82 12.37 -11.09
N GLU A 155 0.89 13.68 -10.92
CA GLU A 155 0.71 14.60 -12.05
C GLU A 155 2.01 14.77 -12.83
N GLN A 156 2.00 14.34 -14.09
CA GLN A 156 3.17 14.44 -14.93
C GLN A 156 3.53 15.90 -15.21
N GLU A 157 4.58 16.11 -16.01
CA GLU A 157 5.02 17.46 -16.34
C GLU A 157 4.08 18.10 -17.37
N GLU A 158 4.44 19.30 -17.82
CA GLU A 158 3.63 20.02 -18.79
C GLU A 158 4.25 19.90 -20.19
N GLY A 159 3.47 19.38 -21.13
CA GLY A 159 3.95 19.22 -22.48
C GLY A 159 4.79 17.98 -22.67
N GLU A 160 5.45 17.54 -21.60
CA GLU A 160 6.30 16.36 -21.65
C GLU A 160 5.49 15.11 -21.32
N SER A 161 6.16 13.96 -21.36
CA SER A 161 5.50 12.68 -21.06
C SER A 161 6.53 11.60 -20.78
N LYS A 162 6.61 11.18 -19.52
CA LYS A 162 7.54 10.13 -19.12
C LYS A 162 6.81 8.87 -18.67
N ALA A 163 7.56 7.86 -18.28
CA ALA A 163 6.98 6.60 -17.82
C ALA A 163 8.00 5.79 -17.03
N PHE A 164 7.65 5.47 -15.79
CA PHE A 164 8.53 4.69 -14.92
C PHE A 164 9.00 3.42 -15.63
N GLU A 165 10.19 3.50 -16.23
CA GLU A 165 10.76 2.36 -16.93
C GLU A 165 12.02 1.86 -16.24
N PRO A 166 11.87 0.81 -15.41
CA PRO A 166 12.99 0.21 -14.68
C PRO A 166 13.96 -0.53 -15.59
N TRP A 167 14.94 0.20 -16.10
CA TRP A 167 15.94 -0.40 -16.99
C TRP A 167 17.02 -1.11 -16.19
N GLU A 168 17.03 -0.90 -14.89
CA GLU A 168 18.02 -1.52 -14.02
C GLU A 168 17.66 -2.98 -13.74
N ASP A 169 16.44 -3.21 -13.26
CA ASP A 169 15.97 -4.56 -12.97
C ASP A 169 14.51 -4.54 -12.55
N ILE A 170 13.65 -5.09 -13.40
CA ILE A 170 12.22 -5.14 -13.12
C ILE A 170 11.85 -6.43 -12.40
N GLN A 171 12.52 -7.52 -12.76
CA GLN A 171 12.26 -8.82 -12.15
C GLN A 171 13.21 -9.08 -10.99
N GLU A 172 14.50 -8.82 -11.22
CA GLU A 172 15.51 -9.02 -10.20
C GLU A 172 15.17 -8.25 -8.93
N ASN A 173 14.56 -7.07 -9.10
CA ASN A 173 14.18 -6.24 -7.97
C ASN A 173 12.86 -6.72 -7.35
N PHE A 174 11.80 -6.69 -8.16
CA PHE A 174 10.49 -7.12 -7.71
C PHE A 174 10.57 -8.50 -7.04
N LEU A 175 11.40 -9.37 -7.60
CA LEU A 175 11.57 -10.71 -7.08
C LEU A 175 12.21 -10.68 -5.69
N TYR A 176 13.41 -10.10 -5.62
CA TYR A 176 14.14 -10.01 -4.36
C TYR A 176 13.18 -9.75 -3.20
N TYR A 177 12.13 -8.97 -3.47
CA TYR A 177 11.15 -8.64 -2.44
C TYR A 177 10.02 -9.66 -2.43
N GLU A 178 9.64 -10.14 -3.61
CA GLU A 178 8.57 -11.12 -3.73
C GLU A 178 8.81 -12.30 -2.80
N GLU A 179 10.07 -12.69 -2.66
CA GLU A 179 10.43 -13.81 -1.79
C GLU A 179 10.35 -13.42 -0.33
N LYS A 180 10.64 -12.15 -0.04
CA LYS A 180 10.59 -11.64 1.32
C LYS A 180 9.19 -11.77 1.90
N LEU A 181 8.20 -11.27 1.17
CA LEU A 181 6.82 -11.33 1.62
C LEU A 181 6.41 -12.76 1.95
N ALA A 182 6.45 -13.63 0.95
CA ALA A 182 6.09 -15.02 1.14
C ALA A 182 6.96 -15.67 2.22
N ASP A 183 8.23 -15.31 2.24
CA ASP A 183 9.16 -15.85 3.23
C ASP A 183 8.60 -15.72 4.64
N ILE A 184 7.80 -14.68 4.86
CA ILE A 184 7.20 -14.43 6.17
C ILE A 184 6.09 -15.44 6.45
N LEU A 185 5.31 -15.76 5.42
CA LEU A 185 4.22 -16.71 5.56
C LEU A 185 4.74 -18.13 5.75
N LYS A 186 5.98 -18.35 5.36
CA LYS A 186 6.61 -19.66 5.48
C LYS A 186 7.83 -19.60 6.39
N SER A 187 7.81 -20.36 7.47
CA SER A 187 8.92 -20.39 8.42
C SER A 187 9.96 -21.41 7.99
N GLY A 188 10.13 -21.58 6.68
CA GLY A 188 11.11 -22.52 6.18
C GLY A 188 10.78 -23.95 6.55
N PRO A 189 11.59 -24.90 6.04
CA PRO A 189 11.39 -26.32 6.32
C PRO A 189 11.71 -26.68 7.76
N SER A 190 11.69 -27.98 8.06
CA SER A 190 11.98 -28.46 9.41
C SER A 190 12.64 -29.83 9.37
N SER A 191 13.56 -30.05 10.30
CA SER A 191 14.28 -31.33 10.37
C SER A 191 14.21 -31.92 11.78
N GLY A 192 14.32 -33.23 11.87
CA GLY A 192 14.26 -33.89 13.16
C GLY A 192 15.65 -34.13 13.75
N GLY A 1 -13.03 17.07 0.80
CA GLY A 1 -11.71 17.67 0.85
C GLY A 1 -10.69 16.91 0.04
N SER A 2 -11.17 16.02 -0.82
CA SER A 2 -10.29 15.22 -1.66
C SER A 2 -10.59 15.43 -3.14
N SER A 3 -10.75 16.70 -3.52
CA SER A 3 -11.04 17.05 -4.90
C SER A 3 -10.29 18.31 -5.32
N GLY A 4 -9.64 18.25 -6.47
CA GLY A 4 -8.89 19.39 -6.97
C GLY A 4 -7.49 19.02 -7.41
N SER A 5 -6.72 18.41 -6.51
CA SER A 5 -5.35 18.01 -6.80
C SER A 5 -5.32 16.57 -7.32
N SER A 6 -6.39 16.16 -7.97
CA SER A 6 -6.48 14.80 -8.50
C SER A 6 -5.86 13.79 -7.55
N GLY A 7 -5.89 14.11 -6.25
CA GLY A 7 -5.32 13.23 -5.25
C GLY A 7 -4.02 12.60 -5.71
N ARG A 8 -3.19 13.38 -6.38
CA ARG A 8 -1.91 12.89 -6.88
C ARG A 8 -0.79 13.88 -6.58
N LEU A 9 0.44 13.51 -6.93
CA LEU A 9 1.60 14.37 -6.70
C LEU A 9 2.23 14.79 -8.02
N PRO A 10 2.72 16.04 -8.06
CA PRO A 10 3.36 16.60 -9.26
C PRO A 10 4.72 15.95 -9.54
N VAL A 11 4.82 15.29 -10.69
CA VAL A 11 6.05 14.64 -11.08
C VAL A 11 7.28 15.42 -10.59
N ASN A 12 7.33 16.70 -10.92
CA ASN A 12 8.43 17.55 -10.51
C ASN A 12 8.77 17.33 -9.04
N PHE A 13 7.74 17.30 -8.20
CA PHE A 13 7.92 17.09 -6.77
C PHE A 13 7.97 15.60 -6.43
N PHE A 14 6.89 14.89 -6.74
CA PHE A 14 6.81 13.46 -6.47
C PHE A 14 8.16 12.79 -6.69
N LYS A 15 8.94 13.32 -7.63
CA LYS A 15 10.25 12.78 -7.94
C LYS A 15 11.18 12.89 -6.73
N PHE A 16 11.21 14.06 -6.11
CA PHE A 16 12.06 14.29 -4.94
C PHE A 16 11.33 13.94 -3.66
N GLN A 17 10.03 13.65 -3.79
CA GLN A 17 9.21 13.30 -2.63
C GLN A 17 9.11 11.78 -2.48
N PHE A 18 8.53 11.12 -3.47
CA PHE A 18 8.37 9.68 -3.45
C PHE A 18 9.73 8.98 -3.49
N ARG A 19 10.64 9.50 -4.31
CA ARG A 19 11.97 8.94 -4.44
C ARG A 19 12.83 9.26 -3.22
N ASN A 20 12.41 8.75 -2.06
CA ASN A 20 13.14 9.00 -0.82
C ASN A 20 13.81 7.71 -0.32
N VAL A 21 14.68 7.15 -1.16
CA VAL A 21 15.39 5.93 -0.80
C VAL A 21 16.31 6.15 0.39
N GLU A 22 16.33 5.19 1.31
CA GLU A 22 17.17 5.28 2.50
C GLU A 22 18.56 5.78 2.14
N TYR A 23 19.15 5.19 1.11
CA TYR A 23 20.48 5.57 0.67
C TYR A 23 20.42 6.63 -0.43
N SER A 24 19.56 7.62 -0.23
CA SER A 24 19.39 8.69 -1.19
C SER A 24 18.51 9.81 -0.63
N SER A 25 18.76 11.04 -1.06
CA SER A 25 17.99 12.19 -0.61
C SER A 25 16.50 11.89 -0.64
N GLY A 26 15.71 12.75 0.00
CA GLY A 26 14.27 12.57 0.02
C GLY A 26 13.65 13.01 1.33
N ARG A 27 12.32 13.04 1.38
CA ARG A 27 11.61 13.45 2.58
C ARG A 27 11.68 12.37 3.65
N ASN A 28 11.03 12.61 4.78
CA ASN A 28 11.02 11.66 5.88
C ASN A 28 9.77 10.80 5.85
N LYS A 29 8.60 11.45 5.92
CA LYS A 29 7.33 10.74 5.90
C LYS A 29 6.96 10.33 4.47
N THR A 30 6.41 9.12 4.34
CA THR A 30 6.03 8.61 3.03
C THR A 30 4.53 8.78 2.81
N PHE A 31 4.12 8.78 1.54
CA PHE A 31 2.71 8.93 1.19
C PHE A 31 2.14 7.61 0.68
N LEU A 32 1.06 7.16 1.30
CA LEU A 32 0.41 5.91 0.90
C LEU A 32 -0.91 6.19 0.17
N CYS A 33 -1.00 5.71 -1.06
CA CYS A 33 -2.21 5.90 -1.85
C CYS A 33 -3.25 4.83 -1.55
N TYR A 34 -4.51 5.23 -1.48
CA TYR A 34 -5.60 4.31 -1.20
C TYR A 34 -6.73 4.45 -2.21
N VAL A 35 -7.22 3.31 -2.70
CA VAL A 35 -8.31 3.31 -3.67
C VAL A 35 -9.45 2.40 -3.23
N VAL A 36 -10.47 3.01 -2.64
CA VAL A 36 -11.64 2.26 -2.17
C VAL A 36 -12.75 2.26 -3.20
N GLU A 37 -13.26 1.07 -3.51
CA GLU A 37 -14.34 0.93 -4.48
C GLU A 37 -15.49 0.10 -3.92
N VAL A 38 -16.52 0.78 -3.44
CA VAL A 38 -17.68 0.10 -2.87
C VAL A 38 -18.78 -0.08 -3.91
N GLN A 39 -19.69 -1.01 -3.65
CA GLN A 39 -20.79 -1.27 -4.57
C GLN A 39 -22.11 -1.43 -3.81
N SER A 40 -23.22 -1.18 -4.51
CA SER A 40 -24.53 -1.28 -3.91
C SER A 40 -25.61 -1.41 -4.97
N LYS A 41 -26.63 -2.22 -4.69
CA LYS A 41 -27.73 -2.42 -5.62
C LYS A 41 -27.20 -2.74 -7.02
N GLY A 42 -26.12 -3.48 -7.08
CA GLY A 42 -25.53 -3.85 -8.36
C GLY A 42 -25.62 -2.71 -9.37
N GLY A 43 -25.15 -1.53 -8.97
CA GLY A 43 -25.19 -0.39 -9.86
C GLY A 43 -24.57 0.85 -9.25
N GLN A 44 -24.82 1.05 -7.95
CA GLN A 44 -24.30 2.20 -7.24
C GLN A 44 -23.00 1.85 -6.52
N ALA A 45 -21.91 2.50 -6.91
CA ALA A 45 -20.61 2.25 -6.30
C ALA A 45 -19.91 3.56 -5.96
N GLN A 46 -19.17 3.57 -4.85
CA GLN A 46 -18.44 4.75 -4.42
C GLN A 46 -16.94 4.55 -4.52
N ALA A 47 -16.30 5.29 -5.41
CA ALA A 47 -14.85 5.18 -5.60
C ALA A 47 -14.13 6.38 -4.98
N THR A 48 -13.05 6.09 -4.25
CA THR A 48 -12.28 7.14 -3.60
C THR A 48 -10.79 6.97 -3.88
N GLN A 49 -10.05 8.07 -3.80
CA GLN A 49 -8.61 8.04 -4.04
C GLN A 49 -7.90 9.16 -3.28
N GLY A 50 -6.60 9.00 -3.07
CA GLY A 50 -5.83 10.00 -2.36
C GLY A 50 -4.72 9.40 -1.52
N TYR A 51 -3.78 10.23 -1.08
CA TYR A 51 -2.66 9.76 -0.28
C TYR A 51 -2.83 10.19 1.17
N LEU A 52 -2.44 9.30 2.09
CA LEU A 52 -2.54 9.59 3.52
C LEU A 52 -1.17 9.90 4.11
N GLU A 53 -1.16 10.74 5.14
CA GLU A 53 0.09 11.12 5.80
C GLU A 53 0.37 10.21 7.00
N ASP A 54 1.61 9.76 7.12
CA ASP A 54 2.01 8.89 8.21
C ASP A 54 2.36 9.71 9.46
N GLU A 55 1.47 9.70 10.44
CA GLU A 55 1.68 10.45 11.67
C GLU A 55 2.99 10.03 12.33
N HIS A 56 3.88 11.01 12.54
CA HIS A 56 5.17 10.75 13.16
C HIS A 56 5.00 9.94 14.44
N ALA A 57 3.86 10.11 15.11
CA ALA A 57 3.58 9.41 16.35
C ALA A 57 2.09 9.40 16.65
N GLY A 58 1.34 8.57 15.93
CA GLY A 58 -0.09 8.50 16.14
C GLY A 58 -0.76 7.54 15.16
N ALA A 59 -1.35 8.10 14.10
CA ALA A 59 -2.02 7.30 13.09
C ALA A 59 -1.31 7.38 11.75
N HIS A 60 -0.57 6.34 11.41
CA HIS A 60 0.15 6.31 10.15
C HIS A 60 -0.84 6.38 8.99
N ALA A 61 -0.29 6.33 7.78
CA ALA A 61 -1.10 6.40 6.57
C ALA A 61 -2.13 5.26 6.54
N GLU A 62 -1.76 4.13 7.12
CA GLU A 62 -2.65 2.97 7.15
C GLU A 62 -3.76 3.17 8.18
N GLU A 63 -3.40 3.68 9.35
CA GLU A 63 -4.36 3.92 10.41
C GLU A 63 -5.32 5.05 10.04
N ALA A 64 -4.76 6.20 9.70
CA ALA A 64 -5.56 7.35 9.32
C ALA A 64 -6.64 6.96 8.30
N PHE A 65 -6.40 5.87 7.59
CA PHE A 65 -7.34 5.39 6.59
C PHE A 65 -8.68 5.01 7.24
N PHE A 66 -8.69 3.88 7.94
CA PHE A 66 -9.89 3.41 8.60
C PHE A 66 -10.38 4.42 9.64
N ASN A 67 -9.56 5.44 9.89
CA ASN A 67 -9.89 6.47 10.87
C ASN A 67 -10.93 7.44 10.30
N THR A 68 -10.76 7.78 9.02
CA THR A 68 -11.67 8.70 8.35
C THR A 68 -12.07 8.18 6.97
N ILE A 69 -11.09 7.64 6.25
CA ILE A 69 -11.34 7.10 4.91
C ILE A 69 -12.43 6.03 4.95
N LEU A 70 -12.09 4.86 5.47
CA LEU A 70 -13.04 3.76 5.56
C LEU A 70 -13.42 3.48 7.01
N PRO A 71 -14.31 4.34 7.55
CA PRO A 71 -14.78 4.20 8.94
C PRO A 71 -15.68 2.98 9.13
N ALA A 72 -16.60 2.78 8.21
CA ALA A 72 -17.52 1.66 8.27
C ALA A 72 -17.84 1.12 6.87
N PHE A 73 -18.35 -0.11 6.82
CA PHE A 73 -18.69 -0.74 5.55
C PHE A 73 -19.96 -1.58 5.69
N ASP A 74 -20.97 -1.24 4.89
CA ASP A 74 -22.24 -1.96 4.92
C ASP A 74 -22.04 -3.41 4.50
N PRO A 75 -22.67 -4.33 5.25
CA PRO A 75 -22.59 -5.77 4.97
C PRO A 75 -23.32 -6.15 3.69
N ALA A 76 -23.80 -5.15 2.96
CA ALA A 76 -24.52 -5.40 1.73
C ALA A 76 -23.77 -4.82 0.53
N LEU A 77 -22.62 -4.20 0.80
CA LEU A 77 -21.80 -3.60 -0.25
C LEU A 77 -20.45 -4.28 -0.34
N LYS A 78 -19.78 -4.12 -1.48
CA LYS A 78 -18.47 -4.72 -1.70
C LYS A 78 -17.39 -3.66 -1.81
N TYR A 79 -16.71 -3.40 -0.70
CA TYR A 79 -15.65 -2.39 -0.68
C TYR A 79 -14.34 -2.96 -1.21
N ASN A 80 -13.82 -2.34 -2.27
CA ASN A 80 -12.57 -2.80 -2.88
C ASN A 80 -11.47 -1.77 -2.67
N VAL A 81 -10.70 -1.96 -1.60
CA VAL A 81 -9.60 -1.04 -1.28
C VAL A 81 -8.30 -1.52 -1.91
N THR A 82 -7.45 -0.56 -2.29
CA THR A 82 -6.16 -0.88 -2.90
C THR A 82 -5.08 0.11 -2.48
N TRP A 83 -4.15 -0.36 -1.66
CA TRP A 83 -3.06 0.48 -1.17
C TRP A 83 -1.81 0.29 -2.02
N TYR A 84 -1.10 1.38 -2.28
CA TYR A 84 0.12 1.34 -3.08
C TYR A 84 1.26 2.08 -2.38
N VAL A 85 2.12 1.33 -1.70
CA VAL A 85 3.24 1.93 -0.99
C VAL A 85 4.56 1.25 -1.37
N SER A 86 5.67 1.81 -0.91
CA SER A 86 6.98 1.25 -1.22
C SER A 86 7.59 0.60 0.02
N SER A 87 7.06 0.95 1.19
CA SER A 87 7.55 0.40 2.45
C SER A 87 6.43 -0.27 3.22
N SER A 88 6.63 -1.53 3.59
CA SER A 88 5.63 -2.29 4.32
C SER A 88 5.30 -1.60 5.66
N PRO A 89 4.06 -1.77 6.11
CA PRO A 89 3.59 -1.18 7.37
C PRO A 89 4.22 -1.83 8.59
N CYS A 90 4.13 -1.16 9.73
CA CYS A 90 4.69 -1.67 10.97
C CYS A 90 3.83 -2.79 11.54
N ALA A 91 4.37 -3.54 12.49
CA ALA A 91 3.66 -4.64 13.12
C ALA A 91 2.34 -4.16 13.72
N ALA A 92 2.19 -2.84 13.82
CA ALA A 92 0.97 -2.26 14.39
C ALA A 92 0.00 -1.86 13.28
N CYS A 93 0.55 -1.40 12.16
CA CYS A 93 -0.28 -0.98 11.03
C CYS A 93 -0.96 -2.18 10.37
N ALA A 94 -0.22 -3.28 10.27
CA ALA A 94 -0.75 -4.50 9.66
C ALA A 94 -1.73 -5.20 10.61
N ASP A 95 -1.67 -4.82 11.89
CA ASP A 95 -2.54 -5.42 12.89
C ASP A 95 -3.99 -4.96 12.70
N ARG A 96 -4.24 -3.69 13.04
CA ARG A 96 -5.58 -3.12 12.92
C ARG A 96 -6.17 -3.43 11.54
N ILE A 97 -5.32 -3.43 10.52
CA ILE A 97 -5.76 -3.71 9.16
C ILE A 97 -6.43 -5.07 9.07
N LEU A 98 -5.88 -6.05 9.79
CA LEU A 98 -6.42 -7.40 9.79
C LEU A 98 -7.72 -7.47 10.59
N LYS A 99 -7.83 -6.61 11.60
CA LYS A 99 -9.01 -6.56 12.44
C LYS A 99 -10.23 -6.12 11.64
N THR A 100 -9.99 -5.39 10.57
CA THR A 100 -11.08 -4.91 9.71
C THR A 100 -11.49 -5.96 8.69
N LEU A 101 -10.55 -6.83 8.33
CA LEU A 101 -10.81 -7.89 7.36
C LEU A 101 -11.43 -9.10 8.04
N SER A 102 -10.76 -9.59 9.09
CA SER A 102 -11.25 -10.75 9.83
C SER A 102 -12.68 -10.53 10.31
N LYS A 103 -13.12 -9.28 10.28
CA LYS A 103 -14.47 -8.94 10.71
C LYS A 103 -15.32 -8.49 9.53
N THR A 104 -14.66 -8.23 8.40
CA THR A 104 -15.36 -7.79 7.19
C THR A 104 -14.88 -8.56 5.97
N LYS A 105 -15.73 -9.44 5.46
CA LYS A 105 -15.40 -10.24 4.28
C LYS A 105 -15.71 -9.48 3.01
N ASN A 106 -16.91 -8.94 2.91
CA ASN A 106 -17.32 -8.18 1.73
C ASN A 106 -16.29 -7.11 1.39
N LEU A 107 -15.42 -6.80 2.34
CA LEU A 107 -14.38 -5.80 2.13
C LEU A 107 -13.06 -6.45 1.73
N ARG A 108 -12.47 -5.95 0.66
CA ARG A 108 -11.20 -6.49 0.16
C ARG A 108 -10.10 -5.44 0.27
N LEU A 109 -9.29 -5.55 1.32
CA LEU A 109 -8.18 -4.62 1.53
C LEU A 109 -6.89 -5.14 0.90
N LEU A 110 -6.38 -4.39 -0.06
CA LEU A 110 -5.14 -4.78 -0.75
C LEU A 110 -3.99 -3.87 -0.34
N ILE A 111 -2.77 -4.40 -0.36
CA ILE A 111 -1.59 -3.64 0.00
C ILE A 111 -0.36 -4.16 -0.73
N LEU A 112 0.36 -3.24 -1.39
CA LEU A 112 1.57 -3.60 -2.13
C LEU A 112 2.77 -2.85 -1.59
N VAL A 113 3.95 -3.47 -1.70
CA VAL A 113 5.18 -2.86 -1.24
C VAL A 113 6.35 -3.23 -2.15
N SER A 114 6.98 -2.21 -2.73
CA SER A 114 8.11 -2.41 -3.63
C SER A 114 9.31 -2.97 -2.87
N ARG A 115 9.31 -2.77 -1.56
CA ARG A 115 10.40 -3.24 -0.71
C ARG A 115 9.90 -3.55 0.70
N LEU A 116 10.35 -4.67 1.24
CA LEU A 116 9.94 -5.09 2.59
C LEU A 116 10.82 -4.42 3.65
N PHE A 117 10.18 -3.74 4.59
CA PHE A 117 10.91 -3.07 5.66
C PHE A 117 10.85 -3.87 6.96
N MET A 118 11.98 -4.50 7.30
CA MET A 118 12.06 -5.31 8.51
C MET A 118 11.31 -6.63 8.34
N TRP A 119 11.73 -7.41 7.34
CA TRP A 119 11.10 -8.70 7.08
C TRP A 119 11.84 -9.83 7.77
N GLU A 120 12.80 -9.47 8.61
CA GLU A 120 13.60 -10.45 9.34
C GLU A 120 13.21 -10.47 10.81
N GLU A 121 12.37 -9.53 11.22
CA GLU A 121 11.93 -9.43 12.61
C GLU A 121 10.81 -10.43 12.88
N PRO A 122 10.83 -11.02 14.09
CA PRO A 122 9.82 -12.00 14.51
C PRO A 122 8.46 -11.37 14.74
N GLU A 123 8.44 -10.04 14.86
CA GLU A 123 7.20 -9.31 15.08
C GLU A 123 6.52 -8.98 13.76
N VAL A 124 7.31 -8.73 12.72
CA VAL A 124 6.79 -8.42 11.40
C VAL A 124 6.17 -9.65 10.74
N GLN A 125 6.82 -10.80 10.93
CA GLN A 125 6.34 -12.05 10.35
C GLN A 125 4.92 -12.35 10.82
N ALA A 126 4.74 -12.41 12.13
CA ALA A 126 3.43 -12.69 12.71
C ALA A 126 2.46 -11.54 12.47
N ALA A 127 3.01 -10.35 12.21
CA ALA A 127 2.19 -9.17 11.96
C ALA A 127 1.75 -9.11 10.50
N LEU A 128 2.57 -9.67 9.61
CA LEU A 128 2.26 -9.67 8.19
C LEU A 128 1.51 -10.95 7.80
N LYS A 129 1.80 -12.03 8.51
CA LYS A 129 1.15 -13.32 8.24
C LYS A 129 -0.37 -13.19 8.38
N LYS A 130 -0.82 -12.76 9.55
CA LYS A 130 -2.24 -12.60 9.80
C LYS A 130 -2.97 -12.06 8.58
N LEU A 131 -2.50 -10.93 8.07
CA LEU A 131 -3.10 -10.32 6.89
C LEU A 131 -3.37 -11.36 5.81
N LYS A 132 -2.44 -12.29 5.65
CA LYS A 132 -2.58 -13.35 4.66
C LYS A 132 -3.47 -14.47 5.18
N GLU A 133 -3.59 -14.57 6.50
CA GLU A 133 -4.41 -15.60 7.13
C GLU A 133 -5.83 -15.08 7.39
N ALA A 134 -6.01 -13.78 7.23
CA ALA A 134 -7.32 -13.16 7.44
C ALA A 134 -8.08 -13.00 6.13
N GLY A 135 -7.33 -12.80 5.04
CA GLY A 135 -7.94 -12.63 3.74
C GLY A 135 -7.43 -11.40 3.01
N CYS A 136 -6.43 -10.75 3.59
CA CYS A 136 -5.86 -9.54 3.00
C CYS A 136 -4.99 -9.89 1.80
N LYS A 137 -4.79 -8.91 0.92
CA LYS A 137 -3.97 -9.11 -0.27
C LYS A 137 -2.64 -8.38 -0.14
N LEU A 138 -1.56 -9.14 0.01
CA LEU A 138 -0.23 -8.56 0.14
C LEU A 138 0.66 -8.96 -1.03
N ARG A 139 1.17 -7.96 -1.75
CA ARG A 139 2.03 -8.21 -2.90
C ARG A 139 3.18 -7.20 -2.94
N ILE A 140 4.09 -7.39 -3.88
CA ILE A 140 5.24 -6.50 -4.03
C ILE A 140 5.04 -5.55 -5.20
N MET A 141 4.90 -4.26 -4.89
CA MET A 141 4.71 -3.25 -5.93
C MET A 141 5.45 -3.62 -7.21
N LYS A 142 4.76 -4.29 -8.12
CA LYS A 142 5.35 -4.70 -9.38
C LYS A 142 5.75 -3.49 -10.22
N PRO A 143 6.61 -3.71 -11.22
CA PRO A 143 7.08 -2.65 -12.12
C PRO A 143 5.98 -2.15 -13.04
N GLN A 144 4.85 -2.83 -13.03
CA GLN A 144 3.72 -2.45 -13.88
C GLN A 144 2.77 -1.52 -13.13
N ASP A 145 2.64 -1.74 -11.82
CA ASP A 145 1.76 -0.92 -11.00
C ASP A 145 2.22 0.53 -10.99
N PHE A 146 3.47 0.75 -10.58
CA PHE A 146 4.04 2.09 -10.51
C PHE A 146 3.54 2.94 -11.67
N GLU A 147 3.77 2.47 -12.90
CA GLU A 147 3.35 3.19 -14.09
C GLU A 147 2.03 3.91 -13.86
N TYR A 148 0.96 3.13 -13.67
CA TYR A 148 -0.37 3.68 -13.44
C TYR A 148 -0.33 4.73 -12.32
N ILE A 149 0.38 4.40 -11.24
CA ILE A 149 0.49 5.30 -10.11
C ILE A 149 1.40 6.49 -10.44
N TRP A 150 2.13 6.38 -11.54
CA TRP A 150 3.04 7.44 -11.96
C TRP A 150 2.35 8.37 -12.96
N GLN A 151 1.43 7.82 -13.75
CA GLN A 151 0.71 8.59 -14.74
C GLN A 151 -0.64 9.05 -14.20
N ASN A 152 -1.11 8.39 -13.15
CA ASN A 152 -2.38 8.72 -12.53
C ASN A 152 -2.19 9.39 -11.17
N PHE A 153 -1.62 8.64 -10.23
CA PHE A 153 -1.38 9.16 -8.89
C PHE A 153 -0.29 10.24 -8.91
N VAL A 154 0.27 10.47 -10.10
CA VAL A 154 1.31 11.47 -10.26
C VAL A 154 1.06 12.33 -11.49
N GLU A 155 0.84 13.63 -11.26
CA GLU A 155 0.59 14.55 -12.36
C GLU A 155 1.85 14.80 -13.17
N GLN A 156 1.80 14.43 -14.45
CA GLN A 156 2.94 14.61 -15.33
C GLN A 156 3.15 16.08 -15.68
N GLU A 157 4.38 16.43 -16.04
CA GLU A 157 4.70 17.81 -16.39
C GLU A 157 3.88 18.28 -17.59
N GLU A 158 4.00 19.55 -17.93
CA GLU A 158 3.27 20.12 -19.05
C GLU A 158 4.11 20.13 -20.32
N GLY A 159 3.56 19.61 -21.41
CA GLY A 159 4.29 19.57 -22.67
C GLY A 159 5.20 18.36 -22.76
N GLU A 160 5.73 17.94 -21.62
CA GLU A 160 6.63 16.78 -21.60
C GLU A 160 5.83 15.48 -21.46
N SER A 161 6.55 14.37 -21.36
CA SER A 161 5.92 13.06 -21.23
C SER A 161 6.96 11.97 -21.03
N LYS A 162 7.03 11.44 -19.81
CA LYS A 162 7.98 10.39 -19.47
C LYS A 162 7.26 9.11 -19.07
N ALA A 163 8.03 8.06 -18.77
CA ALA A 163 7.46 6.79 -18.35
C ALA A 163 8.43 6.02 -17.46
N PHE A 164 8.01 5.76 -16.22
CA PHE A 164 8.83 5.03 -15.27
C PHE A 164 9.37 3.75 -15.88
N GLU A 165 10.61 3.79 -16.35
CA GLU A 165 11.25 2.63 -16.97
C GLU A 165 12.45 2.16 -16.13
N PRO A 166 12.21 1.15 -15.29
CA PRO A 166 13.25 0.59 -14.42
C PRO A 166 14.30 -0.18 -15.21
N TRP A 167 15.53 0.33 -15.20
CA TRP A 167 16.63 -0.31 -15.92
C TRP A 167 17.44 -1.20 -14.98
N GLU A 168 17.68 -0.71 -13.76
CA GLU A 168 18.44 -1.46 -12.77
C GLU A 168 17.99 -2.92 -12.73
N ASP A 169 16.71 -3.13 -12.42
CA ASP A 169 16.16 -4.48 -12.35
C ASP A 169 14.64 -4.44 -12.24
N ILE A 170 13.96 -5.14 -13.15
CA ILE A 170 12.51 -5.18 -13.15
C ILE A 170 11.99 -6.37 -12.36
N GLN A 171 12.37 -7.57 -12.80
CA GLN A 171 11.94 -8.79 -12.14
C GLN A 171 12.99 -9.26 -11.13
N GLU A 172 14.26 -9.00 -11.43
CA GLU A 172 15.35 -9.39 -10.56
C GLU A 172 15.21 -8.75 -9.19
N ASN A 173 14.74 -7.50 -9.17
CA ASN A 173 14.56 -6.77 -7.92
C ASN A 173 13.24 -7.15 -7.26
N PHE A 174 12.16 -7.14 -8.05
CA PHE A 174 10.84 -7.48 -7.54
C PHE A 174 10.87 -8.80 -6.78
N LEU A 175 11.53 -9.80 -7.36
CA LEU A 175 11.63 -11.11 -6.74
C LEU A 175 12.35 -11.03 -5.40
N TYR A 176 13.39 -10.22 -5.34
CA TYR A 176 14.16 -10.05 -4.10
C TYR A 176 13.24 -9.70 -2.93
N TYR A 177 12.16 -8.98 -3.23
CA TYR A 177 11.20 -8.59 -2.21
C TYR A 177 10.06 -9.60 -2.10
N GLU A 178 9.57 -10.04 -3.26
CA GLU A 178 8.47 -11.01 -3.30
C GLU A 178 8.83 -12.26 -2.48
N GLU A 179 10.10 -12.66 -2.55
CA GLU A 179 10.56 -13.84 -1.83
C GLU A 179 10.47 -13.62 -0.33
N LYS A 180 10.66 -12.37 0.10
CA LYS A 180 10.60 -12.04 1.52
C LYS A 180 9.16 -12.03 2.01
N LEU A 181 8.29 -11.34 1.30
CA LEU A 181 6.89 -11.24 1.66
C LEU A 181 6.29 -12.63 1.86
N ALA A 182 6.70 -13.58 1.01
CA ALA A 182 6.21 -14.94 1.10
C ALA A 182 6.89 -15.71 2.23
N ASP A 183 8.22 -15.78 2.18
CA ASP A 183 8.99 -16.47 3.21
C ASP A 183 8.35 -16.30 4.58
N ILE A 184 7.91 -15.08 4.87
CA ILE A 184 7.28 -14.78 6.15
C ILE A 184 6.05 -15.66 6.38
N LEU A 185 5.23 -15.80 5.34
CA LEU A 185 4.02 -16.60 5.43
C LEU A 185 4.37 -18.08 5.59
N LYS A 186 5.62 -18.43 5.29
CA LYS A 186 6.08 -19.80 5.42
C LYS A 186 7.25 -19.90 6.38
N SER A 187 7.80 -21.11 6.53
CA SER A 187 8.92 -21.33 7.43
C SER A 187 10.13 -21.87 6.66
N GLY A 188 9.88 -22.37 5.46
CA GLY A 188 10.95 -22.91 4.65
C GLY A 188 10.93 -24.42 4.58
N PRO A 189 11.99 -25.01 4.00
CA PRO A 189 12.11 -26.46 3.87
C PRO A 189 12.33 -27.16 5.21
N SER A 190 11.26 -27.73 5.76
CA SER A 190 11.33 -28.42 7.03
C SER A 190 12.31 -29.59 6.97
N SER A 191 11.95 -30.61 6.20
CA SER A 191 12.80 -31.79 6.05
C SER A 191 13.66 -31.68 4.80
N GLY A 192 14.97 -31.56 5.00
CA GLY A 192 15.89 -31.46 3.88
C GLY A 192 17.19 -30.78 4.26
N GLY A 1 -11.03 17.96 9.48
CA GLY A 1 -11.30 17.83 8.06
C GLY A 1 -10.04 17.92 7.22
N SER A 2 -10.19 17.77 5.90
CA SER A 2 -9.06 17.83 4.99
C SER A 2 -9.12 19.09 4.13
N SER A 3 -8.17 19.22 3.21
CA SER A 3 -8.11 20.38 2.33
C SER A 3 -7.14 20.13 1.18
N GLY A 4 -7.64 20.24 -0.04
CA GLY A 4 -6.81 20.03 -1.21
C GLY A 4 -7.61 20.03 -2.50
N SER A 5 -6.90 20.01 -3.63
CA SER A 5 -7.55 20.01 -4.94
C SER A 5 -7.66 18.60 -5.50
N SER A 6 -6.53 18.07 -5.96
CA SER A 6 -6.49 16.72 -6.52
C SER A 6 -5.91 15.73 -5.53
N GLY A 7 -6.23 14.45 -5.71
CA GLY A 7 -5.73 13.42 -4.81
C GLY A 7 -4.46 12.77 -5.34
N ARG A 8 -3.57 13.58 -5.90
CA ARG A 8 -2.32 13.06 -6.44
C ARG A 8 -1.15 13.97 -6.06
N LEU A 9 0.05 13.58 -6.46
CA LEU A 9 1.25 14.35 -6.15
C LEU A 9 1.91 14.85 -7.43
N PRO A 10 2.48 16.07 -7.36
CA PRO A 10 3.15 16.69 -8.50
C PRO A 10 4.46 16.00 -8.86
N VAL A 11 4.61 15.62 -10.12
CA VAL A 11 5.80 14.94 -10.59
C VAL A 11 7.05 15.52 -9.91
N ASN A 12 7.37 16.77 -10.25
CA ASN A 12 8.54 17.42 -9.68
C ASN A 12 8.77 16.99 -8.24
N PHE A 13 7.68 16.73 -7.53
CA PHE A 13 7.76 16.30 -6.14
C PHE A 13 7.88 14.79 -6.04
N PHE A 14 7.11 14.09 -6.86
CA PHE A 14 7.13 12.63 -6.87
C PHE A 14 8.46 12.11 -7.40
N LYS A 15 9.22 12.98 -8.05
CA LYS A 15 10.51 12.62 -8.61
C LYS A 15 11.48 12.18 -7.52
N PHE A 16 11.58 13.00 -6.47
CA PHE A 16 12.47 12.70 -5.35
C PHE A 16 11.69 12.13 -4.17
N GLN A 17 10.44 12.57 -4.02
CA GLN A 17 9.58 12.10 -2.94
C GLN A 17 9.35 10.60 -3.04
N PHE A 18 8.92 10.14 -4.21
CA PHE A 18 8.66 8.72 -4.43
C PHE A 18 9.91 8.03 -4.96
N ARG A 19 10.95 8.80 -5.21
CA ARG A 19 12.21 8.25 -5.72
C ARG A 19 12.47 6.86 -5.14
N ASN A 20 12.35 5.85 -5.98
CA ASN A 20 12.57 4.47 -5.55
C ASN A 20 14.03 4.08 -5.73
N VAL A 21 14.81 4.22 -4.66
CA VAL A 21 16.23 3.88 -4.68
C VAL A 21 16.44 2.39 -4.47
N GLU A 22 17.69 1.96 -4.56
CA GLU A 22 18.03 0.54 -4.37
C GLU A 22 19.13 0.38 -3.33
N TYR A 23 19.37 1.44 -2.57
CA TYR A 23 20.41 1.41 -1.53
C TYR A 23 19.85 1.90 -0.19
N SER A 24 19.25 3.09 -0.20
CA SER A 24 18.67 3.66 1.00
C SER A 24 17.70 4.79 0.66
N SER A 25 16.49 4.70 1.20
CA SER A 25 15.47 5.71 0.95
C SER A 25 15.76 6.98 1.73
N GLY A 26 16.32 6.82 2.93
CA GLY A 26 16.63 7.96 3.76
C GLY A 26 15.55 8.26 4.78
N ARG A 27 15.34 9.53 5.07
CA ARG A 27 14.33 9.94 6.04
C ARG A 27 13.48 11.08 5.49
N ASN A 28 12.24 10.75 5.11
CA ASN A 28 11.32 11.75 4.57
C ASN A 28 9.90 11.22 4.57
N LYS A 29 8.99 11.98 5.18
CA LYS A 29 7.58 11.58 5.24
C LYS A 29 7.13 10.95 3.93
N THR A 30 6.63 9.72 4.02
CA THR A 30 6.17 9.01 2.83
C THR A 30 4.64 9.08 2.71
N PHE A 31 4.15 9.04 1.48
CA PHE A 31 2.71 9.10 1.23
C PHE A 31 2.18 7.74 0.80
N LEU A 32 1.08 7.32 1.42
CA LEU A 32 0.47 6.04 1.11
C LEU A 32 -0.82 6.23 0.31
N CYS A 33 -0.81 5.77 -0.94
CA CYS A 33 -1.97 5.90 -1.81
C CYS A 33 -3.01 4.83 -1.47
N TYR A 34 -4.28 5.20 -1.58
CA TYR A 34 -5.37 4.27 -1.28
C TYR A 34 -6.48 4.38 -2.32
N VAL A 35 -6.95 3.24 -2.80
CA VAL A 35 -8.02 3.20 -3.80
C VAL A 35 -9.18 2.34 -3.34
N VAL A 36 -10.20 2.97 -2.77
CA VAL A 36 -11.38 2.25 -2.29
C VAL A 36 -12.48 2.23 -3.35
N GLU A 37 -13.00 1.04 -3.62
CA GLU A 37 -14.06 0.87 -4.62
C GLU A 37 -15.20 0.04 -4.06
N VAL A 38 -16.26 0.72 -3.62
CA VAL A 38 -17.42 0.03 -3.06
C VAL A 38 -18.50 -0.18 -4.13
N GLN A 39 -19.40 -1.12 -3.86
CA GLN A 39 -20.47 -1.42 -4.80
C GLN A 39 -21.81 -1.54 -4.07
N SER A 40 -22.90 -1.30 -4.80
CA SER A 40 -24.23 -1.37 -4.21
C SER A 40 -25.29 -1.50 -5.31
N LYS A 41 -26.41 -2.12 -4.96
CA LYS A 41 -27.50 -2.31 -5.92
C LYS A 41 -26.97 -2.79 -7.26
N GLY A 42 -25.87 -3.53 -7.23
CA GLY A 42 -25.28 -4.03 -8.46
C GLY A 42 -25.25 -2.98 -9.56
N GLY A 43 -25.04 -1.73 -9.18
CA GLY A 43 -25.00 -0.66 -10.15
C GLY A 43 -24.37 0.61 -9.59
N GLN A 44 -24.56 0.84 -8.30
CA GLN A 44 -24.01 2.02 -7.64
C GLN A 44 -22.74 1.67 -6.87
N ALA A 45 -21.62 2.25 -7.28
CA ALA A 45 -20.34 2.00 -6.62
C ALA A 45 -19.62 3.31 -6.32
N GLN A 46 -18.91 3.34 -5.20
CA GLN A 46 -18.17 4.53 -4.79
C GLN A 46 -16.67 4.32 -4.92
N ALA A 47 -15.99 5.24 -5.59
CA ALA A 47 -14.56 5.16 -5.79
C ALA A 47 -13.84 6.35 -5.17
N THR A 48 -12.76 6.07 -4.43
CA THR A 48 -11.99 7.13 -3.78
C THR A 48 -10.50 6.95 -4.04
N GLN A 49 -9.76 8.05 -3.93
CA GLN A 49 -8.33 8.03 -4.16
C GLN A 49 -7.64 9.16 -3.41
N GLY A 50 -6.41 8.91 -2.97
CA GLY A 50 -5.66 9.92 -2.24
C GLY A 50 -4.54 9.32 -1.40
N TYR A 51 -3.80 10.19 -0.72
CA TYR A 51 -2.69 9.74 0.12
C TYR A 51 -2.93 10.11 1.58
N LEU A 52 -2.46 9.25 2.48
CA LEU A 52 -2.63 9.48 3.91
C LEU A 52 -1.29 9.82 4.56
N GLU A 53 -1.34 10.60 5.64
CA GLU A 53 -0.14 11.00 6.35
C GLU A 53 0.11 10.10 7.56
N ASP A 54 1.37 9.87 7.89
CA ASP A 54 1.74 9.03 9.02
C ASP A 54 1.97 9.87 10.26
N GLU A 55 1.06 9.79 11.22
CA GLU A 55 1.16 10.54 12.46
C GLU A 55 2.44 10.16 13.22
N HIS A 56 3.22 11.18 13.59
CA HIS A 56 4.46 10.96 14.31
C HIS A 56 4.24 10.01 15.49
N ALA A 57 3.06 10.07 16.08
CA ALA A 57 2.72 9.22 17.21
C ALA A 57 1.22 9.10 17.39
N GLY A 58 0.61 8.18 16.65
CA GLY A 58 -0.83 7.98 16.73
C GLY A 58 -1.35 7.02 15.68
N ALA A 59 -1.85 7.56 14.58
CA ALA A 59 -2.38 6.75 13.50
C ALA A 59 -1.50 6.85 12.26
N HIS A 60 -0.79 5.76 11.96
CA HIS A 60 0.09 5.74 10.81
C HIS A 60 -0.74 5.90 9.53
N ALA A 61 -0.05 6.27 8.46
CA ALA A 61 -0.69 6.46 7.17
C ALA A 61 -1.70 5.35 6.88
N GLU A 62 -1.33 4.13 7.23
CA GLU A 62 -2.20 2.97 7.01
C GLU A 62 -3.48 3.09 7.84
N GLU A 63 -3.32 3.38 9.11
CA GLU A 63 -4.46 3.52 10.01
C GLU A 63 -5.34 4.69 9.59
N ALA A 64 -4.72 5.86 9.40
CA ALA A 64 -5.44 7.05 8.99
C ALA A 64 -6.54 6.71 7.98
N PHE A 65 -6.34 5.61 7.25
CA PHE A 65 -7.31 5.18 6.24
C PHE A 65 -8.65 4.87 6.88
N PHE A 66 -8.72 3.75 7.58
CA PHE A 66 -9.96 3.33 8.24
C PHE A 66 -10.38 4.34 9.30
N ASN A 67 -9.51 5.31 9.57
CA ASN A 67 -9.79 6.34 10.55
C ASN A 67 -10.77 7.37 10.00
N THR A 68 -10.60 7.73 8.73
CA THR A 68 -11.48 8.70 8.08
C THR A 68 -11.92 8.21 6.70
N ILE A 69 -10.97 7.63 5.96
CA ILE A 69 -11.25 7.12 4.63
C ILE A 69 -12.38 6.10 4.66
N LEU A 70 -12.08 4.91 5.19
CA LEU A 70 -13.06 3.84 5.27
C LEU A 70 -13.42 3.54 6.72
N PRO A 71 -14.28 4.40 7.30
CA PRO A 71 -14.72 4.25 8.70
C PRO A 71 -15.63 3.04 8.89
N ALA A 72 -16.58 2.87 7.98
CA ALA A 72 -17.51 1.75 8.05
C ALA A 72 -17.77 1.17 6.66
N PHE A 73 -18.28 -0.07 6.63
CA PHE A 73 -18.56 -0.73 5.37
C PHE A 73 -19.83 -1.58 5.48
N ASP A 74 -20.83 -1.24 4.68
CA ASP A 74 -22.10 -1.97 4.69
C ASP A 74 -21.90 -3.42 4.28
N PRO A 75 -22.54 -4.34 5.01
CA PRO A 75 -22.44 -5.78 4.73
C PRO A 75 -23.16 -6.17 3.45
N ALA A 76 -23.62 -5.18 2.71
CA ALA A 76 -24.32 -5.42 1.45
C ALA A 76 -23.54 -4.84 0.27
N LEU A 77 -22.40 -4.23 0.56
CA LEU A 77 -21.57 -3.64 -0.48
C LEU A 77 -20.20 -4.32 -0.55
N LYS A 78 -19.53 -4.19 -1.68
CA LYS A 78 -18.22 -4.79 -1.87
C LYS A 78 -17.13 -3.72 -1.97
N TYR A 79 -16.45 -3.45 -0.85
CA TYR A 79 -15.40 -2.46 -0.82
C TYR A 79 -14.09 -3.04 -1.33
N ASN A 80 -13.53 -2.40 -2.36
CA ASN A 80 -12.27 -2.86 -2.96
C ASN A 80 -11.17 -1.83 -2.73
N VAL A 81 -10.42 -2.00 -1.65
CA VAL A 81 -9.33 -1.10 -1.32
C VAL A 81 -8.01 -1.58 -1.92
N THR A 82 -7.18 -0.63 -2.36
CA THR A 82 -5.90 -0.95 -2.96
C THR A 82 -4.84 0.09 -2.58
N TRP A 83 -3.89 -0.32 -1.74
CA TRP A 83 -2.82 0.56 -1.31
C TRP A 83 -1.56 0.36 -2.14
N TYR A 84 -0.85 1.44 -2.42
CA TYR A 84 0.36 1.38 -3.21
C TYR A 84 1.49 2.18 -2.55
N VAL A 85 2.36 1.47 -1.84
CA VAL A 85 3.48 2.10 -1.16
C VAL A 85 4.80 1.39 -1.48
N SER A 86 5.89 1.94 -0.97
CA SER A 86 7.21 1.36 -1.21
C SER A 86 7.76 0.72 0.07
N SER A 87 7.24 1.15 1.21
CA SER A 87 7.69 0.63 2.50
C SER A 87 6.57 -0.16 3.18
N SER A 88 6.93 -1.32 3.71
CA SER A 88 5.96 -2.18 4.39
C SER A 88 5.54 -1.58 5.72
N PRO A 89 4.28 -1.85 6.12
CA PRO A 89 3.73 -1.35 7.38
C PRO A 89 4.36 -2.01 8.61
N CYS A 90 4.28 -1.34 9.75
CA CYS A 90 4.84 -1.86 10.99
C CYS A 90 3.93 -2.93 11.59
N ALA A 91 4.45 -3.65 12.58
CA ALA A 91 3.68 -4.69 13.25
C ALA A 91 2.37 -4.15 13.81
N ALA A 92 2.27 -2.83 13.87
CA ALA A 92 1.07 -2.18 14.38
C ALA A 92 0.14 -1.77 13.24
N CYS A 93 0.74 -1.32 12.13
CA CYS A 93 -0.04 -0.89 10.97
C CYS A 93 -0.83 -2.07 10.39
N ALA A 94 -0.18 -3.21 10.27
CA ALA A 94 -0.81 -4.41 9.72
C ALA A 94 -1.82 -4.99 10.72
N ASP A 95 -1.77 -4.51 11.95
CA ASP A 95 -2.66 -4.99 13.00
C ASP A 95 -4.09 -4.49 12.75
N ARG A 96 -4.31 -3.21 12.98
CA ARG A 96 -5.63 -2.61 12.79
C ARG A 96 -6.17 -2.94 11.39
N ILE A 97 -5.28 -3.29 10.48
CA ILE A 97 -5.66 -3.63 9.12
C ILE A 97 -6.32 -5.01 9.06
N LEU A 98 -5.80 -5.94 9.86
CA LEU A 98 -6.33 -7.30 9.90
C LEU A 98 -7.64 -7.35 10.67
N LYS A 99 -7.79 -6.45 11.64
CA LYS A 99 -8.99 -6.39 12.46
C LYS A 99 -10.18 -5.91 11.63
N THR A 100 -9.88 -5.30 10.49
CA THR A 100 -10.92 -4.79 9.60
C THR A 100 -11.33 -5.83 8.56
N LEU A 101 -10.41 -6.76 8.28
CA LEU A 101 -10.67 -7.82 7.31
C LEU A 101 -11.31 -9.03 7.97
N SER A 102 -10.76 -9.45 9.10
CA SER A 102 -11.29 -10.60 9.83
C SER A 102 -12.71 -10.33 10.31
N LYS A 103 -13.16 -9.10 10.15
CA LYS A 103 -14.51 -8.71 10.56
C LYS A 103 -15.35 -8.34 9.35
N THR A 104 -14.70 -7.93 8.27
CA THR A 104 -15.39 -7.54 7.05
C THR A 104 -14.89 -8.34 5.85
N LYS A 105 -15.70 -9.31 5.41
CA LYS A 105 -15.34 -10.14 4.28
C LYS A 105 -15.55 -9.39 2.96
N ASN A 106 -16.77 -8.93 2.73
CA ASN A 106 -17.10 -8.20 1.52
C ASN A 106 -16.02 -7.17 1.20
N LEU A 107 -15.26 -6.78 2.22
CA LEU A 107 -14.20 -5.80 2.04
C LEU A 107 -12.88 -6.49 1.67
N ARG A 108 -12.25 -5.99 0.61
CA ARG A 108 -10.99 -6.56 0.14
C ARG A 108 -9.87 -5.53 0.23
N LEU A 109 -9.06 -5.61 1.29
CA LEU A 109 -7.96 -4.69 1.49
C LEU A 109 -6.68 -5.20 0.82
N LEU A 110 -6.16 -4.44 -0.13
CA LEU A 110 -4.95 -4.81 -0.83
C LEU A 110 -3.80 -3.87 -0.50
N ILE A 111 -2.57 -4.38 -0.55
CA ILE A 111 -1.40 -3.58 -0.26
C ILE A 111 -0.18 -4.09 -1.02
N LEU A 112 0.59 -3.17 -1.59
CA LEU A 112 1.79 -3.53 -2.35
C LEU A 112 3.00 -2.74 -1.85
N VAL A 113 4.16 -3.38 -1.85
CA VAL A 113 5.39 -2.74 -1.42
C VAL A 113 6.57 -3.14 -2.30
N SER A 114 7.23 -2.15 -2.87
CA SER A 114 8.38 -2.40 -3.75
C SER A 114 9.62 -2.77 -2.92
N ARG A 115 9.51 -2.62 -1.61
CA ARG A 115 10.62 -2.93 -0.71
C ARG A 115 10.11 -3.37 0.65
N LEU A 116 10.59 -4.52 1.11
CA LEU A 116 10.18 -5.06 2.41
C LEU A 116 11.09 -4.55 3.52
N PHE A 117 10.49 -3.98 4.56
CA PHE A 117 11.25 -3.46 5.69
C PHE A 117 11.19 -4.41 6.89
N MET A 118 12.29 -4.53 7.60
CA MET A 118 12.36 -5.41 8.77
C MET A 118 11.50 -6.65 8.56
N TRP A 119 11.75 -7.36 7.46
CA TRP A 119 11.00 -8.57 7.14
C TRP A 119 11.66 -9.79 7.75
N GLU A 120 12.57 -9.56 8.71
CA GLU A 120 13.28 -10.65 9.36
C GLU A 120 12.95 -10.69 10.85
N GLU A 121 12.27 -9.65 11.33
CA GLU A 121 11.89 -9.56 12.73
C GLU A 121 10.82 -10.61 13.07
N PRO A 122 10.89 -11.16 14.29
CA PRO A 122 9.94 -12.17 14.75
C PRO A 122 8.55 -11.59 15.00
N GLU A 123 8.46 -10.26 14.96
CA GLU A 123 7.19 -9.58 15.19
C GLU A 123 6.48 -9.31 13.86
N VAL A 124 7.21 -8.77 12.90
CA VAL A 124 6.65 -8.46 11.59
C VAL A 124 5.99 -9.68 10.98
N GLN A 125 6.59 -10.86 11.20
CA GLN A 125 6.06 -12.11 10.66
C GLN A 125 4.67 -12.39 11.22
N ALA A 126 4.57 -12.38 12.55
CA ALA A 126 3.30 -12.64 13.21
C ALA A 126 2.32 -11.48 13.02
N ALA A 127 2.85 -10.35 12.57
CA ALA A 127 2.04 -9.17 12.35
C ALA A 127 1.55 -9.10 10.90
N LEU A 128 2.33 -9.68 9.99
CA LEU A 128 1.98 -9.69 8.58
C LEU A 128 1.22 -10.97 8.21
N LYS A 129 1.58 -12.07 8.87
CA LYS A 129 0.94 -13.35 8.62
C LYS A 129 -0.57 -13.22 8.72
N LYS A 130 -1.05 -12.80 9.88
CA LYS A 130 -2.49 -12.63 10.10
C LYS A 130 -3.17 -12.04 8.87
N LEU A 131 -2.62 -10.94 8.36
CA LEU A 131 -3.18 -10.29 7.18
C LEU A 131 -3.43 -11.31 6.07
N LYS A 132 -2.52 -12.26 5.93
CA LYS A 132 -2.64 -13.29 4.90
C LYS A 132 -3.53 -14.42 5.37
N GLU A 133 -3.72 -14.51 6.68
CA GLU A 133 -4.56 -15.56 7.26
C GLU A 133 -5.98 -15.05 7.50
N ALA A 134 -6.15 -13.73 7.40
CA ALA A 134 -7.46 -13.13 7.60
C ALA A 134 -8.17 -12.91 6.26
N GLY A 135 -7.40 -12.67 5.22
CA GLY A 135 -7.98 -12.47 3.89
C GLY A 135 -7.37 -11.28 3.17
N CYS A 136 -6.42 -10.62 3.83
CA CYS A 136 -5.74 -9.47 3.25
C CYS A 136 -4.94 -9.88 2.02
N LYS A 137 -4.65 -8.91 1.15
CA LYS A 137 -3.89 -9.17 -0.07
C LYS A 137 -2.53 -8.46 -0.02
N LEU A 138 -1.46 -9.22 0.13
CA LEU A 138 -0.13 -8.66 0.19
C LEU A 138 0.68 -9.04 -1.05
N ARG A 139 1.23 -8.03 -1.72
CA ARG A 139 2.03 -8.26 -2.92
C ARG A 139 3.18 -7.25 -3.01
N ILE A 140 4.04 -7.44 -4.00
CA ILE A 140 5.17 -6.55 -4.20
C ILE A 140 4.92 -5.56 -5.33
N MET A 141 4.93 -4.28 -4.99
CA MET A 141 4.69 -3.22 -5.98
C MET A 141 5.27 -3.62 -7.34
N LYS A 142 4.41 -4.21 -8.18
CA LYS A 142 4.83 -4.63 -9.51
C LYS A 142 5.16 -3.44 -10.38
N PRO A 143 6.03 -3.66 -11.38
CA PRO A 143 6.45 -2.60 -12.32
C PRO A 143 5.32 -2.18 -13.25
N GLN A 144 4.21 -2.90 -13.19
CA GLN A 144 3.07 -2.59 -14.05
C GLN A 144 2.08 -1.68 -13.32
N ASP A 145 2.09 -1.74 -11.99
CA ASP A 145 1.20 -0.91 -11.19
C ASP A 145 1.78 0.49 -11.01
N PHE A 146 3.05 0.58 -10.67
CA PHE A 146 3.71 1.86 -10.47
C PHE A 146 3.23 2.88 -11.49
N GLU A 147 3.48 2.60 -12.76
CA GLU A 147 3.07 3.50 -13.84
C GLU A 147 1.72 4.13 -13.53
N TYR A 148 0.67 3.34 -13.60
CA TYR A 148 -0.69 3.82 -13.34
C TYR A 148 -0.67 4.88 -12.23
N ILE A 149 0.13 4.63 -11.19
CA ILE A 149 0.23 5.56 -10.07
C ILE A 149 0.93 6.85 -10.50
N TRP A 150 2.14 6.72 -11.01
CA TRP A 150 2.92 7.87 -11.44
C TRP A 150 2.24 8.56 -12.63
N GLN A 151 1.28 7.88 -13.23
CA GLN A 151 0.55 8.43 -14.36
C GLN A 151 -0.77 9.06 -13.92
N ASN A 152 -1.40 8.45 -12.93
CA ASN A 152 -2.67 8.94 -12.41
C ASN A 152 -2.49 9.58 -11.04
N PHE A 153 -1.89 8.82 -10.12
CA PHE A 153 -1.66 9.30 -8.76
C PHE A 153 -0.65 10.44 -8.76
N VAL A 154 -0.10 10.75 -9.93
CA VAL A 154 0.88 11.81 -10.07
C VAL A 154 0.52 12.76 -11.21
N GLU A 155 0.51 14.05 -10.93
CA GLU A 155 0.19 15.06 -11.94
C GLU A 155 1.39 15.35 -12.82
N GLN A 156 1.30 15.00 -14.09
CA GLN A 156 2.38 15.24 -15.04
C GLN A 156 2.17 16.54 -15.80
N GLU A 157 3.25 17.06 -16.37
CA GLU A 157 3.19 18.32 -17.12
C GLU A 157 2.01 18.30 -18.10
N GLU A 158 1.81 19.42 -18.80
CA GLU A 158 0.73 19.53 -19.76
C GLU A 158 1.20 19.17 -21.16
N GLY A 159 0.37 18.41 -21.87
CA GLY A 159 0.73 18.01 -23.23
C GLY A 159 1.78 16.91 -23.25
N GLU A 160 2.31 16.58 -22.07
CA GLU A 160 3.33 15.54 -21.96
C GLU A 160 2.88 14.44 -21.00
N SER A 161 3.63 13.33 -21.01
CA SER A 161 3.30 12.21 -20.14
C SER A 161 4.32 11.09 -20.31
N LYS A 162 5.26 11.00 -19.37
CA LYS A 162 6.29 9.97 -19.42
C LYS A 162 5.83 8.70 -18.70
N ALA A 163 6.77 7.79 -18.46
CA ALA A 163 6.46 6.55 -17.77
C ALA A 163 7.71 5.96 -17.12
N PHE A 164 7.54 5.46 -15.90
CA PHE A 164 8.66 4.86 -15.15
C PHE A 164 9.06 3.53 -15.77
N GLU A 165 10.17 3.54 -16.50
CA GLU A 165 10.67 2.33 -17.14
C GLU A 165 11.95 1.84 -16.47
N PRO A 166 11.80 0.87 -15.55
CA PRO A 166 12.94 0.30 -14.81
C PRO A 166 13.84 -0.55 -15.71
N TRP A 167 14.98 0.02 -16.09
CA TRP A 167 15.93 -0.68 -16.94
C TRP A 167 17.02 -1.35 -16.11
N GLU A 168 17.03 -1.05 -14.81
CA GLU A 168 18.03 -1.62 -13.91
C GLU A 168 17.69 -3.07 -13.57
N ASP A 169 16.48 -3.29 -13.07
CA ASP A 169 16.02 -4.62 -12.71
C ASP A 169 14.52 -4.64 -12.45
N ILE A 170 13.79 -5.28 -13.35
CA ILE A 170 12.34 -5.36 -13.23
C ILE A 170 11.93 -6.65 -12.51
N GLN A 171 12.57 -7.76 -12.88
CA GLN A 171 12.26 -9.05 -12.28
C GLN A 171 13.21 -9.34 -11.11
N GLU A 172 14.50 -9.46 -11.42
CA GLU A 172 15.50 -9.73 -10.40
C GLU A 172 15.17 -9.00 -9.10
N ASN A 173 14.51 -7.85 -9.23
CA ASN A 173 14.14 -7.06 -8.06
C ASN A 173 12.81 -7.54 -7.48
N PHE A 174 11.75 -7.46 -8.27
CA PHE A 174 10.43 -7.89 -7.84
C PHE A 174 10.50 -9.25 -7.16
N LEU A 175 11.26 -10.16 -7.76
CA LEU A 175 11.40 -11.51 -7.22
C LEU A 175 12.17 -11.48 -5.89
N TYR A 176 13.05 -10.51 -5.75
CA TYR A 176 13.85 -10.37 -4.53
C TYR A 176 12.96 -10.02 -3.34
N TYR A 177 11.91 -9.24 -3.59
CA TYR A 177 10.99 -8.82 -2.55
C TYR A 177 9.83 -9.81 -2.42
N GLU A 178 9.38 -10.32 -3.56
CA GLU A 178 8.27 -11.26 -3.58
C GLU A 178 8.53 -12.43 -2.63
N GLU A 179 9.78 -12.87 -2.57
CA GLU A 179 10.16 -13.98 -1.70
C GLU A 179 10.15 -13.54 -0.24
N LYS A 180 10.47 -12.28 0.00
CA LYS A 180 10.50 -11.73 1.35
C LYS A 180 9.12 -11.81 2.00
N LEU A 181 8.11 -11.31 1.29
CA LEU A 181 6.74 -11.32 1.80
C LEU A 181 6.31 -12.73 2.18
N ALA A 182 6.28 -13.63 1.19
CA ALA A 182 5.90 -15.02 1.43
C ALA A 182 6.79 -15.65 2.49
N ASP A 183 8.08 -15.34 2.44
CA ASP A 183 9.03 -15.89 3.39
C ASP A 183 8.51 -15.77 4.82
N ILE A 184 7.67 -14.77 5.05
CA ILE A 184 7.09 -14.54 6.38
C ILE A 184 5.97 -15.54 6.66
N LEU A 185 5.27 -15.95 5.61
CA LEU A 185 4.17 -16.90 5.75
C LEU A 185 4.69 -18.30 6.03
N LYS A 186 5.87 -18.61 5.49
CA LYS A 186 6.48 -19.92 5.70
C LYS A 186 7.61 -19.85 6.73
N SER A 187 7.41 -20.50 7.87
CA SER A 187 8.41 -20.50 8.93
C SER A 187 9.04 -21.88 9.08
N GLY A 188 8.39 -22.88 8.50
CA GLY A 188 8.92 -24.24 8.58
C GLY A 188 7.96 -25.19 9.27
N PRO A 189 8.24 -26.50 9.18
CA PRO A 189 7.41 -27.54 9.80
C PRO A 189 7.49 -27.51 11.32
N SER A 190 8.71 -27.51 11.84
CA SER A 190 8.93 -27.50 13.29
C SER A 190 10.06 -26.56 13.66
N SER A 191 9.72 -25.43 14.27
CA SER A 191 10.72 -24.45 14.68
C SER A 191 11.55 -24.96 15.86
N GLY A 192 12.79 -25.33 15.59
CA GLY A 192 13.66 -25.83 16.64
C GLY A 192 13.30 -27.25 17.06
N GLY A 1 -12.94 14.04 6.09
CA GLY A 1 -11.66 14.70 6.20
C GLY A 1 -11.32 15.52 4.97
N SER A 2 -10.63 16.64 5.17
CA SER A 2 -10.25 17.52 4.06
C SER A 2 -9.49 16.74 2.99
N SER A 3 -9.87 16.94 1.74
CA SER A 3 -9.23 16.26 0.62
C SER A 3 -8.32 17.21 -0.15
N GLY A 4 -8.48 18.51 0.11
CA GLY A 4 -7.67 19.50 -0.57
C GLY A 4 -8.15 19.79 -1.97
N SER A 5 -7.30 19.54 -2.95
CA SER A 5 -7.64 19.78 -4.34
C SER A 5 -7.61 18.48 -5.15
N SER A 6 -6.40 18.01 -5.45
CA SER A 6 -6.25 16.77 -6.22
C SER A 6 -5.79 15.64 -5.32
N GLY A 7 -5.70 14.44 -5.89
CA GLY A 7 -5.28 13.28 -5.13
C GLY A 7 -4.02 12.64 -5.69
N ARG A 8 -3.19 13.44 -6.34
CA ARG A 8 -1.95 12.94 -6.92
C ARG A 8 -0.79 13.89 -6.64
N LEU A 9 0.40 13.52 -7.09
CA LEU A 9 1.59 14.33 -6.88
C LEU A 9 2.21 14.74 -8.21
N PRO A 10 2.75 15.97 -8.27
CA PRO A 10 3.38 16.50 -9.48
C PRO A 10 4.70 15.79 -9.80
N VAL A 11 4.80 15.26 -11.02
CA VAL A 11 6.00 14.56 -11.45
C VAL A 11 7.26 15.27 -10.95
N ASN A 12 7.47 16.50 -11.40
CA ASN A 12 8.64 17.27 -11.00
C ASN A 12 9.00 16.99 -9.55
N PHE A 13 7.99 16.74 -8.72
CA PHE A 13 8.21 16.45 -7.31
C PHE A 13 8.30 14.95 -7.07
N PHE A 14 7.22 14.24 -7.39
CA PHE A 14 7.18 12.79 -7.20
C PHE A 14 8.48 12.15 -7.67
N LYS A 15 9.19 12.84 -8.55
CA LYS A 15 10.46 12.34 -9.08
C LYS A 15 11.52 12.27 -7.98
N PHE A 16 11.57 13.32 -7.16
CA PHE A 16 12.54 13.38 -6.07
C PHE A 16 11.92 12.88 -4.77
N GLN A 17 10.60 12.94 -4.68
CA GLN A 17 9.89 12.49 -3.50
C GLN A 17 9.71 10.98 -3.50
N PHE A 18 9.02 10.47 -4.52
CA PHE A 18 8.78 9.04 -4.64
C PHE A 18 10.08 8.30 -4.93
N ARG A 19 11.16 9.05 -5.10
CA ARG A 19 12.46 8.46 -5.39
C ARG A 19 13.30 8.35 -4.12
N ASN A 20 13.72 9.49 -3.60
CA ASN A 20 14.53 9.52 -2.38
C ASN A 20 13.99 8.55 -1.34
N VAL A 21 14.82 7.58 -0.96
CA VAL A 21 14.43 6.58 0.03
C VAL A 21 14.17 7.23 1.39
N GLU A 22 13.67 6.43 2.33
CA GLU A 22 13.39 6.92 3.68
C GLU A 22 14.57 6.70 4.60
N TYR A 23 15.76 6.56 4.02
CA TYR A 23 16.98 6.34 4.80
C TYR A 23 18.06 7.32 4.39
N SER A 24 17.80 8.11 3.36
CA SER A 24 18.76 9.08 2.87
C SER A 24 18.23 10.50 3.05
N SER A 25 17.26 10.87 2.21
CA SER A 25 16.67 12.21 2.26
C SER A 25 16.16 12.52 3.68
N GLY A 26 15.66 13.73 3.86
CA GLY A 26 15.15 14.13 5.16
C GLY A 26 13.69 13.76 5.35
N ARG A 27 12.80 14.53 4.72
CA ARG A 27 11.36 14.28 4.83
C ARG A 27 11.08 12.79 4.93
N ASN A 28 10.42 12.39 6.01
CA ASN A 28 10.07 10.99 6.23
C ASN A 28 8.57 10.78 6.18
N LYS A 29 7.84 11.79 5.70
CA LYS A 29 6.40 11.71 5.60
C LYS A 29 5.97 11.04 4.31
N THR A 30 6.13 9.71 4.25
CA THR A 30 5.75 8.95 3.07
C THR A 30 4.27 9.12 2.74
N PHE A 31 3.93 9.05 1.46
CA PHE A 31 2.55 9.19 1.03
C PHE A 31 1.99 7.85 0.57
N LEU A 32 1.01 7.35 1.33
CA LEU A 32 0.38 6.07 1.02
C LEU A 32 -0.85 6.27 0.14
N CYS A 33 -0.77 5.82 -1.11
CA CYS A 33 -1.87 5.95 -2.05
C CYS A 33 -2.92 4.86 -1.81
N TYR A 34 -4.14 5.28 -1.49
CA TYR A 34 -5.23 4.34 -1.23
C TYR A 34 -6.33 4.48 -2.29
N VAL A 35 -6.95 3.35 -2.61
CA VAL A 35 -8.02 3.34 -3.60
C VAL A 35 -9.18 2.44 -3.15
N VAL A 36 -10.25 3.07 -2.68
CA VAL A 36 -11.42 2.33 -2.23
C VAL A 36 -12.51 2.31 -3.29
N GLU A 37 -13.08 1.14 -3.53
CA GLU A 37 -14.14 0.98 -4.53
C GLU A 37 -15.30 0.16 -3.97
N VAL A 38 -16.36 0.85 -3.56
CA VAL A 38 -17.54 0.19 -3.01
C VAL A 38 -18.59 -0.03 -4.09
N GLN A 39 -19.51 -0.95 -3.82
CA GLN A 39 -20.58 -1.27 -4.76
C GLN A 39 -21.92 -1.36 -4.05
N SER A 40 -22.99 -1.11 -4.80
CA SER A 40 -24.34 -1.16 -4.24
C SER A 40 -25.38 -1.31 -5.34
N LYS A 41 -26.65 -1.44 -4.95
CA LYS A 41 -27.74 -1.59 -5.90
C LYS A 41 -27.61 -0.57 -7.03
N GLY A 42 -28.32 -0.82 -8.12
CA GLY A 42 -28.28 0.07 -9.27
C GLY A 42 -26.86 0.36 -9.73
N GLY A 43 -26.04 -0.68 -9.81
CA GLY A 43 -24.67 -0.51 -10.24
C GLY A 43 -24.02 0.70 -9.61
N GLN A 44 -24.54 1.14 -8.48
CA GLN A 44 -24.01 2.31 -7.79
C GLN A 44 -22.77 1.93 -6.97
N ALA A 45 -21.63 2.50 -7.33
CA ALA A 45 -20.38 2.22 -6.63
C ALA A 45 -19.64 3.51 -6.33
N GLN A 46 -18.95 3.53 -5.18
CA GLN A 46 -18.19 4.71 -4.78
C GLN A 46 -16.68 4.45 -4.89
N ALA A 47 -15.98 5.37 -5.55
CA ALA A 47 -14.54 5.24 -5.73
C ALA A 47 -13.81 6.41 -5.08
N THR A 48 -12.78 6.09 -4.30
CA THR A 48 -11.99 7.11 -3.61
C THR A 48 -10.51 6.97 -3.94
N GLN A 49 -9.76 8.06 -3.77
CA GLN A 49 -8.34 8.06 -4.06
C GLN A 49 -7.64 9.21 -3.33
N GLY A 50 -6.35 9.03 -3.05
CA GLY A 50 -5.59 10.05 -2.35
C GLY A 50 -4.48 9.46 -1.49
N TYR A 51 -3.64 10.33 -0.94
CA TYR A 51 -2.53 9.90 -0.10
C TYR A 51 -2.76 10.31 1.35
N LEU A 52 -2.43 9.42 2.28
CA LEU A 52 -2.59 9.69 3.70
C LEU A 52 -1.25 10.02 4.34
N GLU A 53 -1.29 10.85 5.39
CA GLU A 53 -0.07 11.23 6.10
C GLU A 53 0.07 10.43 7.39
N ASP A 54 1.29 9.96 7.65
CA ASP A 54 1.56 9.19 8.86
C ASP A 54 1.69 10.10 10.07
N GLU A 55 0.84 9.87 11.06
CA GLU A 55 0.86 10.68 12.28
C GLU A 55 2.16 10.47 13.06
N HIS A 56 2.85 11.56 13.36
CA HIS A 56 4.11 11.49 14.10
C HIS A 56 3.98 10.57 15.31
N ALA A 57 2.81 10.60 15.94
CA ALA A 57 2.56 9.76 17.11
C ALA A 57 1.07 9.55 17.33
N GLY A 58 0.47 8.69 16.52
CA GLY A 58 -0.96 8.41 16.64
C GLY A 58 -1.42 7.34 15.68
N ALA A 59 -1.97 7.77 14.55
CA ALA A 59 -2.46 6.84 13.53
C ALA A 59 -1.62 6.91 12.26
N HIS A 60 -0.92 5.82 11.97
CA HIS A 60 -0.08 5.78 10.79
C HIS A 60 -0.94 5.90 9.54
N ALA A 61 -0.31 6.37 8.46
CA ALA A 61 -0.99 6.54 7.19
C ALA A 61 -1.99 5.42 6.94
N GLU A 62 -1.58 4.19 7.24
CA GLU A 62 -2.44 3.03 7.05
C GLU A 62 -3.67 3.11 7.95
N GLU A 63 -3.45 3.33 9.24
CA GLU A 63 -4.54 3.43 10.19
C GLU A 63 -5.46 4.60 9.86
N ALA A 64 -4.86 5.79 9.69
CA ALA A 64 -5.63 6.98 9.37
C ALA A 64 -6.72 6.68 8.35
N PHE A 65 -6.52 5.62 7.57
CA PHE A 65 -7.50 5.22 6.56
C PHE A 65 -8.84 4.88 7.20
N PHE A 66 -8.89 3.73 7.86
CA PHE A 66 -10.12 3.28 8.52
C PHE A 66 -10.54 4.25 9.61
N ASN A 67 -9.66 5.22 9.90
CA ASN A 67 -9.94 6.21 10.93
C ASN A 67 -10.93 7.25 10.43
N THR A 68 -10.78 7.64 9.17
CA THR A 68 -11.66 8.64 8.56
C THR A 68 -12.11 8.20 7.17
N ILE A 69 -11.17 7.65 6.40
CA ILE A 69 -11.47 7.19 5.05
C ILE A 69 -12.60 6.18 5.05
N LEU A 70 -12.31 4.97 5.52
CA LEU A 70 -13.30 3.90 5.57
C LEU A 70 -13.69 3.60 7.01
N PRO A 71 -14.54 4.48 7.60
CA PRO A 71 -15.01 4.31 8.97
C PRO A 71 -15.96 3.13 9.13
N ALA A 72 -16.85 2.97 8.16
CA ALA A 72 -17.81 1.87 8.20
C ALA A 72 -18.06 1.32 6.80
N PHE A 73 -18.58 0.09 6.73
CA PHE A 73 -18.86 -0.55 5.46
C PHE A 73 -20.14 -1.38 5.54
N ASP A 74 -21.12 -1.03 4.72
CA ASP A 74 -22.39 -1.74 4.70
C ASP A 74 -22.20 -3.20 4.28
N PRO A 75 -22.85 -4.11 4.99
CA PRO A 75 -22.77 -5.55 4.72
C PRO A 75 -23.45 -5.93 3.42
N ALA A 76 -23.90 -4.92 2.67
CA ALA A 76 -24.58 -5.16 1.39
C ALA A 76 -23.76 -4.60 0.24
N LEU A 77 -22.63 -4.00 0.55
CA LEU A 77 -21.77 -3.41 -0.46
C LEU A 77 -20.41 -4.11 -0.49
N LYS A 78 -19.71 -3.99 -1.62
CA LYS A 78 -18.40 -4.61 -1.78
C LYS A 78 -17.30 -3.55 -1.87
N TYR A 79 -16.65 -3.28 -0.75
CA TYR A 79 -15.58 -2.30 -0.71
C TYR A 79 -14.26 -2.89 -1.19
N ASN A 80 -13.68 -2.27 -2.22
CA ASN A 80 -12.42 -2.74 -2.78
C ASN A 80 -11.31 -1.72 -2.55
N VAL A 81 -10.58 -1.90 -1.45
CA VAL A 81 -9.48 -0.99 -1.11
C VAL A 81 -8.16 -1.49 -1.69
N THR A 82 -7.32 -0.56 -2.12
CA THR A 82 -6.02 -0.90 -2.69
C THR A 82 -4.97 0.14 -2.31
N TRP A 83 -3.91 -0.32 -1.64
CA TRP A 83 -2.84 0.57 -1.23
C TRP A 83 -1.56 0.26 -1.99
N TYR A 84 -0.78 1.31 -2.28
CA TYR A 84 0.47 1.15 -3.02
C TYR A 84 1.59 1.93 -2.35
N VAL A 85 2.41 1.24 -1.56
CA VAL A 85 3.52 1.87 -0.87
C VAL A 85 4.84 1.20 -1.22
N SER A 86 5.94 1.75 -0.70
CA SER A 86 7.26 1.20 -0.96
C SER A 86 7.89 0.64 0.32
N SER A 87 7.27 0.96 1.45
CA SER A 87 7.76 0.48 2.74
C SER A 87 6.68 -0.30 3.48
N SER A 88 6.97 -1.57 3.76
CA SER A 88 6.03 -2.44 4.45
C SER A 88 5.56 -1.79 5.76
N PRO A 89 4.28 -2.00 6.08
CA PRO A 89 3.68 -1.45 7.31
C PRO A 89 4.22 -2.09 8.57
N CYS A 90 4.33 -1.32 9.64
CA CYS A 90 4.82 -1.82 10.91
C CYS A 90 3.89 -2.89 11.48
N ALA A 91 4.39 -3.63 12.46
CA ALA A 91 3.60 -4.68 13.10
C ALA A 91 2.31 -4.13 13.67
N ALA A 92 2.21 -2.80 13.74
CA ALA A 92 1.02 -2.14 14.27
C ALA A 92 0.08 -1.72 13.14
N CYS A 93 0.65 -1.36 12.01
CA CYS A 93 -0.13 -0.93 10.85
C CYS A 93 -0.87 -2.12 10.23
N ALA A 94 -0.17 -3.26 10.17
CA ALA A 94 -0.75 -4.46 9.59
C ALA A 94 -1.69 -5.14 10.59
N ASP A 95 -1.58 -4.77 11.85
CA ASP A 95 -2.42 -5.35 12.89
C ASP A 95 -3.88 -5.00 12.67
N ARG A 96 -4.24 -3.74 12.91
CA ARG A 96 -5.61 -3.28 12.74
C ARG A 96 -6.18 -3.78 11.41
N ILE A 97 -5.43 -3.58 10.33
CA ILE A 97 -5.87 -4.00 9.00
C ILE A 97 -6.48 -5.40 9.06
N LEU A 98 -5.81 -6.30 9.78
CA LEU A 98 -6.29 -7.68 9.90
C LEU A 98 -7.57 -7.74 10.73
N LYS A 99 -7.70 -6.81 11.68
CA LYS A 99 -8.88 -6.75 12.53
C LYS A 99 -10.08 -6.21 11.77
N THR A 100 -9.81 -5.45 10.72
CA THR A 100 -10.86 -4.85 9.90
C THR A 100 -11.37 -5.85 8.86
N LEU A 101 -10.54 -6.82 8.52
CA LEU A 101 -10.91 -7.84 7.54
C LEU A 101 -11.63 -9.00 8.21
N SER A 102 -11.04 -9.52 9.28
CA SER A 102 -11.64 -10.64 10.01
C SER A 102 -13.07 -10.33 10.40
N LYS A 103 -13.44 -9.06 10.34
CA LYS A 103 -14.79 -8.63 10.68
C LYS A 103 -15.55 -8.17 9.44
N THR A 104 -14.83 -7.96 8.35
CA THR A 104 -15.43 -7.51 7.10
C THR A 104 -14.96 -8.37 5.92
N LYS A 105 -15.86 -9.22 5.43
CA LYS A 105 -15.54 -10.10 4.30
C LYS A 105 -15.75 -9.37 2.97
N ASN A 106 -16.89 -8.71 2.85
CA ASN A 106 -17.22 -7.97 1.63
C ASN A 106 -16.16 -6.90 1.34
N LEU A 107 -15.29 -6.66 2.31
CA LEU A 107 -14.24 -5.66 2.16
C LEU A 107 -12.92 -6.33 1.76
N ARG A 108 -12.37 -5.90 0.62
CA ARG A 108 -11.11 -6.46 0.14
C ARG A 108 -10.00 -5.41 0.19
N LEU A 109 -9.19 -5.50 1.24
CA LEU A 109 -8.08 -4.56 1.42
C LEU A 109 -6.79 -5.10 0.79
N LEU A 110 -6.25 -4.34 -0.15
CA LEU A 110 -5.02 -4.74 -0.83
C LEU A 110 -3.86 -3.82 -0.45
N ILE A 111 -2.67 -4.39 -0.37
CA ILE A 111 -1.48 -3.62 -0.02
C ILE A 111 -0.24 -4.17 -0.71
N LEU A 112 0.57 -3.29 -1.28
CA LEU A 112 1.79 -3.69 -1.96
C LEU A 112 2.99 -2.87 -1.48
N VAL A 113 4.16 -3.51 -1.45
CA VAL A 113 5.38 -2.83 -1.02
C VAL A 113 6.56 -3.18 -1.92
N SER A 114 7.10 -2.17 -2.58
CA SER A 114 8.24 -2.38 -3.49
C SER A 114 9.45 -2.90 -2.72
N ARG A 115 9.51 -2.58 -1.43
CA ARG A 115 10.62 -3.00 -0.60
C ARG A 115 10.14 -3.40 0.79
N LEU A 116 10.58 -4.56 1.26
CA LEU A 116 10.19 -5.05 2.58
C LEU A 116 11.07 -4.46 3.68
N PHE A 117 10.45 -3.86 4.68
CA PHE A 117 11.18 -3.25 5.78
C PHE A 117 11.08 -4.12 7.04
N MET A 118 12.17 -4.79 7.37
CA MET A 118 12.21 -5.66 8.54
C MET A 118 11.41 -6.94 8.31
N TRP A 119 11.80 -7.69 7.29
CA TRP A 119 11.12 -8.94 6.96
C TRP A 119 11.83 -10.13 7.58
N GLU A 120 12.68 -9.85 8.56
CA GLU A 120 13.43 -10.91 9.25
C GLU A 120 13.08 -10.95 10.73
N GLU A 121 12.36 -9.93 11.19
CA GLU A 121 11.96 -9.84 12.59
C GLU A 121 10.81 -10.80 12.88
N PRO A 122 10.84 -11.42 14.07
CA PRO A 122 9.80 -12.37 14.50
C PRO A 122 8.47 -11.68 14.79
N GLU A 123 8.52 -10.35 14.91
CA GLU A 123 7.32 -9.58 15.18
C GLU A 123 6.60 -9.19 13.89
N VAL A 124 7.38 -8.89 12.86
CA VAL A 124 6.83 -8.51 11.57
C VAL A 124 6.14 -9.69 10.89
N GLN A 125 6.70 -10.89 11.08
CA GLN A 125 6.14 -12.09 10.50
C GLN A 125 4.75 -12.37 11.06
N ALA A 126 4.65 -12.43 12.38
CA ALA A 126 3.38 -12.69 13.04
C ALA A 126 2.41 -11.52 12.86
N ALA A 127 2.95 -10.38 12.43
CA ALA A 127 2.14 -9.19 12.21
C ALA A 127 1.66 -9.10 10.76
N LEU A 128 2.47 -9.65 9.86
CA LEU A 128 2.14 -9.62 8.43
C LEU A 128 1.39 -10.90 8.02
N LYS A 129 1.64 -11.98 8.76
CA LYS A 129 1.00 -13.26 8.47
C LYS A 129 -0.52 -13.12 8.54
N LYS A 130 -1.03 -12.69 9.69
CA LYS A 130 -2.46 -12.51 9.88
C LYS A 130 -3.11 -11.90 8.63
N LEU A 131 -2.48 -10.85 8.11
CA LEU A 131 -2.99 -10.18 6.92
C LEU A 131 -3.27 -11.18 5.81
N LYS A 132 -2.38 -12.15 5.65
CA LYS A 132 -2.52 -13.17 4.63
C LYS A 132 -3.48 -14.27 5.08
N GLU A 133 -3.70 -14.35 6.39
CA GLU A 133 -4.60 -15.35 6.95
C GLU A 133 -6.02 -14.81 7.06
N ALA A 134 -6.16 -13.49 6.96
CA ALA A 134 -7.46 -12.84 7.05
C ALA A 134 -8.06 -12.63 5.66
N GLY A 135 -7.20 -12.54 4.66
CA GLY A 135 -7.66 -12.33 3.30
C GLY A 135 -7.10 -11.06 2.69
N CYS A 136 -6.14 -10.45 3.37
CA CYS A 136 -5.51 -9.22 2.89
C CYS A 136 -4.54 -9.52 1.75
N LYS A 137 -4.77 -8.90 0.59
CA LYS A 137 -3.91 -9.10 -0.57
C LYS A 137 -2.56 -8.43 -0.37
N LEU A 138 -1.50 -9.21 -0.42
CA LEU A 138 -0.15 -8.69 -0.24
C LEU A 138 0.75 -9.11 -1.40
N ARG A 139 1.37 -8.13 -2.05
CA ARG A 139 2.25 -8.39 -3.18
C ARG A 139 3.22 -7.24 -3.39
N ILE A 140 4.47 -7.57 -3.72
CA ILE A 140 5.50 -6.55 -3.94
C ILE A 140 5.12 -5.63 -5.09
N MET A 141 5.16 -4.33 -4.83
CA MET A 141 4.82 -3.33 -5.84
C MET A 141 5.36 -3.74 -7.20
N LYS A 142 4.52 -4.44 -7.97
CA LYS A 142 4.91 -4.89 -9.31
C LYS A 142 5.19 -3.71 -10.23
N PRO A 143 6.02 -3.94 -11.25
CA PRO A 143 6.38 -2.91 -12.22
C PRO A 143 5.21 -2.52 -13.12
N GLN A 144 4.09 -3.22 -12.96
CA GLN A 144 2.90 -2.94 -13.76
C GLN A 144 1.99 -1.96 -13.05
N ASP A 145 2.04 -1.94 -11.73
CA ASP A 145 1.22 -1.05 -10.94
C ASP A 145 1.81 0.36 -10.91
N PHE A 146 3.09 0.44 -10.56
CA PHE A 146 3.77 1.74 -10.49
C PHE A 146 3.32 2.66 -11.62
N GLU A 147 3.58 2.25 -12.85
CA GLU A 147 3.20 3.04 -14.01
C GLU A 147 1.88 3.77 -13.77
N TYR A 148 0.83 3.01 -13.49
CA TYR A 148 -0.49 3.58 -13.24
C TYR A 148 -0.41 4.65 -12.14
N ILE A 149 0.40 4.38 -11.13
CA ILE A 149 0.55 5.32 -10.02
C ILE A 149 1.37 6.54 -10.45
N TRP A 150 2.05 6.43 -11.58
CA TRP A 150 2.86 7.52 -12.11
C TRP A 150 2.08 8.35 -13.11
N GLN A 151 1.11 7.71 -13.78
CA GLN A 151 0.29 8.40 -14.76
C GLN A 151 -1.03 8.85 -14.15
N ASN A 152 -1.42 8.21 -13.05
CA ASN A 152 -2.67 8.54 -12.37
C ASN A 152 -2.39 9.26 -11.05
N PHE A 153 -1.79 8.53 -10.11
CA PHE A 153 -1.47 9.10 -8.80
C PHE A 153 -0.46 10.24 -8.93
N VAL A 154 0.05 10.43 -10.14
CA VAL A 154 1.03 11.48 -10.40
C VAL A 154 0.66 12.27 -11.65
N GLU A 155 0.59 13.59 -11.52
CA GLU A 155 0.25 14.46 -12.64
C GLU A 155 1.44 14.60 -13.59
N GLN A 156 1.14 14.71 -14.88
CA GLN A 156 2.18 14.85 -15.89
C GLN A 156 2.31 16.30 -16.34
N GLU A 157 3.48 16.65 -16.86
CA GLU A 157 3.74 18.00 -17.33
C GLU A 157 2.79 18.38 -18.47
N GLU A 158 2.99 19.57 -19.03
CA GLU A 158 2.17 20.04 -20.13
C GLU A 158 2.91 19.94 -21.46
N GLY A 159 2.31 19.26 -22.42
CA GLY A 159 2.92 19.10 -23.73
C GLY A 159 3.88 17.92 -23.78
N GLU A 160 4.48 17.60 -22.63
CA GLU A 160 5.41 16.48 -22.57
C GLU A 160 4.69 15.18 -22.22
N SER A 161 5.45 14.09 -22.14
CA SER A 161 4.88 12.79 -21.82
C SER A 161 5.98 11.76 -21.60
N LYS A 162 6.17 11.35 -20.35
CA LYS A 162 7.18 10.36 -20.00
C LYS A 162 6.54 9.09 -19.47
N ALA A 163 7.37 8.10 -19.14
CA ALA A 163 6.89 6.83 -18.62
C ALA A 163 7.97 6.14 -17.79
N PHE A 164 7.67 5.93 -16.51
CA PHE A 164 8.61 5.27 -15.62
C PHE A 164 9.03 3.91 -16.17
N GLU A 165 10.20 3.88 -16.81
CA GLU A 165 10.72 2.64 -17.38
C GLU A 165 11.99 2.21 -16.68
N PRO A 166 11.86 1.29 -15.71
CA PRO A 166 13.01 0.77 -14.95
C PRO A 166 13.93 -0.10 -15.79
N TRP A 167 14.90 0.51 -16.43
CA TRP A 167 15.85 -0.21 -17.27
C TRP A 167 16.96 -0.83 -16.43
N GLU A 168 16.88 -0.63 -15.12
CA GLU A 168 17.88 -1.18 -14.20
C GLU A 168 17.53 -2.61 -13.81
N ASP A 169 16.29 -2.83 -13.40
CA ASP A 169 15.84 -4.15 -12.99
C ASP A 169 14.34 -4.14 -12.69
N ILE A 170 13.57 -4.83 -13.52
CA ILE A 170 12.12 -4.90 -13.33
C ILE A 170 11.73 -6.10 -12.48
N GLN A 171 12.27 -7.27 -12.82
CA GLN A 171 11.99 -8.49 -12.08
C GLN A 171 13.05 -8.75 -11.02
N GLU A 172 14.31 -8.82 -11.45
CA GLU A 172 15.42 -9.07 -10.54
C GLU A 172 15.18 -8.38 -9.20
N ASN A 173 14.47 -7.25 -9.24
CA ASN A 173 14.18 -6.49 -8.03
C ASN A 173 12.95 -7.04 -7.33
N PHE A 174 11.85 -7.15 -8.07
CA PHE A 174 10.60 -7.66 -7.53
C PHE A 174 10.80 -9.04 -6.91
N LEU A 175 11.44 -9.93 -7.66
CA LEU A 175 11.70 -11.28 -7.19
C LEU A 175 12.38 -11.27 -5.82
N TYR A 176 13.31 -10.34 -5.64
CA TYR A 176 14.03 -10.21 -4.38
C TYR A 176 13.07 -9.95 -3.22
N TYR A 177 12.31 -8.86 -3.31
CA TYR A 177 11.35 -8.51 -2.28
C TYR A 177 10.18 -9.49 -2.26
N GLU A 178 9.99 -10.19 -3.36
CA GLU A 178 8.90 -11.16 -3.48
C GLU A 178 9.10 -12.31 -2.50
N GLU A 179 10.33 -12.84 -2.45
CA GLU A 179 10.64 -13.95 -1.56
C GLU A 179 10.58 -13.51 -0.10
N LYS A 180 10.89 -12.23 0.15
CA LYS A 180 10.87 -11.69 1.50
C LYS A 180 9.47 -11.77 2.10
N LEU A 181 8.49 -11.26 1.35
CA LEU A 181 7.10 -11.28 1.80
C LEU A 181 6.66 -12.70 2.15
N ALA A 182 6.64 -13.57 1.15
CA ALA A 182 6.24 -14.96 1.35
C ALA A 182 7.08 -15.61 2.46
N ASP A 183 8.37 -15.30 2.48
CA ASP A 183 9.27 -15.86 3.48
C ASP A 183 8.69 -15.72 4.88
N ILE A 184 7.86 -14.69 5.07
CA ILE A 184 7.23 -14.46 6.36
C ILE A 184 6.07 -15.41 6.60
N LEU A 185 5.33 -15.71 5.53
CA LEU A 185 4.19 -16.61 5.61
C LEU A 185 4.65 -18.06 5.77
N LYS A 186 5.90 -18.33 5.38
CA LYS A 186 6.45 -19.67 5.49
C LYS A 186 7.65 -19.69 6.42
N SER A 187 7.91 -20.85 7.02
CA SER A 187 9.03 -21.00 7.95
C SER A 187 10.25 -21.59 7.24
N GLY A 188 10.00 -22.19 6.07
CA GLY A 188 11.08 -22.79 5.31
C GLY A 188 11.17 -24.29 5.49
N PRO A 189 11.91 -24.96 4.61
CA PRO A 189 12.08 -26.42 4.66
C PRO A 189 12.92 -26.86 5.85
N SER A 190 12.74 -28.10 6.28
CA SER A 190 13.48 -28.66 7.40
C SER A 190 14.41 -29.76 6.96
N SER A 191 15.61 -29.38 6.50
CA SER A 191 16.60 -30.35 6.03
C SER A 191 17.76 -30.44 7.01
N GLY A 192 17.64 -31.33 7.99
CA GLY A 192 18.69 -31.50 8.97
C GLY A 192 18.47 -32.72 9.85
N GLY A 1 -5.16 13.70 8.20
CA GLY A 1 -5.08 14.99 7.55
C GLY A 1 -6.35 15.34 6.80
N SER A 2 -6.22 15.58 5.50
CA SER A 2 -7.36 15.93 4.67
C SER A 2 -7.52 14.97 3.50
N SER A 3 -8.48 15.24 2.62
CA SER A 3 -8.73 14.40 1.47
C SER A 3 -8.01 14.92 0.24
N GLY A 4 -7.70 16.22 0.24
CA GLY A 4 -7.01 16.83 -0.88
C GLY A 4 -7.96 17.19 -2.01
N SER A 5 -7.40 17.44 -3.19
CA SER A 5 -8.20 17.81 -4.36
C SER A 5 -7.99 16.82 -5.49
N SER A 6 -6.86 16.95 -6.18
CA SER A 6 -6.54 16.07 -7.31
C SER A 6 -6.38 14.63 -6.83
N GLY A 7 -5.57 14.43 -5.78
CA GLY A 7 -5.34 13.11 -5.25
C GLY A 7 -4.01 12.54 -5.67
N ARG A 8 -3.21 13.34 -6.37
CA ARG A 8 -1.90 12.91 -6.83
C ARG A 8 -0.82 13.90 -6.39
N LEU A 9 0.43 13.53 -6.63
CA LEU A 9 1.56 14.39 -6.26
C LEU A 9 2.36 14.79 -7.49
N PRO A 10 2.87 16.04 -7.49
CA PRO A 10 3.66 16.57 -8.60
C PRO A 10 5.03 15.91 -8.70
N VAL A 11 5.34 15.40 -9.89
CA VAL A 11 6.62 14.75 -10.13
C VAL A 11 7.77 15.50 -9.44
N ASN A 12 7.95 16.75 -9.85
CA ASN A 12 9.01 17.58 -9.27
C ASN A 12 9.18 17.31 -7.79
N PHE A 13 8.07 16.99 -7.12
CA PHE A 13 8.08 16.70 -5.70
C PHE A 13 8.28 15.21 -5.45
N PHE A 14 7.47 14.39 -6.11
CA PHE A 14 7.55 12.94 -5.95
C PHE A 14 8.95 12.44 -6.29
N LYS A 15 9.71 13.26 -6.99
CA LYS A 15 11.07 12.90 -7.37
C LYS A 15 12.00 12.89 -6.15
N PHE A 16 11.58 13.57 -5.10
CA PHE A 16 12.36 13.65 -3.87
C PHE A 16 11.82 12.69 -2.82
N GLN A 17 10.60 12.94 -2.37
CA GLN A 17 9.97 12.10 -1.36
C GLN A 17 10.13 10.62 -1.70
N PHE A 18 9.63 10.23 -2.87
CA PHE A 18 9.73 8.84 -3.31
C PHE A 18 11.18 8.45 -3.58
N ARG A 19 12.01 9.45 -3.89
CA ARG A 19 13.42 9.21 -4.17
C ARG A 19 13.96 8.09 -3.27
N ASN A 20 13.76 8.23 -1.97
CA ASN A 20 14.23 7.24 -1.01
C ASN A 20 14.16 5.83 -1.61
N VAL A 21 15.31 5.33 -2.06
CA VAL A 21 15.38 4.00 -2.64
C VAL A 21 16.40 3.13 -1.92
N GLU A 22 16.48 1.86 -2.32
CA GLU A 22 17.43 0.93 -1.71
C GLU A 22 18.82 1.54 -1.61
N TYR A 23 19.34 2.00 -2.74
CA TYR A 23 20.67 2.61 -2.78
C TYR A 23 20.64 4.01 -2.20
N SER A 24 19.44 4.52 -1.95
CA SER A 24 19.28 5.86 -1.39
C SER A 24 18.28 5.85 -0.24
N SER A 25 18.79 5.74 0.98
CA SER A 25 17.94 5.73 2.17
C SER A 25 17.13 7.00 2.28
N GLY A 26 17.78 8.09 2.68
CA GLY A 26 17.10 9.37 2.81
C GLY A 26 15.71 9.21 3.40
N ARG A 27 15.61 9.32 4.72
CA ARG A 27 14.33 9.20 5.41
C ARG A 27 13.48 10.45 5.21
N ASN A 28 12.17 10.25 5.09
CA ASN A 28 11.25 11.36 4.90
C ASN A 28 9.80 10.89 4.94
N LYS A 29 8.87 11.84 5.04
CA LYS A 29 7.46 11.51 5.08
C LYS A 29 6.96 11.04 3.72
N THR A 30 6.48 9.80 3.66
CA THR A 30 5.98 9.23 2.42
C THR A 30 4.45 9.29 2.36
N PHE A 31 3.91 9.23 1.15
CA PHE A 31 2.46 9.28 0.96
C PHE A 31 1.92 7.91 0.57
N LEU A 32 0.90 7.46 1.28
CA LEU A 32 0.28 6.17 1.01
C LEU A 32 -1.00 6.33 0.19
N CYS A 33 -0.96 5.80 -1.04
CA CYS A 33 -2.12 5.89 -1.92
C CYS A 33 -3.17 4.84 -1.56
N TYR A 34 -4.44 5.24 -1.64
CA TYR A 34 -5.54 4.34 -1.31
C TYR A 34 -6.65 4.42 -2.36
N VAL A 35 -7.15 3.27 -2.77
CA VAL A 35 -8.22 3.22 -3.77
C VAL A 35 -9.35 2.31 -3.31
N VAL A 36 -10.42 2.91 -2.79
CA VAL A 36 -11.56 2.15 -2.32
C VAL A 36 -12.66 2.08 -3.38
N GLU A 37 -13.14 0.88 -3.65
CA GLU A 37 -14.18 0.68 -4.64
C GLU A 37 -15.33 -0.16 -4.07
N VAL A 38 -16.39 0.52 -3.66
CA VAL A 38 -17.56 -0.15 -3.10
C VAL A 38 -18.63 -0.40 -4.16
N GLN A 39 -19.53 -1.33 -3.88
CA GLN A 39 -20.60 -1.65 -4.81
C GLN A 39 -21.93 -1.81 -4.08
N SER A 40 -23.03 -1.65 -4.82
CA SER A 40 -24.35 -1.77 -4.24
C SER A 40 -25.40 -1.98 -5.32
N LYS A 41 -26.66 -2.10 -4.91
CA LYS A 41 -27.76 -2.29 -5.84
C LYS A 41 -27.74 -1.24 -6.95
N GLY A 42 -28.57 -1.43 -7.97
CA GLY A 42 -28.62 -0.49 -9.07
C GLY A 42 -27.28 -0.34 -9.77
N GLY A 43 -26.33 -1.20 -9.42
CA GLY A 43 -25.01 -1.14 -10.03
C GLY A 43 -24.26 0.11 -9.64
N GLN A 44 -24.65 0.72 -8.51
CA GLN A 44 -23.99 1.93 -8.04
C GLN A 44 -22.79 1.60 -7.16
N ALA A 45 -21.64 2.17 -7.49
CA ALA A 45 -20.42 1.93 -6.73
C ALA A 45 -19.72 3.25 -6.39
N GLN A 46 -19.04 3.27 -5.25
CA GLN A 46 -18.33 4.46 -4.81
C GLN A 46 -16.82 4.26 -4.89
N ALA A 47 -16.18 5.04 -5.75
CA ALA A 47 -14.73 4.94 -5.92
C ALA A 47 -14.03 6.16 -5.32
N THR A 48 -13.01 5.91 -4.50
CA THR A 48 -12.26 6.99 -3.86
C THR A 48 -10.76 6.84 -4.12
N GLN A 49 -10.04 7.95 -4.03
CA GLN A 49 -8.60 7.94 -4.26
C GLN A 49 -7.92 9.09 -3.51
N GLY A 50 -6.64 8.93 -3.23
CA GLY A 50 -5.90 9.95 -2.52
C GLY A 50 -4.69 9.41 -1.81
N TYR A 51 -4.12 10.21 -0.90
CA TYR A 51 -2.94 9.79 -0.15
C TYR A 51 -3.12 10.08 1.34
N LEU A 52 -2.47 9.26 2.17
CA LEU A 52 -2.56 9.42 3.62
C LEU A 52 -1.20 9.76 4.21
N GLU A 53 -1.20 10.55 5.28
CA GLU A 53 0.04 10.95 5.94
C GLU A 53 0.28 10.11 7.19
N ASP A 54 1.54 9.74 7.40
CA ASP A 54 1.91 8.93 8.56
C ASP A 54 2.22 9.81 9.76
N GLU A 55 1.30 9.85 10.71
CA GLU A 55 1.47 10.65 11.91
C GLU A 55 2.79 10.32 12.61
N HIS A 56 3.60 11.35 12.84
CA HIS A 56 4.89 11.17 13.49
C HIS A 56 4.74 10.38 14.79
N ALA A 57 3.62 10.60 15.48
CA ALA A 57 3.35 9.90 16.73
C ALA A 57 1.85 9.77 16.98
N GLY A 58 1.14 9.19 16.02
CA GLY A 58 -0.30 9.02 16.16
C GLY A 58 -0.84 7.90 15.28
N ALA A 59 -1.45 8.28 14.17
CA ALA A 59 -2.01 7.31 13.25
C ALA A 59 -1.28 7.33 11.91
N HIS A 60 -0.62 6.22 11.59
CA HIS A 60 0.13 6.14 10.34
C HIS A 60 -0.84 6.24 9.16
N ALA A 61 -0.28 6.15 7.96
CA ALA A 61 -1.07 6.23 6.74
C ALA A 61 -2.06 5.07 6.65
N GLU A 62 -1.64 3.90 7.13
CA GLU A 62 -2.49 2.72 7.10
C GLU A 62 -3.62 2.83 8.12
N GLU A 63 -3.30 3.37 9.30
CA GLU A 63 -4.27 3.53 10.36
C GLU A 63 -5.27 4.63 10.02
N ALA A 64 -4.77 5.85 9.85
CA ALA A 64 -5.62 6.99 9.52
C ALA A 64 -6.66 6.61 8.48
N PHE A 65 -6.36 5.57 7.70
CA PHE A 65 -7.27 5.11 6.66
C PHE A 65 -8.64 4.77 7.24
N PHE A 66 -8.72 3.66 7.95
CA PHE A 66 -9.97 3.22 8.56
C PHE A 66 -10.46 4.24 9.59
N ASN A 67 -9.61 5.23 9.88
CA ASN A 67 -9.95 6.26 10.85
C ASN A 67 -10.92 7.27 10.25
N THR A 68 -10.71 7.60 8.98
CA THR A 68 -11.55 8.56 8.28
C THR A 68 -11.93 8.06 6.90
N ILE A 69 -10.97 7.46 6.20
CA ILE A 69 -11.21 6.94 4.86
C ILE A 69 -12.32 5.90 4.88
N LEU A 70 -12.03 4.72 5.41
CA LEU A 70 -13.01 3.65 5.48
C LEU A 70 -13.42 3.38 6.92
N PRO A 71 -14.30 4.25 7.44
CA PRO A 71 -14.81 4.14 8.82
C PRO A 71 -15.74 2.94 9.00
N ALA A 72 -16.65 2.76 8.05
CA ALA A 72 -17.60 1.66 8.10
C ALA A 72 -17.92 1.13 6.71
N PHE A 73 -18.40 -0.09 6.63
CA PHE A 73 -18.75 -0.70 5.35
C PHE A 73 -20.00 -1.56 5.48
N ASP A 74 -21.01 -1.27 4.67
CA ASP A 74 -22.26 -2.02 4.69
C ASP A 74 -22.03 -3.47 4.32
N PRO A 75 -22.65 -4.38 5.08
CA PRO A 75 -22.54 -5.83 4.87
C PRO A 75 -23.24 -6.27 3.59
N ALA A 76 -23.72 -5.30 2.81
CA ALA A 76 -24.41 -5.60 1.56
C ALA A 76 -23.63 -5.06 0.37
N LEU A 77 -22.51 -4.41 0.64
CA LEU A 77 -21.67 -3.84 -0.42
C LEU A 77 -20.30 -4.51 -0.45
N LYS A 78 -19.61 -4.38 -1.57
CA LYS A 78 -18.29 -4.97 -1.73
C LYS A 78 -17.23 -3.89 -1.87
N TYR A 79 -16.57 -3.57 -0.77
CA TYR A 79 -15.53 -2.54 -0.76
C TYR A 79 -14.19 -3.12 -1.25
N ASN A 80 -13.66 -2.51 -2.30
CA ASN A 80 -12.38 -2.96 -2.87
C ASN A 80 -11.30 -1.91 -2.66
N VAL A 81 -10.55 -2.04 -1.57
CA VAL A 81 -9.47 -1.11 -1.26
C VAL A 81 -8.15 -1.56 -1.88
N THR A 82 -7.33 -0.59 -2.26
CA THR A 82 -6.03 -0.89 -2.87
C THR A 82 -4.98 0.12 -2.45
N TRP A 83 -4.00 -0.33 -1.68
CA TRP A 83 -2.93 0.54 -1.21
C TRP A 83 -1.68 0.37 -2.07
N TYR A 84 -1.00 1.48 -2.35
CA TYR A 84 0.20 1.46 -3.16
C TYR A 84 1.32 2.26 -2.49
N VAL A 85 2.22 1.56 -1.81
CA VAL A 85 3.34 2.20 -1.14
C VAL A 85 4.66 1.53 -1.48
N SER A 86 5.75 2.05 -0.94
CA SER A 86 7.08 1.51 -1.20
C SER A 86 7.63 0.82 0.04
N SER A 87 7.22 1.30 1.22
CA SER A 87 7.68 0.74 2.47
C SER A 87 6.58 -0.09 3.15
N SER A 88 6.96 -1.17 3.79
CA SER A 88 6.01 -2.05 4.46
C SER A 88 5.58 -1.45 5.80
N PRO A 89 4.32 -1.70 6.18
CA PRO A 89 3.75 -1.21 7.44
C PRO A 89 4.36 -1.87 8.66
N CYS A 90 4.37 -1.15 9.78
CA CYS A 90 4.94 -1.67 11.02
C CYS A 90 4.13 -2.86 11.52
N ALA A 91 4.48 -3.36 12.70
CA ALA A 91 3.79 -4.49 13.30
C ALA A 91 2.44 -4.08 13.86
N ALA A 92 2.22 -2.77 13.98
CA ALA A 92 0.97 -2.24 14.49
C ALA A 92 0.02 -1.86 13.36
N CYS A 93 0.59 -1.47 12.23
CA CYS A 93 -0.20 -1.08 11.07
C CYS A 93 -0.90 -2.29 10.45
N ALA A 94 -0.16 -3.39 10.34
CA ALA A 94 -0.71 -4.62 9.76
C ALA A 94 -1.64 -5.31 10.76
N ASP A 95 -1.61 -4.87 12.01
CA ASP A 95 -2.44 -5.45 13.04
C ASP A 95 -3.91 -5.09 12.82
N ARG A 96 -4.26 -3.83 13.07
CA ARG A 96 -5.63 -3.37 12.90
C ARG A 96 -6.18 -3.78 11.54
N ILE A 97 -5.34 -3.67 10.52
CA ILE A 97 -5.74 -4.03 9.16
C ILE A 97 -6.33 -5.44 9.12
N LEU A 98 -5.74 -6.35 9.89
CA LEU A 98 -6.21 -7.73 9.94
C LEU A 98 -7.51 -7.83 10.72
N LYS A 99 -7.68 -6.95 11.70
CA LYS A 99 -8.88 -6.93 12.52
C LYS A 99 -10.06 -6.36 11.75
N THR A 100 -9.76 -5.57 10.72
CA THR A 100 -10.79 -4.96 9.90
C THR A 100 -11.27 -5.91 8.79
N LEU A 101 -10.43 -6.88 8.47
CA LEU A 101 -10.76 -7.86 7.44
C LEU A 101 -11.52 -9.05 8.03
N SER A 102 -10.95 -9.62 9.08
CA SER A 102 -11.56 -10.78 9.75
C SER A 102 -12.99 -10.45 10.17
N LYS A 103 -13.31 -9.17 10.23
CA LYS A 103 -14.64 -8.73 10.63
C LYS A 103 -15.45 -8.28 9.42
N THR A 104 -14.76 -7.82 8.39
CA THR A 104 -15.41 -7.36 7.17
C THR A 104 -14.95 -8.17 5.96
N LYS A 105 -15.61 -9.29 5.71
CA LYS A 105 -15.27 -10.16 4.59
C LYS A 105 -15.51 -9.44 3.26
N ASN A 106 -16.74 -8.98 3.06
CA ASN A 106 -17.10 -8.28 1.83
C ASN A 106 -16.06 -7.23 1.48
N LEU A 107 -15.28 -6.82 2.47
CA LEU A 107 -14.24 -5.82 2.27
C LEU A 107 -12.92 -6.48 1.88
N ARG A 108 -12.35 -6.04 0.75
CA ARG A 108 -11.09 -6.59 0.27
C ARG A 108 -9.99 -5.53 0.30
N LEU A 109 -9.16 -5.58 1.35
CA LEU A 109 -8.07 -4.63 1.50
C LEU A 109 -6.80 -5.15 0.84
N LEU A 110 -6.22 -4.36 -0.05
CA LEU A 110 -4.99 -4.74 -0.74
C LEU A 110 -3.85 -3.79 -0.40
N ILE A 111 -2.63 -4.32 -0.35
CA ILE A 111 -1.47 -3.50 -0.05
C ILE A 111 -0.22 -4.04 -0.74
N LEU A 112 0.52 -3.16 -1.40
CA LEU A 112 1.73 -3.55 -2.11
C LEU A 112 2.93 -2.74 -1.62
N VAL A 113 4.12 -3.32 -1.77
CA VAL A 113 5.34 -2.65 -1.34
C VAL A 113 6.50 -2.96 -2.29
N SER A 114 7.10 -1.92 -2.85
CA SER A 114 8.21 -2.09 -3.78
C SER A 114 9.45 -2.58 -3.05
N ARG A 115 9.49 -2.37 -1.73
CA ARG A 115 10.62 -2.78 -0.92
C ARG A 115 10.16 -3.22 0.47
N LEU A 116 10.67 -4.37 0.92
CA LEU A 116 10.32 -4.91 2.23
C LEU A 116 11.17 -4.29 3.32
N PHE A 117 10.51 -3.71 4.32
CA PHE A 117 11.22 -3.08 5.43
C PHE A 117 11.14 -3.94 6.69
N MET A 118 12.25 -4.05 7.40
CA MET A 118 12.30 -4.85 8.63
C MET A 118 11.51 -6.15 8.46
N TRP A 119 11.78 -6.86 7.38
CA TRP A 119 11.09 -8.12 7.11
C TRP A 119 11.81 -9.29 7.76
N GLU A 120 12.53 -9.00 8.85
CA GLU A 120 13.27 -10.04 9.57
C GLU A 120 13.01 -9.95 11.08
N GLU A 121 12.00 -9.16 11.44
CA GLU A 121 11.66 -8.99 12.85
C GLU A 121 10.68 -10.07 13.30
N PRO A 122 10.77 -10.45 14.59
CA PRO A 122 9.90 -11.47 15.17
C PRO A 122 8.46 -11.00 15.32
N GLU A 123 8.25 -9.70 15.12
CA GLU A 123 6.91 -9.12 15.23
C GLU A 123 6.25 -9.01 13.86
N VAL A 124 6.94 -8.37 12.93
CA VAL A 124 6.42 -8.20 11.58
C VAL A 124 6.02 -9.54 10.97
N GLN A 125 6.85 -10.56 11.20
CA GLN A 125 6.58 -11.89 10.68
C GLN A 125 5.20 -12.38 11.10
N ALA A 126 4.94 -12.32 12.41
CA ALA A 126 3.65 -12.76 12.94
C ALA A 126 2.59 -11.68 12.77
N ALA A 127 3.03 -10.46 12.47
CA ALA A 127 2.11 -9.34 12.28
C ALA A 127 1.70 -9.21 10.82
N LEU A 128 2.51 -9.79 9.92
CA LEU A 128 2.23 -9.73 8.50
C LEU A 128 1.42 -10.95 8.05
N LYS A 129 1.57 -12.05 8.78
CA LYS A 129 0.85 -13.28 8.46
C LYS A 129 -0.65 -13.07 8.56
N LYS A 130 -1.10 -12.64 9.74
CA LYS A 130 -2.52 -12.40 9.97
C LYS A 130 -3.18 -11.78 8.73
N LEU A 131 -2.46 -10.86 8.09
CA LEU A 131 -2.97 -10.20 6.89
C LEU A 131 -3.31 -11.22 5.81
N LYS A 132 -2.36 -12.10 5.52
CA LYS A 132 -2.56 -13.13 4.50
C LYS A 132 -3.51 -14.22 5.01
N GLU A 133 -3.67 -14.28 6.32
CA GLU A 133 -4.55 -15.29 6.93
C GLU A 133 -5.98 -14.76 7.03
N ALA A 134 -6.12 -13.45 7.10
CA ALA A 134 -7.43 -12.82 7.19
C ALA A 134 -8.05 -12.62 5.81
N GLY A 135 -7.20 -12.58 4.79
CA GLY A 135 -7.68 -12.40 3.44
C GLY A 135 -7.06 -11.18 2.76
N CYS A 136 -6.22 -10.46 3.49
CA CYS A 136 -5.57 -9.27 2.96
C CYS A 136 -4.68 -9.63 1.78
N LYS A 137 -4.70 -8.79 0.74
CA LYS A 137 -3.90 -9.01 -0.45
C LYS A 137 -2.57 -8.28 -0.35
N LEU A 138 -1.47 -9.04 -0.35
CA LEU A 138 -0.14 -8.45 -0.25
C LEU A 138 0.72 -8.88 -1.44
N ARG A 139 1.17 -7.92 -2.22
CA ARG A 139 2.00 -8.19 -3.38
C ARG A 139 3.01 -7.07 -3.61
N ILE A 140 4.25 -7.45 -3.93
CA ILE A 140 5.30 -6.47 -4.17
C ILE A 140 4.95 -5.54 -5.33
N MET A 141 4.96 -4.24 -5.07
CA MET A 141 4.64 -3.25 -6.10
C MET A 141 5.11 -3.73 -7.46
N LYS A 142 4.20 -4.35 -8.21
CA LYS A 142 4.52 -4.85 -9.55
C LYS A 142 4.78 -3.69 -10.51
N PRO A 143 5.53 -3.98 -11.58
CA PRO A 143 5.88 -2.98 -12.60
C PRO A 143 4.66 -2.56 -13.43
N GLN A 144 3.53 -3.19 -13.18
CA GLN A 144 2.30 -2.88 -13.89
C GLN A 144 1.49 -1.82 -13.16
N ASP A 145 1.51 -1.88 -11.84
CA ASP A 145 0.78 -0.92 -11.01
C ASP A 145 1.61 0.32 -10.76
N PHE A 146 2.86 0.13 -10.33
CA PHE A 146 3.75 1.24 -10.05
C PHE A 146 3.52 2.39 -11.04
N GLU A 147 3.82 2.13 -12.31
CA GLU A 147 3.65 3.15 -13.35
C GLU A 147 2.32 3.87 -13.19
N TYR A 148 1.23 3.13 -13.33
CA TYR A 148 -0.11 3.70 -13.21
C TYR A 148 -0.16 4.73 -12.09
N ILE A 149 0.56 4.45 -11.01
CA ILE A 149 0.60 5.36 -9.87
C ILE A 149 1.38 6.62 -10.20
N TRP A 150 2.64 6.45 -10.61
CA TRP A 150 3.50 7.57 -10.96
C TRP A 150 2.94 8.33 -12.16
N GLN A 151 2.03 7.68 -12.89
CA GLN A 151 1.42 8.29 -14.06
C GLN A 151 0.08 8.92 -13.72
N ASN A 152 -0.65 8.28 -12.81
CA ASN A 152 -1.96 8.78 -12.40
C ASN A 152 -1.88 9.44 -11.02
N PHE A 153 -1.38 8.69 -10.04
CA PHE A 153 -1.26 9.20 -8.68
C PHE A 153 -0.21 10.32 -8.62
N VAL A 154 0.44 10.58 -9.75
CA VAL A 154 1.46 11.62 -9.81
C VAL A 154 1.30 12.46 -11.07
N GLU A 155 1.22 13.77 -10.88
CA GLU A 155 1.06 14.69 -12.01
C GLU A 155 2.39 14.88 -12.74
N GLN A 156 2.47 14.32 -13.94
CA GLN A 156 3.69 14.44 -14.75
C GLN A 156 3.93 15.89 -15.17
N GLU A 157 5.21 16.25 -15.30
CA GLU A 157 5.57 17.61 -15.70
C GLU A 157 4.76 18.06 -16.91
N GLU A 158 4.95 19.31 -17.31
CA GLU A 158 4.23 19.86 -18.45
C GLU A 158 5.07 19.77 -19.72
N GLY A 159 4.41 19.54 -20.85
CA GLY A 159 5.11 19.44 -22.12
C GLY A 159 6.07 18.26 -22.16
N GLU A 160 6.05 17.46 -21.10
CA GLU A 160 6.93 16.29 -21.01
C GLU A 160 6.14 15.03 -20.69
N SER A 161 6.84 13.92 -20.53
CA SER A 161 6.19 12.64 -20.22
C SER A 161 7.24 11.55 -20.03
N LYS A 162 7.47 11.17 -18.77
CA LYS A 162 8.44 10.13 -18.45
C LYS A 162 7.74 8.84 -18.05
N ALA A 163 8.52 7.84 -17.65
CA ALA A 163 7.98 6.57 -17.23
C ALA A 163 9.04 5.70 -16.57
N PHE A 164 8.85 5.40 -15.29
CA PHE A 164 9.80 4.59 -14.53
C PHE A 164 9.93 3.21 -15.16
N GLU A 165 10.95 3.04 -16.00
CA GLU A 165 11.19 1.76 -16.67
C GLU A 165 12.50 1.15 -16.20
N PRO A 166 12.42 0.22 -15.23
CA PRO A 166 13.59 -0.46 -14.67
C PRO A 166 14.22 -1.43 -15.68
N TRP A 167 14.75 -0.89 -16.76
CA TRP A 167 15.37 -1.70 -17.80
C TRP A 167 16.47 -2.58 -17.19
N GLU A 168 17.04 -2.13 -16.09
CA GLU A 168 18.10 -2.87 -15.42
C GLU A 168 17.58 -4.21 -14.89
N ASP A 169 16.33 -4.20 -14.42
CA ASP A 169 15.71 -5.41 -13.89
C ASP A 169 14.25 -5.17 -13.54
N ILE A 170 13.35 -5.80 -14.29
CA ILE A 170 11.92 -5.65 -14.07
C ILE A 170 11.40 -6.73 -13.14
N GLN A 171 11.81 -7.97 -13.39
CA GLN A 171 11.39 -9.10 -12.57
C GLN A 171 12.40 -9.39 -11.48
N GLU A 172 13.68 -9.32 -11.82
CA GLU A 172 14.75 -9.58 -10.86
C GLU A 172 14.51 -8.80 -9.57
N ASN A 173 13.85 -7.66 -9.68
CA ASN A 173 13.57 -6.83 -8.51
C ASN A 173 12.29 -7.30 -7.81
N PHE A 174 11.18 -7.27 -8.54
CA PHE A 174 9.89 -7.67 -7.99
C PHE A 174 10.02 -9.02 -7.27
N LEU A 175 10.85 -9.90 -7.81
CA LEU A 175 11.06 -11.21 -7.21
C LEU A 175 11.82 -11.10 -5.89
N TYR A 176 13.03 -10.56 -5.94
CA TYR A 176 13.85 -10.40 -4.75
C TYR A 176 12.99 -10.06 -3.54
N TYR A 177 11.91 -9.33 -3.78
CA TYR A 177 11.00 -8.94 -2.71
C TYR A 177 9.89 -9.97 -2.53
N GLU A 178 9.38 -10.48 -3.65
CA GLU A 178 8.31 -11.46 -3.61
C GLU A 178 8.61 -12.56 -2.60
N GLU A 179 9.88 -12.95 -2.53
CA GLU A 179 10.31 -13.99 -1.59
C GLU A 179 10.28 -13.48 -0.16
N LYS A 180 10.47 -12.18 0.01
CA LYS A 180 10.47 -11.57 1.34
C LYS A 180 9.06 -11.56 1.92
N LEU A 181 8.15 -10.89 1.24
CA LEU A 181 6.76 -10.81 1.69
C LEU A 181 6.20 -12.20 1.95
N ALA A 182 6.42 -13.11 1.02
CA ALA A 182 5.94 -14.48 1.16
C ALA A 182 6.71 -15.24 2.23
N ASP A 183 8.03 -15.06 2.24
CA ASP A 183 8.88 -15.73 3.21
C ASP A 183 8.22 -15.75 4.59
N ILE A 184 7.86 -14.56 5.09
CA ILE A 184 7.24 -14.45 6.39
C ILE A 184 6.10 -15.46 6.55
N LEU A 185 5.21 -15.50 5.57
CA LEU A 185 4.08 -16.43 5.60
C LEU A 185 4.56 -17.86 5.89
N LYS A 186 5.67 -18.23 5.27
CA LYS A 186 6.23 -19.56 5.47
C LYS A 186 7.49 -19.51 6.32
N SER A 187 7.37 -19.95 7.57
CA SER A 187 8.51 -19.93 8.50
C SER A 187 8.86 -21.36 8.93
N GLY A 188 10.15 -21.66 8.97
CA GLY A 188 10.60 -22.97 9.37
C GLY A 188 10.97 -23.85 8.19
N PRO A 189 11.57 -25.02 8.46
CA PRO A 189 11.98 -25.96 7.43
C PRO A 189 10.80 -26.63 6.74
N SER A 190 9.83 -27.07 7.54
CA SER A 190 8.65 -27.73 7.01
C SER A 190 9.01 -29.04 6.32
N SER A 191 9.88 -29.81 6.95
CA SER A 191 10.31 -31.09 6.40
C SER A 191 9.90 -32.24 7.31
N GLY A 192 8.60 -32.48 7.40
CA GLY A 192 8.09 -33.56 8.23
C GLY A 192 7.97 -34.87 7.48
N GLY A 1 -7.98 16.11 4.00
CA GLY A 1 -9.23 16.86 4.06
C GLY A 1 -9.02 18.35 3.92
N SER A 2 -7.86 18.83 4.34
CA SER A 2 -7.55 20.25 4.27
C SER A 2 -6.18 20.47 3.63
N SER A 3 -5.57 19.38 3.18
CA SER A 3 -4.25 19.46 2.54
C SER A 3 -4.34 19.05 1.08
N GLY A 4 -3.60 19.77 0.23
CA GLY A 4 -3.61 19.46 -1.19
C GLY A 4 -4.96 19.69 -1.82
N SER A 5 -4.96 20.02 -3.12
CA SER A 5 -6.20 20.27 -3.84
C SER A 5 -6.50 19.14 -4.81
N SER A 6 -5.72 18.06 -4.71
CA SER A 6 -5.91 16.90 -5.58
C SER A 6 -5.51 15.62 -4.86
N GLY A 7 -5.86 14.47 -5.45
CA GLY A 7 -5.54 13.20 -4.85
C GLY A 7 -4.26 12.59 -5.43
N ARG A 8 -3.55 13.38 -6.23
CA ARG A 8 -2.32 12.92 -6.85
C ARG A 8 -1.19 13.92 -6.62
N LEU A 9 0.03 13.53 -7.00
CA LEU A 9 1.19 14.39 -6.83
C LEU A 9 1.83 14.71 -8.19
N PRO A 10 2.31 15.94 -8.33
CA PRO A 10 2.96 16.41 -9.57
C PRO A 10 4.32 15.73 -9.80
N VAL A 11 4.49 15.14 -10.98
CA VAL A 11 5.74 14.47 -11.32
C VAL A 11 6.94 15.29 -10.87
N ASN A 12 7.03 16.52 -11.37
CA ASN A 12 8.14 17.40 -11.03
C ASN A 12 8.51 17.25 -9.55
N PHE A 13 7.51 16.96 -8.72
CA PHE A 13 7.74 16.79 -7.28
C PHE A 13 7.84 15.32 -6.92
N PHE A 14 6.74 14.59 -7.11
CA PHE A 14 6.70 13.16 -6.80
C PHE A 14 8.02 12.48 -7.20
N LYS A 15 8.67 13.03 -8.22
CA LYS A 15 9.93 12.48 -8.70
C LYS A 15 11.00 12.54 -7.62
N PHE A 16 11.09 13.68 -6.95
CA PHE A 16 12.07 13.88 -5.89
C PHE A 16 11.62 13.19 -4.60
N GLN A 17 10.35 13.38 -4.26
CA GLN A 17 9.79 12.78 -3.05
C GLN A 17 9.73 11.25 -3.17
N PHE A 18 9.57 10.77 -4.40
CA PHE A 18 9.50 9.33 -4.65
C PHE A 18 10.79 8.84 -5.30
N ARG A 19 11.69 9.76 -5.61
CA ARG A 19 12.96 9.41 -6.23
C ARG A 19 13.47 8.06 -5.73
N ASN A 20 13.60 7.11 -6.64
CA ASN A 20 14.07 5.78 -6.29
C ASN A 20 15.21 5.85 -5.28
N VAL A 21 15.31 4.83 -4.43
CA VAL A 21 16.35 4.78 -3.42
C VAL A 21 17.18 3.50 -3.54
N GLU A 22 18.47 3.66 -3.84
CA GLU A 22 19.37 2.52 -4.00
C GLU A 22 19.81 2.01 -2.63
N TYR A 23 20.05 2.92 -1.71
CA TYR A 23 20.49 2.57 -0.36
C TYR A 23 19.30 2.31 0.55
N SER A 24 19.58 2.10 1.83
CA SER A 24 18.53 1.84 2.81
C SER A 24 17.36 2.80 2.62
N SER A 25 16.14 2.26 2.68
CA SER A 25 14.94 3.07 2.51
C SER A 25 14.43 3.56 3.86
N GLY A 26 13.38 4.37 3.82
CA GLY A 26 12.80 4.91 5.05
C GLY A 26 12.74 6.42 5.04
N ARG A 27 11.68 6.96 4.45
CA ARG A 27 11.51 8.41 4.39
C ARG A 27 10.63 8.91 5.53
N ASN A 28 10.33 10.21 5.51
CA ASN A 28 9.49 10.81 6.55
C ASN A 28 8.14 11.23 5.97
N LYS A 29 7.11 11.23 6.82
CA LYS A 29 5.78 11.62 6.40
C LYS A 29 5.41 10.95 5.08
N THR A 30 5.98 9.79 4.83
CA THR A 30 5.72 9.06 3.59
C THR A 30 4.24 9.13 3.21
N PHE A 31 3.97 9.16 1.92
CA PHE A 31 2.60 9.23 1.42
C PHE A 31 2.15 7.89 0.85
N LEU A 32 1.04 7.37 1.36
CA LEU A 32 0.51 6.09 0.90
C LEU A 32 -0.78 6.29 0.12
N CYS A 33 -0.81 5.78 -1.11
CA CYS A 33 -1.99 5.90 -1.96
C CYS A 33 -3.03 4.85 -1.60
N TYR A 34 -4.30 5.23 -1.64
CA TYR A 34 -5.39 4.31 -1.32
C TYR A 34 -6.50 4.41 -2.36
N VAL A 35 -6.98 3.25 -2.80
CA VAL A 35 -8.05 3.21 -3.79
C VAL A 35 -9.18 2.28 -3.34
N VAL A 36 -10.29 2.89 -2.93
CA VAL A 36 -11.45 2.13 -2.47
C VAL A 36 -12.55 2.11 -3.52
N GLU A 37 -12.96 0.91 -3.93
CA GLU A 37 -14.00 0.75 -4.93
C GLU A 37 -15.16 -0.08 -4.39
N VAL A 38 -16.27 0.58 -4.08
CA VAL A 38 -17.45 -0.11 -3.56
C VAL A 38 -18.44 -0.42 -4.68
N GLN A 39 -19.34 -1.37 -4.41
CA GLN A 39 -20.34 -1.76 -5.39
C GLN A 39 -21.60 -2.27 -4.70
N SER A 40 -22.70 -2.29 -5.44
CA SER A 40 -23.98 -2.75 -4.90
C SER A 40 -24.69 -3.68 -5.87
N LYS A 41 -24.38 -4.97 -5.78
CA LYS A 41 -24.99 -5.97 -6.66
C LYS A 41 -24.74 -5.63 -8.12
N GLY A 42 -23.67 -4.87 -8.38
CA GLY A 42 -23.35 -4.49 -9.74
C GLY A 42 -24.03 -3.21 -10.16
N GLY A 43 -24.69 -2.56 -9.22
CA GLY A 43 -25.39 -1.31 -9.52
C GLY A 43 -24.48 -0.11 -9.43
N GLN A 44 -24.60 0.64 -8.34
CA GLN A 44 -23.78 1.84 -8.14
C GLN A 44 -22.50 1.50 -7.38
N ALA A 45 -21.38 2.03 -7.86
CA ALA A 45 -20.09 1.79 -7.24
C ALA A 45 -19.37 3.09 -6.94
N GLN A 46 -18.86 3.23 -5.72
CA GLN A 46 -18.14 4.43 -5.31
C GLN A 46 -16.63 4.21 -5.37
N ALA A 47 -15.93 5.15 -6.00
CA ALA A 47 -14.48 5.06 -6.12
C ALA A 47 -13.80 6.24 -5.43
N THR A 48 -12.85 5.93 -4.54
CA THR A 48 -12.12 6.97 -3.82
C THR A 48 -10.62 6.86 -4.06
N GLN A 49 -9.92 7.98 -3.91
CA GLN A 49 -8.48 8.01 -4.11
C GLN A 49 -7.84 9.13 -3.31
N GLY A 50 -6.56 8.97 -2.98
CA GLY A 50 -5.85 9.98 -2.23
C GLY A 50 -4.72 9.41 -1.41
N TYR A 51 -3.85 10.28 -0.89
CA TYR A 51 -2.72 9.84 -0.09
C TYR A 51 -2.93 10.21 1.38
N LEU A 52 -2.31 9.44 2.26
CA LEU A 52 -2.43 9.67 3.70
C LEU A 52 -1.10 10.17 4.28
N GLU A 53 -1.17 10.79 5.45
CA GLU A 53 0.03 11.30 6.11
C GLU A 53 0.33 10.51 7.37
N ASP A 54 1.57 10.05 7.48
CA ASP A 54 2.00 9.27 8.64
C ASP A 54 2.25 10.17 9.84
N GLU A 55 1.51 9.93 10.92
CA GLU A 55 1.65 10.73 12.13
C GLU A 55 2.97 10.44 12.82
N HIS A 56 3.73 11.49 13.11
CA HIS A 56 5.02 11.36 13.79
C HIS A 56 4.91 10.41 14.99
N ALA A 57 3.77 10.47 15.67
CA ALA A 57 3.55 9.63 16.84
C ALA A 57 2.05 9.47 17.11
N GLY A 58 1.43 8.49 16.46
CA GLY A 58 0.02 8.25 16.64
C GLY A 58 -0.52 7.21 15.67
N ALA A 59 -1.17 7.68 14.61
CA ALA A 59 -1.74 6.79 13.61
C ALA A 59 -0.90 6.78 12.34
N HIS A 60 -0.28 5.65 12.05
CA HIS A 60 0.55 5.54 10.86
C HIS A 60 -0.33 5.64 9.61
N ALA A 61 0.26 6.21 8.56
CA ALA A 61 -0.45 6.37 7.29
C ALA A 61 -1.42 5.22 7.05
N GLU A 62 -0.99 4.01 7.40
CA GLU A 62 -1.82 2.82 7.21
C GLU A 62 -3.11 2.93 8.03
N GLU A 63 -2.96 3.16 9.33
CA GLU A 63 -4.11 3.28 10.22
C GLU A 63 -4.96 4.49 9.85
N ALA A 64 -4.32 5.65 9.76
CA ALA A 64 -5.01 6.88 9.42
C ALA A 64 -6.11 6.63 8.38
N PHE A 65 -5.88 5.64 7.53
CA PHE A 65 -6.84 5.29 6.49
C PHE A 65 -8.21 4.95 7.10
N PHE A 66 -8.30 3.78 7.72
CA PHE A 66 -9.54 3.35 8.34
C PHE A 66 -9.95 4.29 9.46
N ASN A 67 -9.07 5.23 9.80
CA ASN A 67 -9.33 6.19 10.86
C ASN A 67 -10.26 7.30 10.37
N THR A 68 -10.07 7.71 9.11
CA THR A 68 -10.90 8.75 8.51
C THR A 68 -11.35 8.37 7.12
N ILE A 69 -10.44 7.78 6.35
CA ILE A 69 -10.75 7.36 4.99
C ILE A 69 -11.90 6.37 4.97
N LEU A 70 -11.62 5.15 5.39
CA LEU A 70 -12.63 4.09 5.42
C LEU A 70 -13.04 3.78 6.86
N PRO A 71 -13.82 4.68 7.47
CA PRO A 71 -14.31 4.52 8.84
C PRO A 71 -15.33 3.40 8.96
N ALA A 72 -16.27 3.36 8.02
CA ALA A 72 -17.32 2.34 8.03
C ALA A 72 -17.56 1.79 6.63
N PHE A 73 -18.12 0.59 6.55
CA PHE A 73 -18.39 -0.05 5.27
C PHE A 73 -19.73 -0.81 5.32
N ASP A 74 -20.44 -0.79 4.20
CA ASP A 74 -21.72 -1.48 4.11
C ASP A 74 -21.54 -2.97 3.86
N PRO A 75 -22.13 -3.79 4.73
CA PRO A 75 -22.04 -5.25 4.63
C PRO A 75 -22.81 -5.79 3.44
N ALA A 76 -23.28 -4.90 2.58
CA ALA A 76 -24.03 -5.29 1.40
C ALA A 76 -23.37 -4.78 0.12
N LEU A 77 -22.21 -4.15 0.28
CA LEU A 77 -21.46 -3.62 -0.86
C LEU A 77 -20.10 -4.30 -0.98
N LYS A 78 -19.50 -4.19 -2.16
CA LYS A 78 -18.20 -4.80 -2.42
C LYS A 78 -17.11 -3.73 -2.46
N TYR A 79 -16.50 -3.47 -1.31
CA TYR A 79 -15.43 -2.47 -1.21
C TYR A 79 -14.10 -3.06 -1.66
N ASN A 80 -13.45 -2.39 -2.59
CA ASN A 80 -12.16 -2.84 -3.10
C ASN A 80 -11.06 -1.83 -2.77
N VAL A 81 -10.38 -2.05 -1.65
CA VAL A 81 -9.31 -1.16 -1.22
C VAL A 81 -7.97 -1.61 -1.79
N THR A 82 -7.13 -0.65 -2.14
CA THR A 82 -5.81 -0.94 -2.70
C THR A 82 -4.78 0.08 -2.23
N TRP A 83 -3.79 -0.39 -1.48
CA TRP A 83 -2.73 0.48 -0.97
C TRP A 83 -1.47 0.34 -1.80
N TYR A 84 -0.79 1.46 -2.03
CA TYR A 84 0.44 1.47 -2.82
C TYR A 84 1.55 2.23 -2.10
N VAL A 85 2.42 1.49 -1.43
CA VAL A 85 3.53 2.10 -0.70
C VAL A 85 4.85 1.43 -1.05
N SER A 86 5.94 1.92 -0.46
CA SER A 86 7.26 1.38 -0.72
C SER A 86 7.81 0.69 0.52
N SER A 87 7.35 1.12 1.69
CA SER A 87 7.80 0.54 2.96
C SER A 87 6.70 -0.32 3.58
N SER A 88 7.09 -1.46 4.15
CA SER A 88 6.15 -2.37 4.77
C SER A 88 5.69 -1.83 6.13
N PRO A 89 4.42 -2.12 6.47
CA PRO A 89 3.84 -1.67 7.75
C PRO A 89 4.45 -2.40 8.95
N CYS A 90 4.37 -1.77 10.11
CA CYS A 90 4.91 -2.35 11.33
C CYS A 90 3.95 -3.40 11.91
N ALA A 91 4.44 -4.16 12.88
CA ALA A 91 3.63 -5.20 13.51
C ALA A 91 2.31 -4.62 14.02
N ALA A 92 2.25 -3.30 14.11
CA ALA A 92 1.04 -2.63 14.59
C ALA A 92 0.18 -2.16 13.42
N CYS A 93 0.82 -1.66 12.38
CA CYS A 93 0.10 -1.19 11.20
C CYS A 93 -0.73 -2.31 10.58
N ALA A 94 -0.11 -3.45 10.36
CA ALA A 94 -0.78 -4.60 9.78
C ALA A 94 -1.78 -5.22 10.76
N ASP A 95 -1.70 -4.79 12.02
CA ASP A 95 -2.59 -5.28 13.06
C ASP A 95 -4.01 -4.78 12.85
N ARG A 96 -4.22 -3.49 13.07
CA ARG A 96 -5.54 -2.88 12.90
C ARG A 96 -6.11 -3.20 11.53
N ILE A 97 -5.22 -3.50 10.57
CA ILE A 97 -5.65 -3.83 9.22
C ILE A 97 -6.24 -5.23 9.15
N LEU A 98 -5.61 -6.16 9.85
CA LEU A 98 -6.08 -7.54 9.87
C LEU A 98 -7.36 -7.67 10.68
N LYS A 99 -7.48 -6.86 11.72
CA LYS A 99 -8.66 -6.88 12.59
C LYS A 99 -9.88 -6.34 11.86
N THR A 100 -9.63 -5.62 10.77
CA THR A 100 -10.71 -5.04 9.97
C THR A 100 -11.18 -6.01 8.90
N LEU A 101 -10.32 -6.93 8.51
CA LEU A 101 -10.65 -7.92 7.49
C LEU A 101 -11.32 -9.13 8.11
N SER A 102 -10.85 -9.53 9.29
CA SER A 102 -11.40 -10.68 10.00
C SER A 102 -12.86 -10.45 10.36
N LYS A 103 -13.33 -9.22 10.15
CA LYS A 103 -14.71 -8.87 10.45
C LYS A 103 -15.46 -8.46 9.18
N THR A 104 -14.72 -7.89 8.22
CA THR A 104 -15.31 -7.46 6.96
C THR A 104 -14.82 -8.31 5.80
N LYS A 105 -15.71 -9.13 5.26
CA LYS A 105 -15.36 -10.01 4.14
C LYS A 105 -15.56 -9.28 2.81
N ASN A 106 -16.79 -8.85 2.55
CA ASN A 106 -17.11 -8.15 1.32
C ASN A 106 -16.03 -7.12 0.99
N LEU A 107 -15.29 -6.69 2.00
CA LEU A 107 -14.23 -5.70 1.82
C LEU A 107 -12.91 -6.39 1.48
N ARG A 108 -12.32 -6.01 0.35
CA ARG A 108 -11.06 -6.58 -0.09
C ARG A 108 -9.92 -5.58 0.08
N LEU A 109 -9.15 -5.75 1.15
CA LEU A 109 -8.01 -4.87 1.42
C LEU A 109 -6.75 -5.36 0.74
N LEU A 110 -6.06 -4.47 0.04
CA LEU A 110 -4.82 -4.82 -0.66
C LEU A 110 -3.70 -3.87 -0.27
N ILE A 111 -2.48 -4.40 -0.20
CA ILE A 111 -1.32 -3.60 0.14
C ILE A 111 -0.06 -4.13 -0.53
N LEU A 112 0.66 -3.24 -1.21
CA LEU A 112 1.89 -3.62 -1.90
C LEU A 112 3.07 -2.80 -1.39
N VAL A 113 4.27 -3.37 -1.51
CA VAL A 113 5.48 -2.70 -1.07
C VAL A 113 6.66 -3.02 -1.98
N SER A 114 7.19 -1.99 -2.64
CA SER A 114 8.32 -2.16 -3.55
C SER A 114 9.58 -2.54 -2.78
N ARG A 115 9.51 -2.47 -1.46
CA ARG A 115 10.65 -2.81 -0.61
C ARG A 115 10.18 -3.28 0.76
N LEU A 116 10.72 -4.42 1.20
CA LEU A 116 10.37 -4.98 2.49
C LEU A 116 11.19 -4.35 3.62
N PHE A 117 10.52 -3.92 4.68
CA PHE A 117 11.20 -3.30 5.81
C PHE A 117 11.03 -4.15 7.06
N MET A 118 12.02 -4.10 7.94
CA MET A 118 11.99 -4.87 9.18
C MET A 118 11.27 -6.20 8.98
N TRP A 119 11.57 -6.85 7.87
CA TRP A 119 10.95 -8.15 7.57
C TRP A 119 11.73 -9.29 8.21
N GLU A 120 12.40 -9.00 9.32
CA GLU A 120 13.18 -9.99 10.03
C GLU A 120 12.71 -10.12 11.48
N GLU A 121 11.92 -9.15 11.93
CA GLU A 121 11.40 -9.16 13.28
C GLU A 121 10.47 -10.35 13.51
N PRO A 122 10.53 -10.93 14.72
CA PRO A 122 9.69 -12.08 15.09
C PRO A 122 8.22 -11.70 15.23
N GLU A 123 7.96 -10.40 15.29
CA GLU A 123 6.59 -9.91 15.44
C GLU A 123 6.00 -9.53 14.09
N VAL A 124 6.79 -8.83 13.27
CA VAL A 124 6.35 -8.41 11.95
C VAL A 124 5.73 -9.58 11.18
N GLN A 125 6.47 -10.67 11.09
CA GLN A 125 6.00 -11.86 10.38
C GLN A 125 4.68 -12.35 10.97
N ALA A 126 4.64 -12.50 12.28
CA ALA A 126 3.44 -12.96 12.97
C ALA A 126 2.34 -11.90 12.93
N ALA A 127 2.73 -10.66 12.66
CA ALA A 127 1.79 -9.56 12.60
C ALA A 127 1.32 -9.33 11.16
N LEU A 128 2.11 -9.79 10.21
CA LEU A 128 1.77 -9.62 8.79
C LEU A 128 0.98 -10.83 8.28
N LYS A 129 1.33 -12.01 8.78
CA LYS A 129 0.65 -13.24 8.38
C LYS A 129 -0.85 -13.09 8.49
N LYS A 130 -1.32 -12.62 9.64
CA LYS A 130 -2.74 -12.43 9.87
C LYS A 130 -3.42 -11.83 8.65
N LEU A 131 -2.75 -10.88 8.02
CA LEU A 131 -3.29 -10.22 6.83
C LEU A 131 -3.51 -11.23 5.70
N LYS A 132 -2.57 -12.16 5.56
CA LYS A 132 -2.67 -13.19 4.52
C LYS A 132 -3.58 -14.32 4.97
N GLU A 133 -3.82 -14.42 6.28
CA GLU A 133 -4.67 -15.45 6.83
C GLU A 133 -6.10 -14.94 6.99
N ALA A 134 -6.26 -13.63 7.03
CA ALA A 134 -7.57 -13.02 7.19
C ALA A 134 -8.25 -12.81 5.83
N GLY A 135 -7.44 -12.78 4.77
CA GLY A 135 -7.97 -12.58 3.44
C GLY A 135 -7.38 -11.36 2.75
N CYS A 136 -6.44 -10.70 3.43
CA CYS A 136 -5.81 -9.51 2.87
C CYS A 136 -4.94 -9.86 1.67
N LYS A 137 -4.69 -8.86 0.82
CA LYS A 137 -3.87 -9.07 -0.37
C LYS A 137 -2.54 -8.34 -0.25
N LEU A 138 -1.46 -9.10 -0.32
CA LEU A 138 -0.12 -8.52 -0.23
C LEU A 138 0.74 -8.93 -1.43
N ARG A 139 1.26 -7.93 -2.14
CA ARG A 139 2.09 -8.17 -3.31
C ARG A 139 3.11 -7.06 -3.50
N ILE A 140 4.35 -7.44 -3.79
CA ILE A 140 5.42 -6.47 -4.00
C ILE A 140 5.09 -5.53 -5.15
N MET A 141 4.98 -4.24 -4.84
CA MET A 141 4.67 -3.24 -5.85
C MET A 141 5.29 -3.61 -7.19
N LYS A 142 4.48 -4.16 -8.08
CA LYS A 142 4.96 -4.56 -9.40
C LYS A 142 5.11 -3.34 -10.32
N PRO A 143 5.93 -3.49 -11.37
CA PRO A 143 6.18 -2.41 -12.33
C PRO A 143 4.97 -2.14 -13.20
N GLN A 144 3.92 -2.94 -13.03
CA GLN A 144 2.70 -2.77 -13.81
C GLN A 144 1.69 -1.89 -13.07
N ASP A 145 1.83 -1.83 -11.75
CA ASP A 145 0.94 -1.02 -10.94
C ASP A 145 1.37 0.45 -10.95
N PHE A 146 2.64 0.70 -10.62
CA PHE A 146 3.18 2.05 -10.59
C PHE A 146 2.59 2.89 -11.72
N GLU A 147 2.75 2.40 -12.96
CA GLU A 147 2.25 3.11 -14.13
C GLU A 147 0.93 3.82 -13.81
N TYR A 148 -0.09 3.04 -13.48
CA TYR A 148 -1.40 3.59 -13.15
C TYR A 148 -1.29 4.63 -12.04
N ILE A 149 -0.44 4.35 -11.06
CA ILE A 149 -0.23 5.27 -9.95
C ILE A 149 0.63 6.45 -10.35
N TRP A 150 1.28 6.34 -11.50
CA TRP A 150 2.15 7.39 -12.00
C TRP A 150 1.39 8.31 -12.96
N GLN A 151 0.40 7.74 -13.64
CA GLN A 151 -0.40 8.51 -14.59
C GLN A 151 -1.70 9.00 -13.94
N ASN A 152 -2.09 8.35 -12.85
CA ASN A 152 -3.31 8.72 -12.14
C ASN A 152 -2.98 9.38 -10.80
N PHE A 153 -2.38 8.62 -9.91
CA PHE A 153 -2.01 9.13 -8.59
C PHE A 153 -0.94 10.21 -8.71
N VAL A 154 -0.45 10.42 -9.92
CA VAL A 154 0.59 11.42 -10.17
C VAL A 154 0.26 12.24 -11.41
N GLU A 155 0.24 13.56 -11.26
CA GLU A 155 -0.05 14.46 -12.38
C GLU A 155 1.16 14.58 -13.30
N GLN A 156 1.01 14.09 -14.52
CA GLN A 156 2.09 14.15 -15.50
C GLN A 156 2.46 15.60 -15.82
N GLU A 157 3.61 15.78 -16.46
CA GLU A 157 4.08 17.12 -16.81
C GLU A 157 3.15 17.77 -17.83
N GLU A 158 3.27 19.08 -17.96
CA GLU A 158 2.43 19.83 -18.89
C GLU A 158 3.05 19.83 -20.30
N GLY A 159 2.28 19.35 -21.27
CA GLY A 159 2.76 19.30 -22.63
C GLY A 159 3.62 18.08 -22.91
N GLU A 160 4.29 17.59 -21.87
CA GLU A 160 5.15 16.43 -22.00
C GLU A 160 4.36 15.14 -21.78
N SER A 161 5.06 14.01 -21.78
CA SER A 161 4.42 12.71 -21.58
C SER A 161 5.47 11.62 -21.42
N LYS A 162 5.63 11.13 -20.20
CA LYS A 162 6.59 10.06 -19.92
C LYS A 162 5.89 8.81 -19.42
N ALA A 163 6.68 7.80 -19.05
CA ALA A 163 6.13 6.55 -18.56
C ALA A 163 7.17 5.77 -17.75
N PHE A 164 6.82 5.43 -16.51
CA PHE A 164 7.73 4.69 -15.65
C PHE A 164 8.28 3.46 -16.35
N GLU A 165 9.46 3.60 -16.94
CA GLU A 165 10.10 2.50 -17.65
C GLU A 165 11.26 1.93 -16.85
N PRO A 166 11.01 0.83 -16.12
CA PRO A 166 12.01 0.17 -15.29
C PRO A 166 13.07 -0.53 -16.13
N TRP A 167 14.27 0.05 -16.16
CA TRP A 167 15.37 -0.52 -16.94
C TRP A 167 16.27 -1.37 -16.04
N GLU A 168 16.44 -0.94 -14.80
CA GLU A 168 17.27 -1.66 -13.84
C GLU A 168 16.89 -3.13 -13.79
N ASP A 169 15.64 -3.39 -13.42
CA ASP A 169 15.14 -4.76 -13.33
C ASP A 169 13.66 -4.78 -13.02
N ILE A 170 12.89 -5.49 -13.84
CA ILE A 170 11.44 -5.58 -13.66
C ILE A 170 11.08 -6.82 -12.85
N GLN A 171 11.67 -7.95 -13.20
CA GLN A 171 11.41 -9.20 -12.50
C GLN A 171 12.45 -9.45 -11.42
N GLU A 172 13.71 -9.23 -11.76
CA GLU A 172 14.82 -9.44 -10.81
C GLU A 172 14.54 -8.72 -9.51
N ASN A 173 14.17 -7.44 -9.60
CA ASN A 173 13.87 -6.64 -8.41
C ASN A 173 12.61 -7.14 -7.72
N PHE A 174 11.48 -7.01 -8.40
CA PHE A 174 10.20 -7.44 -7.85
C PHE A 174 10.34 -8.78 -7.15
N LEU A 175 11.16 -9.66 -7.71
CA LEU A 175 11.39 -10.98 -7.14
C LEU A 175 12.15 -10.88 -5.82
N TYR A 176 13.34 -10.28 -5.88
CA TYR A 176 14.16 -10.13 -4.69
C TYR A 176 13.30 -9.87 -3.46
N TYR A 177 12.21 -9.14 -3.64
CA TYR A 177 11.31 -8.83 -2.55
C TYR A 177 10.20 -9.86 -2.45
N GLU A 178 9.71 -10.32 -3.60
CA GLU A 178 8.64 -11.31 -3.63
C GLU A 178 8.95 -12.47 -2.69
N GLU A 179 10.23 -12.81 -2.55
CA GLU A 179 10.64 -13.89 -1.68
C GLU A 179 10.62 -13.46 -0.22
N LYS A 180 10.80 -12.17 0.01
CA LYS A 180 10.80 -11.62 1.37
C LYS A 180 9.38 -11.59 1.94
N LEU A 181 8.47 -10.97 1.21
CA LEU A 181 7.07 -10.88 1.63
C LEU A 181 6.49 -12.25 1.91
N ALA A 182 6.79 -13.21 1.02
CA ALA A 182 6.30 -14.57 1.19
C ALA A 182 6.96 -15.26 2.37
N ASP A 183 8.28 -15.14 2.47
CA ASP A 183 9.02 -15.75 3.57
C ASP A 183 8.20 -15.73 4.85
N ILE A 184 7.77 -14.55 5.26
CA ILE A 184 6.98 -14.40 6.48
C ILE A 184 5.81 -15.36 6.49
N LEU A 185 5.10 -15.44 5.36
CA LEU A 185 3.95 -16.33 5.24
C LEU A 185 4.38 -17.79 5.31
N LYS A 186 5.68 -18.03 5.18
CA LYS A 186 6.22 -19.38 5.23
C LYS A 186 7.33 -19.49 6.28
N SER A 187 7.99 -20.64 6.32
CA SER A 187 9.06 -20.87 7.27
C SER A 187 9.82 -22.15 6.95
N GLY A 188 10.88 -22.41 7.71
CA GLY A 188 11.68 -23.61 7.48
C GLY A 188 12.05 -24.30 8.77
N PRO A 189 12.37 -25.61 8.67
CA PRO A 189 12.76 -26.42 9.83
C PRO A 189 14.12 -26.02 10.38
N SER A 190 14.21 -25.90 11.70
CA SER A 190 15.46 -25.53 12.35
C SER A 190 15.89 -26.60 13.34
N SER A 191 16.78 -27.48 12.90
CA SER A 191 17.27 -28.56 13.76
C SER A 191 18.76 -28.37 14.07
N GLY A 192 19.37 -27.38 13.43
CA GLY A 192 20.78 -27.11 13.65
C GLY A 192 21.58 -27.18 12.37
N GLY A 1 -7.58 17.08 9.99
CA GLY A 1 -7.54 16.14 8.90
C GLY A 1 -8.73 16.29 7.96
N SER A 2 -8.91 17.50 7.44
CA SER A 2 -10.04 17.78 6.53
C SER A 2 -9.68 17.37 5.10
N SER A 3 -10.33 16.31 4.63
CA SER A 3 -10.09 15.81 3.27
C SER A 3 -10.73 16.73 2.24
N GLY A 4 -9.97 17.05 1.19
CA GLY A 4 -10.48 17.91 0.14
C GLY A 4 -9.39 18.42 -0.78
N SER A 5 -8.96 17.56 -1.71
CA SER A 5 -7.90 17.91 -2.65
C SER A 5 -7.90 16.96 -3.84
N SER A 6 -7.13 17.31 -4.87
CA SER A 6 -7.04 16.49 -6.07
C SER A 6 -6.92 15.01 -5.71
N GLY A 7 -5.77 14.63 -5.17
CA GLY A 7 -5.56 13.25 -4.78
C GLY A 7 -4.29 12.67 -5.39
N ARG A 8 -3.60 13.48 -6.20
CA ARG A 8 -2.37 13.04 -6.85
C ARG A 8 -1.26 14.06 -6.63
N LEU A 9 -0.04 13.67 -6.98
CA LEU A 9 1.12 14.55 -6.83
C LEU A 9 1.72 14.91 -8.19
N PRO A 10 2.19 16.15 -8.32
CA PRO A 10 2.79 16.65 -9.55
C PRO A 10 4.15 16.00 -9.84
N VAL A 11 4.23 15.27 -10.94
CA VAL A 11 5.47 14.60 -11.32
C VAL A 11 6.68 15.42 -10.92
N ASN A 12 6.81 16.61 -11.52
CA ASN A 12 7.94 17.49 -11.23
C ASN A 12 8.35 17.38 -9.77
N PHE A 13 7.36 17.34 -8.88
CA PHE A 13 7.62 17.24 -7.45
C PHE A 13 7.83 15.79 -7.04
N PHE A 14 6.86 14.93 -7.36
CA PHE A 14 6.95 13.52 -7.03
C PHE A 14 8.30 12.94 -7.44
N LYS A 15 8.97 13.62 -8.36
CA LYS A 15 10.27 13.18 -8.84
C LYS A 15 11.30 13.19 -7.72
N PHE A 16 11.25 14.23 -6.90
CA PHE A 16 12.18 14.38 -5.77
C PHE A 16 11.52 13.95 -4.46
N GLN A 17 10.21 13.69 -4.52
CA GLN A 17 9.46 13.28 -3.34
C GLN A 17 9.41 11.76 -3.24
N PHE A 18 8.80 11.12 -4.23
CA PHE A 18 8.68 9.67 -4.26
C PHE A 18 10.05 9.01 -4.46
N ARG A 19 10.99 9.78 -5.00
CA ARG A 19 12.33 9.27 -5.25
C ARG A 19 13.20 9.37 -4.00
N ASN A 20 12.92 8.52 -3.01
CA ASN A 20 13.67 8.52 -1.77
C ASN A 20 13.80 7.10 -1.21
N VAL A 21 15.03 6.61 -1.13
CA VAL A 21 15.29 5.28 -0.60
C VAL A 21 15.32 5.27 0.92
N GLU A 22 14.88 4.16 1.51
CA GLU A 22 14.85 4.02 2.95
C GLU A 22 16.26 4.07 3.53
N TYR A 23 17.18 3.36 2.88
CA TYR A 23 18.56 3.31 3.33
C TYR A 23 19.22 4.68 3.22
N SER A 24 18.78 5.46 2.23
CA SER A 24 19.34 6.79 2.01
C SER A 24 19.36 7.59 3.31
N SER A 25 20.15 8.66 3.32
CA SER A 25 20.28 9.51 4.50
C SER A 25 19.21 10.61 4.50
N GLY A 26 17.97 10.22 4.81
CA GLY A 26 16.88 11.17 4.84
C GLY A 26 15.60 10.57 5.39
N ARG A 27 14.99 11.25 6.35
CA ARG A 27 13.76 10.77 6.97
C ARG A 27 12.55 11.46 6.34
N ASN A 28 12.50 11.47 5.02
CA ASN A 28 11.39 12.09 4.29
C ASN A 28 10.06 11.48 4.72
N LYS A 29 8.97 12.10 4.28
CA LYS A 29 7.63 11.63 4.61
C LYS A 29 6.95 11.02 3.39
N THR A 30 6.97 9.70 3.30
CA THR A 30 6.36 9.00 2.18
C THR A 30 4.85 9.17 2.19
N PHE A 31 4.24 9.11 1.01
CA PHE A 31 2.79 9.26 0.88
C PHE A 31 2.15 7.95 0.45
N LEU A 32 1.18 7.49 1.24
CA LEU A 32 0.48 6.24 0.94
C LEU A 32 -0.82 6.52 0.19
N CYS A 33 -0.93 5.98 -1.03
CA CYS A 33 -2.11 6.16 -1.84
C CYS A 33 -3.08 5.01 -1.66
N TYR A 34 -4.32 5.33 -1.28
CA TYR A 34 -5.35 4.31 -1.07
C TYR A 34 -6.41 4.37 -2.16
N VAL A 35 -6.89 3.21 -2.58
CA VAL A 35 -7.92 3.12 -3.61
C VAL A 35 -9.08 2.25 -3.16
N VAL A 36 -10.17 2.89 -2.74
CA VAL A 36 -11.35 2.17 -2.30
C VAL A 36 -12.43 2.15 -3.38
N GLU A 37 -12.87 0.95 -3.76
CA GLU A 37 -13.89 0.80 -4.78
C GLU A 37 -15.07 0.00 -4.25
N VAL A 38 -16.18 0.69 -3.98
CA VAL A 38 -17.38 0.04 -3.47
C VAL A 38 -18.36 -0.29 -4.59
N GLN A 39 -19.28 -1.20 -4.33
CA GLN A 39 -20.27 -1.61 -5.32
C GLN A 39 -21.55 -2.07 -4.65
N SER A 40 -22.64 -2.11 -5.41
CA SER A 40 -23.93 -2.52 -4.89
C SER A 40 -24.64 -3.45 -5.88
N LYS A 41 -25.64 -4.17 -5.38
CA LYS A 41 -26.41 -5.10 -6.21
C LYS A 41 -26.84 -4.43 -7.52
N GLY A 42 -26.87 -3.09 -7.51
CA GLY A 42 -27.27 -2.37 -8.70
C GLY A 42 -26.13 -2.20 -9.68
N GLY A 43 -25.73 -0.96 -9.90
CA GLY A 43 -24.64 -0.68 -10.83
C GLY A 43 -23.86 0.57 -10.46
N GLN A 44 -24.10 1.08 -9.26
CA GLN A 44 -23.41 2.28 -8.80
C GLN A 44 -22.28 1.92 -7.84
N ALA A 45 -21.10 2.50 -8.09
CA ALA A 45 -19.94 2.23 -7.25
C ALA A 45 -19.23 3.54 -6.88
N GLN A 46 -18.70 3.58 -5.66
CA GLN A 46 -18.00 4.78 -5.18
C GLN A 46 -16.51 4.53 -5.12
N ALA A 47 -15.75 5.22 -5.98
CA ALA A 47 -14.31 5.08 -6.02
C ALA A 47 -13.63 6.23 -5.29
N THR A 48 -12.69 5.90 -4.40
CA THR A 48 -11.96 6.90 -3.64
C THR A 48 -10.46 6.80 -3.88
N GLN A 49 -9.77 7.93 -3.81
CA GLN A 49 -8.33 7.97 -4.02
C GLN A 49 -7.71 9.15 -3.29
N GLY A 50 -6.45 8.99 -2.87
CA GLY A 50 -5.76 10.06 -2.16
C GLY A 50 -4.57 9.56 -1.38
N TYR A 51 -3.77 10.49 -0.86
CA TYR A 51 -2.59 10.13 -0.09
C TYR A 51 -2.79 10.45 1.39
N LEU A 52 -2.34 9.54 2.25
CA LEU A 52 -2.47 9.71 3.70
C LEU A 52 -1.14 10.16 4.30
N GLU A 53 -1.19 10.62 5.55
CA GLU A 53 0.00 11.07 6.24
C GLU A 53 0.30 10.19 7.45
N ASP A 54 1.57 9.81 7.61
CA ASP A 54 1.99 8.97 8.71
C ASP A 54 2.32 9.81 9.95
N GLU A 55 1.48 9.73 10.96
CA GLU A 55 1.67 10.49 12.19
C GLU A 55 3.02 10.14 12.82
N HIS A 56 3.82 11.16 13.09
CA HIS A 56 5.13 10.98 13.69
C HIS A 56 5.05 10.05 14.91
N ALA A 57 3.94 10.13 15.63
CA ALA A 57 3.73 9.29 16.81
C ALA A 57 2.25 9.15 17.12
N GLY A 58 1.57 8.30 16.37
CA GLY A 58 0.15 8.09 16.58
C GLY A 58 -0.46 7.13 15.58
N ALA A 59 -1.12 7.69 14.57
CA ALA A 59 -1.75 6.87 13.53
C ALA A 59 -1.06 7.07 12.19
N HIS A 60 -0.34 6.06 11.75
CA HIS A 60 0.35 6.14 10.47
C HIS A 60 -0.65 6.30 9.34
N ALA A 61 -0.13 6.37 8.12
CA ALA A 61 -0.97 6.52 6.93
C ALA A 61 -1.95 5.37 6.80
N GLU A 62 -1.50 4.17 7.16
CA GLU A 62 -2.34 2.98 7.07
C GLU A 62 -3.47 3.05 8.10
N GLU A 63 -3.13 3.39 9.33
CA GLU A 63 -4.13 3.48 10.40
C GLU A 63 -5.09 4.64 10.14
N ALA A 64 -4.54 5.82 9.91
CA ALA A 64 -5.35 7.00 9.64
C ALA A 64 -6.44 6.70 8.63
N PHE A 65 -6.21 5.70 7.80
CA PHE A 65 -7.18 5.30 6.77
C PHE A 65 -8.53 4.98 7.41
N PHE A 66 -8.61 3.82 8.06
CA PHE A 66 -9.84 3.39 8.71
C PHE A 66 -10.25 4.36 9.81
N ASN A 67 -9.37 5.32 10.10
CA ASN A 67 -9.64 6.31 11.14
C ASN A 67 -10.57 7.39 10.62
N THR A 68 -10.36 7.80 9.37
CA THR A 68 -11.18 8.84 8.76
C THR A 68 -11.60 8.44 7.34
N ILE A 69 -10.66 7.86 6.59
CA ILE A 69 -10.93 7.44 5.22
C ILE A 69 -12.07 6.43 5.18
N LEU A 70 -11.80 5.21 5.65
CA LEU A 70 -12.81 4.16 5.66
C LEU A 70 -13.24 3.83 7.09
N PRO A 71 -14.05 4.73 7.67
CA PRO A 71 -14.56 4.56 9.04
C PRO A 71 -15.57 3.43 9.15
N ALA A 72 -16.46 3.34 8.17
CA ALA A 72 -17.48 2.29 8.15
C ALA A 72 -17.70 1.76 6.74
N PHE A 73 -18.28 0.58 6.64
CA PHE A 73 -18.55 -0.05 5.36
C PHE A 73 -19.90 -0.76 5.36
N ASP A 74 -20.63 -0.65 4.25
CA ASP A 74 -21.93 -1.28 4.13
C ASP A 74 -21.78 -2.78 3.88
N PRO A 75 -22.43 -3.58 4.74
CA PRO A 75 -22.40 -5.05 4.63
C PRO A 75 -23.16 -5.56 3.41
N ALA A 76 -23.57 -4.63 2.55
CA ALA A 76 -24.30 -5.00 1.33
C ALA A 76 -23.58 -4.51 0.09
N LEU A 77 -22.40 -3.93 0.28
CA LEU A 77 -21.60 -3.43 -0.83
C LEU A 77 -20.28 -4.17 -0.92
N LYS A 78 -19.56 -3.95 -2.02
CA LYS A 78 -18.26 -4.59 -2.24
C LYS A 78 -17.14 -3.55 -2.27
N TYR A 79 -16.56 -3.27 -1.12
CA TYR A 79 -15.48 -2.30 -1.03
C TYR A 79 -14.15 -2.93 -1.41
N ASN A 80 -13.45 -2.30 -2.35
CA ASN A 80 -12.17 -2.79 -2.83
C ASN A 80 -11.05 -1.80 -2.51
N VAL A 81 -10.41 -2.00 -1.36
CA VAL A 81 -9.32 -1.11 -0.94
C VAL A 81 -7.98 -1.61 -1.48
N THR A 82 -7.28 -0.72 -2.19
CA THR A 82 -5.97 -1.07 -2.75
C THR A 82 -4.92 -0.02 -2.39
N TRP A 83 -3.93 -0.44 -1.60
CA TRP A 83 -2.86 0.47 -1.19
C TRP A 83 -1.61 0.25 -2.03
N TYR A 84 -0.92 1.34 -2.34
CA TYR A 84 0.30 1.27 -3.15
C TYR A 84 1.41 2.10 -2.52
N VAL A 85 2.29 1.42 -1.79
CA VAL A 85 3.42 2.08 -1.13
C VAL A 85 4.73 1.37 -1.44
N SER A 86 5.83 1.90 -0.90
CA SER A 86 7.14 1.32 -1.11
C SER A 86 7.71 0.77 0.20
N SER A 87 7.06 1.11 1.31
CA SER A 87 7.50 0.65 2.62
C SER A 87 6.40 -0.16 3.30
N SER A 88 6.78 -1.33 3.82
CA SER A 88 5.83 -2.21 4.49
C SER A 88 5.40 -1.61 5.83
N PRO A 89 4.13 -1.84 6.19
CA PRO A 89 3.57 -1.32 7.44
C PRO A 89 4.14 -2.04 8.66
N CYS A 90 4.20 -1.33 9.79
CA CYS A 90 4.73 -1.89 11.03
C CYS A 90 3.85 -3.04 11.52
N ALA A 91 4.29 -3.69 12.59
CA ALA A 91 3.54 -4.81 13.16
C ALA A 91 2.22 -4.34 13.76
N ALA A 92 2.08 -3.02 13.90
CA ALA A 92 0.86 -2.44 14.46
C ALA A 92 -0.10 -2.00 13.35
N CYS A 93 0.47 -1.57 12.23
CA CYS A 93 -0.33 -1.12 11.10
C CYS A 93 -1.04 -2.30 10.43
N ALA A 94 -0.33 -3.41 10.30
CA ALA A 94 -0.88 -4.61 9.68
C ALA A 94 -1.80 -5.35 10.65
N ASP A 95 -1.76 -4.96 11.91
CA ASP A 95 -2.59 -5.58 12.93
C ASP A 95 -4.06 -5.23 12.72
N ARG A 96 -4.41 -3.99 13.04
CA ARG A 96 -5.79 -3.53 12.89
C ARG A 96 -6.35 -3.94 11.53
N ILE A 97 -5.52 -3.88 10.51
CA ILE A 97 -5.94 -4.25 9.16
C ILE A 97 -6.51 -5.67 9.13
N LEU A 98 -5.85 -6.57 9.85
CA LEU A 98 -6.28 -7.96 9.90
C LEU A 98 -7.60 -8.09 10.67
N LYS A 99 -7.77 -7.24 11.67
CA LYS A 99 -8.98 -7.26 12.48
C LYS A 99 -10.17 -6.71 11.70
N THR A 100 -9.88 -5.87 10.71
CA THR A 100 -10.93 -5.27 9.88
C THR A 100 -11.36 -6.23 8.77
N LEU A 101 -10.50 -7.19 8.45
CA LEU A 101 -10.79 -8.16 7.41
C LEU A 101 -11.51 -9.38 7.98
N SER A 102 -10.97 -9.91 9.07
CA SER A 102 -11.56 -11.08 9.73
C SER A 102 -13.03 -10.82 10.07
N LYS A 103 -13.43 -9.56 10.02
CA LYS A 103 -14.81 -9.19 10.32
C LYS A 103 -15.55 -8.77 9.06
N THR A 104 -14.85 -8.09 8.16
CA THR A 104 -15.43 -7.64 6.91
C THR A 104 -14.97 -8.50 5.73
N LYS A 105 -15.91 -9.22 5.13
CA LYS A 105 -15.61 -10.08 4.00
C LYS A 105 -15.72 -9.32 2.68
N ASN A 106 -16.92 -8.81 2.40
CA ASN A 106 -17.16 -8.06 1.17
C ASN A 106 -16.05 -7.03 0.94
N LEU A 107 -15.35 -6.68 2.01
CA LEU A 107 -14.26 -5.71 1.93
C LEU A 107 -12.94 -6.40 1.58
N ARG A 108 -12.34 -5.99 0.47
CA ARG A 108 -11.08 -6.56 0.03
C ARG A 108 -9.94 -5.53 0.12
N LEU A 109 -9.12 -5.67 1.15
CA LEU A 109 -8.01 -4.76 1.37
C LEU A 109 -6.72 -5.30 0.75
N LEU A 110 -6.05 -4.48 -0.05
CA LEU A 110 -4.82 -4.88 -0.71
C LEU A 110 -3.69 -3.91 -0.38
N ILE A 111 -2.46 -4.42 -0.40
CA ILE A 111 -1.30 -3.60 -0.11
C ILE A 111 -0.06 -4.10 -0.84
N LEU A 112 0.65 -3.19 -1.50
CA LEU A 112 1.85 -3.54 -2.24
C LEU A 112 3.05 -2.73 -1.77
N VAL A 113 4.22 -3.37 -1.73
CA VAL A 113 5.45 -2.70 -1.31
C VAL A 113 6.63 -3.11 -2.17
N SER A 114 7.28 -2.12 -2.77
CA SER A 114 8.42 -2.36 -3.64
C SER A 114 9.65 -2.74 -2.82
N ARG A 115 9.51 -2.70 -1.49
CA ARG A 115 10.61 -3.03 -0.59
C ARG A 115 10.08 -3.50 0.75
N LEU A 116 10.56 -4.65 1.21
CA LEU A 116 10.12 -5.21 2.49
C LEU A 116 10.95 -4.64 3.63
N PHE A 117 10.26 -4.08 4.63
CA PHE A 117 10.93 -3.49 5.78
C PHE A 117 10.76 -4.37 7.01
N MET A 118 11.79 -4.40 7.86
CA MET A 118 11.76 -5.20 9.07
C MET A 118 11.11 -6.55 8.81
N TRP A 119 11.54 -7.22 7.74
CA TRP A 119 11.01 -8.52 7.38
C TRP A 119 11.80 -9.65 8.05
N GLU A 120 12.48 -9.33 9.13
CA GLU A 120 13.30 -10.30 9.85
C GLU A 120 12.86 -10.39 11.31
N GLU A 121 12.31 -9.28 11.83
CA GLU A 121 11.88 -9.23 13.22
C GLU A 121 10.76 -10.25 13.47
N PRO A 122 10.78 -10.86 14.67
CA PRO A 122 9.78 -11.86 15.06
C PRO A 122 8.40 -11.25 15.27
N GLU A 123 8.33 -9.93 15.22
CA GLU A 123 7.07 -9.22 15.40
C GLU A 123 6.40 -8.91 14.06
N VAL A 124 7.23 -8.54 13.08
CA VAL A 124 6.73 -8.22 11.75
C VAL A 124 6.07 -9.43 11.10
N GLN A 125 6.86 -10.49 10.89
CA GLN A 125 6.35 -11.70 10.28
C GLN A 125 5.02 -12.12 10.89
N ALA A 126 5.01 -12.25 12.22
CA ALA A 126 3.80 -12.63 12.93
C ALA A 126 2.71 -11.56 12.80
N ALA A 127 3.13 -10.36 12.40
CA ALA A 127 2.19 -9.25 12.23
C ALA A 127 1.71 -9.16 10.79
N LEU A 128 2.50 -9.68 9.86
CA LEU A 128 2.15 -9.66 8.45
C LEU A 128 1.40 -10.93 8.05
N LYS A 129 1.53 -11.96 8.86
CA LYS A 129 0.87 -13.23 8.60
C LYS A 129 -0.64 -13.09 8.69
N LYS A 130 -1.11 -12.61 9.85
CA LYS A 130 -2.55 -12.42 10.07
C LYS A 130 -3.21 -11.82 8.83
N LEU A 131 -2.49 -10.93 8.14
CA LEU A 131 -3.02 -10.29 6.95
C LEU A 131 -3.32 -11.33 5.86
N LYS A 132 -2.43 -12.30 5.73
CA LYS A 132 -2.60 -13.36 4.73
C LYS A 132 -3.60 -14.40 5.21
N GLU A 133 -3.87 -14.41 6.51
CA GLU A 133 -4.81 -15.36 7.09
C GLU A 133 -6.21 -14.77 7.14
N ALA A 134 -6.29 -13.45 7.26
CA ALA A 134 -7.57 -12.75 7.31
C ALA A 134 -8.15 -12.57 5.92
N GLY A 135 -7.29 -12.65 4.91
CA GLY A 135 -7.74 -12.48 3.53
C GLY A 135 -7.04 -11.34 2.83
N CYS A 136 -6.37 -10.50 3.60
CA CYS A 136 -5.65 -9.35 3.03
C CYS A 136 -4.77 -9.79 1.87
N LYS A 137 -4.43 -8.83 1.01
CA LYS A 137 -3.59 -9.11 -0.16
C LYS A 137 -2.24 -8.42 -0.03
N LEU A 138 -1.18 -9.21 0.16
CA LEU A 138 0.16 -8.67 0.30
C LEU A 138 1.02 -9.05 -0.90
N ARG A 139 1.47 -8.04 -1.65
CA ARG A 139 2.30 -8.27 -2.82
C ARG A 139 3.41 -7.22 -2.91
N ILE A 140 4.30 -7.40 -3.88
CA ILE A 140 5.40 -6.47 -4.08
C ILE A 140 5.10 -5.49 -5.20
N MET A 141 4.99 -4.21 -4.85
CA MET A 141 4.71 -3.17 -5.83
C MET A 141 5.36 -3.49 -7.17
N LYS A 142 4.59 -4.14 -8.05
CA LYS A 142 5.10 -4.51 -9.36
C LYS A 142 5.28 -3.28 -10.25
N PRO A 143 6.20 -3.38 -11.22
CA PRO A 143 6.49 -2.27 -12.15
C PRO A 143 5.35 -2.02 -13.12
N GLN A 144 4.33 -2.88 -13.07
CA GLN A 144 3.17 -2.75 -13.95
C GLN A 144 2.07 -1.94 -13.28
N ASP A 145 2.09 -1.91 -11.96
CA ASP A 145 1.08 -1.17 -11.20
C ASP A 145 1.48 0.30 -11.06
N PHE A 146 2.75 0.53 -10.76
CA PHE A 146 3.26 1.89 -10.60
C PHE A 146 2.75 2.79 -11.72
N GLU A 147 2.96 2.39 -12.96
CA GLU A 147 2.53 3.16 -14.12
C GLU A 147 1.22 3.88 -13.82
N TYR A 148 0.20 3.12 -13.43
CA TYR A 148 -1.10 3.69 -13.12
C TYR A 148 -1.00 4.72 -12.01
N ILE A 149 -0.27 4.37 -10.95
CA ILE A 149 -0.09 5.26 -9.81
C ILE A 149 0.79 6.46 -10.19
N TRP A 150 1.51 6.32 -11.29
CA TRP A 150 2.40 7.39 -11.75
C TRP A 150 1.69 8.26 -12.78
N GLN A 151 0.75 7.67 -13.51
CA GLN A 151 0.00 8.40 -14.52
C GLN A 151 -1.34 8.89 -13.98
N ASN A 152 -1.78 8.27 -12.88
CA ASN A 152 -3.04 8.63 -12.26
C ASN A 152 -2.81 9.36 -10.94
N PHE A 153 -2.25 8.64 -9.98
CA PHE A 153 -1.98 9.22 -8.66
C PHE A 153 -0.91 10.30 -8.76
N VAL A 154 -0.35 10.47 -9.95
CA VAL A 154 0.68 11.47 -10.18
C VAL A 154 0.40 12.29 -11.44
N GLU A 155 0.31 13.60 -11.29
CA GLU A 155 0.04 14.49 -12.41
C GLU A 155 1.28 14.64 -13.30
N GLN A 156 1.20 14.11 -14.52
CA GLN A 156 2.30 14.17 -15.45
C GLN A 156 2.51 15.61 -15.95
N GLU A 157 3.70 15.88 -16.47
CA GLU A 157 4.03 17.21 -16.97
C GLU A 157 2.95 17.70 -17.93
N GLU A 158 2.91 19.02 -18.15
CA GLU A 158 1.93 19.60 -19.05
C GLU A 158 2.42 19.58 -20.49
N GLY A 159 1.59 19.04 -21.38
CA GLY A 159 1.96 18.95 -22.79
C GLY A 159 2.85 17.77 -23.08
N GLU A 160 3.65 17.37 -22.10
CA GLU A 160 4.55 16.23 -22.27
C GLU A 160 3.86 14.93 -21.93
N SER A 161 4.61 13.83 -21.98
CA SER A 161 4.06 12.51 -21.69
C SER A 161 5.18 11.50 -21.45
N LYS A 162 5.36 11.10 -20.21
CA LYS A 162 6.40 10.13 -19.86
C LYS A 162 5.78 8.84 -19.33
N ALA A 163 6.63 7.90 -18.92
CA ALA A 163 6.16 6.63 -18.40
C ALA A 163 7.30 5.87 -17.72
N PHE A 164 7.18 5.67 -16.42
CA PHE A 164 8.20 4.96 -15.66
C PHE A 164 8.35 3.52 -16.16
N GLU A 165 9.30 3.31 -17.07
CA GLU A 165 9.55 1.99 -17.63
C GLU A 165 10.94 1.49 -17.25
N PRO A 166 10.99 0.66 -16.19
CA PRO A 166 12.24 0.09 -15.70
C PRO A 166 12.83 -0.94 -16.66
N TRP A 167 13.83 -0.52 -17.43
CA TRP A 167 14.47 -1.41 -18.39
C TRP A 167 15.74 -2.03 -17.80
N GLU A 168 16.01 -1.71 -16.54
CA GLU A 168 17.19 -2.23 -15.86
C GLU A 168 16.87 -3.55 -15.14
N ASP A 169 15.67 -3.61 -14.55
CA ASP A 169 15.24 -4.81 -13.84
C ASP A 169 13.78 -4.68 -13.41
N ILE A 170 12.92 -5.43 -14.07
CA ILE A 170 11.49 -5.40 -13.76
C ILE A 170 11.12 -6.52 -12.79
N GLN A 171 11.48 -7.74 -13.13
CA GLN A 171 11.19 -8.89 -12.28
C GLN A 171 12.37 -9.22 -11.39
N GLU A 172 13.56 -8.76 -11.79
CA GLU A 172 14.78 -9.02 -11.03
C GLU A 172 14.60 -8.58 -9.58
N ASN A 173 14.38 -7.29 -9.37
CA ASN A 173 14.19 -6.75 -8.03
C ASN A 173 12.89 -7.24 -7.42
N PHE A 174 11.82 -7.22 -8.21
CA PHE A 174 10.52 -7.66 -7.75
C PHE A 174 10.60 -9.04 -7.12
N LEU A 175 11.30 -9.95 -7.79
CA LEU A 175 11.45 -11.32 -7.31
C LEU A 175 12.07 -11.33 -5.90
N TYR A 176 13.11 -10.54 -5.71
CA TYR A 176 13.78 -10.45 -4.42
C TYR A 176 12.79 -10.16 -3.31
N TYR A 177 12.16 -8.98 -3.39
CA TYR A 177 11.18 -8.58 -2.39
C TYR A 177 9.98 -9.53 -2.38
N GLU A 178 9.76 -10.22 -3.49
CA GLU A 178 8.66 -11.15 -3.62
C GLU A 178 8.85 -12.34 -2.69
N GLU A 179 10.08 -12.85 -2.64
CA GLU A 179 10.40 -14.00 -1.79
C GLU A 179 10.32 -13.62 -0.32
N LYS A 180 10.77 -12.41 -0.01
CA LYS A 180 10.77 -11.93 1.38
C LYS A 180 9.35 -12.00 1.97
N LEU A 181 8.43 -11.26 1.36
CA LEU A 181 7.05 -11.24 1.82
C LEU A 181 6.54 -12.66 2.08
N ALA A 182 6.75 -13.54 1.11
CA ALA A 182 6.33 -14.93 1.23
C ALA A 182 7.12 -15.66 2.31
N ASP A 183 8.38 -15.28 2.47
CA ASP A 183 9.24 -15.90 3.47
C ASP A 183 8.64 -15.76 4.87
N ILE A 184 7.82 -14.73 5.05
CA ILE A 184 7.19 -14.48 6.34
C ILE A 184 6.09 -15.50 6.62
N LEU A 185 5.38 -15.89 5.56
CA LEU A 185 4.30 -16.87 5.70
C LEU A 185 4.86 -18.28 5.82
N LYS A 186 5.97 -18.55 5.14
CA LYS A 186 6.60 -19.85 5.17
C LYS A 186 7.79 -19.85 6.14
N SER A 187 8.10 -18.69 6.69
CA SER A 187 9.20 -18.55 7.62
C SER A 187 10.40 -19.38 7.17
N GLY A 188 10.52 -19.55 5.85
CA GLY A 188 11.63 -20.32 5.31
C GLY A 188 12.92 -20.10 6.06
N PRO A 189 13.84 -21.07 5.97
CA PRO A 189 15.13 -21.01 6.64
C PRO A 189 16.05 -19.94 6.04
N SER A 190 17.19 -19.71 6.68
CA SER A 190 18.15 -18.71 6.21
C SER A 190 19.58 -19.20 6.42
N SER A 191 20.53 -18.46 5.86
CA SER A 191 21.94 -18.82 5.98
C SER A 191 22.76 -17.65 6.50
N GLY A 192 24.02 -17.91 6.82
CA GLY A 192 24.89 -16.86 7.33
C GLY A 192 25.03 -16.90 8.84
N GLY A 1 -6.97 19.96 6.23
CA GLY A 1 -7.71 20.38 7.40
C GLY A 1 -9.20 20.11 7.28
N SER A 2 -9.96 21.14 6.99
CA SER A 2 -11.42 21.01 6.84
C SER A 2 -11.78 20.46 5.47
N SER A 3 -10.76 20.20 4.65
CA SER A 3 -10.98 19.68 3.31
C SER A 3 -9.83 18.76 2.89
N GLY A 4 -10.03 18.03 1.81
CA GLY A 4 -9.01 17.12 1.32
C GLY A 4 -8.12 17.76 0.27
N SER A 5 -7.30 16.94 -0.38
CA SER A 5 -6.40 17.43 -1.41
C SER A 5 -6.65 16.73 -2.74
N SER A 6 -5.86 17.08 -3.75
CA SER A 6 -6.00 16.48 -5.07
C SER A 6 -6.16 14.97 -4.98
N GLY A 7 -5.14 14.30 -4.44
CA GLY A 7 -5.20 12.86 -4.31
C GLY A 7 -3.99 12.18 -4.92
N ARG A 8 -3.02 12.98 -5.36
CA ARG A 8 -1.81 12.44 -5.96
C ARG A 8 -0.57 13.13 -5.41
N LEU A 9 0.61 12.66 -5.84
CA LEU A 9 1.87 13.23 -5.37
C LEU A 9 2.53 14.03 -6.50
N PRO A 10 3.12 15.19 -6.13
CA PRO A 10 3.81 16.06 -7.09
C PRO A 10 5.11 15.45 -7.60
N VAL A 11 5.13 15.10 -8.88
CA VAL A 11 6.32 14.51 -9.49
C VAL A 11 7.59 15.07 -8.88
N ASN A 12 7.63 16.39 -8.73
CA ASN A 12 8.79 17.06 -8.16
C ASN A 12 9.20 16.41 -6.84
N PHE A 13 8.21 16.19 -5.97
CA PHE A 13 8.47 15.58 -4.67
C PHE A 13 8.83 14.11 -4.82
N PHE A 14 8.04 13.39 -5.62
CA PHE A 14 8.28 11.96 -5.86
C PHE A 14 9.71 11.72 -6.30
N LYS A 15 10.27 12.69 -7.03
CA LYS A 15 11.64 12.58 -7.52
C LYS A 15 12.62 12.37 -6.37
N PHE A 16 12.20 12.76 -5.16
CA PHE A 16 13.04 12.61 -3.98
C PHE A 16 12.69 11.34 -3.21
N GLN A 17 11.44 11.28 -2.74
CA GLN A 17 10.98 10.13 -1.98
C GLN A 17 11.05 8.85 -2.82
N PHE A 18 10.43 8.89 -4.00
CA PHE A 18 10.43 7.75 -4.90
C PHE A 18 11.73 7.66 -5.68
N ARG A 19 12.60 8.64 -5.49
CA ARG A 19 13.88 8.68 -6.17
C ARG A 19 14.44 7.27 -6.37
N ASN A 20 15.21 7.09 -7.44
CA ASN A 20 15.79 5.79 -7.74
C ASN A 20 16.43 5.18 -6.49
N VAL A 21 15.66 4.35 -5.79
CA VAL A 21 16.15 3.71 -4.58
C VAL A 21 16.03 2.19 -4.68
N GLU A 22 17.15 1.49 -4.50
CA GLU A 22 17.16 0.03 -4.57
C GLU A 22 17.80 -0.56 -3.32
N TYR A 23 17.80 0.20 -2.24
CA TYR A 23 18.38 -0.25 -0.98
C TYR A 23 17.37 -0.12 0.16
N SER A 24 16.81 1.06 0.32
CA SER A 24 15.83 1.31 1.37
C SER A 24 15.25 2.72 1.26
N SER A 25 14.03 2.89 1.75
CA SER A 25 13.36 4.19 1.70
C SER A 25 12.80 4.57 3.06
N GLY A 26 12.08 5.68 3.11
CA GLY A 26 11.49 6.13 4.37
C GLY A 26 12.40 7.06 5.13
N ARG A 27 12.40 8.33 4.74
CA ARG A 27 13.25 9.33 5.39
C ARG A 27 12.39 10.49 5.93
N ASN A 28 11.92 11.33 5.02
CA ASN A 28 11.09 12.47 5.40
C ASN A 28 9.67 12.04 5.71
N LYS A 29 8.89 11.76 4.68
CA LYS A 29 7.51 11.33 4.85
C LYS A 29 7.03 10.54 3.63
N THR A 30 6.56 9.32 3.88
CA THR A 30 6.07 8.46 2.81
C THR A 30 4.56 8.53 2.68
N PHE A 31 4.06 8.54 1.45
CA PHE A 31 2.63 8.61 1.20
C PHE A 31 2.09 7.26 0.73
N LEU A 32 0.96 6.84 1.31
CA LEU A 32 0.35 5.57 0.95
C LEU A 32 -0.91 5.79 0.13
N CYS A 33 -0.87 5.36 -1.13
CA CYS A 33 -2.02 5.51 -2.02
C CYS A 33 -3.07 4.45 -1.75
N TYR A 34 -4.32 4.87 -1.59
CA TYR A 34 -5.41 3.96 -1.32
C TYR A 34 -6.47 4.04 -2.41
N VAL A 35 -7.13 2.91 -2.66
CA VAL A 35 -8.17 2.84 -3.69
C VAL A 35 -9.33 1.96 -3.24
N VAL A 36 -10.44 2.58 -2.89
CA VAL A 36 -11.63 1.85 -2.45
C VAL A 36 -12.69 1.81 -3.54
N GLU A 37 -13.17 0.60 -3.84
CA GLU A 37 -14.19 0.43 -4.86
C GLU A 37 -15.37 -0.39 -4.33
N VAL A 38 -16.48 0.30 -4.07
CA VAL A 38 -17.67 -0.35 -3.56
C VAL A 38 -18.68 -0.64 -4.68
N GLN A 39 -19.54 -1.63 -4.46
CA GLN A 39 -20.54 -2.00 -5.45
C GLN A 39 -21.77 -2.61 -4.77
N SER A 40 -22.92 -2.45 -5.41
CA SER A 40 -24.17 -2.98 -4.88
C SER A 40 -24.83 -3.92 -5.88
N LYS A 41 -26.00 -4.45 -5.50
CA LYS A 41 -26.74 -5.36 -6.37
C LYS A 41 -27.39 -4.61 -7.53
N GLY A 42 -27.63 -3.32 -7.32
CA GLY A 42 -28.25 -2.51 -8.35
C GLY A 42 -27.31 -2.25 -9.52
N GLY A 43 -26.11 -1.78 -9.21
CA GLY A 43 -25.14 -1.49 -10.25
C GLY A 43 -24.30 -0.27 -9.94
N GLN A 44 -24.65 0.43 -8.86
CA GLN A 44 -23.92 1.62 -8.46
C GLN A 44 -22.66 1.26 -7.67
N ALA A 45 -21.54 1.84 -8.06
CA ALA A 45 -20.26 1.58 -7.39
C ALA A 45 -19.53 2.88 -7.07
N GLN A 46 -18.97 2.97 -5.88
CA GLN A 46 -18.24 4.16 -5.46
C GLN A 46 -16.74 3.91 -5.46
N ALA A 47 -16.00 4.81 -6.10
CA ALA A 47 -14.54 4.68 -6.18
C ALA A 47 -13.85 5.85 -5.48
N THR A 48 -12.86 5.54 -4.65
CA THR A 48 -12.12 6.57 -3.92
C THR A 48 -10.63 6.45 -4.18
N GLN A 49 -9.91 7.55 -3.96
CA GLN A 49 -8.46 7.58 -4.18
C GLN A 49 -7.81 8.65 -3.33
N GLY A 50 -6.50 8.53 -3.14
CA GLY A 50 -5.77 9.51 -2.34
C GLY A 50 -4.66 8.87 -1.54
N TYR A 51 -3.85 9.71 -0.89
CA TYR A 51 -2.74 9.23 -0.08
C TYR A 51 -3.04 9.36 1.41
N LEU A 52 -2.13 8.88 2.24
CA LEU A 52 -2.30 8.95 3.68
C LEU A 52 -1.03 9.44 4.36
N GLU A 53 -1.17 10.46 5.21
CA GLU A 53 -0.03 11.02 5.93
C GLU A 53 0.15 10.33 7.27
N ASP A 54 1.35 9.77 7.48
CA ASP A 54 1.66 9.08 8.73
C ASP A 54 1.86 10.07 9.86
N GLU A 55 1.10 9.89 10.94
CA GLU A 55 1.21 10.77 12.10
C GLU A 55 2.53 10.58 12.82
N HIS A 56 3.26 11.67 13.01
CA HIS A 56 4.56 11.63 13.68
C HIS A 56 4.48 10.78 14.95
N ALA A 57 3.31 10.79 15.59
CA ALA A 57 3.11 10.02 16.81
C ALA A 57 1.63 9.79 17.07
N GLY A 58 1.04 8.82 16.36
CA GLY A 58 -0.37 8.52 16.54
C GLY A 58 -0.84 7.41 15.62
N ALA A 59 -1.39 7.79 14.47
CA ALA A 59 -1.88 6.81 13.50
C ALA A 59 -1.05 6.84 12.22
N HIS A 60 -0.44 5.71 11.91
CA HIS A 60 0.39 5.63 10.71
C HIS A 60 -0.50 5.73 9.47
N ALA A 61 0.11 6.17 8.37
CA ALA A 61 -0.60 6.32 7.11
C ALA A 61 -1.62 5.21 6.91
N GLU A 62 -1.19 3.97 7.10
CA GLU A 62 -2.06 2.81 6.94
C GLU A 62 -3.31 2.96 7.79
N GLU A 63 -3.13 3.26 9.07
CA GLU A 63 -4.26 3.42 9.99
C GLU A 63 -5.14 4.59 9.55
N ALA A 64 -4.52 5.75 9.32
CA ALA A 64 -5.25 6.93 8.90
C ALA A 64 -6.33 6.59 7.88
N PHE A 65 -6.12 5.47 7.17
CA PHE A 65 -7.08 5.04 6.16
C PHE A 65 -8.47 4.90 6.74
N PHE A 66 -8.67 3.86 7.55
CA PHE A 66 -9.96 3.61 8.17
C PHE A 66 -10.33 4.75 9.13
N ASN A 67 -9.39 5.65 9.35
CA ASN A 67 -9.60 6.78 10.24
C ASN A 67 -10.40 7.87 9.55
N THR A 68 -10.15 8.06 8.26
CA THR A 68 -10.85 9.08 7.48
C THR A 68 -11.30 8.53 6.14
N ILE A 69 -10.44 7.74 5.51
CA ILE A 69 -10.74 7.15 4.22
C ILE A 69 -11.94 6.22 4.31
N LEU A 70 -11.73 5.06 4.93
CA LEU A 70 -12.80 4.08 5.09
C LEU A 70 -13.21 3.95 6.55
N PRO A 71 -13.98 4.94 7.04
CA PRO A 71 -14.45 4.97 8.42
C PRO A 71 -15.50 3.89 8.69
N ALA A 72 -16.34 3.63 7.70
CA ALA A 72 -17.39 2.62 7.83
C ALA A 72 -17.67 1.93 6.50
N PHE A 73 -18.26 0.75 6.55
CA PHE A 73 -18.58 -0.01 5.36
C PHE A 73 -19.92 -0.73 5.50
N ASP A 74 -20.62 -0.89 4.38
CA ASP A 74 -21.91 -1.57 4.39
C ASP A 74 -21.77 -3.01 3.90
N PRO A 75 -22.31 -3.96 4.70
CA PRO A 75 -22.26 -5.39 4.37
C PRO A 75 -23.15 -5.74 3.19
N ALA A 76 -23.71 -4.72 2.55
CA ALA A 76 -24.58 -4.93 1.40
C ALA A 76 -23.86 -4.59 0.10
N LEU A 77 -22.66 -4.03 0.22
CA LEU A 77 -21.87 -3.66 -0.95
C LEU A 77 -20.51 -4.36 -0.92
N LYS A 78 -19.87 -4.41 -2.08
CA LYS A 78 -18.56 -5.05 -2.20
C LYS A 78 -17.44 -4.01 -2.29
N TYR A 79 -16.83 -3.71 -1.14
CA TYR A 79 -15.75 -2.73 -1.09
C TYR A 79 -14.43 -3.35 -1.51
N ASN A 80 -13.74 -2.70 -2.46
CA ASN A 80 -12.46 -3.19 -2.94
C ASN A 80 -11.35 -2.19 -2.64
N VAL A 81 -10.68 -2.39 -1.51
CA VAL A 81 -9.59 -1.51 -1.09
C VAL A 81 -8.26 -1.98 -1.66
N THR A 82 -7.44 -1.04 -2.10
CA THR A 82 -6.13 -1.36 -2.67
C THR A 82 -5.09 -0.32 -2.27
N TRP A 83 -4.05 -0.76 -1.59
CA TRP A 83 -2.98 0.13 -1.16
C TRP A 83 -1.74 -0.04 -2.02
N TYR A 84 -1.14 1.07 -2.43
CA TYR A 84 0.05 1.04 -3.27
C TYR A 84 1.18 1.86 -2.64
N VAL A 85 2.09 1.17 -1.95
CA VAL A 85 3.21 1.84 -1.30
C VAL A 85 4.53 1.15 -1.66
N SER A 86 5.63 1.71 -1.16
CA SER A 86 6.95 1.15 -1.42
C SER A 86 7.47 0.39 -0.21
N SER A 87 7.23 0.95 0.98
CA SER A 87 7.67 0.33 2.22
C SER A 87 6.52 -0.43 2.89
N SER A 88 6.86 -1.55 3.54
CA SER A 88 5.86 -2.36 4.21
C SER A 88 5.50 -1.76 5.57
N PRO A 89 4.26 -2.02 6.01
CA PRO A 89 3.76 -1.51 7.29
C PRO A 89 4.43 -2.19 8.48
N CYS A 90 4.44 -1.50 9.62
CA CYS A 90 5.05 -2.03 10.83
C CYS A 90 4.16 -3.11 11.46
N ALA A 91 4.58 -3.61 12.61
CA ALA A 91 3.83 -4.65 13.30
C ALA A 91 2.51 -4.10 13.85
N ALA A 92 2.41 -2.78 13.91
CA ALA A 92 1.21 -2.13 14.41
C ALA A 92 0.28 -1.72 13.27
N CYS A 93 0.89 -1.32 12.15
CA CYS A 93 0.12 -0.91 10.97
C CYS A 93 -0.72 -2.07 10.43
N ALA A 94 -0.08 -3.23 10.28
CA ALA A 94 -0.76 -4.42 9.77
C ALA A 94 -1.72 -4.98 10.81
N ASP A 95 -1.62 -4.49 12.05
CA ASP A 95 -2.48 -4.95 13.12
C ASP A 95 -3.92 -4.47 12.91
N ARG A 96 -4.15 -3.18 13.09
CA ARG A 96 -5.47 -2.59 12.93
C ARG A 96 -6.05 -2.98 11.57
N ILE A 97 -5.19 -3.36 10.64
CA ILE A 97 -5.62 -3.75 9.30
C ILE A 97 -6.24 -5.14 9.31
N LEU A 98 -5.66 -6.04 10.09
CA LEU A 98 -6.16 -7.40 10.18
C LEU A 98 -7.43 -7.46 11.04
N LYS A 99 -7.53 -6.54 11.99
CA LYS A 99 -8.70 -6.48 12.87
C LYS A 99 -9.93 -6.03 12.12
N THR A 100 -9.72 -5.42 10.94
CA THR A 100 -10.81 -4.94 10.12
C THR A 100 -11.28 -6.02 9.15
N LEU A 101 -10.36 -6.86 8.71
CA LEU A 101 -10.68 -7.94 7.79
C LEU A 101 -11.37 -9.09 8.49
N SER A 102 -10.96 -9.34 9.74
CA SER A 102 -11.53 -10.43 10.53
C SER A 102 -12.98 -10.13 10.88
N LYS A 103 -13.42 -8.93 10.55
CA LYS A 103 -14.80 -8.51 10.83
C LYS A 103 -15.56 -8.24 9.54
N THR A 104 -14.86 -7.68 8.55
CA THR A 104 -15.47 -7.36 7.26
C THR A 104 -15.06 -8.37 6.20
N LYS A 105 -16.05 -9.04 5.61
CA LYS A 105 -15.79 -10.03 4.57
C LYS A 105 -15.94 -9.41 3.18
N ASN A 106 -17.13 -8.92 2.88
CA ASN A 106 -17.40 -8.31 1.58
C ASN A 106 -16.31 -7.29 1.22
N LEU A 107 -15.58 -6.84 2.23
CA LEU A 107 -14.51 -5.87 2.03
C LEU A 107 -13.20 -6.57 1.71
N ARG A 108 -12.64 -6.26 0.54
CA ARG A 108 -11.38 -6.86 0.13
C ARG A 108 -10.23 -5.86 0.28
N LEU A 109 -9.43 -6.05 1.33
CA LEU A 109 -8.30 -5.17 1.59
C LEU A 109 -7.04 -5.67 0.89
N LEU A 110 -6.45 -4.83 0.05
CA LEU A 110 -5.25 -5.20 -0.69
C LEU A 110 -4.13 -4.19 -0.42
N ILE A 111 -2.88 -4.67 -0.48
CA ILE A 111 -1.73 -3.81 -0.25
C ILE A 111 -0.52 -4.31 -1.04
N LEU A 112 0.22 -3.37 -1.64
CA LEU A 112 1.40 -3.70 -2.41
C LEU A 112 2.62 -2.93 -1.92
N VAL A 113 3.78 -3.58 -1.92
CA VAL A 113 5.00 -2.94 -1.48
C VAL A 113 6.17 -3.29 -2.40
N SER A 114 6.82 -2.27 -2.93
CA SER A 114 7.95 -2.45 -3.83
C SER A 114 9.13 -3.11 -3.11
N ARG A 115 9.35 -2.69 -1.87
CA ARG A 115 10.44 -3.23 -1.07
C ARG A 115 9.96 -3.57 0.34
N LEU A 116 10.41 -4.72 0.85
CA LEU A 116 10.03 -5.16 2.18
C LEU A 116 10.93 -4.53 3.24
N PHE A 117 10.32 -3.95 4.25
CA PHE A 117 11.06 -3.31 5.34
C PHE A 117 11.03 -4.17 6.60
N MET A 118 12.15 -4.20 7.32
CA MET A 118 12.25 -4.97 8.55
C MET A 118 11.42 -6.25 8.44
N TRP A 119 11.66 -7.03 7.39
CA TRP A 119 10.94 -8.28 7.17
C TRP A 119 11.66 -9.44 7.83
N GLU A 120 12.59 -9.13 8.73
CA GLU A 120 13.35 -10.14 9.44
C GLU A 120 13.05 -10.13 10.93
N GLU A 121 12.32 -9.10 11.37
CA GLU A 121 11.96 -8.96 12.76
C GLU A 121 10.89 -9.98 13.16
N PRO A 122 11.01 -10.51 14.39
CA PRO A 122 10.06 -11.51 14.91
C PRO A 122 8.69 -10.91 15.19
N GLU A 123 8.62 -9.58 15.19
CA GLU A 123 7.35 -8.89 15.44
C GLU A 123 6.67 -8.52 14.12
N VAL A 124 7.46 -8.36 13.07
CA VAL A 124 6.93 -8.01 11.76
C VAL A 124 6.22 -9.19 11.12
N GLN A 125 6.99 -10.25 10.84
CA GLN A 125 6.43 -11.45 10.22
C GLN A 125 5.15 -11.88 10.93
N ALA A 126 5.22 -12.02 12.25
CA ALA A 126 4.06 -12.42 13.04
C ALA A 126 2.96 -11.37 12.98
N ALA A 127 3.31 -10.17 12.52
CA ALA A 127 2.35 -9.09 12.41
C ALA A 127 1.75 -9.03 11.01
N LEU A 128 2.48 -9.57 10.03
CA LEU A 128 2.01 -9.57 8.65
C LEU A 128 1.27 -10.87 8.33
N LYS A 129 1.72 -11.97 8.94
CA LYS A 129 1.10 -13.26 8.72
C LYS A 129 -0.42 -13.18 8.87
N LYS A 130 -0.87 -12.77 10.04
CA LYS A 130 -2.29 -12.65 10.32
C LYS A 130 -3.03 -12.12 9.08
N LEU A 131 -2.59 -10.98 8.57
CA LEU A 131 -3.22 -10.38 7.40
C LEU A 131 -3.47 -11.43 6.32
N LYS A 132 -2.50 -12.33 6.14
CA LYS A 132 -2.62 -13.39 5.15
C LYS A 132 -3.54 -14.50 5.65
N GLU A 133 -3.69 -14.61 6.96
CA GLU A 133 -4.53 -15.63 7.56
C GLU A 133 -5.94 -15.09 7.81
N ALA A 134 -6.09 -13.77 7.70
CA ALA A 134 -7.39 -13.13 7.91
C ALA A 134 -8.13 -12.96 6.58
N GLY A 135 -7.38 -12.95 5.49
CA GLY A 135 -7.98 -12.78 4.18
C GLY A 135 -7.43 -11.59 3.43
N CYS A 136 -6.46 -10.91 4.03
CA CYS A 136 -5.84 -9.75 3.41
C CYS A 136 -5.03 -10.15 2.19
N LYS A 137 -4.80 -9.20 1.30
CA LYS A 137 -4.03 -9.44 0.08
C LYS A 137 -2.72 -8.67 0.09
N LEU A 138 -1.62 -9.38 0.28
CA LEU A 138 -0.29 -8.75 0.31
C LEU A 138 0.51 -9.14 -0.93
N ARG A 139 0.92 -8.13 -1.70
CA ARG A 139 1.69 -8.36 -2.91
C ARG A 139 2.85 -7.38 -3.00
N ILE A 140 3.70 -7.56 -4.00
CA ILE A 140 4.85 -6.69 -4.20
C ILE A 140 4.59 -5.69 -5.33
N MET A 141 4.41 -4.42 -4.96
CA MET A 141 4.16 -3.37 -5.93
C MET A 141 4.89 -3.66 -7.23
N LYS A 142 4.19 -4.27 -8.18
CA LYS A 142 4.77 -4.60 -9.48
C LYS A 142 4.96 -3.35 -10.33
N PRO A 143 5.82 -3.44 -11.34
CA PRO A 143 6.11 -2.33 -12.25
C PRO A 143 4.92 -2.00 -13.16
N GLN A 144 3.87 -2.80 -13.05
CA GLN A 144 2.68 -2.60 -13.87
C GLN A 144 1.79 -1.50 -13.27
N ASP A 145 1.71 -1.47 -11.94
CA ASP A 145 0.90 -0.48 -11.25
C ASP A 145 1.61 0.87 -11.21
N PHE A 146 2.90 0.84 -10.88
CA PHE A 146 3.69 2.06 -10.79
C PHE A 146 3.23 3.08 -11.85
N GLU A 147 3.50 2.77 -13.11
CA GLU A 147 3.12 3.65 -14.21
C GLU A 147 1.82 4.39 -13.88
N TYR A 148 0.72 3.64 -13.86
CA TYR A 148 -0.59 4.22 -13.57
C TYR A 148 -0.54 5.06 -12.30
N ILE A 149 0.22 4.60 -11.32
CA ILE A 149 0.35 5.32 -10.05
C ILE A 149 1.29 6.51 -10.19
N TRP A 150 2.09 6.51 -11.24
CA TRP A 150 3.03 7.61 -11.50
C TRP A 150 2.42 8.63 -12.46
N GLN A 151 1.44 8.20 -13.25
CA GLN A 151 0.78 9.07 -14.20
C GLN A 151 -0.54 9.60 -13.64
N ASN A 152 -1.12 8.84 -12.72
CA ASN A 152 -2.39 9.22 -12.10
C ASN A 152 -2.18 9.66 -10.65
N PHE A 153 -1.64 8.76 -9.84
CA PHE A 153 -1.39 9.05 -8.43
C PHE A 153 -0.23 10.03 -8.28
N VAL A 154 0.28 10.52 -9.41
CA VAL A 154 1.39 11.47 -9.40
C VAL A 154 1.16 12.59 -10.40
N GLU A 155 1.20 13.83 -9.91
CA GLU A 155 1.01 14.99 -10.78
C GLU A 155 2.24 15.24 -11.64
N GLN A 156 2.10 15.03 -12.95
CA GLN A 156 3.20 15.24 -13.88
C GLN A 156 3.31 16.71 -14.26
N GLU A 157 4.52 17.13 -14.61
CA GLU A 157 4.78 18.52 -14.99
C GLU A 157 4.01 18.87 -16.26
N GLU A 158 3.80 20.17 -16.46
CA GLU A 158 3.07 20.65 -17.63
C GLU A 158 4.01 20.75 -18.85
N GLY A 159 3.49 20.41 -20.02
CA GLY A 159 4.28 20.47 -21.23
C GLY A 159 5.18 19.26 -21.39
N GLU A 160 5.71 18.77 -20.28
CA GLU A 160 6.61 17.61 -20.31
C GLU A 160 5.81 16.32 -20.18
N SER A 161 6.52 15.20 -20.05
CA SER A 161 5.88 13.90 -19.92
C SER A 161 6.92 12.79 -19.74
N LYS A 162 6.99 12.24 -18.54
CA LYS A 162 7.94 11.17 -18.23
C LYS A 162 7.21 9.88 -17.90
N ALA A 163 7.98 8.86 -17.52
CA ALA A 163 7.41 7.57 -17.16
C ALA A 163 8.45 6.66 -16.51
N PHE A 164 8.20 6.28 -15.27
CA PHE A 164 9.12 5.41 -14.53
C PHE A 164 9.48 4.18 -15.35
N GLU A 165 10.63 4.24 -16.01
CA GLU A 165 11.10 3.12 -16.83
C GLU A 165 12.38 2.53 -16.25
N PRO A 166 12.23 1.44 -15.49
CA PRO A 166 13.36 0.74 -14.86
C PRO A 166 14.23 0.01 -15.89
N TRP A 167 15.39 0.61 -16.20
CA TRP A 167 16.31 0.02 -17.16
C TRP A 167 17.39 -0.79 -16.46
N GLU A 168 17.76 -0.36 -15.26
CA GLU A 168 18.79 -1.04 -14.49
C GLU A 168 18.37 -2.48 -14.19
N ASP A 169 17.19 -2.63 -13.59
CA ASP A 169 16.68 -3.95 -13.24
C ASP A 169 15.39 -3.84 -12.45
N ILE A 170 14.27 -4.19 -13.08
CA ILE A 170 12.97 -4.12 -12.42
C ILE A 170 12.60 -5.46 -11.81
N GLN A 171 12.88 -6.54 -12.53
CA GLN A 171 12.58 -7.88 -12.06
C GLN A 171 13.34 -8.20 -10.77
N GLU A 172 14.67 -8.18 -10.86
CA GLU A 172 15.51 -8.46 -9.71
C GLU A 172 14.92 -7.86 -8.44
N ASN A 173 14.16 -6.78 -8.60
CA ASN A 173 13.53 -6.11 -7.47
C ASN A 173 12.20 -6.78 -7.10
N PHE A 174 11.24 -6.70 -8.01
CA PHE A 174 9.93 -7.30 -7.78
C PHE A 174 10.07 -8.71 -7.21
N LEU A 175 10.87 -9.53 -7.86
CA LEU A 175 11.09 -10.90 -7.41
C LEU A 175 11.78 -10.92 -6.05
N TYR A 176 13.01 -10.44 -6.00
CA TYR A 176 13.78 -10.40 -4.75
C TYR A 176 12.87 -10.15 -3.56
N TYR A 177 11.88 -9.27 -3.75
CA TYR A 177 10.94 -8.93 -2.69
C TYR A 177 9.78 -9.93 -2.66
N GLU A 178 9.30 -10.31 -3.83
CA GLU A 178 8.20 -11.27 -3.93
C GLU A 178 8.43 -12.47 -3.02
N GLU A 179 9.70 -12.85 -2.87
CA GLU A 179 10.05 -13.99 -2.02
C GLU A 179 10.06 -13.59 -0.56
N LYS A 180 10.39 -12.33 -0.29
CA LYS A 180 10.44 -11.82 1.08
C LYS A 180 9.07 -11.89 1.73
N LEU A 181 8.06 -11.37 1.04
CA LEU A 181 6.69 -11.38 1.57
C LEU A 181 6.26 -12.79 1.91
N ALA A 182 6.19 -13.66 0.91
CA ALA A 182 5.79 -15.05 1.11
C ALA A 182 6.68 -15.72 2.15
N ASP A 183 7.98 -15.43 2.11
CA ASP A 183 8.92 -16.02 3.05
C ASP A 183 8.41 -15.90 4.48
N ILE A 184 7.76 -14.78 4.78
CA ILE A 184 7.21 -14.55 6.12
C ILE A 184 6.13 -15.56 6.45
N LEU A 185 5.38 -15.99 5.43
CA LEU A 185 4.31 -16.96 5.61
C LEU A 185 4.87 -18.35 5.89
N LYS A 186 6.00 -18.65 5.25
CA LYS A 186 6.65 -19.95 5.43
C LYS A 186 7.84 -19.85 6.38
N SER A 187 7.61 -20.19 7.64
CA SER A 187 8.66 -20.13 8.65
C SER A 187 8.93 -21.51 9.24
N GLY A 188 7.88 -22.32 9.34
CA GLY A 188 8.03 -23.67 9.88
C GLY A 188 7.28 -23.85 11.18
N PRO A 189 7.04 -25.12 11.57
CA PRO A 189 6.33 -25.45 12.80
C PRO A 189 7.15 -25.13 14.04
N SER A 190 7.92 -26.11 14.51
CA SER A 190 8.75 -25.93 15.70
C SER A 190 9.92 -26.91 15.69
N SER A 191 11.08 -26.43 16.14
CA SER A 191 12.28 -27.26 16.19
C SER A 191 12.66 -27.59 17.63
N GLY A 192 11.91 -27.02 18.57
CA GLY A 192 12.19 -27.26 19.97
C GLY A 192 13.54 -26.72 20.40
N GLY A 1 -10.37 17.24 11.02
CA GLY A 1 -10.58 15.97 10.36
C GLY A 1 -9.64 15.76 9.19
N SER A 2 -10.20 15.76 7.98
CA SER A 2 -9.41 15.57 6.77
C SER A 2 -9.44 16.82 5.89
N SER A 3 -8.73 16.76 4.76
CA SER A 3 -8.68 17.89 3.85
C SER A 3 -9.09 17.46 2.44
N GLY A 4 -8.97 18.38 1.49
CA GLY A 4 -9.35 18.09 0.12
C GLY A 4 -8.36 18.65 -0.88
N SER A 5 -8.05 17.87 -1.92
CA SER A 5 -7.11 18.30 -2.94
C SER A 5 -7.07 17.30 -4.10
N SER A 6 -6.33 17.64 -5.14
CA SER A 6 -6.21 16.78 -6.32
C SER A 6 -6.24 15.31 -5.91
N GLY A 7 -5.16 14.86 -5.27
CA GLY A 7 -5.07 13.47 -4.84
C GLY A 7 -3.86 12.77 -5.41
N ARG A 8 -2.99 13.53 -6.06
CA ARG A 8 -1.78 12.96 -6.66
C ARG A 8 -0.58 13.86 -6.39
N LEU A 9 0.59 13.41 -6.84
CA LEU A 9 1.83 14.18 -6.66
C LEU A 9 2.43 14.58 -8.00
N PRO A 10 3.02 15.79 -8.04
CA PRO A 10 3.65 16.31 -9.26
C PRO A 10 4.93 15.56 -9.62
N VAL A 11 5.00 15.08 -10.85
CA VAL A 11 6.16 14.35 -11.33
C VAL A 11 7.45 14.93 -10.75
N ASN A 12 7.79 16.15 -11.19
CA ASN A 12 8.99 16.82 -10.72
C ASN A 12 9.28 16.46 -9.27
N PHE A 13 8.23 16.29 -8.48
CA PHE A 13 8.38 15.94 -7.07
C PHE A 13 8.42 14.43 -6.89
N PHE A 14 7.35 13.76 -7.27
CA PHE A 14 7.25 12.31 -7.15
C PHE A 14 8.63 11.66 -7.36
N LYS A 15 9.44 12.26 -8.23
CA LYS A 15 10.76 11.74 -8.52
C LYS A 15 11.66 11.86 -7.29
N PHE A 16 11.69 13.04 -6.68
CA PHE A 16 12.50 13.28 -5.51
C PHE A 16 11.79 12.82 -4.24
N GLN A 17 10.51 12.47 -4.38
CA GLN A 17 9.72 12.01 -3.26
C GLN A 17 9.70 10.49 -3.18
N PHE A 18 9.15 9.85 -4.21
CA PHE A 18 9.08 8.40 -4.26
C PHE A 18 10.46 7.78 -4.21
N ARG A 19 11.28 8.07 -5.23
CA ARG A 19 12.64 7.54 -5.29
C ARG A 19 13.57 8.30 -4.34
N ASN A 20 13.89 7.68 -3.22
CA ASN A 20 14.77 8.30 -2.23
C ASN A 20 16.13 7.62 -2.20
N VAL A 21 16.11 6.29 -2.26
CA VAL A 21 17.34 5.51 -2.23
C VAL A 21 17.43 4.59 -3.46
N GLU A 22 18.58 3.94 -3.61
CA GLU A 22 18.80 3.04 -4.74
C GLU A 22 19.42 1.72 -4.28
N TYR A 23 19.66 1.62 -2.97
CA TYR A 23 20.24 0.42 -2.40
C TYR A 23 19.43 -0.07 -1.20
N SER A 24 19.17 0.84 -0.27
CA SER A 24 18.40 0.50 0.93
C SER A 24 17.48 1.64 1.32
N SER A 25 16.22 1.32 1.59
CA SER A 25 15.24 2.32 1.97
C SER A 25 15.88 3.42 2.80
N GLY A 26 16.12 3.13 4.08
CA GLY A 26 16.73 4.12 4.96
C GLY A 26 15.73 4.75 5.91
N ARG A 27 15.24 5.93 5.55
CA ARG A 27 14.27 6.65 6.37
C ARG A 27 13.81 7.93 5.68
N ASN A 28 12.50 8.07 5.51
CA ASN A 28 11.93 9.25 4.87
C ASN A 28 10.41 9.17 4.87
N LYS A 29 9.77 10.31 5.12
CA LYS A 29 8.32 10.39 5.14
C LYS A 29 7.73 9.99 3.79
N THR A 30 7.18 8.77 3.73
CA THR A 30 6.58 8.26 2.50
C THR A 30 5.07 8.43 2.51
N PHE A 31 4.48 8.50 1.33
CA PHE A 31 3.03 8.65 1.20
C PHE A 31 2.39 7.34 0.74
N LEU A 32 1.26 7.00 1.37
CA LEU A 32 0.55 5.78 1.02
C LEU A 32 -0.75 6.10 0.28
N CYS A 33 -0.81 5.71 -0.99
CA CYS A 33 -2.00 5.95 -1.80
C CYS A 33 -3.06 4.89 -1.55
N TYR A 34 -4.29 5.33 -1.31
CA TYR A 34 -5.39 4.41 -1.05
C TYR A 34 -6.47 4.53 -2.12
N VAL A 35 -7.18 3.44 -2.37
CA VAL A 35 -8.23 3.42 -3.37
C VAL A 35 -9.34 2.44 -2.99
N VAL A 36 -10.49 2.97 -2.61
CA VAL A 36 -11.63 2.14 -2.22
C VAL A 36 -12.70 2.14 -3.30
N GLU A 37 -13.18 0.95 -3.66
CA GLU A 37 -14.20 0.81 -4.69
C GLU A 37 -15.35 -0.05 -4.19
N VAL A 38 -16.47 0.59 -3.87
CA VAL A 38 -17.64 -0.13 -3.38
C VAL A 38 -18.64 -0.37 -4.50
N GLN A 39 -19.50 -1.38 -4.31
CA GLN A 39 -20.51 -1.72 -5.32
C GLN A 39 -21.74 -2.34 -4.65
N SER A 40 -22.89 -2.19 -5.31
CA SER A 40 -24.13 -2.74 -4.79
C SER A 40 -24.84 -3.58 -5.84
N LYS A 41 -24.48 -4.86 -5.92
CA LYS A 41 -25.08 -5.77 -6.88
C LYS A 41 -24.88 -5.26 -8.31
N GLY A 42 -23.72 -4.66 -8.55
CA GLY A 42 -23.43 -4.14 -9.89
C GLY A 42 -24.04 -2.77 -10.12
N GLY A 43 -24.83 -2.30 -9.15
CA GLY A 43 -25.46 -1.00 -9.29
C GLY A 43 -24.48 0.15 -9.16
N GLN A 44 -24.78 1.09 -8.28
CA GLN A 44 -23.92 2.24 -8.07
C GLN A 44 -22.68 1.85 -7.26
N ALA A 45 -21.56 2.51 -7.56
CA ALA A 45 -20.31 2.23 -6.87
C ALA A 45 -19.63 3.52 -6.42
N GLN A 46 -19.04 3.49 -5.24
CA GLN A 46 -18.35 4.66 -4.69
C GLN A 46 -16.84 4.47 -4.72
N ALA A 47 -16.16 5.21 -5.58
CA ALA A 47 -14.71 5.13 -5.70
C ALA A 47 -14.02 6.26 -4.95
N THR A 48 -13.01 5.91 -4.16
CA THR A 48 -12.27 6.90 -3.38
C THR A 48 -10.78 6.83 -3.68
N GLN A 49 -10.09 7.95 -3.47
CA GLN A 49 -8.65 8.02 -3.72
C GLN A 49 -8.00 9.08 -2.85
N GLY A 50 -6.67 9.04 -2.76
CA GLY A 50 -5.95 10.01 -1.96
C GLY A 50 -4.74 9.40 -1.27
N TYR A 51 -3.81 10.25 -0.86
CA TYR A 51 -2.59 9.79 -0.19
C TYR A 51 -2.61 10.17 1.29
N LEU A 52 -2.19 9.24 2.14
CA LEU A 52 -2.15 9.48 3.57
C LEU A 52 -0.73 9.74 4.05
N GLU A 53 -0.58 10.56 5.08
CA GLU A 53 0.73 10.89 5.64
C GLU A 53 1.02 10.06 6.88
N ASP A 54 2.25 9.62 7.02
CA ASP A 54 2.66 8.80 8.16
C ASP A 54 3.01 9.70 9.35
N GLU A 55 2.09 9.77 10.32
CA GLU A 55 2.30 10.60 11.51
C GLU A 55 3.61 10.22 12.21
N HIS A 56 4.45 11.22 12.44
CA HIS A 56 5.74 10.99 13.11
C HIS A 56 5.56 10.13 14.35
N ALA A 57 4.45 10.34 15.06
CA ALA A 57 4.16 9.60 16.27
C ALA A 57 2.66 9.60 16.58
N GLY A 58 1.90 8.89 15.75
CA GLY A 58 0.46 8.83 15.96
C GLY A 58 -0.21 7.82 15.05
N ALA A 59 -0.78 8.32 13.94
CA ALA A 59 -1.46 7.45 12.98
C ALA A 59 -0.73 7.44 11.65
N HIS A 60 -0.07 6.33 11.34
CA HIS A 60 0.65 6.21 10.10
C HIS A 60 -0.32 6.27 8.92
N ALA A 61 0.25 6.33 7.72
CA ALA A 61 -0.54 6.39 6.50
C ALA A 61 -1.61 5.31 6.48
N GLU A 62 -1.26 4.14 7.02
CA GLU A 62 -2.19 3.01 7.06
C GLU A 62 -3.35 3.29 8.01
N GLU A 63 -3.02 3.64 9.25
CA GLU A 63 -4.03 3.94 10.26
C GLU A 63 -4.95 5.06 9.78
N ALA A 64 -4.35 6.16 9.35
CA ALA A 64 -5.12 7.31 8.88
C ALA A 64 -6.25 6.87 7.95
N PHE A 65 -6.02 5.78 7.22
CA PHE A 65 -7.02 5.26 6.30
C PHE A 65 -8.33 4.96 7.03
N PHE A 66 -8.34 3.88 7.80
CA PHE A 66 -9.53 3.49 8.54
C PHE A 66 -9.91 4.56 9.56
N ASN A 67 -9.05 5.56 9.71
CA ASN A 67 -9.30 6.64 10.66
C ASN A 67 -10.31 7.64 10.08
N THR A 68 -10.16 7.95 8.80
CA THR A 68 -11.06 8.90 8.14
C THR A 68 -11.49 8.37 6.78
N ILE A 69 -10.54 7.78 6.05
CA ILE A 69 -10.83 7.24 4.73
C ILE A 69 -11.96 6.21 4.79
N LEU A 70 -11.65 5.04 5.33
CA LEU A 70 -12.63 3.97 5.46
C LEU A 70 -13.04 3.77 6.91
N PRO A 71 -13.90 4.66 7.42
CA PRO A 71 -14.38 4.60 8.81
C PRO A 71 -15.33 3.42 9.04
N ALA A 72 -16.21 3.19 8.08
CA ALA A 72 -17.16 2.09 8.17
C ALA A 72 -17.45 1.50 6.80
N PHE A 73 -18.02 0.29 6.79
CA PHE A 73 -18.36 -0.39 5.54
C PHE A 73 -19.66 -1.17 5.68
N ASP A 74 -20.38 -1.30 4.57
CA ASP A 74 -21.64 -2.02 4.57
C ASP A 74 -21.48 -3.43 3.99
N PRO A 75 -21.98 -4.43 4.73
CA PRO A 75 -21.89 -5.83 4.32
C PRO A 75 -22.77 -6.14 3.12
N ALA A 76 -23.39 -5.10 2.56
CA ALA A 76 -24.26 -5.25 1.40
C ALA A 76 -23.58 -4.79 0.12
N LEU A 77 -22.40 -4.19 0.28
CA LEU A 77 -21.65 -3.70 -0.87
C LEU A 77 -20.27 -4.34 -0.92
N LYS A 78 -19.67 -4.36 -2.11
CA LYS A 78 -18.35 -4.93 -2.30
C LYS A 78 -17.27 -3.85 -2.33
N TYR A 79 -16.66 -3.61 -1.18
CA TYR A 79 -15.61 -2.60 -1.06
C TYR A 79 -14.27 -3.15 -1.54
N ASN A 80 -13.65 -2.44 -2.47
CA ASN A 80 -12.36 -2.86 -3.01
C ASN A 80 -11.27 -1.84 -2.66
N VAL A 81 -10.58 -2.10 -1.55
CA VAL A 81 -9.50 -1.21 -1.10
C VAL A 81 -8.16 -1.63 -1.70
N THR A 82 -7.38 -0.64 -2.11
CA THR A 82 -6.08 -0.89 -2.70
C THR A 82 -5.03 0.08 -2.17
N TRP A 83 -4.09 -0.43 -1.40
CA TRP A 83 -3.03 0.39 -0.83
C TRP A 83 -1.76 0.31 -1.67
N TYR A 84 -1.08 1.44 -1.81
CA TYR A 84 0.15 1.51 -2.59
C TYR A 84 1.26 2.19 -1.81
N VAL A 85 2.14 1.38 -1.21
CA VAL A 85 3.26 1.91 -0.42
C VAL A 85 4.57 1.23 -0.82
N SER A 86 5.67 1.73 -0.28
CA SER A 86 6.99 1.18 -0.58
C SER A 86 7.57 0.49 0.65
N SER A 87 7.12 0.91 1.82
CA SER A 87 7.60 0.33 3.08
C SER A 87 6.51 -0.49 3.75
N SER A 88 6.90 -1.62 4.33
CA SER A 88 5.95 -2.50 5.00
C SER A 88 5.46 -1.86 6.30
N PRO A 89 4.16 -2.08 6.61
CA PRO A 89 3.54 -1.54 7.81
C PRO A 89 4.05 -2.20 9.09
N CYS A 90 4.15 -1.43 10.16
CA CYS A 90 4.63 -1.94 11.43
C CYS A 90 3.67 -3.01 11.97
N ALA A 91 4.14 -3.75 12.97
CA ALA A 91 3.33 -4.80 13.59
C ALA A 91 2.00 -4.25 14.09
N ALA A 92 1.90 -2.92 14.15
CA ALA A 92 0.68 -2.27 14.61
C ALA A 92 -0.19 -1.85 13.44
N CYS A 93 0.45 -1.45 12.35
CA CYS A 93 -0.27 -1.02 11.16
C CYS A 93 -0.96 -2.20 10.48
N ALA A 94 -0.26 -3.32 10.42
CA ALA A 94 -0.80 -4.53 9.80
C ALA A 94 -1.82 -5.20 10.71
N ASP A 95 -1.84 -4.78 11.97
CA ASP A 95 -2.77 -5.35 12.94
C ASP A 95 -4.19 -4.83 12.71
N ARG A 96 -4.39 -3.55 12.99
CA ARG A 96 -5.70 -2.93 12.80
C ARG A 96 -6.28 -3.26 11.42
N ILE A 97 -5.39 -3.60 10.49
CA ILE A 97 -5.80 -3.93 9.13
C ILE A 97 -6.49 -5.30 9.09
N LEU A 98 -5.94 -6.24 9.83
CA LEU A 98 -6.49 -7.60 9.88
C LEU A 98 -7.77 -7.63 10.71
N LYS A 99 -7.87 -6.74 11.67
CA LYS A 99 -9.05 -6.66 12.53
C LYS A 99 -10.25 -6.15 11.76
N THR A 100 -10.01 -5.55 10.60
CA THR A 100 -11.08 -5.02 9.76
C THR A 100 -11.54 -6.06 8.74
N LEU A 101 -10.62 -6.90 8.30
CA LEU A 101 -10.93 -7.95 7.33
C LEU A 101 -11.68 -9.09 7.98
N SER A 102 -11.38 -9.34 9.26
CA SER A 102 -12.03 -10.41 10.00
C SER A 102 -13.48 -10.06 10.33
N LYS A 103 -13.82 -8.79 10.14
CA LYS A 103 -15.17 -8.31 10.41
C LYS A 103 -15.89 -7.94 9.12
N THR A 104 -15.11 -7.64 8.09
CA THR A 104 -15.67 -7.26 6.79
C THR A 104 -15.21 -8.21 5.69
N LYS A 105 -16.09 -9.12 5.31
CA LYS A 105 -15.78 -10.09 4.27
C LYS A 105 -15.89 -9.46 2.88
N ASN A 106 -17.06 -8.90 2.59
CA ASN A 106 -17.30 -8.26 1.30
C ASN A 106 -16.21 -7.24 0.99
N LEU A 107 -15.47 -6.85 2.02
CA LEU A 107 -14.39 -5.87 1.87
C LEU A 107 -13.08 -6.56 1.50
N ARG A 108 -12.45 -6.08 0.43
CA ARG A 108 -11.19 -6.66 -0.03
C ARG A 108 -10.04 -5.67 0.16
N LEU A 109 -9.27 -5.86 1.22
CA LEU A 109 -8.15 -4.98 1.52
C LEU A 109 -6.88 -5.47 0.83
N LEU A 110 -6.19 -4.57 0.15
CA LEU A 110 -4.96 -4.91 -0.55
C LEU A 110 -3.83 -3.94 -0.18
N ILE A 111 -2.62 -4.46 -0.11
CA ILE A 111 -1.45 -3.65 0.23
C ILE A 111 -0.20 -4.15 -0.48
N LEU A 112 0.49 -3.25 -1.16
CA LEU A 112 1.71 -3.59 -1.88
C LEU A 112 2.91 -2.84 -1.33
N VAL A 113 4.09 -3.44 -1.43
CA VAL A 113 5.32 -2.81 -0.94
C VAL A 113 6.49 -3.14 -1.85
N SER A 114 7.07 -2.10 -2.46
CA SER A 114 8.20 -2.26 -3.36
C SER A 114 9.44 -2.69 -2.59
N ARG A 115 9.45 -2.41 -1.29
CA ARG A 115 10.58 -2.76 -0.44
C ARG A 115 10.11 -3.34 0.88
N LEU A 116 10.69 -4.47 1.28
CA LEU A 116 10.33 -5.13 2.53
C LEU A 116 11.08 -4.52 3.70
N PHE A 117 10.34 -4.10 4.73
CA PHE A 117 10.96 -3.51 5.92
C PHE A 117 10.88 -4.46 7.10
N MET A 118 11.94 -4.48 7.91
CA MET A 118 12.00 -5.35 9.08
C MET A 118 11.27 -6.66 8.81
N TRP A 119 11.62 -7.32 7.71
CA TRP A 119 11.00 -8.59 7.34
C TRP A 119 11.75 -9.77 7.98
N GLU A 120 12.43 -9.50 9.09
CA GLU A 120 13.18 -10.53 9.80
C GLU A 120 12.73 -10.63 11.25
N GLU A 121 12.22 -9.53 11.79
CA GLU A 121 11.76 -9.49 13.17
C GLU A 121 10.66 -10.51 13.40
N PRO A 122 10.68 -11.15 14.59
CA PRO A 122 9.69 -12.15 14.96
C PRO A 122 8.31 -11.56 15.20
N GLU A 123 8.24 -10.23 15.23
CA GLU A 123 6.98 -9.54 15.45
C GLU A 123 6.32 -9.17 14.13
N VAL A 124 7.14 -8.75 13.16
CA VAL A 124 6.63 -8.37 11.85
C VAL A 124 5.94 -9.55 11.17
N GLN A 125 6.71 -10.60 10.90
CA GLN A 125 6.17 -11.79 10.25
C GLN A 125 4.84 -12.21 10.88
N ALA A 126 4.85 -12.40 12.20
CA ALA A 126 3.66 -12.79 12.93
C ALA A 126 2.59 -11.70 12.86
N ALA A 127 3.01 -10.49 12.49
CA ALA A 127 2.10 -9.36 12.41
C ALA A 127 1.58 -9.20 10.98
N LEU A 128 2.34 -9.70 10.01
CA LEU A 128 1.95 -9.61 8.62
C LEU A 128 1.15 -10.84 8.19
N LYS A 129 1.52 -12.00 8.73
CA LYS A 129 0.85 -13.24 8.40
C LYS A 129 -0.67 -13.09 8.53
N LYS A 130 -1.11 -12.63 9.69
CA LYS A 130 -2.54 -12.43 9.94
C LYS A 130 -3.24 -11.88 8.70
N LEU A 131 -2.65 -10.85 8.10
CA LEU A 131 -3.22 -10.23 6.90
C LEU A 131 -3.48 -11.28 5.83
N LYS A 132 -2.51 -12.18 5.65
CA LYS A 132 -2.64 -13.23 4.65
C LYS A 132 -3.47 -14.39 5.18
N GLU A 133 -3.62 -14.46 6.50
CA GLU A 133 -4.40 -15.51 7.13
C GLU A 133 -5.86 -15.09 7.29
N ALA A 134 -6.11 -13.80 7.18
CA ALA A 134 -7.46 -13.26 7.31
C ALA A 134 -8.12 -13.11 5.95
N GLY A 135 -7.31 -12.99 4.90
CA GLY A 135 -7.83 -12.83 3.57
C GLY A 135 -7.30 -11.60 2.88
N CYS A 136 -6.42 -10.87 3.57
CA CYS A 136 -5.84 -9.66 3.00
C CYS A 136 -5.01 -9.97 1.77
N LYS A 137 -4.81 -8.96 0.92
CA LYS A 137 -4.03 -9.14 -0.30
C LYS A 137 -2.70 -8.40 -0.21
N LEU A 138 -1.61 -9.14 -0.36
CA LEU A 138 -0.28 -8.57 -0.29
C LEU A 138 0.54 -8.94 -1.53
N ARG A 139 1.16 -7.96 -2.15
CA ARG A 139 1.97 -8.17 -3.34
C ARG A 139 3.06 -7.11 -3.47
N ILE A 140 4.27 -7.55 -3.80
CA ILE A 140 5.39 -6.63 -3.96
C ILE A 140 5.14 -5.64 -5.08
N MET A 141 4.98 -4.37 -4.71
CA MET A 141 4.73 -3.31 -5.69
C MET A 141 5.51 -3.57 -6.97
N LYS A 142 4.88 -4.23 -7.93
CA LYS A 142 5.51 -4.53 -9.21
C LYS A 142 5.64 -3.28 -10.07
N PRO A 143 6.44 -3.37 -11.13
CA PRO A 143 6.67 -2.26 -12.06
C PRO A 143 5.43 -1.94 -12.90
N GLN A 144 4.39 -2.76 -12.75
CA GLN A 144 3.16 -2.57 -13.49
C GLN A 144 2.25 -1.56 -12.79
N ASP A 145 2.12 -1.70 -11.48
CA ASP A 145 1.28 -0.80 -10.70
C ASP A 145 1.73 0.65 -10.86
N PHE A 146 3.01 0.89 -10.62
CA PHE A 146 3.58 2.23 -10.74
C PHE A 146 2.92 2.99 -11.88
N GLU A 147 2.99 2.43 -13.08
CA GLU A 147 2.40 3.06 -14.26
C GLU A 147 1.13 3.83 -13.89
N TYR A 148 0.08 3.09 -13.54
CA TYR A 148 -1.19 3.70 -13.17
C TYR A 148 -0.98 4.75 -12.07
N ILE A 149 -0.15 4.42 -11.09
CA ILE A 149 0.13 5.33 -9.99
C ILE A 149 1.00 6.50 -10.44
N TRP A 150 1.57 6.37 -11.64
CA TRP A 150 2.43 7.42 -12.18
C TRP A 150 1.63 8.33 -13.10
N GLN A 151 0.60 7.79 -13.74
CA GLN A 151 -0.24 8.56 -14.64
C GLN A 151 -1.52 9.03 -13.94
N ASN A 152 -1.83 8.42 -12.80
CA ASN A 152 -3.01 8.77 -12.04
C ASN A 152 -2.63 9.47 -10.73
N PHE A 153 -1.98 8.73 -9.84
CA PHE A 153 -1.55 9.27 -8.56
C PHE A 153 -0.45 10.32 -8.75
N VAL A 154 -0.06 10.52 -9.99
CA VAL A 154 0.99 11.49 -10.31
C VAL A 154 0.57 12.39 -11.47
N GLU A 155 0.74 13.70 -11.28
CA GLU A 155 0.37 14.66 -12.32
C GLU A 155 1.53 14.88 -13.29
N GLN A 156 1.31 14.52 -14.55
CA GLN A 156 2.33 14.68 -15.58
C GLN A 156 2.35 16.11 -16.12
N GLU A 157 3.41 16.44 -16.84
CA GLU A 157 3.55 17.78 -17.42
C GLU A 157 2.76 17.89 -18.73
N GLU A 158 2.70 19.10 -19.26
CA GLU A 158 1.98 19.35 -20.51
C GLU A 158 2.82 18.94 -21.71
N GLY A 159 2.21 18.20 -22.64
CA GLY A 159 2.91 17.75 -23.82
C GLY A 159 3.74 16.51 -23.57
N GLU A 160 4.27 16.39 -22.36
CA GLU A 160 5.09 15.24 -21.99
C GLU A 160 4.30 13.94 -22.13
N SER A 161 3.92 13.36 -21.00
CA SER A 161 3.16 12.12 -20.99
C SER A 161 4.08 10.92 -21.17
N LYS A 162 5.02 10.75 -20.24
CA LYS A 162 5.96 9.64 -20.31
C LYS A 162 5.37 8.39 -19.67
N ALA A 163 6.23 7.41 -19.40
CA ALA A 163 5.79 6.16 -18.79
C ALA A 163 6.90 5.54 -17.95
N PHE A 164 6.62 5.33 -16.66
CA PHE A 164 7.60 4.75 -15.76
C PHE A 164 8.17 3.46 -16.33
N GLU A 165 9.31 3.58 -17.00
CA GLU A 165 9.97 2.42 -17.59
C GLU A 165 11.24 2.05 -16.83
N PRO A 166 11.12 1.08 -15.92
CA PRO A 166 12.26 0.61 -15.11
C PRO A 166 13.30 -0.14 -15.94
N TRP A 167 14.50 0.40 -16.00
CA TRP A 167 15.57 -0.22 -16.76
C TRP A 167 16.44 -1.09 -15.86
N GLU A 168 16.66 -0.63 -14.63
CA GLU A 168 17.47 -1.37 -13.66
C GLU A 168 17.09 -2.85 -13.65
N ASP A 169 15.83 -3.12 -13.33
CA ASP A 169 15.33 -4.50 -13.28
C ASP A 169 13.82 -4.52 -13.07
N ILE A 170 13.12 -5.25 -13.93
CA ILE A 170 11.67 -5.35 -13.84
C ILE A 170 11.25 -6.57 -13.02
N GLN A 171 11.90 -7.71 -13.30
CA GLN A 171 11.59 -8.94 -12.59
C GLN A 171 12.55 -9.14 -11.41
N GLU A 172 13.85 -9.05 -11.69
CA GLU A 172 14.87 -9.22 -10.66
C GLU A 172 14.42 -8.58 -9.35
N ASN A 173 14.40 -7.26 -9.32
CA ASN A 173 14.00 -6.52 -8.12
C ASN A 173 12.69 -7.06 -7.57
N PHE A 174 11.62 -6.90 -8.34
CA PHE A 174 10.30 -7.37 -7.93
C PHE A 174 10.40 -8.73 -7.24
N LEU A 175 11.29 -9.57 -7.74
CA LEU A 175 11.48 -10.91 -7.17
C LEU A 175 12.23 -10.83 -5.85
N TYR A 176 13.45 -10.29 -5.89
CA TYR A 176 14.26 -10.16 -4.70
C TYR A 176 13.40 -9.88 -3.47
N TYR A 177 12.36 -9.07 -3.67
CA TYR A 177 11.46 -8.71 -2.59
C TYR A 177 10.34 -9.74 -2.44
N GLU A 178 9.81 -10.19 -3.57
CA GLU A 178 8.74 -11.17 -3.58
C GLU A 178 9.06 -12.34 -2.65
N GLU A 179 10.32 -12.77 -2.66
CA GLU A 179 10.75 -13.87 -1.82
C GLU A 179 10.75 -13.47 -0.35
N LYS A 180 11.07 -12.20 -0.08
CA LYS A 180 11.10 -11.69 1.28
C LYS A 180 9.70 -11.64 1.88
N LEU A 181 8.73 -11.20 1.09
CA LEU A 181 7.34 -11.12 1.54
C LEU A 181 6.75 -12.50 1.74
N ALA A 182 7.07 -13.42 0.84
CA ALA A 182 6.58 -14.79 0.91
C ALA A 182 7.23 -15.54 2.07
N ASP A 183 8.55 -15.52 2.11
CA ASP A 183 9.30 -16.20 3.15
C ASP A 183 8.55 -16.14 4.48
N ILE A 184 8.17 -14.92 4.88
CA ILE A 184 7.45 -14.73 6.13
C ILE A 184 6.30 -15.72 6.27
N LEU A 185 5.44 -15.77 5.25
CA LEU A 185 4.29 -16.66 5.25
C LEU A 185 4.73 -18.10 5.54
N LYS A 186 5.81 -18.54 4.89
CA LYS A 186 6.33 -19.88 5.09
C LYS A 186 7.40 -19.89 6.17
N SER A 187 7.95 -21.07 6.44
CA SER A 187 8.99 -21.22 7.46
C SER A 187 10.26 -21.81 6.85
N GLY A 188 11.37 -21.66 7.57
CA GLY A 188 12.64 -22.19 7.08
C GLY A 188 13.32 -23.07 8.10
N PRO A 189 14.52 -23.57 7.75
CA PRO A 189 15.30 -24.45 8.62
C PRO A 189 15.86 -23.71 9.82
N SER A 190 15.30 -23.98 11.00
CA SER A 190 15.75 -23.33 12.23
C SER A 190 17.21 -23.66 12.51
N SER A 191 17.75 -24.64 11.79
CA SER A 191 19.13 -25.06 11.97
C SER A 191 19.79 -25.37 10.62
N GLY A 192 21.04 -24.96 10.48
CA GLY A 192 21.76 -25.20 9.24
C GLY A 192 23.22 -24.80 9.33
N GLY A 1 -13.32 20.99 9.56
CA GLY A 1 -13.44 19.89 8.62
C GLY A 1 -12.15 19.61 7.88
N SER A 2 -12.24 19.54 6.55
CA SER A 2 -11.07 19.27 5.73
C SER A 2 -10.64 20.52 4.97
N SER A 3 -9.62 20.36 4.10
CA SER A 3 -9.12 21.48 3.32
C SER A 3 -9.37 21.26 1.84
N GLY A 4 -8.60 20.35 1.24
CA GLY A 4 -8.76 20.07 -0.18
C GLY A 4 -7.45 20.15 -0.94
N SER A 5 -7.23 19.19 -1.84
CA SER A 5 -6.00 19.16 -2.63
C SER A 5 -6.09 18.09 -3.72
N SER A 6 -5.17 18.15 -4.68
CA SER A 6 -5.14 17.20 -5.78
C SER A 6 -4.93 15.78 -5.26
N GLY A 7 -5.66 14.83 -5.83
CA GLY A 7 -5.53 13.44 -5.41
C GLY A 7 -4.23 12.82 -5.87
N ARG A 8 -3.37 13.62 -6.49
CA ARG A 8 -2.09 13.14 -6.98
C ARG A 8 -0.95 14.08 -6.57
N LEU A 9 0.27 13.72 -6.92
CA LEU A 9 1.43 14.53 -6.59
C LEU A 9 2.19 14.94 -7.85
N PRO A 10 2.72 16.18 -7.84
CA PRO A 10 3.46 16.72 -8.98
C PRO A 10 4.82 16.04 -9.17
N VAL A 11 5.03 15.51 -10.37
CA VAL A 11 6.29 14.83 -10.68
C VAL A 11 7.48 15.58 -10.10
N ASN A 12 7.66 16.82 -10.54
CA ASN A 12 8.78 17.63 -10.07
C ASN A 12 9.04 17.39 -8.58
N PHE A 13 7.98 17.10 -7.84
CA PHE A 13 8.09 16.85 -6.41
C PHE A 13 8.31 15.37 -6.14
N PHE A 14 7.53 14.52 -6.82
CA PHE A 14 7.64 13.09 -6.66
C PHE A 14 8.99 12.57 -7.15
N LYS A 15 9.71 13.43 -7.87
CA LYS A 15 11.01 13.07 -8.41
C LYS A 15 12.07 13.07 -7.30
N PHE A 16 11.93 14.00 -6.36
CA PHE A 16 12.87 14.12 -5.25
C PHE A 16 12.30 13.48 -3.99
N GLN A 17 11.00 13.20 -4.01
CA GLN A 17 10.34 12.58 -2.85
C GLN A 17 10.28 11.07 -3.01
N PHE A 18 9.61 10.62 -4.07
CA PHE A 18 9.46 9.19 -4.34
C PHE A 18 10.72 8.64 -4.99
N ARG A 19 11.67 9.51 -5.29
CA ARG A 19 12.92 9.11 -5.92
C ARG A 19 13.33 7.72 -5.45
N ASN A 20 13.24 6.74 -6.35
CA ASN A 20 13.61 5.37 -6.03
C ASN A 20 14.78 5.32 -5.06
N VAL A 21 14.80 4.32 -4.19
CA VAL A 21 15.87 4.17 -3.21
C VAL A 21 16.53 2.80 -3.34
N GLU A 22 17.81 2.80 -3.69
CA GLU A 22 18.56 1.56 -3.85
C GLU A 22 18.65 0.81 -2.52
N TYR A 23 18.79 1.57 -1.44
CA TYR A 23 18.90 0.98 -0.11
C TYR A 23 17.53 0.97 0.59
N SER A 24 17.55 0.64 1.88
CA SER A 24 16.31 0.58 2.66
C SER A 24 15.40 1.76 2.31
N SER A 25 15.53 2.84 3.06
CA SER A 25 14.71 4.03 2.84
C SER A 25 15.30 5.25 3.53
N GLY A 26 15.31 6.38 2.83
CA GLY A 26 15.87 7.59 3.39
C GLY A 26 15.13 8.03 4.65
N ARG A 27 14.02 7.36 4.94
CA ARG A 27 13.23 7.69 6.13
C ARG A 27 12.58 9.07 5.98
N ASN A 28 11.95 9.29 4.84
CA ASN A 28 11.28 10.56 4.57
C ASN A 28 9.76 10.38 4.51
N LYS A 29 9.05 11.31 5.13
CA LYS A 29 7.59 11.25 5.15
C LYS A 29 7.04 10.79 3.81
N THR A 30 6.75 9.49 3.71
CA THR A 30 6.22 8.92 2.47
C THR A 30 4.70 9.05 2.43
N PHE A 31 4.16 9.05 1.21
CA PHE A 31 2.72 9.17 1.02
C PHE A 31 2.12 7.84 0.57
N LEU A 32 1.10 7.39 1.29
CA LEU A 32 0.43 6.13 0.97
C LEU A 32 -0.86 6.38 0.19
N CYS A 33 -0.96 5.80 -0.99
CA CYS A 33 -2.14 5.95 -1.82
C CYS A 33 -3.20 4.91 -1.47
N TYR A 34 -4.46 5.32 -1.51
CA TYR A 34 -5.57 4.42 -1.18
C TYR A 34 -6.67 4.52 -2.23
N VAL A 35 -7.17 3.37 -2.66
CA VAL A 35 -8.24 3.33 -3.67
C VAL A 35 -9.38 2.43 -3.21
N VAL A 36 -10.42 3.04 -2.65
CA VAL A 36 -11.58 2.28 -2.17
C VAL A 36 -12.67 2.23 -3.23
N GLU A 37 -13.19 1.04 -3.49
CA GLU A 37 -14.24 0.85 -4.48
C GLU A 37 -15.37 0.01 -3.92
N VAL A 38 -16.43 0.68 -3.45
CA VAL A 38 -17.58 -0.01 -2.89
C VAL A 38 -18.67 -0.22 -3.94
N GLN A 39 -19.57 -1.16 -3.68
CA GLN A 39 -20.65 -1.46 -4.60
C GLN A 39 -21.97 -1.64 -3.85
N SER A 40 -23.08 -1.41 -4.55
CA SER A 40 -24.40 -1.53 -3.95
C SER A 40 -25.47 -1.72 -5.02
N LYS A 41 -26.36 -2.67 -4.80
CA LYS A 41 -27.44 -2.95 -5.74
C LYS A 41 -26.88 -3.23 -7.14
N GLY A 42 -25.72 -3.89 -7.19
CA GLY A 42 -25.11 -4.20 -8.45
C GLY A 42 -25.27 -3.08 -9.47
N GLY A 43 -24.97 -1.86 -9.04
CA GLY A 43 -25.10 -0.72 -9.94
C GLY A 43 -24.52 0.55 -9.35
N GLN A 44 -24.69 0.72 -8.04
CA GLN A 44 -24.19 1.90 -7.35
C GLN A 44 -22.90 1.58 -6.60
N ALA A 45 -21.82 2.24 -7.00
CA ALA A 45 -20.52 2.03 -6.37
C ALA A 45 -19.84 3.35 -6.04
N GLN A 46 -19.09 3.38 -4.94
CA GLN A 46 -18.40 4.59 -4.52
C GLN A 46 -16.89 4.40 -4.61
N ALA A 47 -16.25 5.17 -5.50
CA ALA A 47 -14.82 5.10 -5.68
C ALA A 47 -14.12 6.30 -5.07
N THR A 48 -13.01 6.06 -4.39
CA THR A 48 -12.25 7.13 -3.75
C THR A 48 -10.75 6.96 -4.00
N GLN A 49 -10.02 8.07 -3.92
CA GLN A 49 -8.58 8.05 -4.14
C GLN A 49 -7.90 9.18 -3.38
N GLY A 50 -6.58 9.06 -3.19
CA GLY A 50 -5.83 10.08 -2.48
C GLY A 50 -4.69 9.51 -1.68
N TYR A 51 -3.93 10.37 -1.01
CA TYR A 51 -2.80 9.94 -0.21
C TYR A 51 -2.97 10.35 1.25
N LEU A 52 -2.57 9.47 2.16
CA LEU A 52 -2.69 9.73 3.58
C LEU A 52 -1.32 10.00 4.21
N GLU A 53 -1.30 10.71 5.32
CA GLU A 53 -0.06 11.03 6.00
C GLU A 53 0.21 10.04 7.13
N ASP A 54 1.48 9.93 7.53
CA ASP A 54 1.87 9.02 8.59
C ASP A 54 2.23 9.78 9.87
N GLU A 55 1.41 9.60 10.90
CA GLU A 55 1.63 10.27 12.17
C GLU A 55 2.92 9.80 12.83
N HIS A 56 3.80 10.74 13.15
CA HIS A 56 5.07 10.41 13.79
C HIS A 56 4.87 9.49 14.98
N ALA A 57 3.68 9.58 15.60
CA ALA A 57 3.37 8.75 16.75
C ALA A 57 1.86 8.75 17.03
N GLY A 58 1.13 7.91 16.30
CA GLY A 58 -0.30 7.84 16.49
C GLY A 58 -0.98 6.97 15.44
N ALA A 59 -1.58 7.62 14.45
CA ALA A 59 -2.27 6.90 13.38
C ALA A 59 -1.46 6.95 12.08
N HIS A 60 -0.82 5.84 11.76
CA HIS A 60 -0.02 5.77 10.55
C HIS A 60 -0.93 5.86 9.33
N ALA A 61 -0.33 6.23 8.20
CA ALA A 61 -1.06 6.37 6.94
C ALA A 61 -2.04 5.21 6.76
N GLU A 62 -1.64 4.03 7.21
CA GLU A 62 -2.49 2.85 7.08
C GLU A 62 -3.70 2.94 8.00
N GLU A 63 -3.49 3.53 9.18
CA GLU A 63 -4.57 3.67 10.16
C GLU A 63 -5.49 4.82 9.76
N ALA A 64 -4.93 6.01 9.60
CA ALA A 64 -5.70 7.18 9.21
C ALA A 64 -6.77 6.82 8.19
N PHE A 65 -6.53 5.75 7.43
CA PHE A 65 -7.48 5.31 6.41
C PHE A 65 -8.83 4.96 7.04
N PHE A 66 -8.87 3.82 7.73
CA PHE A 66 -10.10 3.37 8.37
C PHE A 66 -10.55 4.36 9.45
N ASN A 67 -9.70 5.34 9.73
CA ASN A 67 -10.01 6.36 10.73
C ASN A 67 -11.02 7.36 10.20
N THR A 68 -10.87 7.73 8.92
CA THR A 68 -11.77 8.69 8.29
C THR A 68 -12.20 8.19 6.91
N ILE A 69 -11.26 7.63 6.16
CA ILE A 69 -11.54 7.13 4.82
C ILE A 69 -12.65 6.09 4.86
N LEU A 70 -12.32 4.90 5.37
CA LEU A 70 -13.29 3.81 5.46
C LEU A 70 -13.63 3.51 6.91
N PRO A 71 -14.50 4.35 7.50
CA PRO A 71 -14.94 4.19 8.89
C PRO A 71 -15.83 2.96 9.08
N ALA A 72 -16.78 2.79 8.18
CA ALA A 72 -17.70 1.65 8.24
C ALA A 72 -17.94 1.05 6.87
N PHE A 73 -18.43 -0.17 6.84
CA PHE A 73 -18.71 -0.86 5.58
C PHE A 73 -19.97 -1.71 5.69
N ASP A 74 -20.97 -1.39 4.87
CA ASP A 74 -22.23 -2.11 4.87
C ASP A 74 -22.01 -3.57 4.47
N PRO A 75 -22.65 -4.49 5.21
CA PRO A 75 -22.55 -5.93 4.95
C PRO A 75 -23.25 -6.34 3.67
N ALA A 76 -23.72 -5.35 2.91
CA ALA A 76 -24.40 -5.61 1.65
C ALA A 76 -23.63 -5.02 0.47
N LEU A 77 -22.51 -4.39 0.76
CA LEU A 77 -21.68 -3.78 -0.27
C LEU A 77 -20.31 -4.44 -0.33
N LYS A 78 -19.63 -4.29 -1.46
CA LYS A 78 -18.31 -4.87 -1.64
C LYS A 78 -17.24 -3.78 -1.76
N TYR A 79 -16.57 -3.49 -0.65
CA TYR A 79 -15.53 -2.46 -0.64
C TYR A 79 -14.21 -3.02 -1.16
N ASN A 80 -13.69 -2.41 -2.21
CA ASN A 80 -12.43 -2.85 -2.80
C ASN A 80 -11.35 -1.79 -2.60
N VAL A 81 -10.59 -1.95 -1.52
CA VAL A 81 -9.51 -1.02 -1.21
C VAL A 81 -8.18 -1.47 -1.83
N THR A 82 -7.37 -0.51 -2.23
CA THR A 82 -6.08 -0.81 -2.84
C THR A 82 -5.02 0.20 -2.40
N TRP A 83 -4.05 -0.27 -1.62
CA TRP A 83 -2.98 0.59 -1.14
C TRP A 83 -1.72 0.41 -1.99
N TYR A 84 -1.05 1.53 -2.27
CA TYR A 84 0.16 1.51 -3.08
C TYR A 84 1.29 2.27 -2.38
N VAL A 85 2.17 1.53 -1.72
CA VAL A 85 3.30 2.12 -1.02
C VAL A 85 4.61 1.44 -1.41
N SER A 86 5.72 2.01 -0.94
CA SER A 86 7.04 1.46 -1.24
C SER A 86 7.58 0.66 -0.06
N SER A 87 7.32 1.15 1.15
CA SER A 87 7.79 0.48 2.36
C SER A 87 6.65 -0.31 3.00
N SER A 88 7.03 -1.40 3.69
CA SER A 88 6.04 -2.25 4.36
C SER A 88 5.59 -1.63 5.67
N PRO A 89 4.32 -1.87 6.04
CA PRO A 89 3.74 -1.35 7.27
C PRO A 89 4.32 -2.03 8.51
N CYS A 90 4.42 -1.27 9.60
CA CYS A 90 4.95 -1.80 10.85
C CYS A 90 4.07 -2.90 11.40
N ALA A 91 4.59 -3.66 12.36
CA ALA A 91 3.84 -4.75 12.97
C ALA A 91 2.54 -4.25 13.60
N ALA A 92 2.41 -2.92 13.69
CA ALA A 92 1.22 -2.31 14.27
C ALA A 92 0.23 -1.91 13.19
N CYS A 93 0.77 -1.46 12.04
CA CYS A 93 -0.07 -1.03 10.92
C CYS A 93 -0.85 -2.21 10.36
N ALA A 94 -0.17 -3.34 10.18
CA ALA A 94 -0.81 -4.54 9.64
C ALA A 94 -1.75 -5.16 10.67
N ASP A 95 -1.64 -4.73 11.92
CA ASP A 95 -2.48 -5.24 12.99
C ASP A 95 -3.93 -4.80 12.80
N ARG A 96 -4.19 -3.52 13.04
CA ARG A 96 -5.53 -2.98 12.89
C ARG A 96 -6.14 -3.38 11.55
N ILE A 97 -5.29 -3.47 10.53
CA ILE A 97 -5.74 -3.85 9.19
C ILE A 97 -6.34 -5.26 9.18
N LEU A 98 -5.67 -6.18 9.88
CA LEU A 98 -6.12 -7.55 9.95
C LEU A 98 -7.37 -7.68 10.83
N LYS A 99 -7.47 -6.79 11.82
CA LYS A 99 -8.62 -6.80 12.73
C LYS A 99 -9.88 -6.36 12.01
N THR A 100 -9.71 -5.77 10.83
CA THR A 100 -10.85 -5.30 10.04
C THR A 100 -11.22 -6.31 8.97
N LEU A 101 -10.24 -7.09 8.52
CA LEU A 101 -10.48 -8.11 7.51
C LEU A 101 -11.05 -9.38 8.11
N SER A 102 -10.60 -9.70 9.33
CA SER A 102 -11.07 -10.89 10.02
C SER A 102 -12.53 -10.75 10.43
N LYS A 103 -13.06 -9.54 10.27
CA LYS A 103 -14.45 -9.27 10.63
C LYS A 103 -15.26 -8.91 9.39
N THR A 104 -14.64 -8.19 8.46
CA THR A 104 -15.32 -7.78 7.23
C THR A 104 -14.84 -8.60 6.05
N LYS A 105 -15.70 -9.49 5.57
CA LYS A 105 -15.36 -10.34 4.43
C LYS A 105 -15.64 -9.62 3.11
N ASN A 106 -16.79 -8.97 3.03
CA ASN A 106 -17.17 -8.23 1.82
C ASN A 106 -16.13 -7.17 1.49
N LEU A 107 -15.28 -6.84 2.46
CA LEU A 107 -14.25 -5.84 2.27
C LEU A 107 -12.93 -6.49 1.87
N ARG A 108 -12.36 -6.02 0.75
CA ARG A 108 -11.09 -6.56 0.26
C ARG A 108 -10.00 -5.49 0.29
N LEU A 109 -9.18 -5.53 1.33
CA LEU A 109 -8.09 -4.57 1.48
C LEU A 109 -6.80 -5.10 0.84
N LEU A 110 -6.26 -4.33 -0.09
CA LEU A 110 -5.03 -4.71 -0.78
C LEU A 110 -3.88 -3.79 -0.39
N ILE A 111 -2.65 -4.31 -0.47
CA ILE A 111 -1.47 -3.54 -0.13
C ILE A 111 -0.25 -4.00 -0.92
N LEU A 112 0.43 -3.05 -1.55
CA LEU A 112 1.62 -3.36 -2.34
C LEU A 112 2.84 -2.63 -1.83
N VAL A 113 4.00 -3.26 -1.92
CA VAL A 113 5.25 -2.66 -1.46
C VAL A 113 6.40 -2.99 -2.40
N SER A 114 7.19 -1.97 -2.74
CA SER A 114 8.32 -2.15 -3.63
C SER A 114 9.48 -2.85 -2.91
N ARG A 115 9.72 -2.45 -1.67
CA ARG A 115 10.79 -3.03 -0.88
C ARG A 115 10.27 -3.53 0.47
N LEU A 116 10.72 -4.71 0.88
CA LEU A 116 10.29 -5.28 2.15
C LEU A 116 11.14 -4.76 3.31
N PHE A 117 10.48 -4.11 4.27
CA PHE A 117 11.16 -3.56 5.43
C PHE A 117 10.80 -4.33 6.70
N MET A 118 11.79 -4.53 7.56
CA MET A 118 11.57 -5.26 8.81
C MET A 118 10.91 -6.60 8.56
N TRP A 119 11.48 -7.37 7.64
CA TRP A 119 10.93 -8.68 7.31
C TRP A 119 11.73 -9.80 7.98
N GLU A 120 12.33 -9.48 9.13
CA GLU A 120 13.12 -10.45 9.86
C GLU A 120 12.67 -10.53 11.32
N GLU A 121 12.19 -9.41 11.84
CA GLU A 121 11.73 -9.34 13.22
C GLU A 121 10.58 -10.31 13.46
N PRO A 122 10.54 -10.92 14.65
CA PRO A 122 9.50 -11.89 15.02
C PRO A 122 8.14 -11.22 15.22
N GLU A 123 8.14 -9.88 15.23
CA GLU A 123 6.91 -9.13 15.41
C GLU A 123 6.26 -8.80 14.07
N VAL A 124 7.10 -8.48 13.09
CA VAL A 124 6.62 -8.14 11.76
C VAL A 124 5.96 -9.35 11.09
N GLN A 125 6.78 -10.35 10.77
CA GLN A 125 6.28 -11.56 10.12
C GLN A 125 4.98 -12.02 10.77
N ALA A 126 5.03 -12.34 12.05
CA ALA A 126 3.86 -12.79 12.77
C ALA A 126 2.75 -11.75 12.73
N ALA A 127 3.12 -10.51 12.41
CA ALA A 127 2.15 -9.42 12.33
C ALA A 127 1.66 -9.24 10.91
N LEU A 128 2.43 -9.71 9.94
CA LEU A 128 2.07 -9.60 8.54
C LEU A 128 1.33 -10.84 8.06
N LYS A 129 1.62 -11.97 8.71
CA LYS A 129 0.97 -13.23 8.35
C LYS A 129 -0.53 -13.14 8.51
N LYS A 130 -0.98 -12.83 9.71
CA LYS A 130 -2.41 -12.70 10.00
C LYS A 130 -3.14 -12.10 8.81
N LEU A 131 -2.58 -11.03 8.25
CA LEU A 131 -3.19 -10.35 7.12
C LEU A 131 -3.49 -11.34 5.99
N LYS A 132 -2.54 -12.22 5.71
CA LYS A 132 -2.69 -13.22 4.66
C LYS A 132 -3.71 -14.29 5.08
N GLU A 133 -3.87 -14.46 6.39
CA GLU A 133 -4.82 -15.44 6.91
C GLU A 133 -6.18 -14.82 7.14
N ALA A 134 -6.22 -13.49 7.20
CA ALA A 134 -7.47 -12.76 7.41
C ALA A 134 -8.17 -12.48 6.10
N GLY A 135 -7.40 -12.51 5.00
CA GLY A 135 -7.97 -12.25 3.69
C GLY A 135 -7.26 -11.14 2.97
N CYS A 136 -6.47 -10.35 3.71
CA CYS A 136 -5.74 -9.24 3.12
C CYS A 136 -4.96 -9.69 1.88
N LYS A 137 -4.63 -8.73 1.02
CA LYS A 137 -3.89 -9.03 -0.20
C LYS A 137 -2.54 -8.34 -0.20
N LEU A 138 -1.47 -9.13 -0.10
CA LEU A 138 -0.12 -8.60 -0.08
C LEU A 138 0.63 -8.97 -1.36
N ARG A 139 1.13 -7.96 -2.05
CA ARG A 139 1.88 -8.18 -3.30
C ARG A 139 3.06 -7.22 -3.41
N ILE A 140 4.08 -7.64 -4.15
CA ILE A 140 5.27 -6.82 -4.34
C ILE A 140 5.06 -5.79 -5.44
N MET A 141 5.03 -4.52 -5.07
CA MET A 141 4.83 -3.43 -6.02
C MET A 141 5.48 -3.78 -7.36
N LYS A 142 4.70 -4.35 -8.26
CA LYS A 142 5.19 -4.72 -9.59
C LYS A 142 5.71 -3.50 -10.34
N PRO A 143 6.60 -3.74 -11.32
CA PRO A 143 7.19 -2.67 -12.13
C PRO A 143 6.16 -2.05 -13.09
N GLN A 144 4.99 -2.67 -13.18
CA GLN A 144 3.94 -2.18 -14.05
C GLN A 144 2.98 -1.25 -13.29
N ASP A 145 2.83 -1.50 -12.00
CA ASP A 145 1.95 -0.69 -11.16
C ASP A 145 2.47 0.74 -11.07
N PHE A 146 3.69 0.90 -10.58
CA PHE A 146 4.30 2.22 -10.44
C PHE A 146 3.89 3.13 -11.58
N GLU A 147 4.29 2.77 -12.80
CA GLU A 147 3.96 3.56 -13.99
C GLU A 147 2.58 4.19 -13.85
N TYR A 148 1.60 3.37 -13.47
CA TYR A 148 0.24 3.85 -13.31
C TYR A 148 0.16 4.94 -12.26
N ILE A 149 0.65 4.65 -11.06
CA ILE A 149 0.64 5.61 -9.97
C ILE A 149 1.51 6.81 -10.29
N TRP A 150 2.28 6.71 -11.37
CA TRP A 150 3.17 7.79 -11.79
C TRP A 150 2.49 8.68 -12.83
N GLN A 151 1.44 8.15 -13.45
CA GLN A 151 0.71 8.89 -14.47
C GLN A 151 -0.54 9.55 -13.88
N ASN A 152 -1.33 8.75 -13.17
CA ASN A 152 -2.56 9.26 -12.54
C ASN A 152 -2.27 9.85 -11.17
N PHE A 153 -1.82 9.00 -10.25
CA PHE A 153 -1.51 9.44 -8.89
C PHE A 153 -0.44 10.52 -8.91
N VAL A 154 0.17 10.73 -10.07
CA VAL A 154 1.22 11.74 -10.22
C VAL A 154 0.95 12.61 -11.44
N GLU A 155 0.79 13.91 -11.20
CA GLU A 155 0.54 14.86 -12.27
C GLU A 155 1.78 15.07 -13.12
N GLN A 156 1.64 14.86 -14.43
CA GLN A 156 2.76 15.02 -15.35
C GLN A 156 2.85 16.46 -15.85
N GLU A 157 3.96 16.78 -16.50
CA GLU A 157 4.16 18.13 -17.04
C GLU A 157 3.74 18.20 -18.50
N GLU A 158 3.84 19.40 -19.09
CA GLU A 158 3.47 19.60 -20.48
C GLU A 158 4.62 19.22 -21.41
N GLY A 159 4.30 18.49 -22.48
CA GLY A 159 5.31 18.08 -23.43
C GLY A 159 6.05 16.83 -22.98
N GLU A 160 6.11 16.62 -21.67
CA GLU A 160 6.79 15.46 -21.12
C GLU A 160 5.88 14.23 -21.13
N SER A 161 5.51 13.76 -19.94
CA SER A 161 4.65 12.60 -19.82
C SER A 161 5.45 11.31 -19.94
N LYS A 162 6.57 11.24 -19.23
CA LYS A 162 7.44 10.07 -19.26
C LYS A 162 6.74 8.86 -18.65
N ALA A 163 7.48 7.78 -18.45
CA ALA A 163 6.93 6.57 -17.86
C ALA A 163 8.00 5.80 -17.08
N PHE A 164 7.79 5.68 -15.77
CA PHE A 164 8.74 4.96 -14.92
C PHE A 164 9.03 3.57 -15.46
N GLU A 165 10.10 3.45 -16.25
CA GLU A 165 10.47 2.17 -16.83
C GLU A 165 11.82 1.71 -16.30
N PRO A 166 11.79 0.83 -15.28
CA PRO A 166 12.99 0.29 -14.65
C PRO A 166 13.75 -0.66 -15.58
N TRP A 167 14.92 -0.23 -16.04
CA TRP A 167 15.73 -1.04 -16.93
C TRP A 167 16.70 -1.91 -16.14
N GLU A 168 17.20 -1.37 -15.03
CA GLU A 168 18.14 -2.10 -14.18
C GLU A 168 17.66 -3.53 -13.94
N ASP A 169 16.38 -3.67 -13.61
CA ASP A 169 15.80 -4.99 -13.35
C ASP A 169 14.32 -4.86 -13.01
N ILE A 170 13.48 -5.47 -13.84
CA ILE A 170 12.03 -5.42 -13.62
C ILE A 170 11.56 -6.64 -12.83
N GLN A 171 12.04 -7.82 -13.22
CA GLN A 171 11.67 -9.06 -12.54
C GLN A 171 12.70 -9.43 -11.49
N GLU A 172 13.97 -9.34 -11.86
CA GLU A 172 15.05 -9.67 -10.94
C GLU A 172 14.78 -9.12 -9.55
N ASN A 173 14.38 -7.86 -9.49
CA ASN A 173 14.08 -7.21 -8.22
C ASN A 173 12.80 -7.77 -7.61
N PHE A 174 11.67 -7.53 -8.29
CA PHE A 174 10.38 -8.01 -7.81
C PHE A 174 10.51 -9.41 -7.20
N LEU A 175 11.26 -10.27 -7.87
CA LEU A 175 11.46 -11.64 -7.41
C LEU A 175 12.02 -11.64 -5.98
N TYR A 176 13.11 -10.90 -5.78
CA TYR A 176 13.74 -10.82 -4.47
C TYR A 176 12.72 -10.51 -3.38
N TYR A 177 12.04 -9.37 -3.53
CA TYR A 177 11.03 -8.95 -2.56
C TYR A 177 9.85 -9.91 -2.56
N GLU A 178 9.64 -10.60 -3.68
CA GLU A 178 8.55 -11.56 -3.80
C GLU A 178 8.71 -12.69 -2.79
N GLU A 179 9.92 -13.22 -2.70
CA GLU A 179 10.20 -14.31 -1.77
C GLU A 179 10.16 -13.84 -0.33
N LYS A 180 10.55 -12.59 -0.11
CA LYS A 180 10.56 -12.01 1.23
C LYS A 180 9.17 -12.02 1.83
N LEU A 181 8.27 -11.19 1.27
CA LEU A 181 6.91 -11.11 1.76
C LEU A 181 6.34 -12.49 2.04
N ALA A 182 6.65 -13.44 1.17
CA ALA A 182 6.18 -14.81 1.31
C ALA A 182 6.90 -15.52 2.46
N ASP A 183 8.21 -15.28 2.55
CA ASP A 183 9.02 -15.90 3.59
C ASP A 183 8.43 -15.63 4.97
N ILE A 184 7.57 -14.62 5.06
CA ILE A 184 6.94 -14.26 6.31
C ILE A 184 5.72 -15.13 6.59
N LEU A 185 5.13 -15.67 5.53
CA LEU A 185 3.95 -16.52 5.65
C LEU A 185 4.34 -17.90 6.18
N LYS A 186 5.53 -18.37 5.79
CA LYS A 186 6.02 -19.67 6.21
C LYS A 186 6.73 -19.57 7.56
N SER A 187 8.07 -19.49 7.51
CA SER A 187 8.87 -19.38 8.71
C SER A 187 10.12 -18.55 8.46
N GLY A 188 10.17 -17.36 9.06
CA GLY A 188 11.31 -16.49 8.89
C GLY A 188 11.79 -16.42 7.45
N PRO A 189 12.96 -15.81 7.24
CA PRO A 189 13.55 -15.67 5.91
C PRO A 189 14.02 -17.01 5.33
N SER A 190 14.83 -16.94 4.28
CA SER A 190 15.35 -18.14 3.64
C SER A 190 16.62 -18.61 4.33
N SER A 191 16.84 -18.14 5.56
CA SER A 191 18.02 -18.52 6.32
C SER A 191 17.68 -19.57 7.37
N GLY A 192 17.96 -20.83 7.04
CA GLY A 192 17.68 -21.92 7.96
C GLY A 192 18.91 -22.72 8.31
N GLY A 1 -14.53 20.21 7.86
CA GLY A 1 -14.58 20.44 6.43
C GLY A 1 -13.82 19.38 5.65
N SER A 2 -14.34 19.05 4.46
CA SER A 2 -13.72 18.03 3.62
C SER A 2 -12.74 18.69 2.63
N SER A 3 -12.08 17.85 1.83
CA SER A 3 -11.13 18.34 0.84
C SER A 3 -11.65 18.15 -0.57
N GLY A 4 -10.83 18.46 -1.56
CA GLY A 4 -11.23 18.32 -2.94
C GLY A 4 -10.17 18.81 -3.91
N SER A 5 -9.15 17.98 -4.12
CA SER A 5 -8.06 18.32 -5.03
C SER A 5 -7.83 17.21 -6.05
N SER A 6 -6.89 17.45 -6.96
CA SER A 6 -6.56 16.47 -7.99
C SER A 6 -6.57 15.05 -7.42
N GLY A 7 -5.61 14.77 -6.55
CA GLY A 7 -5.52 13.45 -5.94
C GLY A 7 -4.18 12.79 -6.21
N ARG A 8 -3.23 13.55 -6.73
CA ARG A 8 -1.91 13.02 -7.03
C ARG A 8 -0.82 13.98 -6.57
N LEU A 9 0.44 13.58 -6.76
CA LEU A 9 1.57 14.40 -6.35
C LEU A 9 2.43 14.77 -7.56
N PRO A 10 2.95 16.01 -7.56
CA PRO A 10 3.79 16.52 -8.65
C PRO A 10 5.15 15.84 -8.69
N VAL A 11 5.48 15.23 -9.82
CA VAL A 11 6.76 14.55 -9.99
C VAL A 11 7.88 15.31 -9.32
N ASN A 12 8.18 16.51 -9.83
CA ASN A 12 9.23 17.34 -9.27
C ASN A 12 9.31 17.17 -7.75
N PHE A 13 8.16 16.98 -7.13
CA PHE A 13 8.11 16.81 -5.68
C PHE A 13 8.28 15.34 -5.29
N PHE A 14 7.46 14.48 -5.89
CA PHE A 14 7.53 13.05 -5.60
C PHE A 14 8.97 12.58 -5.49
N LYS A 15 9.82 13.09 -6.38
CA LYS A 15 11.23 12.72 -6.38
C LYS A 15 11.83 12.87 -4.98
N PHE A 16 11.50 13.97 -4.31
CA PHE A 16 12.00 14.24 -2.97
C PHE A 16 10.96 13.88 -1.92
N GLN A 17 9.74 13.60 -2.37
CA GLN A 17 8.66 13.24 -1.47
C GLN A 17 8.52 11.73 -1.35
N PHE A 18 8.21 11.08 -2.47
CA PHE A 18 8.05 9.63 -2.50
C PHE A 18 9.38 8.93 -2.27
N ARG A 19 10.44 9.72 -2.19
CA ARG A 19 11.78 9.16 -1.97
C ARG A 19 12.23 9.40 -0.52
N ASN A 20 11.87 8.47 0.35
CA ASN A 20 12.23 8.57 1.76
C ASN A 20 12.99 7.33 2.21
N VAL A 21 13.97 6.92 1.41
CA VAL A 21 14.78 5.75 1.73
C VAL A 21 15.58 5.96 3.02
N GLU A 22 15.85 4.87 3.73
CA GLU A 22 16.61 4.95 4.96
C GLU A 22 17.86 5.81 4.81
N TYR A 23 18.65 5.51 3.77
CA TYR A 23 19.86 6.27 3.51
C TYR A 23 19.58 7.47 2.61
N SER A 24 18.42 8.08 2.82
CA SER A 24 18.03 9.25 2.02
C SER A 24 17.34 10.29 2.88
N SER A 25 17.68 11.56 2.66
CA SER A 25 17.09 12.65 3.43
C SER A 25 15.85 13.20 2.73
N GLY A 26 15.13 14.08 3.42
CA GLY A 26 13.93 14.66 2.85
C GLY A 26 12.72 14.45 3.72
N ARG A 27 11.64 15.17 3.42
CA ARG A 27 10.41 15.07 4.18
C ARG A 27 10.12 13.62 4.56
N ASN A 28 9.93 13.37 5.85
CA ASN A 28 9.66 12.02 6.33
C ASN A 28 8.16 11.73 6.29
N LYS A 29 7.41 12.59 5.61
CA LYS A 29 5.96 12.43 5.49
C LYS A 29 5.60 11.75 4.17
N THR A 30 5.60 10.43 4.18
CA THR A 30 5.27 9.66 2.98
C THR A 30 3.77 9.71 2.68
N PHE A 31 3.41 9.46 1.43
CA PHE A 31 2.02 9.48 1.02
C PHE A 31 1.55 8.10 0.59
N LEU A 32 0.44 7.65 1.15
CA LEU A 32 -0.12 6.34 0.84
C LEU A 32 -1.33 6.46 -0.09
N CYS A 33 -1.22 5.89 -1.28
CA CYS A 33 -2.31 5.93 -2.25
C CYS A 33 -3.39 4.92 -1.90
N TYR A 34 -4.56 5.43 -1.53
CA TYR A 34 -5.68 4.57 -1.16
C TYR A 34 -6.73 4.55 -2.27
N VAL A 35 -7.21 3.35 -2.59
CA VAL A 35 -8.23 3.19 -3.63
C VAL A 35 -9.35 2.26 -3.16
N VAL A 36 -10.53 2.83 -2.98
CA VAL A 36 -11.70 2.06 -2.54
C VAL A 36 -12.72 1.92 -3.66
N GLU A 37 -13.33 0.75 -3.76
CA GLU A 37 -14.32 0.49 -4.78
C GLU A 37 -15.46 -0.37 -4.24
N VAL A 38 -16.61 0.25 -4.00
CA VAL A 38 -17.77 -0.45 -3.47
C VAL A 38 -18.74 -0.82 -4.59
N GLN A 39 -19.56 -1.82 -4.34
CA GLN A 39 -20.55 -2.27 -5.32
C GLN A 39 -21.76 -2.90 -4.64
N SER A 40 -22.90 -2.83 -5.29
CA SER A 40 -24.14 -3.39 -4.75
C SER A 40 -24.82 -4.29 -5.77
N LYS A 41 -26.00 -4.79 -5.42
CA LYS A 41 -26.76 -5.67 -6.30
C LYS A 41 -27.43 -4.88 -7.42
N GLY A 42 -27.70 -3.60 -7.16
CA GLY A 42 -28.32 -2.75 -8.16
C GLY A 42 -27.44 -2.53 -9.37
N GLY A 43 -26.22 -2.06 -9.13
CA GLY A 43 -25.30 -1.81 -10.22
C GLY A 43 -24.45 -0.57 -9.99
N GLN A 44 -24.77 0.19 -8.96
CA GLN A 44 -24.04 1.39 -8.62
C GLN A 44 -22.83 1.08 -7.75
N ALA A 45 -21.69 1.67 -8.09
CA ALA A 45 -20.46 1.44 -7.34
C ALA A 45 -19.77 2.77 -7.02
N GLN A 46 -19.19 2.86 -5.83
CA GLN A 46 -18.50 4.07 -5.40
C GLN A 46 -16.99 3.87 -5.41
N ALA A 47 -16.28 4.80 -6.01
CA ALA A 47 -14.83 4.73 -6.09
C ALA A 47 -14.17 5.94 -5.44
N THR A 48 -13.17 5.68 -4.59
CA THR A 48 -12.47 6.75 -3.90
C THR A 48 -10.97 6.64 -4.11
N GLN A 49 -10.30 7.79 -4.15
CA GLN A 49 -8.85 7.82 -4.35
C GLN A 49 -8.24 9.03 -3.64
N GLY A 50 -6.94 8.93 -3.33
CA GLY A 50 -6.26 10.01 -2.66
C GLY A 50 -5.12 9.52 -1.79
N TYR A 51 -4.31 10.46 -1.29
CA TYR A 51 -3.17 10.12 -0.45
C TYR A 51 -3.43 10.53 0.99
N LEU A 52 -2.93 9.72 1.93
CA LEU A 52 -3.10 10.00 3.35
C LEU A 52 -1.83 10.60 3.94
N GLU A 53 -1.91 11.02 5.21
CA GLU A 53 -0.77 11.60 5.89
C GLU A 53 -0.35 10.75 7.08
N ASP A 54 0.96 10.69 7.32
CA ASP A 54 1.49 9.90 8.43
C ASP A 54 1.62 10.75 9.69
N GLU A 55 0.97 10.31 10.76
CA GLU A 55 1.02 11.04 12.03
C GLU A 55 2.43 11.04 12.61
N HIS A 56 2.94 12.23 12.93
CA HIS A 56 4.28 12.36 13.49
C HIS A 56 4.46 11.44 14.69
N ALA A 57 3.39 11.24 15.46
CA ALA A 57 3.44 10.38 16.62
C ALA A 57 2.05 9.87 16.98
N GLY A 58 1.45 9.11 16.07
CA GLY A 58 0.12 8.57 16.31
C GLY A 58 -0.22 7.42 15.38
N ALA A 59 -0.96 7.72 14.31
CA ALA A 59 -1.35 6.71 13.35
C ALA A 59 -0.72 6.99 11.98
N HIS A 60 -0.02 6.00 11.44
CA HIS A 60 0.62 6.15 10.15
C HIS A 60 -0.45 6.31 9.06
N ALA A 61 0.02 6.45 7.83
CA ALA A 61 -0.87 6.61 6.69
C ALA A 61 -1.80 5.41 6.55
N GLU A 62 -1.41 4.29 7.12
CA GLU A 62 -2.21 3.08 7.06
C GLU A 62 -3.39 3.15 8.02
N GLU A 63 -3.12 3.50 9.27
CA GLU A 63 -4.16 3.62 10.28
C GLU A 63 -5.12 4.76 9.95
N ALA A 64 -4.57 5.91 9.56
CA ALA A 64 -5.37 7.06 9.21
C ALA A 64 -6.51 6.68 8.27
N PHE A 65 -6.33 5.55 7.57
CA PHE A 65 -7.35 5.09 6.64
C PHE A 65 -8.65 4.74 7.36
N PHE A 66 -8.63 3.66 8.13
CA PHE A 66 -9.80 3.23 8.88
C PHE A 66 -10.13 4.20 10.00
N ASN A 67 -9.31 5.25 10.12
CA ASN A 67 -9.51 6.26 11.15
C ASN A 67 -10.57 7.27 10.73
N THR A 68 -10.47 7.75 9.49
CA THR A 68 -11.43 8.71 8.97
C THR A 68 -11.86 8.34 7.56
N ILE A 69 -10.91 7.90 6.74
CA ILE A 69 -11.21 7.50 5.37
C ILE A 69 -12.32 6.45 5.33
N LEU A 70 -11.97 5.23 5.73
CA LEU A 70 -12.93 4.13 5.74
C LEU A 70 -13.23 3.68 7.16
N PRO A 71 -14.11 4.43 7.85
CA PRO A 71 -14.50 4.12 9.23
C PRO A 71 -15.35 2.86 9.32
N ALA A 72 -16.25 2.69 8.36
CA ALA A 72 -17.13 1.52 8.33
C ALA A 72 -17.44 1.10 6.91
N PHE A 73 -17.93 -0.12 6.75
CA PHE A 73 -18.27 -0.65 5.43
C PHE A 73 -19.57 -1.44 5.47
N ASP A 74 -20.54 -1.02 4.67
CA ASP A 74 -21.84 -1.69 4.63
C ASP A 74 -21.69 -3.12 4.12
N PRO A 75 -22.19 -4.08 4.91
CA PRO A 75 -22.13 -5.50 4.57
C PRO A 75 -23.03 -5.86 3.40
N ALA A 76 -23.63 -4.84 2.78
CA ALA A 76 -24.51 -5.05 1.64
C ALA A 76 -23.80 -4.72 0.33
N LEU A 77 -22.59 -4.18 0.44
CA LEU A 77 -21.80 -3.81 -0.74
C LEU A 77 -20.42 -4.44 -0.68
N LYS A 78 -19.78 -4.57 -1.84
CA LYS A 78 -18.45 -5.14 -1.92
C LYS A 78 -17.39 -4.05 -2.03
N TYR A 79 -16.77 -3.70 -0.90
CA TYR A 79 -15.74 -2.68 -0.88
C TYR A 79 -14.40 -3.25 -1.30
N ASN A 80 -13.77 -2.59 -2.27
CA ASN A 80 -12.47 -3.03 -2.77
C ASN A 80 -11.39 -1.99 -2.47
N VAL A 81 -10.70 -2.15 -1.34
CA VAL A 81 -9.65 -1.23 -0.95
C VAL A 81 -8.28 -1.72 -1.42
N THR A 82 -7.48 -0.79 -1.94
CA THR A 82 -6.15 -1.12 -2.44
C THR A 82 -5.14 -0.04 -2.05
N TRP A 83 -4.04 -0.47 -1.43
CA TRP A 83 -3.00 0.45 -1.02
C TRP A 83 -1.78 0.36 -1.92
N TYR A 84 -1.24 1.50 -2.32
CA TYR A 84 -0.07 1.53 -3.20
C TYR A 84 1.03 2.40 -2.60
N VAL A 85 2.00 1.75 -1.95
CA VAL A 85 3.12 2.46 -1.34
C VAL A 85 4.45 1.82 -1.72
N SER A 86 5.53 2.41 -1.23
CA SER A 86 6.87 1.90 -1.52
C SER A 86 7.50 1.27 -0.27
N SER A 87 6.93 1.59 0.89
CA SER A 87 7.43 1.05 2.15
C SER A 87 6.37 0.19 2.84
N SER A 88 6.80 -0.95 3.36
CA SER A 88 5.88 -1.87 4.04
C SER A 88 5.51 -1.33 5.42
N PRO A 89 4.28 -1.64 5.86
CA PRO A 89 3.78 -1.20 7.15
C PRO A 89 4.47 -1.90 8.32
N CYS A 90 4.38 -1.32 9.51
CA CYS A 90 5.00 -1.89 10.70
C CYS A 90 4.13 -3.00 11.29
N ALA A 91 4.56 -3.54 12.42
CA ALA A 91 3.83 -4.60 13.10
C ALA A 91 2.51 -4.07 13.66
N ALA A 92 2.39 -2.76 13.76
CA ALA A 92 1.19 -2.13 14.28
C ALA A 92 0.25 -1.71 13.15
N CYS A 93 0.84 -1.40 12.00
CA CYS A 93 0.06 -0.97 10.84
C CYS A 93 -0.70 -2.15 10.23
N ALA A 94 -0.09 -3.32 10.26
CA ALA A 94 -0.70 -4.53 9.72
C ALA A 94 -1.73 -5.11 10.68
N ASP A 95 -1.68 -4.64 11.93
CA ASP A 95 -2.61 -5.11 12.96
C ASP A 95 -4.01 -4.59 12.70
N ARG A 96 -4.21 -3.29 12.95
CA ARG A 96 -5.52 -2.66 12.74
C ARG A 96 -6.15 -3.13 11.43
N ILE A 97 -5.31 -3.37 10.43
CA ILE A 97 -5.78 -3.81 9.12
C ILE A 97 -6.35 -5.22 9.21
N LEU A 98 -5.70 -6.08 9.97
CA LEU A 98 -6.14 -7.47 10.13
C LEU A 98 -7.36 -7.53 11.04
N LYS A 99 -7.43 -6.62 12.00
CA LYS A 99 -8.55 -6.57 12.93
C LYS A 99 -9.86 -6.31 12.20
N THR A 100 -9.80 -5.50 11.14
CA THR A 100 -10.98 -5.19 10.36
C THR A 100 -11.28 -6.26 9.33
N LEU A 101 -10.23 -6.92 8.84
CA LEU A 101 -10.37 -7.98 7.85
C LEU A 101 -10.92 -9.25 8.49
N SER A 102 -10.28 -9.68 9.58
CA SER A 102 -10.70 -10.89 10.28
C SER A 102 -12.16 -10.79 10.70
N LYS A 103 -12.71 -9.58 10.63
CA LYS A 103 -14.10 -9.36 10.99
C LYS A 103 -14.95 -9.07 9.76
N THR A 104 -14.37 -8.36 8.80
CA THR A 104 -15.08 -8.01 7.57
C THR A 104 -14.71 -8.97 6.45
N LYS A 105 -15.68 -9.28 5.59
CA LYS A 105 -15.46 -10.18 4.48
C LYS A 105 -15.67 -9.47 3.14
N ASN A 106 -16.89 -8.99 2.92
CA ASN A 106 -17.21 -8.28 1.69
C ASN A 106 -16.16 -7.22 1.37
N LEU A 107 -15.40 -6.83 2.39
CA LEU A 107 -14.36 -5.83 2.23
C LEU A 107 -13.02 -6.47 1.87
N ARG A 108 -12.46 -6.07 0.74
CA ARG A 108 -11.18 -6.61 0.28
C ARG A 108 -10.09 -5.55 0.35
N LEU A 109 -9.24 -5.65 1.37
CA LEU A 109 -8.15 -4.70 1.55
C LEU A 109 -6.86 -5.23 0.94
N LEU A 110 -6.29 -4.48 0.00
CA LEU A 110 -5.05 -4.88 -0.66
C LEU A 110 -3.94 -3.90 -0.35
N ILE A 111 -2.69 -4.37 -0.43
CA ILE A 111 -1.53 -3.53 -0.17
C ILE A 111 -0.32 -3.98 -0.99
N LEU A 112 0.39 -3.01 -1.54
CA LEU A 112 1.57 -3.31 -2.34
C LEU A 112 2.77 -2.47 -1.90
N VAL A 113 3.97 -3.01 -2.06
CA VAL A 113 5.18 -2.32 -1.67
C VAL A 113 6.33 -2.62 -2.65
N SER A 114 7.16 -1.62 -2.90
CA SER A 114 8.28 -1.77 -3.81
C SER A 114 9.45 -2.49 -3.12
N ARG A 115 9.59 -2.25 -1.83
CA ARG A 115 10.66 -2.88 -1.05
C ARG A 115 10.15 -3.31 0.32
N LEU A 116 10.58 -4.49 0.76
CA LEU A 116 10.18 -5.02 2.05
C LEU A 116 11.06 -4.48 3.16
N PHE A 117 10.43 -4.02 4.24
CA PHE A 117 11.16 -3.47 5.38
C PHE A 117 10.85 -4.26 6.66
N MET A 118 11.86 -4.42 7.50
CA MET A 118 11.70 -5.15 8.76
C MET A 118 10.93 -6.45 8.53
N TRP A 119 11.36 -7.21 7.54
CA TRP A 119 10.71 -8.49 7.22
C TRP A 119 11.49 -9.65 7.82
N GLU A 120 12.20 -9.39 8.90
CA GLU A 120 12.98 -10.41 9.58
C GLU A 120 12.68 -10.44 11.07
N GLU A 121 11.88 -9.49 11.52
CA GLU A 121 11.50 -9.40 12.93
C GLU A 121 10.44 -10.44 13.27
N PRO A 122 10.52 -10.99 14.49
CA PRO A 122 9.58 -12.02 14.97
C PRO A 122 8.19 -11.44 15.22
N GLU A 123 8.11 -10.11 15.33
CA GLU A 123 6.84 -9.44 15.57
C GLU A 123 6.14 -9.10 14.25
N VAL A 124 6.94 -8.90 13.21
CA VAL A 124 6.40 -8.57 11.89
C VAL A 124 5.79 -9.80 11.22
N GLN A 125 6.42 -10.96 11.43
CA GLN A 125 5.95 -12.20 10.84
C GLN A 125 4.53 -12.53 11.34
N ALA A 126 4.37 -12.59 12.65
CA ALA A 126 3.07 -12.89 13.24
C ALA A 126 2.08 -11.75 13.01
N ALA A 127 2.61 -10.58 12.68
CA ALA A 127 1.77 -9.40 12.44
C ALA A 127 1.46 -9.27 10.95
N LEU A 128 2.31 -9.85 10.11
CA LEU A 128 2.12 -9.79 8.66
C LEU A 128 1.35 -11.00 8.17
N LYS A 129 1.54 -12.14 8.84
CA LYS A 129 0.86 -13.37 8.47
C LYS A 129 -0.65 -13.20 8.55
N LYS A 130 -1.14 -12.78 9.71
CA LYS A 130 -2.58 -12.59 9.91
C LYS A 130 -3.22 -11.96 8.67
N LEU A 131 -2.57 -10.93 8.13
CA LEU A 131 -3.07 -10.26 6.94
C LEU A 131 -3.38 -11.25 5.83
N LYS A 132 -2.50 -12.23 5.66
CA LYS A 132 -2.67 -13.25 4.64
C LYS A 132 -3.57 -14.39 5.14
N GLU A 133 -3.72 -14.46 6.46
CA GLU A 133 -4.55 -15.50 7.07
C GLU A 133 -5.95 -14.98 7.35
N ALA A 134 -6.12 -13.67 7.22
CA ALA A 134 -7.42 -13.04 7.46
C ALA A 134 -8.16 -12.80 6.14
N GLY A 135 -7.39 -12.55 5.08
CA GLY A 135 -8.00 -12.31 3.78
C GLY A 135 -7.38 -11.11 3.08
N CYS A 136 -6.38 -10.51 3.71
CA CYS A 136 -5.72 -9.35 3.14
C CYS A 136 -4.87 -9.75 1.94
N LYS A 137 -4.63 -8.78 1.04
CA LYS A 137 -3.84 -9.04 -0.15
C LYS A 137 -2.49 -8.30 -0.08
N LEU A 138 -1.41 -9.07 -0.12
CA LEU A 138 -0.07 -8.49 -0.06
C LEU A 138 0.73 -8.86 -1.30
N ARG A 139 1.27 -7.84 -1.97
CA ARG A 139 2.07 -8.06 -3.18
C ARG A 139 3.18 -7.02 -3.29
N ILE A 140 4.12 -7.26 -4.20
CA ILE A 140 5.24 -6.35 -4.40
C ILE A 140 4.96 -5.39 -5.55
N MET A 141 4.91 -4.10 -5.24
CA MET A 141 4.66 -3.08 -6.25
C MET A 141 5.28 -3.47 -7.59
N LYS A 142 4.48 -4.11 -8.43
CA LYS A 142 4.94 -4.54 -9.75
C LYS A 142 5.16 -3.34 -10.67
N PRO A 143 5.91 -3.57 -11.77
CA PRO A 143 6.20 -2.51 -12.74
C PRO A 143 4.97 -2.11 -13.55
N GLN A 144 3.86 -2.81 -13.33
CA GLN A 144 2.63 -2.52 -14.03
C GLN A 144 1.75 -1.57 -13.22
N ASP A 145 1.77 -1.74 -11.90
CA ASP A 145 0.98 -0.90 -11.01
C ASP A 145 1.76 0.35 -10.61
N PHE A 146 3.07 0.18 -10.40
CA PHE A 146 3.92 1.29 -10.01
C PHE A 146 3.78 2.46 -10.98
N GLU A 147 3.94 2.17 -12.27
CA GLU A 147 3.83 3.20 -13.30
C GLU A 147 2.50 3.95 -13.19
N TYR A 148 1.42 3.19 -13.02
CA TYR A 148 0.09 3.77 -12.91
C TYR A 148 0.06 4.85 -11.83
N ILE A 149 0.61 4.52 -10.66
CA ILE A 149 0.65 5.47 -9.55
C ILE A 149 1.58 6.63 -9.85
N TRP A 150 2.40 6.48 -10.88
CA TRP A 150 3.35 7.52 -11.27
C TRP A 150 2.76 8.41 -12.37
N GLN A 151 1.93 7.81 -13.21
CA GLN A 151 1.30 8.55 -14.30
C GLN A 151 -0.11 9.00 -13.91
N ASN A 152 -0.65 8.39 -12.87
CA ASN A 152 -2.00 8.72 -12.39
C ASN A 152 -1.93 9.44 -11.05
N PHE A 153 -1.45 8.74 -10.03
CA PHE A 153 -1.33 9.31 -8.69
C PHE A 153 -0.25 10.39 -8.65
N VAL A 154 0.40 10.60 -9.79
CA VAL A 154 1.46 11.61 -9.88
C VAL A 154 1.33 12.43 -11.16
N GLU A 155 1.31 13.75 -11.01
CA GLU A 155 1.18 14.65 -12.15
C GLU A 155 2.52 14.81 -12.86
N GLN A 156 2.57 14.37 -14.11
CA GLN A 156 3.80 14.46 -14.90
C GLN A 156 4.14 15.93 -15.19
N GLU A 157 5.32 16.14 -15.76
CA GLU A 157 5.77 17.49 -16.09
C GLU A 157 5.03 18.02 -17.32
N GLU A 158 5.23 19.30 -17.61
CA GLU A 158 4.59 19.92 -18.77
C GLU A 158 5.52 19.91 -19.98
N GLY A 159 5.02 19.37 -21.08
CA GLY A 159 5.81 19.29 -22.30
C GLY A 159 6.74 18.09 -22.32
N GLU A 160 6.97 17.51 -21.15
CA GLU A 160 7.84 16.35 -21.04
C GLU A 160 7.03 15.07 -20.82
N SER A 161 7.72 13.94 -20.81
CA SER A 161 7.07 12.65 -20.62
C SER A 161 8.07 11.57 -20.23
N LYS A 162 8.01 11.15 -18.97
CA LYS A 162 8.92 10.13 -18.47
C LYS A 162 8.16 8.87 -18.09
N ALA A 163 8.89 7.85 -17.64
CA ALA A 163 8.27 6.59 -17.24
C ALA A 163 9.20 5.79 -16.32
N PHE A 164 8.68 5.39 -15.17
CA PHE A 164 9.46 4.62 -14.20
C PHE A 164 10.14 3.43 -14.87
N GLU A 165 11.41 3.60 -15.23
CA GLU A 165 12.17 2.53 -15.87
C GLU A 165 13.31 2.05 -14.98
N PRO A 166 13.07 0.96 -14.26
CA PRO A 166 14.07 0.38 -13.35
C PRO A 166 15.24 -0.25 -14.10
N TRP A 167 16.40 0.37 -13.99
CA TRP A 167 17.60 -0.13 -14.66
C TRP A 167 18.38 -1.07 -13.75
N GLU A 168 18.36 -0.79 -12.46
CA GLU A 168 19.06 -1.60 -11.48
C GLU A 168 18.62 -3.07 -11.57
N ASP A 169 17.30 -3.27 -11.59
CA ASP A 169 16.75 -4.62 -11.67
C ASP A 169 15.23 -4.57 -11.85
N ILE A 170 14.75 -5.13 -12.96
CA ILE A 170 13.32 -5.15 -13.26
C ILE A 170 12.66 -6.37 -12.63
N GLN A 171 13.12 -7.55 -13.02
CA GLN A 171 12.56 -8.80 -12.50
C GLN A 171 13.26 -9.21 -11.21
N GLU A 172 14.58 -9.13 -11.21
CA GLU A 172 15.38 -9.50 -10.04
C GLU A 172 14.89 -8.75 -8.80
N ASN A 173 14.38 -7.54 -9.02
CA ASN A 173 13.88 -6.72 -7.92
C ASN A 173 12.49 -7.17 -7.48
N PHE A 174 11.54 -7.07 -8.41
CA PHE A 174 10.16 -7.48 -8.12
C PHE A 174 10.12 -8.86 -7.50
N LEU A 175 11.01 -9.74 -7.95
CA LEU A 175 11.08 -11.10 -7.43
C LEU A 175 11.78 -11.14 -6.08
N TYR A 176 13.04 -10.71 -6.06
CA TYR A 176 13.82 -10.69 -4.83
C TYR A 176 12.95 -10.37 -3.63
N TYR A 177 11.99 -9.48 -3.83
CA TYR A 177 11.09 -9.08 -2.75
C TYR A 177 9.89 -10.03 -2.67
N GLU A 178 9.36 -10.41 -3.82
CA GLU A 178 8.22 -11.32 -3.87
C GLU A 178 8.44 -12.52 -2.95
N GLU A 179 9.69 -12.93 -2.80
CA GLU A 179 10.04 -14.06 -1.95
C GLU A 179 10.11 -13.63 -0.48
N LYS A 180 10.41 -12.36 -0.26
CA LYS A 180 10.52 -11.82 1.09
C LYS A 180 9.16 -11.78 1.76
N LEU A 181 8.23 -11.05 1.16
CA LEU A 181 6.87 -10.93 1.71
C LEU A 181 6.26 -12.30 1.96
N ALA A 182 6.49 -13.23 1.03
CA ALA A 182 5.96 -14.58 1.16
C ALA A 182 6.68 -15.35 2.26
N ASP A 183 8.01 -15.28 2.25
CA ASP A 183 8.81 -15.96 3.25
C ASP A 183 8.10 -15.98 4.60
N ILE A 184 7.82 -14.80 5.12
CA ILE A 184 7.15 -14.67 6.41
C ILE A 184 5.98 -15.64 6.52
N LEU A 185 5.20 -15.75 5.45
CA LEU A 185 4.05 -16.65 5.41
C LEU A 185 4.48 -18.09 5.69
N LYS A 186 5.62 -18.48 5.13
CA LYS A 186 6.14 -19.83 5.31
C LYS A 186 7.31 -19.83 6.29
N SER A 187 7.09 -20.39 7.48
CA SER A 187 8.14 -20.44 8.49
C SER A 187 8.31 -21.87 9.01
N GLY A 188 9.42 -22.12 9.69
CA GLY A 188 9.69 -23.44 10.22
C GLY A 188 10.84 -23.44 11.22
N PRO A 189 10.83 -24.42 12.13
CA PRO A 189 11.87 -24.56 13.15
C PRO A 189 13.21 -24.98 12.57
N SER A 190 14.17 -24.05 12.55
CA SER A 190 15.49 -24.33 12.02
C SER A 190 16.27 -25.27 12.94
N SER A 191 16.23 -26.56 12.63
CA SER A 191 16.92 -27.55 13.43
C SER A 191 18.13 -28.11 12.69
N GLY A 192 19.31 -27.63 13.04
CA GLY A 192 20.53 -28.09 12.39
C GLY A 192 21.76 -27.37 12.89
N GLY A 1 -12.49 17.75 6.36
CA GLY A 1 -11.60 17.57 5.23
C GLY A 1 -11.81 18.61 4.15
N SER A 2 -11.75 18.18 2.90
CA SER A 2 -11.92 19.08 1.77
C SER A 2 -10.89 20.20 1.81
N SER A 3 -9.63 19.83 2.00
CA SER A 3 -8.54 20.80 2.06
C SER A 3 -7.43 20.44 1.08
N GLY A 4 -7.82 20.22 -0.18
CA GLY A 4 -6.85 19.87 -1.19
C GLY A 4 -7.36 20.13 -2.60
N SER A 5 -6.44 20.29 -3.55
CA SER A 5 -6.80 20.56 -4.94
C SER A 5 -6.95 19.25 -5.71
N SER A 6 -5.87 18.48 -5.78
CA SER A 6 -5.86 17.22 -6.50
C SER A 6 -5.61 16.06 -5.55
N GLY A 7 -5.91 14.84 -6.02
CA GLY A 7 -5.70 13.67 -5.18
C GLY A 7 -4.36 13.00 -5.46
N ARG A 8 -3.51 13.68 -6.21
CA ARG A 8 -2.19 13.14 -6.55
C ARG A 8 -1.09 14.12 -6.15
N LEU A 9 0.15 13.71 -6.36
CA LEU A 9 1.30 14.54 -6.01
C LEU A 9 2.13 14.86 -7.24
N PRO A 10 2.66 16.09 -7.31
CA PRO A 10 3.48 16.55 -8.42
C PRO A 10 4.85 15.87 -8.46
N VAL A 11 5.24 15.39 -9.63
CA VAL A 11 6.52 14.71 -9.80
C VAL A 11 7.67 15.56 -9.26
N ASN A 12 7.60 16.86 -9.52
CA ASN A 12 8.64 17.78 -9.05
C ASN A 12 8.93 17.56 -7.58
N PHE A 13 7.90 17.23 -6.81
CA PHE A 13 8.07 16.99 -5.38
C PHE A 13 8.15 15.50 -5.08
N PHE A 14 7.13 14.75 -5.49
CA PHE A 14 7.09 13.32 -5.27
C PHE A 14 8.45 12.70 -5.54
N LYS A 15 9.25 13.35 -6.37
CA LYS A 15 10.58 12.86 -6.72
C LYS A 15 11.46 12.77 -5.47
N PHE A 16 11.40 13.80 -4.64
CA PHE A 16 12.20 13.83 -3.41
C PHE A 16 11.40 13.30 -2.23
N GLN A 17 10.10 13.10 -2.45
CA GLN A 17 9.22 12.59 -1.40
C GLN A 17 9.06 11.07 -1.52
N PHE A 18 8.50 10.62 -2.64
CA PHE A 18 8.28 9.20 -2.87
C PHE A 18 9.61 8.49 -3.13
N ARG A 19 10.26 8.85 -4.22
CA ARG A 19 11.54 8.24 -4.60
C ARG A 19 12.58 8.48 -3.51
N ASN A 20 13.16 7.40 -3.01
CA ASN A 20 14.18 7.49 -1.96
C ASN A 20 14.78 6.12 -1.66
N VAL A 21 16.01 5.90 -2.11
CA VAL A 21 16.69 4.63 -1.90
C VAL A 21 17.86 4.80 -0.92
N GLU A 22 18.41 3.67 -0.48
CA GLU A 22 19.52 3.70 0.46
C GLU A 22 20.79 4.21 -0.23
N TYR A 23 21.04 3.72 -1.43
CA TYR A 23 22.22 4.13 -2.19
C TYR A 23 22.10 5.57 -2.67
N SER A 24 20.92 6.16 -2.46
CA SER A 24 20.67 7.54 -2.87
C SER A 24 20.09 8.34 -1.72
N SER A 25 20.88 9.29 -1.21
CA SER A 25 20.45 10.14 -0.11
C SER A 25 19.25 10.99 -0.51
N GLY A 26 18.20 10.95 0.31
CA GLY A 26 17.00 11.71 0.02
C GLY A 26 15.74 10.98 0.42
N ARG A 27 15.41 11.01 1.71
CA ARG A 27 14.22 10.35 2.22
C ARG A 27 13.35 11.31 3.01
N ASN A 28 12.06 10.98 3.13
CA ASN A 28 11.13 11.82 3.87
C ASN A 28 9.75 11.18 3.91
N LYS A 29 8.85 11.77 4.71
CA LYS A 29 7.49 11.26 4.84
C LYS A 29 6.93 10.86 3.47
N THR A 30 6.45 9.62 3.39
CA THR A 30 5.88 9.12 2.15
C THR A 30 4.35 9.18 2.17
N PHE A 31 3.75 9.20 0.98
CA PHE A 31 2.30 9.27 0.87
C PHE A 31 1.73 7.93 0.43
N LEU A 32 0.76 7.42 1.18
CA LEU A 32 0.13 6.15 0.86
C LEU A 32 -1.17 6.35 0.08
N CYS A 33 -1.22 5.81 -1.12
CA CYS A 33 -2.39 5.94 -1.97
C CYS A 33 -3.44 4.88 -1.62
N TYR A 34 -4.69 5.29 -1.52
CA TYR A 34 -5.77 4.37 -1.19
C TYR A 34 -6.89 4.45 -2.23
N VAL A 35 -7.37 3.28 -2.65
CA VAL A 35 -8.43 3.22 -3.64
C VAL A 35 -9.53 2.24 -3.21
N VAL A 36 -10.67 2.78 -2.79
CA VAL A 36 -11.79 1.96 -2.36
C VAL A 36 -12.87 1.89 -3.43
N GLU A 37 -13.27 0.67 -3.77
CA GLU A 37 -14.30 0.46 -4.78
C GLU A 37 -15.43 -0.41 -4.25
N VAL A 38 -16.56 0.21 -3.96
CA VAL A 38 -17.72 -0.52 -3.43
C VAL A 38 -18.70 -0.85 -4.55
N GLN A 39 -19.56 -1.85 -4.29
CA GLN A 39 -20.54 -2.27 -5.27
C GLN A 39 -21.78 -2.85 -4.59
N SER A 40 -22.92 -2.76 -5.26
CA SER A 40 -24.17 -3.27 -4.72
C SER A 40 -24.85 -4.23 -5.69
N LYS A 41 -26.03 -4.71 -5.33
CA LYS A 41 -26.78 -5.63 -6.17
C LYS A 41 -27.44 -4.89 -7.33
N GLY A 42 -26.63 -4.40 -8.26
CA GLY A 42 -27.16 -3.69 -9.40
C GLY A 42 -26.08 -3.13 -10.30
N GLY A 43 -25.79 -1.84 -10.13
CA GLY A 43 -24.76 -1.20 -10.95
C GLY A 43 -24.24 0.08 -10.32
N GLN A 44 -24.49 0.24 -9.02
CA GLN A 44 -24.03 1.43 -8.31
C GLN A 44 -22.80 1.11 -7.47
N ALA A 45 -21.70 1.80 -7.78
CA ALA A 45 -20.45 1.59 -7.04
C ALA A 45 -19.82 2.93 -6.66
N GLN A 46 -19.24 2.98 -5.47
CA GLN A 46 -18.60 4.20 -4.98
C GLN A 46 -17.08 4.06 -4.96
N ALA A 47 -16.41 4.78 -5.84
CA ALA A 47 -14.96 4.74 -5.93
C ALA A 47 -14.32 5.94 -5.21
N THR A 48 -13.30 5.67 -4.42
CA THR A 48 -12.61 6.72 -3.69
C THR A 48 -11.10 6.68 -3.94
N GLN A 49 -10.45 7.82 -3.79
CA GLN A 49 -9.01 7.92 -4.01
C GLN A 49 -8.40 9.02 -3.15
N GLY A 50 -7.09 8.97 -2.97
CA GLY A 50 -6.40 9.97 -2.17
C GLY A 50 -5.17 9.42 -1.47
N TYR A 51 -4.48 10.28 -0.74
CA TYR A 51 -3.28 9.87 -0.01
C TYR A 51 -3.37 10.26 1.46
N LEU A 52 -2.59 9.57 2.30
CA LEU A 52 -2.58 9.85 3.72
C LEU A 52 -1.17 10.16 4.20
N GLU A 53 -1.08 10.82 5.36
CA GLU A 53 0.22 11.18 5.93
C GLU A 53 0.46 10.42 7.24
N ASP A 54 1.64 9.83 7.34
CA ASP A 54 2.00 9.07 8.54
C ASP A 54 2.37 10.01 9.69
N GLU A 55 1.71 9.84 10.82
CA GLU A 55 1.96 10.67 12.00
C GLU A 55 3.26 10.25 12.69
N HIS A 56 4.11 11.23 12.99
CA HIS A 56 5.38 10.96 13.65
C HIS A 56 5.18 10.05 14.86
N ALA A 57 3.99 10.13 15.47
CA ALA A 57 3.69 9.31 16.64
C ALA A 57 2.18 9.29 16.90
N GLY A 58 1.49 8.31 16.30
CA GLY A 58 0.06 8.20 16.48
C GLY A 58 -0.59 7.32 15.43
N ALA A 59 -1.26 7.94 14.46
CA ALA A 59 -1.93 7.20 13.40
C ALA A 59 -1.06 7.15 12.15
N HIS A 60 -0.52 5.96 11.85
CA HIS A 60 0.32 5.79 10.69
C HIS A 60 -0.53 5.88 9.42
N ALA A 61 0.12 6.31 8.34
CA ALA A 61 -0.54 6.46 7.06
C ALA A 61 -1.57 5.35 6.85
N GLU A 62 -1.29 4.17 7.39
CA GLU A 62 -2.20 3.04 7.27
C GLU A 62 -3.46 3.25 8.10
N GLU A 63 -3.28 3.71 9.33
CA GLU A 63 -4.40 3.95 10.22
C GLU A 63 -5.25 5.12 9.74
N ALA A 64 -4.61 6.26 9.53
CA ALA A 64 -5.30 7.46 9.07
C ALA A 64 -6.37 7.11 8.05
N PHE A 65 -6.16 6.01 7.33
CA PHE A 65 -7.11 5.56 6.32
C PHE A 65 -8.47 5.24 6.95
N PHE A 66 -8.52 4.12 7.65
CA PHE A 66 -9.76 3.69 8.31
C PHE A 66 -10.22 4.72 9.34
N ASN A 67 -9.36 5.69 9.60
CA ASN A 67 -9.67 6.74 10.57
C ASN A 67 -10.65 7.75 9.98
N THR A 68 -10.47 8.07 8.70
CA THR A 68 -11.33 9.02 8.02
C THR A 68 -11.75 8.50 6.64
N ILE A 69 -10.80 7.90 5.93
CA ILE A 69 -11.07 7.35 4.61
C ILE A 69 -12.20 6.32 4.65
N LEU A 70 -11.89 5.16 5.20
CA LEU A 70 -12.88 4.08 5.32
C LEU A 70 -13.30 3.87 6.77
N PRO A 71 -14.15 4.76 7.28
CA PRO A 71 -14.65 4.69 8.65
C PRO A 71 -15.60 3.51 8.87
N ALA A 72 -16.48 3.28 7.91
CA ALA A 72 -17.44 2.19 8.00
C ALA A 72 -17.74 1.61 6.63
N PHE A 73 -18.22 0.37 6.59
CA PHE A 73 -18.55 -0.28 5.33
C PHE A 73 -19.80 -1.16 5.49
N ASP A 74 -20.65 -1.15 4.48
CA ASP A 74 -21.87 -1.94 4.50
C ASP A 74 -21.61 -3.38 4.07
N PRO A 75 -22.07 -4.34 4.89
CA PRO A 75 -21.89 -5.77 4.61
C PRO A 75 -22.71 -6.24 3.42
N ALA A 76 -23.37 -5.30 2.76
CA ALA A 76 -24.20 -5.62 1.61
C ALA A 76 -23.52 -5.20 0.30
N LEU A 77 -22.39 -4.52 0.44
CA LEU A 77 -21.64 -4.05 -0.72
C LEU A 77 -20.23 -4.65 -0.75
N LYS A 78 -19.64 -4.71 -1.94
CA LYS A 78 -18.30 -5.26 -2.10
C LYS A 78 -17.26 -4.15 -2.19
N TYR A 79 -16.65 -3.84 -1.05
CA TYR A 79 -15.63 -2.79 -0.99
C TYR A 79 -14.27 -3.32 -1.45
N ASN A 80 -13.65 -2.64 -2.39
CA ASN A 80 -12.35 -3.04 -2.91
C ASN A 80 -11.30 -1.98 -2.61
N VAL A 81 -10.60 -2.14 -1.49
CA VAL A 81 -9.57 -1.19 -1.09
C VAL A 81 -8.20 -1.63 -1.63
N THR A 82 -7.51 -0.69 -2.27
CA THR A 82 -6.20 -0.98 -2.84
C THR A 82 -5.16 0.03 -2.34
N TRP A 83 -4.16 -0.45 -1.62
CA TRP A 83 -3.11 0.40 -1.09
C TRP A 83 -1.84 0.29 -1.92
N TYR A 84 -1.21 1.43 -2.20
CA TYR A 84 0.01 1.46 -2.99
C TYR A 84 1.10 2.27 -2.29
N VAL A 85 2.01 1.57 -1.61
CA VAL A 85 3.09 2.22 -0.90
C VAL A 85 4.44 1.59 -1.25
N SER A 86 5.51 2.20 -0.76
CA SER A 86 6.85 1.69 -1.02
C SER A 86 7.44 1.03 0.22
N SER A 87 7.00 1.48 1.39
CA SER A 87 7.49 0.93 2.65
C SER A 87 6.43 0.03 3.29
N SER A 88 6.87 -1.09 3.87
CA SER A 88 5.97 -2.04 4.51
C SER A 88 5.51 -1.52 5.87
N PRO A 89 4.27 -1.85 6.24
CA PRO A 89 3.69 -1.43 7.52
C PRO A 89 4.34 -2.12 8.71
N CYS A 90 4.25 -1.50 9.87
CA CYS A 90 4.82 -2.05 11.09
C CYS A 90 3.90 -3.12 11.69
N ALA A 91 4.44 -3.86 12.66
CA ALA A 91 3.66 -4.92 13.31
C ALA A 91 2.35 -4.36 13.88
N ALA A 92 2.27 -3.05 13.97
CA ALA A 92 1.06 -2.40 14.49
C ALA A 92 0.15 -1.96 13.36
N CYS A 93 0.74 -1.49 12.26
CA CYS A 93 -0.03 -1.03 11.11
C CYS A 93 -0.82 -2.18 10.49
N ALA A 94 -0.20 -3.35 10.42
CA ALA A 94 -0.85 -4.53 9.86
C ALA A 94 -1.93 -5.06 10.81
N ASP A 95 -1.85 -4.65 12.07
CA ASP A 95 -2.82 -5.09 13.07
C ASP A 95 -4.20 -4.52 12.78
N ARG A 96 -4.35 -3.22 13.02
CA ARG A 96 -5.63 -2.55 12.79
C ARG A 96 -6.16 -2.86 11.40
N ILE A 97 -5.28 -3.34 10.53
CA ILE A 97 -5.67 -3.68 9.16
C ILE A 97 -6.29 -5.08 9.10
N LEU A 98 -5.67 -6.02 9.80
CA LEU A 98 -6.16 -7.40 9.84
C LEU A 98 -7.43 -7.51 10.69
N LYS A 99 -7.53 -6.65 11.69
CA LYS A 99 -8.68 -6.64 12.59
C LYS A 99 -9.93 -6.17 11.86
N THR A 100 -9.72 -5.45 10.75
CA THR A 100 -10.84 -4.93 9.96
C THR A 100 -11.31 -5.96 8.94
N LEU A 101 -10.40 -6.80 8.48
CA LEU A 101 -10.72 -7.83 7.50
C LEU A 101 -11.39 -9.03 8.17
N SER A 102 -10.94 -9.33 9.39
CA SER A 102 -11.49 -10.45 10.14
C SER A 102 -12.96 -10.21 10.48
N LYS A 103 -13.41 -8.98 10.32
CA LYS A 103 -14.79 -8.62 10.60
C LYS A 103 -15.56 -8.34 9.31
N THR A 104 -14.88 -7.70 8.35
CA THR A 104 -15.49 -7.37 7.07
C THR A 104 -15.04 -8.33 5.98
N LYS A 105 -15.93 -9.23 5.57
CA LYS A 105 -15.61 -10.20 4.53
C LYS A 105 -15.75 -9.57 3.14
N ASN A 106 -16.94 -9.07 2.84
CA ASN A 106 -17.21 -8.44 1.55
C ASN A 106 -16.15 -7.39 1.23
N LEU A 107 -15.41 -6.97 2.25
CA LEU A 107 -14.37 -5.96 2.07
C LEU A 107 -13.04 -6.63 1.74
N ARG A 108 -12.41 -6.16 0.67
CA ARG A 108 -11.12 -6.70 0.24
C ARG A 108 -10.04 -5.63 0.30
N LEU A 109 -9.23 -5.68 1.34
CA LEU A 109 -8.14 -4.72 1.53
C LEU A 109 -6.84 -5.24 0.91
N LEU A 110 -6.29 -4.48 -0.02
CA LEU A 110 -5.04 -4.86 -0.68
C LEU A 110 -3.92 -3.88 -0.33
N ILE A 111 -2.70 -4.40 -0.24
CA ILE A 111 -1.54 -3.59 0.09
C ILE A 111 -0.30 -4.08 -0.63
N LEU A 112 0.41 -3.17 -1.30
CA LEU A 112 1.62 -3.52 -2.02
C LEU A 112 2.80 -2.69 -1.54
N VAL A 113 4.00 -3.23 -1.70
CA VAL A 113 5.22 -2.54 -1.28
C VAL A 113 6.36 -2.82 -2.25
N SER A 114 7.04 -1.75 -2.66
CA SER A 114 8.17 -1.88 -3.59
C SER A 114 9.43 -2.33 -2.85
N ARG A 115 9.45 -2.11 -1.54
CA ARG A 115 10.60 -2.50 -0.72
C ARG A 115 10.13 -3.02 0.64
N LEU A 116 10.70 -4.15 1.04
CA LEU A 116 10.35 -4.77 2.32
C LEU A 116 11.17 -4.15 3.45
N PHE A 117 10.48 -3.66 4.48
CA PHE A 117 11.15 -3.05 5.62
C PHE A 117 11.05 -3.95 6.86
N MET A 118 12.17 -4.10 7.55
CA MET A 118 12.20 -4.93 8.75
C MET A 118 11.45 -6.24 8.53
N TRP A 119 11.70 -6.89 7.41
CA TRP A 119 11.04 -8.15 7.08
C TRP A 119 11.79 -9.33 7.66
N GLU A 120 12.59 -9.07 8.70
CA GLU A 120 13.37 -10.11 9.35
C GLU A 120 12.98 -10.24 10.82
N GLU A 121 12.22 -9.27 11.31
CA GLU A 121 11.79 -9.27 12.71
C GLU A 121 10.80 -10.41 12.96
N PRO A 122 10.90 -11.00 14.16
CA PRO A 122 10.02 -12.11 14.56
C PRO A 122 8.58 -11.66 14.78
N GLU A 123 8.36 -10.36 14.79
CA GLU A 123 7.04 -9.79 15.00
C GLU A 123 6.36 -9.49 13.67
N VAL A 124 7.09 -8.85 12.76
CA VAL A 124 6.56 -8.50 11.45
C VAL A 124 5.98 -9.73 10.76
N GLN A 125 6.68 -10.85 10.89
CA GLN A 125 6.23 -12.10 10.27
C GLN A 125 4.84 -12.50 10.77
N ALA A 126 4.71 -12.61 12.09
CA ALA A 126 3.43 -12.97 12.69
C ALA A 126 2.42 -11.84 12.56
N ALA A 127 2.91 -10.63 12.37
CA ALA A 127 2.05 -9.46 12.24
C ALA A 127 1.57 -9.31 10.80
N LEU A 128 2.37 -9.80 9.85
CA LEU A 128 2.02 -9.72 8.44
C LEU A 128 1.30 -10.97 7.98
N LYS A 129 1.64 -12.11 8.57
CA LYS A 129 1.02 -13.38 8.23
C LYS A 129 -0.50 -13.29 8.36
N LYS A 130 -0.97 -12.91 9.54
CA LYS A 130 -2.40 -12.79 9.78
C LYS A 130 -3.11 -12.15 8.58
N LEU A 131 -2.58 -11.02 8.14
CA LEU A 131 -3.16 -10.31 6.99
C LEU A 131 -3.43 -11.27 5.84
N LYS A 132 -2.51 -12.19 5.61
CA LYS A 132 -2.64 -13.17 4.54
C LYS A 132 -3.54 -14.33 4.98
N GLU A 133 -3.68 -14.50 6.29
CA GLU A 133 -4.51 -15.57 6.83
C GLU A 133 -5.92 -15.07 7.15
N ALA A 134 -6.09 -13.76 7.09
CA ALA A 134 -7.39 -13.14 7.37
C ALA A 134 -8.15 -12.87 6.07
N GLY A 135 -7.41 -12.58 5.01
CA GLY A 135 -8.03 -12.30 3.73
C GLY A 135 -7.37 -11.15 3.00
N CYS A 136 -6.48 -10.45 3.69
CA CYS A 136 -5.77 -9.32 3.10
C CYS A 136 -4.92 -9.76 1.92
N LYS A 137 -4.61 -8.82 1.04
CA LYS A 137 -3.80 -9.12 -0.14
C LYS A 137 -2.43 -8.44 -0.05
N LEU A 138 -1.38 -9.24 -0.10
CA LEU A 138 -0.02 -8.71 -0.03
C LEU A 138 0.78 -9.07 -1.28
N ARG A 139 1.28 -8.05 -1.97
CA ARG A 139 2.06 -8.26 -3.19
C ARG A 139 3.06 -7.13 -3.40
N ILE A 140 4.30 -7.49 -3.72
CA ILE A 140 5.34 -6.50 -3.96
C ILE A 140 4.99 -5.57 -5.11
N MET A 141 4.96 -4.27 -4.82
CA MET A 141 4.63 -3.28 -5.84
C MET A 141 5.14 -3.71 -7.21
N LYS A 142 4.29 -4.38 -7.98
CA LYS A 142 4.66 -4.84 -9.31
C LYS A 142 4.87 -3.66 -10.25
N PRO A 143 5.66 -3.89 -11.33
CA PRO A 143 5.95 -2.86 -12.32
C PRO A 143 4.74 -2.52 -13.18
N GLN A 144 3.63 -3.23 -12.95
CA GLN A 144 2.41 -2.99 -13.69
C GLN A 144 1.52 -1.99 -12.97
N ASP A 145 1.54 -2.03 -11.64
CA ASP A 145 0.73 -1.12 -10.83
C ASP A 145 1.51 0.16 -10.52
N PHE A 146 2.78 0.00 -10.19
CA PHE A 146 3.62 1.14 -9.85
C PHE A 146 3.46 2.26 -10.88
N GLU A 147 3.89 2.00 -12.11
CA GLU A 147 3.78 2.97 -13.18
C GLU A 147 2.48 3.76 -13.08
N TYR A 148 1.37 3.03 -12.95
CA TYR A 148 0.05 3.66 -12.85
C TYR A 148 0.03 4.70 -11.73
N ILE A 149 0.55 4.33 -10.57
CA ILE A 149 0.59 5.23 -9.42
C ILE A 149 1.54 6.40 -9.69
N TRP A 150 2.38 6.26 -10.71
CA TRP A 150 3.33 7.29 -11.06
C TRP A 150 2.77 8.22 -12.13
N GLN A 151 1.91 7.67 -12.99
CA GLN A 151 1.30 8.45 -14.06
C GLN A 151 -0.09 8.93 -13.65
N ASN A 152 -0.65 8.31 -12.62
CA ASN A 152 -1.97 8.67 -12.13
C ASN A 152 -1.88 9.39 -10.79
N PHE A 153 -1.43 8.67 -9.78
CA PHE A 153 -1.29 9.24 -8.44
C PHE A 153 -0.18 10.29 -8.40
N VAL A 154 0.49 10.47 -9.54
CA VAL A 154 1.57 11.44 -9.63
C VAL A 154 1.44 12.29 -10.89
N GLU A 155 1.53 13.62 -10.71
CA GLU A 155 1.42 14.54 -11.83
C GLU A 155 2.76 14.73 -12.52
N GLN A 156 2.76 14.66 -13.85
CA GLN A 156 3.98 14.82 -14.63
C GLN A 156 4.02 16.18 -15.31
N GLU A 157 5.21 16.76 -15.41
CA GLU A 157 5.37 18.07 -16.05
C GLU A 157 4.75 18.07 -17.45
N GLU A 158 4.86 19.21 -18.14
CA GLU A 158 4.32 19.34 -19.48
C GLU A 158 5.38 19.02 -20.53
N GLY A 159 4.95 18.36 -21.60
CA GLY A 159 5.87 18.01 -22.67
C GLY A 159 6.65 16.74 -22.37
N GLU A 160 7.00 16.55 -21.10
CA GLU A 160 7.74 15.36 -20.69
C GLU A 160 6.81 14.18 -20.49
N SER A 161 6.60 13.80 -19.23
CA SER A 161 5.73 12.66 -18.91
C SER A 161 6.48 11.34 -19.07
N LYS A 162 7.46 11.12 -18.20
CA LYS A 162 8.25 9.89 -18.24
C LYS A 162 7.40 8.68 -17.87
N ALA A 163 8.05 7.61 -17.45
CA ALA A 163 7.35 6.38 -17.06
C ALA A 163 8.28 5.42 -16.33
N PHE A 164 7.71 4.59 -15.48
CA PHE A 164 8.50 3.62 -14.72
C PHE A 164 9.22 2.65 -15.65
N GLU A 165 10.47 2.98 -15.96
CA GLU A 165 11.28 2.14 -16.84
C GLU A 165 12.48 1.55 -16.10
N PRO A 166 12.33 0.30 -15.64
CA PRO A 166 13.38 -0.41 -14.90
C PRO A 166 14.56 -0.77 -15.79
N TRP A 167 15.68 -0.07 -15.60
CA TRP A 167 16.88 -0.32 -16.38
C TRP A 167 17.80 -1.30 -15.67
N GLU A 168 17.44 -1.66 -14.45
CA GLU A 168 18.24 -2.58 -13.65
C GLU A 168 17.65 -3.99 -13.71
N ASP A 169 16.33 -4.07 -13.67
CA ASP A 169 15.64 -5.36 -13.72
C ASP A 169 14.13 -5.16 -13.74
N ILE A 170 13.44 -5.97 -14.54
CA ILE A 170 11.99 -5.88 -14.65
C ILE A 170 11.31 -6.85 -13.68
N GLN A 171 11.60 -8.14 -13.83
CA GLN A 171 11.02 -9.15 -12.96
C GLN A 171 11.95 -9.50 -11.81
N GLU A 172 13.25 -9.50 -12.10
CA GLU A 172 14.25 -9.81 -11.08
C GLU A 172 14.03 -8.95 -9.83
N ASN A 173 13.66 -7.70 -10.04
CA ASN A 173 13.43 -6.77 -8.94
C ASN A 173 12.25 -7.24 -8.09
N PHE A 174 11.06 -7.25 -8.68
CA PHE A 174 9.85 -7.67 -7.99
C PHE A 174 10.04 -9.03 -7.34
N LEU A 175 10.69 -9.94 -8.07
CA LEU A 175 10.94 -11.28 -7.57
C LEU A 175 11.70 -11.25 -6.24
N TYR A 176 12.76 -10.44 -6.20
CA TYR A 176 13.56 -10.32 -4.98
C TYR A 176 12.68 -10.07 -3.77
N TYR A 177 12.00 -8.92 -3.76
CA TYR A 177 11.13 -8.57 -2.64
C TYR A 177 10.02 -9.61 -2.47
N GLU A 178 9.60 -10.21 -3.58
CA GLU A 178 8.55 -11.23 -3.53
C GLU A 178 8.92 -12.36 -2.57
N GLU A 179 10.20 -12.69 -2.54
CA GLU A 179 10.69 -13.76 -1.67
C GLU A 179 10.64 -13.33 -0.21
N LYS A 180 10.93 -12.06 0.03
CA LYS A 180 10.92 -11.51 1.38
C LYS A 180 9.52 -11.58 2.00
N LEU A 181 8.58 -10.88 1.40
CA LEU A 181 7.21 -10.86 1.89
C LEU A 181 6.69 -12.29 2.06
N ALA A 182 6.92 -13.12 1.05
CA ALA A 182 6.47 -14.51 1.10
C ALA A 182 7.13 -15.26 2.26
N ASP A 183 8.46 -15.25 2.29
CA ASP A 183 9.19 -15.93 3.35
C ASP A 183 8.44 -15.85 4.68
N ILE A 184 8.12 -14.63 5.09
CA ILE A 184 7.40 -14.42 6.34
C ILE A 184 6.29 -15.46 6.52
N LEU A 185 5.50 -15.66 5.47
CA LEU A 185 4.41 -16.63 5.52
C LEU A 185 4.92 -18.01 5.92
N LYS A 186 6.05 -18.40 5.34
CA LYS A 186 6.65 -19.70 5.62
C LYS A 186 7.79 -19.57 6.62
N SER A 187 8.44 -20.69 6.92
CA SER A 187 9.55 -20.69 7.88
C SER A 187 10.77 -21.39 7.27
N GLY A 188 10.59 -21.96 6.09
CA GLY A 188 11.68 -22.65 5.43
C GLY A 188 12.22 -23.81 6.25
N PRO A 189 13.34 -24.38 5.80
CA PRO A 189 13.98 -25.51 6.49
C PRO A 189 14.60 -25.10 7.82
N SER A 190 14.58 -26.02 8.77
CA SER A 190 15.13 -25.77 10.11
C SER A 190 15.84 -27.01 10.65
N SER A 191 16.81 -26.78 11.53
CA SER A 191 17.57 -27.88 12.12
C SER A 191 18.49 -27.36 13.22
N GLY A 192 18.30 -27.89 14.44
CA GLY A 192 19.11 -27.48 15.56
C GLY A 192 20.44 -28.21 15.62
N GLY A 1 0.42 19.45 9.16
CA GLY A 1 -0.50 20.30 8.43
C GLY A 1 -0.98 19.67 7.14
N SER A 2 -2.02 20.23 6.55
CA SER A 2 -2.58 19.72 5.31
C SER A 2 -2.93 20.85 4.35
N SER A 3 -2.64 20.66 3.07
CA SER A 3 -2.91 21.66 2.07
C SER A 3 -3.85 21.11 0.98
N GLY A 4 -4.13 21.94 -0.02
CA GLY A 4 -5.01 21.52 -1.10
C GLY A 4 -4.27 20.77 -2.19
N SER A 5 -4.78 19.60 -2.55
CA SER A 5 -4.16 18.80 -3.59
C SER A 5 -5.22 18.06 -4.42
N SER A 6 -4.76 17.26 -5.38
CA SER A 6 -5.66 16.51 -6.25
C SER A 6 -5.62 15.02 -5.91
N GLY A 7 -4.98 14.69 -4.80
CA GLY A 7 -4.88 13.30 -4.38
C GLY A 7 -3.72 12.59 -5.05
N ARG A 8 -2.81 13.36 -5.63
CA ARG A 8 -1.64 12.79 -6.30
C ARG A 8 -0.38 13.57 -5.96
N LEU A 9 0.75 13.12 -6.49
CA LEU A 9 2.03 13.78 -6.24
C LEU A 9 2.66 14.25 -7.56
N PRO A 10 3.34 15.41 -7.50
CA PRO A 10 4.00 15.99 -8.67
C PRO A 10 5.21 15.18 -9.11
N VAL A 11 5.22 14.77 -10.37
CA VAL A 11 6.34 13.99 -10.91
C VAL A 11 7.67 14.52 -10.41
N ASN A 12 7.98 15.77 -10.76
CA ASN A 12 9.23 16.39 -10.35
C ASN A 12 9.63 15.93 -8.95
N PHE A 13 8.64 15.69 -8.10
CA PHE A 13 8.89 15.23 -6.73
C PHE A 13 8.88 13.71 -6.65
N PHE A 14 7.90 13.10 -7.32
CA PHE A 14 7.79 11.64 -7.32
C PHE A 14 9.03 10.99 -7.92
N LYS A 15 9.87 11.80 -8.56
CA LYS A 15 11.10 11.31 -9.16
C LYS A 15 12.24 11.28 -8.15
N PHE A 16 12.06 12.00 -7.04
CA PHE A 16 13.08 12.06 -6.00
C PHE A 16 12.70 11.16 -4.83
N GLN A 17 11.61 11.49 -4.15
CA GLN A 17 11.15 10.70 -3.01
C GLN A 17 11.02 9.22 -3.39
N PHE A 18 10.30 8.96 -4.48
CA PHE A 18 10.10 7.60 -4.95
C PHE A 18 11.42 6.83 -4.99
N ARG A 19 12.38 7.36 -5.75
CA ARG A 19 13.68 6.73 -5.88
C ARG A 19 14.32 6.51 -4.51
N ASN A 20 14.19 7.50 -3.64
CA ASN A 20 14.75 7.41 -2.29
C ASN A 20 14.66 5.99 -1.76
N VAL A 21 15.75 5.52 -1.14
CA VAL A 21 15.80 4.18 -0.58
C VAL A 21 15.88 4.22 0.94
N GLU A 22 15.23 3.27 1.59
CA GLU A 22 15.22 3.21 3.05
C GLU A 22 16.66 3.16 3.59
N TYR A 23 16.79 2.83 4.87
CA TYR A 23 18.10 2.77 5.51
C TYR A 23 19.02 3.86 4.98
N SER A 24 18.42 4.96 4.53
CA SER A 24 19.19 6.09 4.00
C SER A 24 19.11 7.28 4.94
N SER A 25 19.62 8.41 4.48
CA SER A 25 19.62 9.64 5.28
C SER A 25 18.34 10.44 5.03
N GLY A 26 17.42 9.86 4.27
CA GLY A 26 16.17 10.54 3.98
C GLY A 26 15.06 10.17 4.95
N ARG A 27 14.06 9.45 4.45
CA ARG A 27 12.93 9.03 5.27
C ARG A 27 12.20 10.25 5.85
N ASN A 28 12.09 11.30 5.05
CA ASN A 28 11.41 12.52 5.48
C ASN A 28 9.95 12.24 5.81
N LYS A 29 9.19 11.84 4.80
CA LYS A 29 7.77 11.54 4.99
C LYS A 29 7.24 10.68 3.84
N THR A 30 6.87 9.44 4.16
CA THR A 30 6.35 8.53 3.15
C THR A 30 4.88 8.78 2.89
N PHE A 31 4.42 8.41 1.69
CA PHE A 31 3.02 8.60 1.32
C PHE A 31 2.41 7.29 0.81
N LEU A 32 1.25 6.95 1.34
CA LEU A 32 0.56 5.72 0.94
C LEU A 32 -0.71 6.03 0.16
N CYS A 33 -0.84 5.44 -1.02
CA CYS A 33 -2.00 5.66 -1.86
C CYS A 33 -3.10 4.65 -1.55
N TYR A 34 -4.32 5.14 -1.34
CA TYR A 34 -5.44 4.27 -1.04
C TYR A 34 -6.51 4.37 -2.12
N VAL A 35 -7.14 3.23 -2.42
CA VAL A 35 -8.19 3.18 -3.44
C VAL A 35 -9.31 2.25 -3.02
N VAL A 36 -10.47 2.84 -2.71
CA VAL A 36 -11.63 2.05 -2.30
C VAL A 36 -12.67 1.99 -3.41
N GLU A 37 -13.11 0.78 -3.73
CA GLU A 37 -14.12 0.59 -4.78
C GLU A 37 -15.30 -0.22 -4.26
N VAL A 38 -16.41 0.46 -4.01
CA VAL A 38 -17.61 -0.20 -3.51
C VAL A 38 -18.59 -0.49 -4.64
N GLN A 39 -19.42 -1.51 -4.44
CA GLN A 39 -20.40 -1.90 -5.45
C GLN A 39 -21.62 -2.56 -4.80
N SER A 40 -22.77 -2.42 -5.45
CA SER A 40 -24.01 -3.00 -4.94
C SER A 40 -24.65 -3.92 -5.96
N LYS A 41 -25.82 -4.46 -5.62
CA LYS A 41 -26.53 -5.36 -6.51
C LYS A 41 -27.19 -4.59 -7.66
N GLY A 42 -26.36 -4.04 -8.54
CA GLY A 42 -26.88 -3.29 -9.68
C GLY A 42 -25.77 -2.74 -10.55
N GLY A 43 -25.49 -1.45 -10.41
CA GLY A 43 -24.45 -0.83 -11.22
C GLY A 43 -23.91 0.44 -10.58
N GLN A 44 -24.19 0.63 -9.29
CA GLN A 44 -23.73 1.81 -8.58
C GLN A 44 -22.51 1.48 -7.71
N ALA A 45 -21.40 2.14 -8.00
CA ALA A 45 -20.17 1.93 -7.26
C ALA A 45 -19.52 3.25 -6.87
N GLN A 46 -18.88 3.28 -5.70
CA GLN A 46 -18.22 4.48 -5.22
C GLN A 46 -16.70 4.28 -5.14
N ALA A 47 -15.99 4.92 -6.05
CA ALA A 47 -14.53 4.82 -6.08
C ALA A 47 -13.88 5.99 -5.36
N THR A 48 -12.89 5.68 -4.53
CA THR A 48 -12.18 6.72 -3.77
C THR A 48 -10.68 6.64 -4.01
N GLN A 49 -9.99 7.76 -3.81
CA GLN A 49 -8.55 7.82 -4.00
C GLN A 49 -7.92 8.90 -3.13
N GLY A 50 -6.60 8.86 -2.99
CA GLY A 50 -5.91 9.84 -2.19
C GLY A 50 -4.78 9.24 -1.37
N TYR A 51 -3.91 10.09 -0.85
CA TYR A 51 -2.77 9.63 -0.05
C TYR A 51 -2.94 10.04 1.41
N LEU A 52 -2.43 9.22 2.31
CA LEU A 52 -2.50 9.50 3.74
C LEU A 52 -1.15 9.92 4.29
N GLU A 53 -1.16 10.65 5.41
CA GLU A 53 0.07 11.10 6.04
C GLU A 53 0.41 10.25 7.25
N ASP A 54 1.70 10.07 7.50
CA ASP A 54 2.17 9.27 8.63
C ASP A 54 2.40 10.15 9.85
N GLU A 55 1.53 10.03 10.85
CA GLU A 55 1.63 10.81 12.07
C GLU A 55 2.90 10.44 12.84
N HIS A 56 3.70 11.46 13.16
CA HIS A 56 4.95 11.24 13.89
C HIS A 56 4.72 10.33 15.09
N ALA A 57 3.60 10.54 15.78
CA ALA A 57 3.26 9.73 16.95
C ALA A 57 1.76 9.69 17.16
N GLY A 58 1.04 9.12 16.21
CA GLY A 58 -0.41 9.03 16.31
C GLY A 58 -0.99 7.94 15.43
N ALA A 59 -1.48 8.32 14.26
CA ALA A 59 -2.05 7.37 13.32
C ALA A 59 -1.23 7.28 12.04
N HIS A 60 -0.65 6.11 11.79
CA HIS A 60 0.16 5.90 10.61
C HIS A 60 -0.73 5.95 9.37
N ALA A 61 -0.14 6.43 8.28
CA ALA A 61 -0.85 6.55 7.00
C ALA A 61 -1.85 5.40 6.84
N GLU A 62 -1.44 4.20 7.22
CA GLU A 62 -2.29 3.02 7.11
C GLU A 62 -3.52 3.15 8.00
N GLU A 63 -3.29 3.54 9.25
CA GLU A 63 -4.38 3.70 10.21
C GLU A 63 -5.27 4.88 9.83
N ALA A 64 -4.65 6.02 9.55
CA ALA A 64 -5.39 7.21 9.16
C ALA A 64 -6.47 6.89 8.14
N PHE A 65 -6.24 5.84 7.35
CA PHE A 65 -7.19 5.43 6.34
C PHE A 65 -8.56 5.18 6.95
N PHE A 66 -8.70 4.07 7.66
CA PHE A 66 -9.96 3.72 8.30
C PHE A 66 -10.37 4.78 9.32
N ASN A 67 -9.47 5.72 9.58
CA ASN A 67 -9.74 6.78 10.54
C ASN A 67 -10.60 7.87 9.92
N THR A 68 -10.38 8.13 8.64
CA THR A 68 -11.15 9.14 7.91
C THR A 68 -11.60 8.63 6.56
N ILE A 69 -10.73 7.91 5.87
CA ILE A 69 -11.05 7.35 4.56
C ILE A 69 -12.23 6.39 4.64
N LEU A 70 -11.96 5.20 5.18
CA LEU A 70 -13.01 4.19 5.32
C LEU A 70 -13.43 4.03 6.79
N PRO A 71 -14.14 5.03 7.30
CA PRO A 71 -14.62 5.02 8.69
C PRO A 71 -15.71 3.98 8.93
N ALA A 72 -16.50 3.72 7.89
CA ALA A 72 -17.58 2.74 7.98
C ALA A 72 -17.78 2.01 6.66
N PHE A 73 -18.40 0.84 6.72
CA PHE A 73 -18.65 0.05 5.51
C PHE A 73 -20.00 -0.66 5.61
N ASP A 74 -20.61 -0.90 4.46
CA ASP A 74 -21.91 -1.56 4.40
C ASP A 74 -21.77 -2.99 3.89
N PRO A 75 -22.30 -3.96 4.65
CA PRO A 75 -22.25 -5.37 4.29
C PRO A 75 -23.12 -5.71 3.09
N ALA A 76 -23.68 -4.67 2.47
CA ALA A 76 -24.53 -4.85 1.30
C ALA A 76 -23.79 -4.51 0.02
N LEU A 77 -22.58 -3.97 0.17
CA LEU A 77 -21.77 -3.59 -0.98
C LEU A 77 -20.39 -4.26 -0.93
N LYS A 78 -19.71 -4.29 -2.06
CA LYS A 78 -18.39 -4.89 -2.14
C LYS A 78 -17.30 -3.83 -2.19
N TYR A 79 -16.73 -3.51 -1.04
CA TYR A 79 -15.68 -2.51 -0.94
C TYR A 79 -14.32 -3.10 -1.33
N ASN A 80 -13.67 -2.48 -2.31
CA ASN A 80 -12.37 -2.94 -2.77
C ASN A 80 -11.29 -1.92 -2.45
N VAL A 81 -10.63 -2.09 -1.30
CA VAL A 81 -9.57 -1.19 -0.87
C VAL A 81 -8.22 -1.64 -1.40
N THR A 82 -7.45 -0.70 -1.94
CA THR A 82 -6.14 -0.99 -2.49
C THR A 82 -5.10 0.00 -1.98
N TRP A 83 -4.02 -0.52 -1.41
CA TRP A 83 -2.94 0.32 -0.88
C TRP A 83 -1.66 0.11 -1.67
N TYR A 84 -0.97 1.21 -1.99
CA TYR A 84 0.27 1.15 -2.74
C TYR A 84 1.38 1.90 -2.02
N VAL A 85 2.22 1.16 -1.29
CA VAL A 85 3.33 1.75 -0.55
C VAL A 85 4.66 1.13 -0.96
N SER A 86 5.74 1.62 -0.36
CA SER A 86 7.07 1.12 -0.66
C SER A 86 7.68 0.43 0.55
N SER A 87 7.28 0.89 1.74
CA SER A 87 7.80 0.33 2.98
C SER A 87 6.72 -0.47 3.71
N SER A 88 7.06 -1.67 4.13
CA SER A 88 6.11 -2.54 4.84
C SER A 88 5.63 -1.86 6.13
N PRO A 89 4.35 -2.08 6.45
CA PRO A 89 3.73 -1.50 7.65
C PRO A 89 4.26 -2.14 8.94
N CYS A 90 4.33 -1.35 10.00
CA CYS A 90 4.83 -1.83 11.28
C CYS A 90 3.90 -2.89 11.86
N ALA A 91 4.38 -3.61 12.86
CA ALA A 91 3.59 -4.66 13.51
C ALA A 91 2.28 -4.10 14.06
N ALA A 92 2.18 -2.77 14.10
CA ALA A 92 0.99 -2.11 14.60
C ALA A 92 0.05 -1.72 13.47
N CYS A 93 0.62 -1.35 12.33
CA CYS A 93 -0.16 -0.95 11.17
C CYS A 93 -0.86 -2.15 10.55
N ALA A 94 -0.18 -3.28 10.52
CA ALA A 94 -0.74 -4.51 9.96
C ALA A 94 -1.70 -5.17 10.94
N ASP A 95 -1.69 -4.69 12.18
CA ASP A 95 -2.57 -5.24 13.21
C ASP A 95 -4.02 -4.82 12.97
N ARG A 96 -4.32 -3.55 13.21
CA ARG A 96 -5.67 -3.03 13.01
C ARG A 96 -6.20 -3.39 11.63
N ILE A 97 -5.31 -3.38 10.64
CA ILE A 97 -5.68 -3.69 9.27
C ILE A 97 -6.29 -5.09 9.18
N LEU A 98 -5.76 -6.02 9.98
CA LEU A 98 -6.25 -7.39 9.99
C LEU A 98 -7.56 -7.49 10.77
N LYS A 99 -7.73 -6.60 11.75
CA LYS A 99 -8.93 -6.59 12.56
C LYS A 99 -10.13 -6.08 11.76
N THR A 100 -9.86 -5.42 10.64
CA THR A 100 -10.90 -4.89 9.79
C THR A 100 -11.33 -5.90 8.73
N LEU A 101 -10.44 -6.84 8.43
CA LEU A 101 -10.72 -7.88 7.44
C LEU A 101 -11.40 -9.09 8.11
N SER A 102 -11.01 -9.37 9.34
CA SER A 102 -11.57 -10.50 10.08
C SER A 102 -13.01 -10.22 10.47
N LYS A 103 -13.47 -9.01 10.19
CA LYS A 103 -14.84 -8.61 10.52
C LYS A 103 -15.62 -8.24 9.26
N THR A 104 -14.93 -7.60 8.31
CA THR A 104 -15.56 -7.20 7.06
C THR A 104 -15.13 -8.09 5.91
N LYS A 105 -15.97 -9.08 5.60
CA LYS A 105 -15.68 -10.01 4.52
C LYS A 105 -15.83 -9.35 3.16
N ASN A 106 -17.02 -8.81 2.89
CA ASN A 106 -17.29 -8.14 1.63
C ASN A 106 -16.21 -7.11 1.32
N LEU A 107 -15.46 -6.72 2.34
CA LEU A 107 -14.39 -5.74 2.18
C LEU A 107 -13.08 -6.44 1.82
N ARG A 108 -12.51 -6.05 0.69
CA ARG A 108 -11.25 -6.63 0.23
C ARG A 108 -10.11 -5.61 0.34
N LEU A 109 -9.24 -5.83 1.32
CA LEU A 109 -8.10 -4.93 1.54
C LEU A 109 -6.84 -5.49 0.90
N LEU A 110 -6.16 -4.66 0.11
CA LEU A 110 -4.94 -5.07 -0.56
C LEU A 110 -3.80 -4.10 -0.25
N ILE A 111 -2.59 -4.64 -0.13
CA ILE A 111 -1.42 -3.82 0.15
C ILE A 111 -0.19 -4.34 -0.59
N LEU A 112 0.59 -3.42 -1.14
CA LEU A 112 1.80 -3.78 -1.88
C LEU A 112 3.00 -2.96 -1.40
N VAL A 113 4.19 -3.54 -1.51
CA VAL A 113 5.40 -2.86 -1.09
C VAL A 113 6.57 -3.21 -2.01
N SER A 114 7.21 -2.19 -2.56
CA SER A 114 8.34 -2.40 -3.47
C SER A 114 9.59 -2.81 -2.68
N ARG A 115 9.61 -2.48 -1.40
CA ARG A 115 10.75 -2.81 -0.54
C ARG A 115 10.27 -3.38 0.79
N LEU A 116 10.82 -4.52 1.18
CA LEU A 116 10.45 -5.17 2.43
C LEU A 116 11.28 -4.63 3.58
N PHE A 117 10.60 -4.12 4.61
CA PHE A 117 11.28 -3.57 5.78
C PHE A 117 11.11 -4.48 6.99
N MET A 118 12.14 -4.55 7.83
CA MET A 118 12.11 -5.39 9.02
C MET A 118 11.29 -6.66 8.77
N TRP A 119 11.62 -7.35 7.68
CA TRP A 119 10.93 -8.59 7.33
C TRP A 119 11.62 -9.80 7.94
N GLU A 120 12.34 -9.58 9.04
CA GLU A 120 13.07 -10.65 9.71
C GLU A 120 12.64 -10.74 11.18
N GLU A 121 12.32 -9.60 11.76
CA GLU A 121 11.90 -9.55 13.16
C GLU A 121 10.79 -10.55 13.44
N PRO A 122 10.83 -11.17 14.62
CA PRO A 122 9.82 -12.17 15.03
C PRO A 122 8.46 -11.53 15.30
N GLU A 123 8.42 -10.20 15.30
CA GLU A 123 7.18 -9.48 15.54
C GLU A 123 6.51 -9.09 14.23
N VAL A 124 7.34 -8.76 13.24
CA VAL A 124 6.83 -8.36 11.93
C VAL A 124 6.14 -9.53 11.23
N GLN A 125 6.84 -10.65 11.11
CA GLN A 125 6.29 -11.83 10.47
C GLN A 125 4.86 -12.08 10.92
N ALA A 126 4.69 -12.47 12.18
CA ALA A 126 3.37 -12.73 12.73
C ALA A 126 2.42 -11.57 12.47
N ALA A 127 2.98 -10.39 12.28
CA ALA A 127 2.19 -9.19 12.03
C ALA A 127 1.71 -9.15 10.58
N LEU A 128 2.47 -9.77 9.69
CA LEU A 128 2.11 -9.81 8.27
C LEU A 128 1.29 -11.05 7.95
N LYS A 129 1.66 -12.18 8.56
CA LYS A 129 0.94 -13.43 8.35
C LYS A 129 -0.56 -13.24 8.50
N LYS A 130 -0.97 -12.76 9.66
CA LYS A 130 -2.39 -12.53 9.94
C LYS A 130 -3.10 -11.97 8.71
N LEU A 131 -2.56 -10.88 8.17
CA LEU A 131 -3.15 -10.25 6.99
C LEU A 131 -3.41 -11.28 5.90
N LYS A 132 -2.48 -12.22 5.75
CA LYS A 132 -2.61 -13.27 4.73
C LYS A 132 -3.48 -14.40 5.24
N GLU A 133 -3.61 -14.50 6.56
CA GLU A 133 -4.43 -15.55 7.17
C GLU A 133 -5.87 -15.07 7.37
N ALA A 134 -6.07 -13.76 7.27
CA ALA A 134 -7.39 -13.17 7.45
C ALA A 134 -8.10 -13.02 6.11
N GLY A 135 -7.31 -12.92 5.04
CA GLY A 135 -7.89 -12.76 3.71
C GLY A 135 -7.33 -11.55 2.98
N CYS A 136 -6.38 -10.88 3.60
CA CYS A 136 -5.77 -9.69 3.00
C CYS A 136 -4.85 -10.09 1.85
N LYS A 137 -4.63 -9.15 0.93
CA LYS A 137 -3.77 -9.40 -0.22
C LYS A 137 -2.45 -8.64 -0.08
N LEU A 138 -1.34 -9.35 -0.29
CA LEU A 138 -0.02 -8.74 -0.20
C LEU A 138 0.84 -9.12 -1.40
N ARG A 139 1.27 -8.10 -2.15
CA ARG A 139 2.09 -8.32 -3.33
C ARG A 139 3.05 -7.16 -3.55
N ILE A 140 4.30 -7.47 -3.85
CA ILE A 140 5.31 -6.45 -4.09
C ILE A 140 4.93 -5.55 -5.25
N MET A 141 4.94 -4.24 -5.01
CA MET A 141 4.59 -3.27 -6.06
C MET A 141 5.24 -3.65 -7.39
N LYS A 142 4.47 -4.36 -8.22
CA LYS A 142 4.97 -4.78 -9.53
C LYS A 142 5.16 -3.58 -10.45
N PRO A 143 5.93 -3.78 -11.52
CA PRO A 143 6.20 -2.73 -12.51
C PRO A 143 4.97 -2.37 -13.34
N GLN A 144 3.90 -3.12 -13.13
CA GLN A 144 2.65 -2.89 -13.87
C GLN A 144 1.73 -1.95 -13.09
N ASP A 145 1.75 -2.07 -11.77
CA ASP A 145 0.91 -1.24 -10.91
C ASP A 145 1.48 0.18 -10.82
N PHE A 146 2.73 0.28 -10.37
CA PHE A 146 3.37 1.58 -10.23
C PHE A 146 3.00 2.51 -11.39
N GLU A 147 3.29 2.06 -12.61
CA GLU A 147 2.98 2.85 -13.80
C GLU A 147 1.67 3.60 -13.62
N TYR A 148 0.60 2.86 -13.34
CA TYR A 148 -0.72 3.45 -13.17
C TYR A 148 -0.69 4.53 -12.09
N ILE A 149 0.13 4.31 -11.06
CA ILE A 149 0.26 5.27 -9.97
C ILE A 149 1.13 6.45 -10.38
N TRP A 150 1.86 6.29 -11.47
CA TRP A 150 2.73 7.35 -11.96
C TRP A 150 2.02 8.20 -13.02
N GLN A 151 0.91 7.70 -13.52
CA GLN A 151 0.13 8.41 -14.53
C GLN A 151 -1.03 9.15 -13.90
N ASN A 152 -1.69 8.52 -12.93
CA ASN A 152 -2.83 9.12 -12.25
C ASN A 152 -2.41 9.68 -10.89
N PHE A 153 -1.95 8.79 -10.01
CA PHE A 153 -1.53 9.20 -8.68
C PHE A 153 -0.38 10.21 -8.76
N VAL A 154 0.13 10.42 -9.96
CA VAL A 154 1.23 11.36 -10.17
C VAL A 154 0.86 12.39 -11.24
N GLU A 155 0.89 13.66 -10.85
CA GLU A 155 0.57 14.75 -11.77
C GLU A 155 1.70 14.98 -12.77
N GLN A 156 1.42 14.68 -14.04
CA GLN A 156 2.41 14.85 -15.09
C GLN A 156 2.46 16.30 -15.57
N GLU A 157 3.50 16.64 -16.33
CA GLU A 157 3.67 17.99 -16.84
C GLU A 157 3.32 18.04 -18.33
N GLU A 158 3.42 19.25 -18.90
CA GLU A 158 3.12 19.44 -20.32
C GLU A 158 4.32 19.06 -21.18
N GLY A 159 4.04 18.63 -22.41
CA GLY A 159 5.12 18.24 -23.32
C GLY A 159 5.90 17.05 -22.82
N GLU A 160 5.43 16.45 -21.72
CA GLU A 160 6.10 15.29 -21.14
C GLU A 160 5.26 14.04 -21.32
N SER A 161 4.72 13.54 -20.21
CA SER A 161 3.88 12.34 -20.24
C SER A 161 4.74 11.10 -20.48
N LYS A 162 5.78 10.93 -19.67
CA LYS A 162 6.67 9.79 -19.80
C LYS A 162 6.03 8.53 -19.21
N ALA A 163 6.82 7.46 -19.13
CA ALA A 163 6.32 6.19 -18.59
C ALA A 163 7.44 5.43 -17.87
N PHE A 164 7.26 5.20 -16.58
CA PHE A 164 8.26 4.48 -15.79
C PHE A 164 8.62 3.16 -16.46
N GLU A 165 9.69 3.17 -17.25
CA GLU A 165 10.15 1.97 -17.93
C GLU A 165 11.51 1.51 -17.40
N PRO A 166 11.49 0.55 -16.47
CA PRO A 166 12.71 0.00 -15.87
C PRO A 166 13.53 -0.81 -16.85
N TRP A 167 14.40 -0.15 -17.60
CA TRP A 167 15.24 -0.81 -18.58
C TRP A 167 16.45 -1.45 -17.91
N GLU A 168 16.51 -1.36 -16.58
CA GLU A 168 17.61 -1.93 -15.83
C GLU A 168 17.20 -3.22 -15.14
N ASP A 169 16.10 -3.17 -14.39
CA ASP A 169 15.60 -4.33 -13.68
C ASP A 169 14.10 -4.22 -13.44
N ILE A 170 13.33 -5.05 -14.15
CA ILE A 170 11.88 -5.04 -14.02
C ILE A 170 11.42 -6.05 -12.99
N GLN A 171 11.73 -7.32 -13.22
CA GLN A 171 11.35 -8.39 -12.32
C GLN A 171 12.47 -8.70 -11.33
N GLU A 172 13.68 -8.25 -11.66
CA GLU A 172 14.84 -8.47 -10.80
C GLU A 172 14.59 -7.95 -9.39
N ASN A 173 14.26 -6.67 -9.28
CA ASN A 173 13.99 -6.05 -8.00
C ASN A 173 12.69 -6.57 -7.40
N PHE A 174 11.66 -6.68 -8.24
CA PHE A 174 10.37 -7.15 -7.80
C PHE A 174 10.49 -8.53 -7.13
N LEU A 175 11.22 -9.42 -7.77
CA LEU A 175 11.42 -10.78 -7.24
C LEU A 175 12.18 -10.73 -5.92
N TYR A 176 13.39 -10.19 -5.96
CA TYR A 176 14.22 -10.09 -4.76
C TYR A 176 13.37 -9.80 -3.53
N TYR A 177 12.26 -9.10 -3.73
CA TYR A 177 11.36 -8.75 -2.64
C TYR A 177 10.25 -9.79 -2.51
N GLU A 178 9.61 -10.12 -3.64
CA GLU A 178 8.53 -11.10 -3.63
C GLU A 178 8.88 -12.30 -2.77
N GLU A 179 10.13 -12.74 -2.86
CA GLU A 179 10.59 -13.90 -2.08
C GLU A 179 10.62 -13.56 -0.59
N LYS A 180 10.90 -12.30 -0.28
CA LYS A 180 10.95 -11.86 1.11
C LYS A 180 9.57 -11.91 1.76
N LEU A 181 8.66 -11.07 1.27
CA LEU A 181 7.30 -11.02 1.80
C LEU A 181 6.73 -12.43 1.94
N ALA A 182 6.88 -13.23 0.89
CA ALA A 182 6.37 -14.59 0.90
C ALA A 182 7.17 -15.47 1.87
N ASP A 183 8.48 -15.24 1.92
CA ASP A 183 9.35 -16.01 2.80
C ASP A 183 8.84 -15.98 4.24
N ILE A 184 8.02 -14.98 4.54
CA ILE A 184 7.46 -14.83 5.88
C ILE A 184 6.32 -15.82 6.10
N LEU A 185 5.45 -15.94 5.12
CA LEU A 185 4.31 -16.85 5.21
C LEU A 185 4.77 -18.31 5.19
N LYS A 186 6.00 -18.53 4.73
CA LYS A 186 6.56 -19.87 4.66
C LYS A 186 7.82 -19.97 5.50
N SER A 187 7.84 -20.91 6.45
CA SER A 187 8.98 -21.11 7.32
C SER A 187 9.58 -22.49 7.14
N GLY A 188 9.64 -22.95 5.89
CA GLY A 188 10.19 -24.26 5.59
C GLY A 188 11.70 -24.25 5.50
N PRO A 189 12.32 -25.42 5.71
CA PRO A 189 13.78 -25.57 5.65
C PRO A 189 14.32 -25.40 4.23
N SER A 190 15.63 -25.62 4.08
CA SER A 190 16.27 -25.50 2.79
C SER A 190 16.94 -26.82 2.38
N SER A 191 17.46 -27.53 3.36
CA SER A 191 18.13 -28.81 3.11
C SER A 191 17.60 -29.90 4.04
N GLY A 192 17.18 -31.01 3.45
CA GLY A 192 16.65 -32.11 4.24
C GLY A 192 15.72 -31.64 5.34
N GLY A 1 -9.89 13.74 8.08
CA GLY A 1 -11.00 14.53 7.59
C GLY A 1 -11.51 14.05 6.25
N SER A 2 -11.47 14.95 5.26
CA SER A 2 -11.94 14.61 3.92
C SER A 2 -10.93 15.05 2.87
N SER A 3 -11.11 14.57 1.64
CA SER A 3 -10.21 14.91 0.55
C SER A 3 -10.48 16.30 0.02
N GLY A 4 -9.45 17.14 0.00
CA GLY A 4 -9.60 18.50 -0.48
C GLY A 4 -8.81 18.76 -1.75
N SER A 5 -7.65 18.12 -1.86
CA SER A 5 -6.80 18.29 -3.03
C SER A 5 -7.14 17.26 -4.11
N SER A 6 -6.58 17.46 -5.30
CA SER A 6 -6.83 16.56 -6.41
C SER A 6 -6.71 15.11 -5.98
N GLY A 7 -5.55 14.75 -5.45
CA GLY A 7 -5.33 13.38 -4.99
C GLY A 7 -4.04 12.79 -5.54
N ARG A 8 -3.28 13.60 -6.27
CA ARG A 8 -2.03 13.14 -6.86
C ARG A 8 -0.92 14.15 -6.59
N LEU A 9 0.33 13.74 -6.83
CA LEU A 9 1.48 14.59 -6.61
C LEU A 9 2.22 14.86 -7.92
N PRO A 10 2.76 16.07 -8.06
CA PRO A 10 3.51 16.47 -9.25
C PRO A 10 4.85 15.77 -9.37
N VAL A 11 5.10 15.16 -10.52
CA VAL A 11 6.35 14.46 -10.76
C VAL A 11 7.50 15.11 -10.02
N ASN A 12 7.91 16.30 -10.49
CA ASN A 12 9.01 17.03 -9.88
C ASN A 12 9.03 16.81 -8.37
N PHE A 13 7.85 16.74 -7.77
CA PHE A 13 7.73 16.53 -6.33
C PHE A 13 7.67 15.05 -6.00
N PHE A 14 6.59 14.40 -6.42
CA PHE A 14 6.40 12.97 -6.17
C PHE A 14 7.73 12.22 -6.27
N LYS A 15 8.45 12.45 -7.36
CA LYS A 15 9.74 11.81 -7.58
C LYS A 15 10.59 11.83 -6.31
N PHE A 16 10.72 13.01 -5.72
CA PHE A 16 11.50 13.16 -4.50
C PHE A 16 10.68 12.79 -3.27
N GLN A 17 9.54 13.46 -3.10
CA GLN A 17 8.65 13.20 -1.97
C GLN A 17 8.49 11.70 -1.74
N PHE A 18 7.95 11.01 -2.73
CA PHE A 18 7.73 9.58 -2.65
C PHE A 18 9.05 8.84 -2.46
N ARG A 19 10.15 9.49 -2.86
CA ARG A 19 11.47 8.89 -2.75
C ARG A 19 11.74 8.46 -1.31
N ASN A 20 11.76 7.14 -1.10
CA ASN A 20 12.01 6.59 0.23
C ASN A 20 12.94 5.38 0.15
N VAL A 21 14.21 5.59 0.50
CA VAL A 21 15.20 4.53 0.47
C VAL A 21 15.83 4.32 1.84
N GLU A 22 16.21 3.08 2.14
CA GLU A 22 16.82 2.76 3.41
C GLU A 22 17.95 3.74 3.75
N TYR A 23 18.82 3.99 2.78
CA TYR A 23 19.93 4.93 2.97
C TYR A 23 19.48 6.37 2.76
N SER A 24 20.44 7.28 2.78
CA SER A 24 20.15 8.70 2.59
C SER A 24 19.33 8.92 1.32
N SER A 25 18.18 9.56 1.47
CA SER A 25 17.30 9.83 0.34
C SER A 25 16.82 11.28 0.36
N GLY A 26 16.50 11.77 1.56
CA GLY A 26 16.03 13.13 1.69
C GLY A 26 14.71 13.21 2.44
N ARG A 27 14.74 13.74 3.66
CA ARG A 27 13.55 13.86 4.48
C ARG A 27 12.32 14.17 3.61
N ASN A 28 11.41 13.20 3.54
CA ASN A 28 10.20 13.36 2.74
C ASN A 28 9.02 12.67 3.40
N LYS A 29 7.83 13.21 3.20
CA LYS A 29 6.61 12.65 3.77
C LYS A 29 5.95 11.66 2.80
N THR A 30 6.40 10.41 2.85
CA THR A 30 5.86 9.38 1.98
C THR A 30 4.34 9.51 1.84
N PHE A 31 3.84 9.22 0.64
CA PHE A 31 2.40 9.31 0.38
C PHE A 31 1.85 7.96 -0.04
N LEU A 32 0.95 7.42 0.77
CA LEU A 32 0.33 6.12 0.48
C LEU A 32 -0.95 6.30 -0.33
N CYS A 33 -0.94 5.80 -1.56
CA CYS A 33 -2.11 5.90 -2.43
C CYS A 33 -3.16 4.86 -2.06
N TYR A 34 -4.33 5.33 -1.65
CA TYR A 34 -5.41 4.44 -1.25
C TYR A 34 -6.56 4.51 -2.25
N VAL A 35 -7.08 3.36 -2.64
CA VAL A 35 -8.18 3.28 -3.59
C VAL A 35 -9.27 2.33 -3.10
N VAL A 36 -10.51 2.81 -3.09
CA VAL A 36 -11.63 2.01 -2.65
C VAL A 36 -12.71 1.92 -3.73
N GLU A 37 -13.36 0.76 -3.81
CA GLU A 37 -14.40 0.54 -4.81
C GLU A 37 -15.53 -0.30 -4.24
N VAL A 38 -16.66 0.34 -3.96
CA VAL A 38 -17.81 -0.35 -3.40
C VAL A 38 -18.83 -0.70 -4.50
N GLN A 39 -19.71 -1.65 -4.21
CA GLN A 39 -20.72 -2.07 -5.16
C GLN A 39 -21.97 -2.58 -4.45
N SER A 40 -23.07 -2.67 -5.19
CA SER A 40 -24.33 -3.15 -4.62
C SER A 40 -25.01 -4.12 -5.57
N LYS A 41 -26.30 -4.36 -5.32
CA LYS A 41 -27.09 -5.27 -6.15
C LYS A 41 -27.87 -4.51 -7.21
N GLY A 42 -27.59 -3.21 -7.33
CA GLY A 42 -28.29 -2.40 -8.31
C GLY A 42 -27.43 -2.08 -9.51
N GLY A 43 -26.23 -1.54 -9.27
CA GLY A 43 -25.33 -1.20 -10.36
C GLY A 43 -24.50 0.02 -10.05
N GLN A 44 -24.81 0.70 -8.94
CA GLN A 44 -24.09 1.90 -8.55
C GLN A 44 -22.94 1.55 -7.62
N ALA A 45 -21.78 2.16 -7.86
CA ALA A 45 -20.60 1.91 -7.04
C ALA A 45 -19.92 3.22 -6.65
N GLN A 46 -19.25 3.21 -5.50
CA GLN A 46 -18.57 4.40 -5.01
C GLN A 46 -17.05 4.18 -4.99
N ALA A 47 -16.35 4.94 -5.81
CA ALA A 47 -14.89 4.83 -5.88
C ALA A 47 -14.21 6.00 -5.18
N THR A 48 -13.16 5.71 -4.44
CA THR A 48 -12.42 6.74 -3.71
C THR A 48 -10.93 6.67 -4.01
N GLN A 49 -10.24 7.79 -3.82
CA GLN A 49 -8.80 7.84 -4.08
C GLN A 49 -8.16 9.00 -3.31
N GLY A 50 -6.86 8.89 -3.08
CA GLY A 50 -6.15 9.92 -2.35
C GLY A 50 -4.98 9.38 -1.54
N TYR A 51 -4.15 10.28 -1.02
CA TYR A 51 -3.00 9.87 -0.23
C TYR A 51 -3.20 10.22 1.25
N LEU A 52 -2.54 9.48 2.12
CA LEU A 52 -2.65 9.71 3.56
C LEU A 52 -1.34 10.22 4.12
N GLU A 53 -1.34 10.59 5.40
CA GLU A 53 -0.15 11.09 6.07
C GLU A 53 0.22 10.22 7.26
N ASP A 54 1.42 10.44 7.80
CA ASP A 54 1.88 9.68 8.95
C ASP A 54 2.01 10.57 10.18
N GLU A 55 1.34 10.16 11.26
CA GLU A 55 1.36 10.94 12.50
C GLU A 55 2.71 10.79 13.19
N HIS A 56 3.34 11.91 13.51
CA HIS A 56 4.64 11.91 14.18
C HIS A 56 4.63 10.96 15.37
N ALA A 57 3.47 10.83 16.01
CA ALA A 57 3.33 9.94 17.16
C ALA A 57 1.86 9.59 17.41
N GLY A 58 1.34 8.67 16.62
CA GLY A 58 -0.05 8.26 16.76
C GLY A 58 -0.45 7.21 15.76
N ALA A 59 -1.05 7.66 14.66
CA ALA A 59 -1.50 6.75 13.60
C ALA A 59 -0.73 6.99 12.31
N HIS A 60 -0.25 5.93 11.70
CA HIS A 60 0.49 6.03 10.45
C HIS A 60 -0.47 6.23 9.29
N ALA A 61 0.10 6.31 8.09
CA ALA A 61 -0.69 6.48 6.88
C ALA A 61 -1.61 5.29 6.63
N GLU A 62 -1.30 4.17 7.30
CA GLU A 62 -2.10 2.96 7.15
C GLU A 62 -3.37 3.05 7.98
N GLU A 63 -3.22 3.34 9.27
CA GLU A 63 -4.36 3.45 10.17
C GLU A 63 -5.20 4.67 9.83
N ALA A 64 -4.55 5.83 9.72
CA ALA A 64 -5.23 7.07 9.40
C ALA A 64 -6.33 6.84 8.38
N PHE A 65 -6.18 5.80 7.57
CA PHE A 65 -7.16 5.47 6.54
C PHE A 65 -8.52 5.16 7.17
N PHE A 66 -8.62 3.98 7.78
CA PHE A 66 -9.86 3.56 8.43
C PHE A 66 -10.25 4.53 9.54
N ASN A 67 -9.35 5.45 9.86
CA ASN A 67 -9.61 6.44 10.91
C ASN A 67 -10.53 7.53 10.41
N THR A 68 -10.35 7.93 9.15
CA THR A 68 -11.16 8.97 8.54
C THR A 68 -11.63 8.57 7.15
N ILE A 69 -10.74 7.96 6.38
CA ILE A 69 -11.06 7.52 5.03
C ILE A 69 -12.22 6.54 5.03
N LEU A 70 -11.96 5.32 5.49
CA LEU A 70 -12.99 4.28 5.54
C LEU A 70 -13.36 3.97 6.98
N PRO A 71 -14.15 4.88 7.60
CA PRO A 71 -14.59 4.73 8.98
C PRO A 71 -15.62 3.61 9.13
N ALA A 72 -16.49 3.47 8.14
CA ALA A 72 -17.52 2.44 8.16
C ALA A 72 -17.81 1.92 6.76
N PHE A 73 -18.37 0.72 6.68
CA PHE A 73 -18.70 0.11 5.39
C PHE A 73 -20.00 -0.67 5.48
N ASP A 74 -20.70 -0.77 4.36
CA ASP A 74 -21.97 -1.49 4.31
C ASP A 74 -21.73 -2.99 4.11
N PRO A 75 -22.27 -3.81 5.01
CA PRO A 75 -22.13 -5.26 4.96
C PRO A 75 -22.92 -5.88 3.80
N ALA A 76 -23.44 -5.03 2.93
CA ALA A 76 -24.21 -5.48 1.78
C ALA A 76 -23.59 -5.01 0.47
N LEU A 77 -22.45 -4.33 0.58
CA LEU A 77 -21.75 -3.82 -0.59
C LEU A 77 -20.37 -4.45 -0.73
N LYS A 78 -19.87 -4.51 -1.96
CA LYS A 78 -18.56 -5.08 -2.22
C LYS A 78 -17.48 -4.01 -2.27
N TYR A 79 -16.86 -3.75 -1.12
CA TYR A 79 -15.82 -2.74 -1.03
C TYR A 79 -14.47 -3.30 -1.49
N ASN A 80 -13.81 -2.59 -2.40
CA ASN A 80 -12.52 -3.02 -2.92
C ASN A 80 -11.44 -1.99 -2.60
N VAL A 81 -10.75 -2.19 -1.47
CA VAL A 81 -9.69 -1.29 -1.05
C VAL A 81 -8.34 -1.73 -1.61
N THR A 82 -7.51 -0.75 -1.96
CA THR A 82 -6.19 -1.05 -2.51
C THR A 82 -5.17 0.00 -2.05
N TRP A 83 -4.07 -0.48 -1.47
CA TRP A 83 -3.02 0.42 -1.00
C TRP A 83 -1.73 0.22 -1.80
N TYR A 84 -1.07 1.33 -2.12
CA TYR A 84 0.16 1.28 -2.89
C TYR A 84 1.29 2.00 -2.14
N VAL A 85 2.13 1.22 -1.47
CA VAL A 85 3.26 1.78 -0.73
C VAL A 85 4.56 1.09 -1.09
N SER A 86 5.67 1.64 -0.63
CA SER A 86 6.99 1.08 -0.91
C SER A 86 7.56 0.39 0.32
N SER A 87 7.22 0.91 1.50
CA SER A 87 7.70 0.35 2.76
C SER A 87 6.61 -0.49 3.44
N SER A 88 7.03 -1.58 4.06
CA SER A 88 6.09 -2.46 4.75
C SER A 88 5.63 -1.84 6.07
N PRO A 89 4.35 -2.07 6.41
CA PRO A 89 3.75 -1.55 7.63
C PRO A 89 4.31 -2.22 8.89
N CYS A 90 4.41 -1.46 9.97
CA CYS A 90 4.93 -1.98 11.22
C CYS A 90 3.99 -3.04 11.80
N ALA A 91 4.49 -3.78 12.79
CA ALA A 91 3.69 -4.82 13.43
C ALA A 91 2.41 -4.25 14.01
N ALA A 92 2.33 -2.93 14.08
CA ALA A 92 1.15 -2.25 14.60
C ALA A 92 0.20 -1.83 13.48
N CYS A 93 0.79 -1.49 12.33
CA CYS A 93 0.00 -1.06 11.18
C CYS A 93 -0.81 -2.23 10.60
N ALA A 94 -0.15 -3.37 10.46
CA ALA A 94 -0.80 -4.56 9.93
C ALA A 94 -1.76 -5.17 10.94
N ASP A 95 -1.67 -4.70 12.19
CA ASP A 95 -2.54 -5.19 13.25
C ASP A 95 -3.98 -4.76 13.03
N ARG A 96 -4.25 -3.48 13.24
CA ARG A 96 -5.59 -2.94 13.06
C ARG A 96 -6.14 -3.30 11.69
N ILE A 97 -5.26 -3.35 10.70
CA ILE A 97 -5.66 -3.67 9.33
C ILE A 97 -6.28 -5.05 9.27
N LEU A 98 -5.77 -5.97 10.07
CA LEU A 98 -6.27 -7.34 10.11
C LEU A 98 -7.58 -7.42 10.89
N LYS A 99 -7.73 -6.54 11.88
CA LYS A 99 -8.92 -6.50 12.69
C LYS A 99 -10.13 -6.02 11.89
N THR A 100 -9.85 -5.40 10.75
CA THR A 100 -10.91 -4.89 9.88
C THR A 100 -11.35 -5.94 8.87
N LEU A 101 -10.40 -6.79 8.46
CA LEU A 101 -10.69 -7.84 7.49
C LEU A 101 -11.37 -9.02 8.16
N SER A 102 -11.03 -9.26 9.43
CA SER A 102 -11.62 -10.36 10.18
C SER A 102 -13.09 -10.09 10.50
N LYS A 103 -13.51 -8.85 10.30
CA LYS A 103 -14.89 -8.46 10.55
C LYS A 103 -15.64 -8.19 9.26
N THR A 104 -14.94 -7.58 8.29
CA THR A 104 -15.54 -7.27 7.01
C THR A 104 -15.11 -8.28 5.94
N LYS A 105 -16.07 -9.07 5.46
CA LYS A 105 -15.79 -10.08 4.45
C LYS A 105 -15.90 -9.48 3.05
N ASN A 106 -17.07 -8.91 2.75
CA ASN A 106 -17.30 -8.29 1.44
C ASN A 106 -16.23 -7.27 1.11
N LEU A 107 -15.48 -6.87 2.14
CA LEU A 107 -14.41 -5.89 1.96
C LEU A 107 -13.10 -6.57 1.57
N ARG A 108 -12.55 -6.18 0.42
CA ARG A 108 -11.31 -6.76 -0.05
C ARG A 108 -10.17 -5.73 0.02
N LEU A 109 -9.34 -5.85 1.04
CA LEU A 109 -8.22 -4.93 1.22
C LEU A 109 -6.95 -5.48 0.56
N LEU A 110 -6.17 -4.58 -0.03
CA LEU A 110 -4.93 -4.98 -0.70
C LEU A 110 -3.80 -4.02 -0.35
N ILE A 111 -2.59 -4.55 -0.23
CA ILE A 111 -1.42 -3.74 0.09
C ILE A 111 -0.18 -4.27 -0.60
N LEU A 112 0.54 -3.38 -1.28
CA LEU A 112 1.76 -3.76 -1.99
C LEU A 112 2.96 -3.00 -1.44
N VAL A 113 4.14 -3.60 -1.56
CA VAL A 113 5.37 -2.98 -1.09
C VAL A 113 6.54 -3.32 -2.00
N SER A 114 7.11 -2.29 -2.61
CA SER A 114 8.24 -2.46 -3.52
C SER A 114 9.44 -3.05 -2.78
N ARG A 115 9.54 -2.74 -1.49
CA ARG A 115 10.64 -3.23 -0.67
C ARG A 115 10.14 -3.66 0.70
N LEU A 116 10.64 -4.80 1.18
CA LEU A 116 10.25 -5.33 2.47
C LEU A 116 11.08 -4.71 3.59
N PHE A 117 10.40 -4.14 4.59
CA PHE A 117 11.08 -3.51 5.71
C PHE A 117 10.99 -4.38 6.95
N MET A 118 12.07 -4.41 7.73
CA MET A 118 12.11 -5.21 8.95
C MET A 118 11.30 -6.50 8.79
N TRP A 119 11.49 -7.17 7.66
CA TRP A 119 10.78 -8.41 7.39
C TRP A 119 11.48 -9.60 8.04
N GLU A 120 12.27 -9.32 9.08
CA GLU A 120 12.99 -10.37 9.79
C GLU A 120 12.53 -10.46 11.24
N GLU A 121 12.19 -9.31 11.82
CA GLU A 121 11.73 -9.27 13.20
C GLU A 121 10.64 -10.30 13.46
N PRO A 122 10.65 -10.90 14.66
CA PRO A 122 9.67 -11.92 15.05
C PRO A 122 8.27 -11.34 15.24
N GLU A 123 8.19 -10.01 15.23
CA GLU A 123 6.91 -9.33 15.40
C GLU A 123 6.31 -8.95 14.05
N VAL A 124 7.18 -8.68 13.08
CA VAL A 124 6.73 -8.31 11.74
C VAL A 124 6.10 -9.49 11.02
N GLN A 125 6.82 -10.60 10.96
CA GLN A 125 6.32 -11.80 10.30
C GLN A 125 4.97 -12.22 10.87
N ALA A 126 4.91 -12.38 12.18
CA ALA A 126 3.69 -12.78 12.85
C ALA A 126 2.62 -11.70 12.73
N ALA A 127 3.06 -10.47 12.45
CA ALA A 127 2.14 -9.35 12.31
C ALA A 127 1.67 -9.21 10.86
N LEU A 128 2.49 -9.68 9.93
CA LEU A 128 2.16 -9.61 8.52
C LEU A 128 1.44 -10.87 8.06
N LYS A 129 1.73 -11.99 8.72
CA LYS A 129 1.11 -13.26 8.38
C LYS A 129 -0.40 -13.18 8.52
N LYS A 130 -0.86 -12.76 9.69
CA LYS A 130 -2.29 -12.64 9.95
C LYS A 130 -3.02 -12.06 8.73
N LEU A 131 -2.50 -10.95 8.21
CA LEU A 131 -3.10 -10.31 7.05
C LEU A 131 -3.38 -11.31 5.94
N LYS A 132 -2.43 -12.22 5.73
CA LYS A 132 -2.56 -13.24 4.70
C LYS A 132 -3.47 -14.38 5.18
N GLU A 133 -3.64 -14.47 6.50
CA GLU A 133 -4.48 -15.51 7.08
C GLU A 133 -5.91 -15.00 7.28
N ALA A 134 -6.08 -13.69 7.25
CA ALA A 134 -7.39 -13.08 7.43
C ALA A 134 -8.10 -12.91 6.08
N GLY A 135 -7.32 -12.85 5.01
CA GLY A 135 -7.89 -12.69 3.68
C GLY A 135 -7.35 -11.47 2.97
N CYS A 136 -6.33 -10.84 3.54
CA CYS A 136 -5.73 -9.65 2.95
C CYS A 136 -4.81 -10.03 1.79
N LYS A 137 -4.62 -9.10 0.86
CA LYS A 137 -3.78 -9.33 -0.29
C LYS A 137 -2.45 -8.58 -0.17
N LEU A 138 -1.35 -9.30 -0.37
CA LEU A 138 -0.03 -8.70 -0.27
C LEU A 138 0.83 -9.07 -1.48
N ARG A 139 1.21 -8.07 -2.27
CA ARG A 139 2.03 -8.30 -3.46
C ARG A 139 3.03 -7.17 -3.65
N ILE A 140 4.28 -7.53 -3.95
CA ILE A 140 5.33 -6.54 -4.15
C ILE A 140 4.99 -5.62 -5.32
N MET A 141 5.00 -4.31 -5.06
CA MET A 141 4.70 -3.33 -6.08
C MET A 141 5.27 -3.76 -7.44
N LYS A 142 4.41 -4.22 -8.32
CA LYS A 142 4.82 -4.66 -9.65
C LYS A 142 5.18 -3.47 -10.53
N PRO A 143 5.92 -3.73 -11.62
CA PRO A 143 6.33 -2.69 -12.56
C PRO A 143 5.16 -2.14 -13.37
N GLN A 144 4.00 -2.78 -13.24
CA GLN A 144 2.81 -2.34 -13.95
C GLN A 144 1.98 -1.39 -13.10
N ASP A 145 2.04 -1.57 -11.78
CA ASP A 145 1.29 -0.73 -10.87
C ASP A 145 1.83 0.70 -10.88
N PHE A 146 3.08 0.87 -10.45
CA PHE A 146 3.70 2.18 -10.42
C PHE A 146 3.22 3.04 -11.58
N GLU A 147 3.45 2.56 -12.80
CA GLU A 147 3.05 3.29 -14.00
C GLU A 147 1.75 4.04 -13.75
N TYR A 148 0.66 3.31 -13.57
CA TYR A 148 -0.65 3.91 -13.33
C TYR A 148 -0.59 4.91 -12.18
N ILE A 149 0.14 4.55 -11.13
CA ILE A 149 0.27 5.40 -9.96
C ILE A 149 1.19 6.58 -10.26
N TRP A 150 1.94 6.49 -11.36
CA TRP A 150 2.85 7.55 -11.75
C TRP A 150 2.20 8.50 -12.75
N GLN A 151 1.26 7.96 -13.53
CA GLN A 151 0.55 8.76 -14.52
C GLN A 151 -0.79 9.25 -13.98
N ASN A 152 -1.27 8.58 -12.93
CA ASN A 152 -2.54 8.94 -12.32
C ASN A 152 -2.33 9.57 -10.95
N PHE A 153 -1.84 8.77 -10.01
CA PHE A 153 -1.58 9.25 -8.66
C PHE A 153 -0.50 10.32 -8.65
N VAL A 154 0.12 10.55 -9.81
CA VAL A 154 1.16 11.55 -9.94
C VAL A 154 0.95 12.41 -11.18
N GLU A 155 0.96 13.73 -10.99
CA GLU A 155 0.76 14.66 -12.09
C GLU A 155 2.04 14.77 -12.93
N GLN A 156 1.96 14.33 -14.18
CA GLN A 156 3.10 14.38 -15.08
C GLN A 156 3.40 15.82 -15.49
N GLU A 157 4.47 16.00 -16.26
CA GLU A 157 4.85 17.33 -16.72
C GLU A 157 3.80 17.91 -17.65
N GLU A 158 3.96 19.19 -17.99
CA GLU A 158 3.01 19.88 -18.87
C GLU A 158 3.42 19.73 -20.33
N GLY A 159 2.48 19.28 -21.15
CA GLY A 159 2.75 19.10 -22.56
C GLY A 159 3.55 17.84 -22.85
N GLU A 160 4.10 17.24 -21.79
CA GLU A 160 4.88 16.03 -21.93
C GLU A 160 4.34 14.91 -21.04
N SER A 161 5.08 13.82 -20.94
CA SER A 161 4.67 12.68 -20.13
C SER A 161 5.64 11.51 -20.28
N LYS A 162 6.32 11.18 -19.19
CA LYS A 162 7.29 10.09 -19.21
C LYS A 162 6.63 8.77 -18.79
N ALA A 163 7.44 7.77 -18.52
CA ALA A 163 6.94 6.46 -18.10
C ALA A 163 7.95 5.72 -17.25
N PHE A 164 7.55 5.40 -16.02
CA PHE A 164 8.43 4.69 -15.09
C PHE A 164 9.04 3.45 -15.74
N GLU A 165 10.24 3.60 -16.28
CA GLU A 165 10.93 2.50 -16.94
C GLU A 165 12.20 2.12 -16.18
N PRO A 166 12.09 1.09 -15.33
CA PRO A 166 13.21 0.59 -14.53
C PRO A 166 14.29 -0.08 -15.39
N TRP A 167 15.39 0.63 -15.60
CA TRP A 167 16.49 0.08 -16.40
C TRP A 167 17.56 -0.54 -15.51
N GLU A 168 17.29 -0.56 -14.21
CA GLU A 168 18.24 -1.14 -13.25
C GLU A 168 17.87 -2.58 -12.92
N ASP A 169 16.59 -2.81 -12.66
CA ASP A 169 16.11 -4.15 -12.33
C ASP A 169 14.57 -4.18 -12.26
N ILE A 170 13.95 -4.78 -13.27
CA ILE A 170 12.50 -4.88 -13.32
C ILE A 170 12.00 -6.11 -12.58
N GLN A 171 12.49 -7.28 -13.00
CA GLN A 171 12.10 -8.53 -12.39
C GLN A 171 13.01 -8.87 -11.21
N GLU A 172 14.31 -8.65 -11.39
CA GLU A 172 15.29 -8.94 -10.34
C GLU A 172 14.90 -8.24 -9.03
N ASN A 173 14.40 -7.01 -9.15
CA ASN A 173 14.00 -6.24 -7.98
C ASN A 173 12.71 -6.78 -7.39
N PHE A 174 11.62 -6.69 -8.16
CA PHE A 174 10.32 -7.17 -7.71
C PHE A 174 10.44 -8.58 -7.11
N LEU A 175 11.32 -9.39 -7.68
CA LEU A 175 11.54 -10.75 -7.20
C LEU A 175 12.24 -10.75 -5.85
N TYR A 176 13.45 -10.23 -5.83
CA TYR A 176 14.24 -10.17 -4.59
C TYR A 176 13.33 -9.90 -3.39
N TYR A 177 12.27 -9.13 -3.62
CA TYR A 177 11.34 -8.80 -2.56
C TYR A 177 10.19 -9.80 -2.51
N GLU A 178 9.74 -10.24 -3.68
CA GLU A 178 8.65 -11.21 -3.76
C GLU A 178 8.92 -12.42 -2.88
N GLU A 179 10.18 -12.84 -2.83
CA GLU A 179 10.57 -13.99 -2.02
C GLU A 179 10.45 -13.67 -0.53
N LYS A 180 10.66 -12.41 -0.19
CA LYS A 180 10.58 -11.97 1.21
C LYS A 180 9.15 -12.05 1.72
N LEU A 181 8.27 -11.24 1.12
CA LEU A 181 6.86 -11.23 1.52
C LEU A 181 6.33 -12.65 1.72
N ALA A 182 6.79 -13.57 0.89
CA ALA A 182 6.37 -14.96 0.98
C ALA A 182 7.09 -15.67 2.11
N ASP A 183 8.42 -15.62 2.09
CA ASP A 183 9.23 -16.27 3.12
C ASP A 183 8.54 -16.18 4.49
N ILE A 184 7.99 -15.00 4.78
CA ILE A 184 7.30 -14.78 6.05
C ILE A 184 6.11 -15.72 6.21
N LEU A 185 5.35 -15.88 5.13
CA LEU A 185 4.17 -16.75 5.14
C LEU A 185 4.59 -18.21 5.19
N LYS A 186 5.88 -18.47 5.02
CA LYS A 186 6.41 -19.83 5.04
C LYS A 186 7.52 -19.96 6.07
N SER A 187 7.23 -20.64 7.18
CA SER A 187 8.21 -20.83 8.24
C SER A 187 8.90 -22.19 8.10
N GLY A 188 8.12 -23.26 8.20
CA GLY A 188 8.67 -24.59 8.09
C GLY A 188 7.76 -25.65 8.68
N PRO A 189 7.92 -26.90 8.22
CA PRO A 189 7.11 -28.02 8.70
C PRO A 189 7.43 -28.41 10.14
N SER A 190 7.01 -29.60 10.54
CA SER A 190 7.26 -30.08 11.89
C SER A 190 8.16 -31.31 11.88
N SER A 191 7.92 -32.20 10.92
CA SER A 191 8.70 -33.42 10.79
C SER A 191 10.19 -33.14 10.99
N GLY A 192 10.80 -33.83 11.95
CA GLY A 192 12.21 -33.63 12.22
C GLY A 192 12.63 -34.23 13.55
N GLY A 1 -5.29 14.30 4.75
CA GLY A 1 -5.12 15.01 6.01
C GLY A 1 -6.41 15.66 6.49
N SER A 2 -6.34 16.94 6.83
CA SER A 2 -7.49 17.68 7.31
C SER A 2 -7.88 18.79 6.34
N SER A 3 -6.88 19.53 5.87
CA SER A 3 -7.11 20.63 4.94
C SER A 3 -7.84 20.14 3.70
N GLY A 4 -7.12 19.44 2.83
CA GLY A 4 -7.72 18.92 1.61
C GLY A 4 -6.90 19.23 0.37
N SER A 5 -5.70 18.65 0.30
CA SER A 5 -4.81 18.88 -0.83
C SER A 5 -5.15 17.94 -1.99
N SER A 6 -4.48 18.14 -3.12
CA SER A 6 -4.72 17.31 -4.29
C SER A 6 -4.62 15.83 -3.95
N GLY A 7 -5.49 15.02 -4.56
CA GLY A 7 -5.49 13.59 -4.30
C GLY A 7 -4.24 12.91 -4.84
N ARG A 8 -3.37 13.69 -5.47
CA ARG A 8 -2.15 13.16 -6.04
C ARG A 8 -0.95 14.02 -5.66
N LEU A 9 0.24 13.56 -6.03
CA LEU A 9 1.48 14.29 -5.71
C LEU A 9 2.19 14.72 -6.98
N PRO A 10 2.80 15.91 -6.95
CA PRO A 10 3.52 16.47 -8.09
C PRO A 10 4.82 15.71 -8.37
N VAL A 11 4.96 15.20 -9.60
CA VAL A 11 6.15 14.46 -9.99
C VAL A 11 7.40 15.08 -9.40
N ASN A 12 7.74 16.28 -9.85
CA ASN A 12 8.92 16.98 -9.37
C ASN A 12 9.15 16.69 -7.89
N PHE A 13 8.08 16.50 -7.15
CA PHE A 13 8.17 16.21 -5.73
C PHE A 13 8.20 14.71 -5.48
N PHE A 14 7.11 14.03 -5.83
CA PHE A 14 7.01 12.58 -5.64
C PHE A 14 8.33 11.90 -6.01
N LYS A 15 9.09 12.52 -6.90
CA LYS A 15 10.37 11.98 -7.33
C LYS A 15 11.40 12.08 -6.22
N PHE A 16 11.58 13.29 -5.68
CA PHE A 16 12.54 13.52 -4.62
C PHE A 16 11.98 13.07 -3.27
N GLN A 17 10.67 12.80 -3.24
CA GLN A 17 10.01 12.37 -2.01
C GLN A 17 9.90 10.84 -1.97
N PHE A 18 9.20 10.28 -2.94
CA PHE A 18 9.03 8.83 -3.00
C PHE A 18 10.37 8.12 -3.17
N ARG A 19 11.33 8.83 -3.76
CA ARG A 19 12.65 8.26 -3.97
C ARG A 19 13.22 7.70 -2.67
N ASN A 20 12.64 8.09 -1.55
CA ASN A 20 13.08 7.63 -0.24
C ASN A 20 13.59 6.20 -0.32
N VAL A 21 14.90 6.03 -0.26
CA VAL A 21 15.51 4.71 -0.32
C VAL A 21 15.98 4.25 1.06
N GLU A 22 16.19 2.94 1.20
CA GLU A 22 16.63 2.38 2.48
C GLU A 22 17.91 3.07 2.95
N TYR A 23 18.71 3.53 2.01
CA TYR A 23 19.97 4.19 2.33
C TYR A 23 19.95 5.66 1.88
N SER A 24 19.60 5.87 0.61
CA SER A 24 19.53 7.21 0.06
C SER A 24 18.26 7.92 0.49
N SER A 25 18.42 9.10 1.09
CA SER A 25 17.29 9.88 1.56
C SER A 25 16.52 9.13 2.65
N GLY A 26 17.25 8.36 3.45
CA GLY A 26 16.62 7.60 4.52
C GLY A 26 15.44 8.32 5.13
N ARG A 27 15.73 9.28 6.01
CA ARG A 27 14.68 10.05 6.67
C ARG A 27 13.83 10.80 5.65
N ASN A 28 12.57 10.38 5.51
CA ASN A 28 11.66 11.03 4.58
C ASN A 28 10.22 10.58 4.83
N LYS A 29 9.27 11.43 4.45
CA LYS A 29 7.85 11.12 4.63
C LYS A 29 7.25 10.55 3.35
N THR A 30 6.93 9.26 3.38
CA THR A 30 6.35 8.59 2.23
C THR A 30 4.83 8.66 2.27
N PHE A 31 4.20 8.66 1.10
CA PHE A 31 2.76 8.72 1.00
C PHE A 31 2.18 7.39 0.55
N LEU A 32 1.02 7.03 1.10
CA LEU A 32 0.38 5.77 0.75
C LEU A 32 -0.93 6.02 0.00
N CYS A 33 -1.01 5.50 -1.22
CA CYS A 33 -2.19 5.66 -2.05
C CYS A 33 -3.27 4.64 -1.67
N TYR A 34 -4.51 5.10 -1.62
CA TYR A 34 -5.62 4.22 -1.27
C TYR A 34 -6.73 4.31 -2.31
N VAL A 35 -7.25 3.16 -2.71
CA VAL A 35 -8.32 3.09 -3.71
C VAL A 35 -9.44 2.16 -3.25
N VAL A 36 -10.55 2.74 -2.84
CA VAL A 36 -11.70 1.96 -2.38
C VAL A 36 -12.80 1.94 -3.43
N GLU A 37 -13.25 0.73 -3.78
CA GLU A 37 -14.30 0.57 -4.77
C GLU A 37 -15.44 -0.29 -4.23
N VAL A 38 -16.56 0.34 -3.91
CA VAL A 38 -17.72 -0.37 -3.38
C VAL A 38 -18.74 -0.65 -4.48
N GLN A 39 -19.58 -1.65 -4.26
CA GLN A 39 -20.61 -2.01 -5.23
C GLN A 39 -21.81 -2.66 -4.54
N SER A 40 -22.98 -2.51 -5.15
CA SER A 40 -24.21 -3.06 -4.58
C SER A 40 -24.87 -4.01 -5.58
N LYS A 41 -26.04 -4.52 -5.19
CA LYS A 41 -26.78 -5.45 -6.06
C LYS A 41 -27.53 -4.69 -7.14
N GLY A 42 -26.79 -4.08 -8.06
CA GLY A 42 -27.41 -3.33 -9.14
C GLY A 42 -26.38 -2.75 -10.10
N GLY A 43 -26.09 -1.46 -9.93
CA GLY A 43 -25.13 -0.81 -10.79
C GLY A 43 -24.53 0.43 -10.16
N GLN A 44 -24.69 0.56 -8.85
CA GLN A 44 -24.16 1.70 -8.11
C GLN A 44 -22.90 1.33 -7.36
N ALA A 45 -21.79 1.97 -7.70
CA ALA A 45 -20.51 1.71 -7.05
C ALA A 45 -19.81 3.01 -6.67
N GLN A 46 -19.20 3.02 -5.49
CA GLN A 46 -18.49 4.20 -5.00
C GLN A 46 -16.98 4.01 -5.10
N ALA A 47 -16.30 4.97 -5.71
CA ALA A 47 -14.86 4.90 -5.86
C ALA A 47 -14.18 6.09 -5.18
N THR A 48 -13.16 5.80 -4.38
CA THR A 48 -12.43 6.84 -3.67
C THR A 48 -10.93 6.74 -3.93
N GLN A 49 -10.22 7.86 -3.78
CA GLN A 49 -8.78 7.88 -3.99
C GLN A 49 -8.13 8.97 -3.14
N GLY A 50 -6.83 8.84 -2.92
CA GLY A 50 -6.10 9.81 -2.13
C GLY A 50 -4.92 9.21 -1.40
N TYR A 51 -4.03 10.07 -0.91
CA TYR A 51 -2.84 9.61 -0.20
C TYR A 51 -2.90 10.04 1.27
N LEU A 52 -2.43 9.16 2.15
CA LEU A 52 -2.42 9.44 3.59
C LEU A 52 -0.99 9.67 4.08
N GLU A 53 -0.83 10.73 4.88
CA GLU A 53 0.49 11.07 5.43
C GLU A 53 0.69 10.41 6.79
N ASP A 54 1.83 9.77 6.97
CA ASP A 54 2.15 9.10 8.22
C ASP A 54 2.37 10.12 9.33
N GLU A 55 1.73 9.88 10.48
CA GLU A 55 1.86 10.79 11.61
C GLU A 55 3.12 10.49 12.42
N HIS A 56 3.96 11.51 12.60
CA HIS A 56 5.20 11.35 13.34
C HIS A 56 4.97 10.58 14.64
N ALA A 57 3.77 10.72 15.20
CA ALA A 57 3.42 10.04 16.44
C ALA A 57 1.91 9.98 16.62
N GLY A 58 1.30 8.94 16.05
CA GLY A 58 -0.14 8.78 16.16
C GLY A 58 -0.68 7.71 15.23
N ALA A 59 -1.14 8.12 14.06
CA ALA A 59 -1.69 7.19 13.08
C ALA A 59 -0.81 7.13 11.84
N HIS A 60 -0.31 5.94 11.53
CA HIS A 60 0.54 5.77 10.36
C HIS A 60 -0.31 5.87 9.09
N ALA A 61 0.34 6.27 8.01
CA ALA A 61 -0.32 6.42 6.72
C ALA A 61 -1.35 5.32 6.51
N GLU A 62 -1.11 4.17 7.13
CA GLU A 62 -2.01 3.02 7.01
C GLU A 62 -3.29 3.25 7.83
N GLU A 63 -3.10 3.66 9.08
CA GLU A 63 -4.23 3.91 9.97
C GLU A 63 -5.09 5.04 9.45
N ALA A 64 -4.47 6.20 9.20
CA ALA A 64 -5.20 7.36 8.69
C ALA A 64 -6.26 6.95 7.69
N PHE A 65 -6.03 5.82 7.02
CA PHE A 65 -6.97 5.32 6.03
C PHE A 65 -8.37 5.11 6.65
N PHE A 66 -8.50 4.06 7.45
CA PHE A 66 -9.77 3.75 8.09
C PHE A 66 -10.18 4.88 9.04
N ASN A 67 -9.28 5.84 9.23
CA ASN A 67 -9.55 6.97 10.12
C ASN A 67 -10.47 7.98 9.44
N THR A 68 -10.26 8.18 8.13
CA THR A 68 -11.07 9.12 7.36
C THR A 68 -11.50 8.52 6.04
N ILE A 69 -10.59 7.80 5.39
CA ILE A 69 -10.88 7.17 4.11
C ILE A 69 -12.02 6.17 4.24
N LEU A 70 -11.73 5.02 4.84
CA LEU A 70 -12.73 3.98 5.03
C LEU A 70 -13.13 3.86 6.50
N PRO A 71 -13.95 4.82 6.97
CA PRO A 71 -14.42 4.84 8.36
C PRO A 71 -15.40 3.72 8.66
N ALA A 72 -16.28 3.43 7.70
CA ALA A 72 -17.27 2.38 7.87
C ALA A 72 -17.59 1.72 6.53
N PHE A 73 -18.10 0.49 6.60
CA PHE A 73 -18.45 -0.26 5.39
C PHE A 73 -19.73 -1.07 5.61
N ASP A 74 -20.49 -1.25 4.52
CA ASP A 74 -21.74 -2.00 4.59
C ASP A 74 -21.53 -3.43 4.10
N PRO A 75 -22.01 -4.40 4.90
CA PRO A 75 -21.90 -5.82 4.56
C PRO A 75 -22.77 -6.22 3.37
N ALA A 76 -23.40 -5.22 2.75
CA ALA A 76 -24.26 -5.47 1.61
C ALA A 76 -23.58 -5.04 0.30
N LEU A 77 -22.42 -4.39 0.43
CA LEU A 77 -21.68 -3.93 -0.74
C LEU A 77 -20.29 -4.58 -0.78
N LYS A 78 -19.69 -4.58 -1.96
CA LYS A 78 -18.37 -5.16 -2.15
C LYS A 78 -17.30 -4.07 -2.23
N TYR A 79 -16.65 -3.79 -1.10
CA TYR A 79 -15.61 -2.78 -1.05
C TYR A 79 -14.27 -3.33 -1.54
N ASN A 80 -13.67 -2.63 -2.50
CA ASN A 80 -12.39 -3.04 -3.07
C ASN A 80 -11.30 -2.02 -2.74
N VAL A 81 -10.59 -2.26 -1.65
CA VAL A 81 -9.51 -1.37 -1.23
C VAL A 81 -8.17 -1.81 -1.81
N THR A 82 -7.35 -0.84 -2.20
CA THR A 82 -6.05 -1.13 -2.78
C THR A 82 -4.99 -0.14 -2.27
N TRP A 83 -4.03 -0.64 -1.51
CA TRP A 83 -2.97 0.19 -0.97
C TRP A 83 -1.69 0.06 -1.79
N TYR A 84 -1.09 1.19 -2.12
CA TYR A 84 0.13 1.20 -2.92
C TYR A 84 1.23 1.99 -2.22
N VAL A 85 2.13 1.27 -1.54
CA VAL A 85 3.22 1.90 -0.82
C VAL A 85 4.56 1.29 -1.22
N SER A 86 5.65 1.86 -0.71
CA SER A 86 6.99 1.38 -1.02
C SER A 86 7.64 0.75 0.21
N SER A 87 7.07 1.04 1.38
CA SER A 87 7.60 0.51 2.64
C SER A 87 6.52 -0.30 3.37
N SER A 88 6.82 -1.57 3.62
CA SER A 88 5.88 -2.44 4.32
C SER A 88 5.47 -1.85 5.67
N PRO A 89 4.22 -2.09 6.06
CA PRO A 89 3.69 -1.59 7.34
C PRO A 89 4.31 -2.29 8.54
N CYS A 90 4.37 -1.57 9.66
CA CYS A 90 4.94 -2.11 10.88
C CYS A 90 4.01 -3.15 11.50
N ALA A 91 4.53 -3.89 12.48
CA ALA A 91 3.75 -4.93 13.15
C ALA A 91 2.47 -4.35 13.72
N ALA A 92 2.39 -3.02 13.79
CA ALA A 92 1.21 -2.35 14.31
C ALA A 92 0.27 -1.92 13.18
N CYS A 93 0.87 -1.45 12.08
CA CYS A 93 0.09 -1.01 10.93
C CYS A 93 -0.74 -2.16 10.36
N ALA A 94 -0.15 -3.35 10.32
CA ALA A 94 -0.83 -4.52 9.80
C ALA A 94 -1.88 -5.02 10.78
N ASP A 95 -1.76 -4.63 12.04
CA ASP A 95 -2.70 -5.04 13.07
C ASP A 95 -4.10 -4.48 12.79
N ARG A 96 -4.25 -3.17 12.99
CA ARG A 96 -5.53 -2.51 12.76
C ARG A 96 -6.09 -2.87 11.40
N ILE A 97 -5.22 -3.37 10.52
CA ILE A 97 -5.64 -3.76 9.17
C ILE A 97 -6.28 -5.14 9.17
N LEU A 98 -5.70 -6.06 9.92
CA LEU A 98 -6.22 -7.43 10.01
C LEU A 98 -7.50 -7.46 10.84
N LYS A 99 -7.60 -6.55 11.80
CA LYS A 99 -8.77 -6.48 12.68
C LYS A 99 -9.98 -5.98 11.89
N THR A 100 -9.74 -5.36 10.75
CA THR A 100 -10.81 -4.84 9.92
C THR A 100 -11.31 -5.90 8.94
N LEU A 101 -10.40 -6.75 8.49
CA LEU A 101 -10.76 -7.81 7.55
C LEU A 101 -11.47 -8.96 8.26
N SER A 102 -11.05 -9.24 9.49
CA SER A 102 -11.64 -10.31 10.28
C SER A 102 -13.10 -9.99 10.62
N LYS A 103 -13.52 -8.78 10.30
CA LYS A 103 -14.89 -8.35 10.56
C LYS A 103 -15.63 -8.05 9.26
N THR A 104 -14.91 -7.48 8.30
CA THR A 104 -15.50 -7.15 7.01
C THR A 104 -15.07 -8.14 5.94
N LYS A 105 -15.98 -9.05 5.58
CA LYS A 105 -15.70 -10.06 4.57
C LYS A 105 -15.86 -9.47 3.17
N ASN A 106 -17.03 -8.93 2.88
CA ASN A 106 -17.31 -8.33 1.58
C ASN A 106 -16.22 -7.33 1.20
N LEU A 107 -15.46 -6.89 2.19
CA LEU A 107 -14.39 -5.92 1.97
C LEU A 107 -13.10 -6.62 1.61
N ARG A 108 -12.47 -6.18 0.52
CA ARG A 108 -11.21 -6.76 0.06
C ARG A 108 -10.07 -5.77 0.20
N LEU A 109 -9.27 -5.94 1.25
CA LEU A 109 -8.14 -5.07 1.51
C LEU A 109 -6.88 -5.57 0.80
N LEU A 110 -6.19 -4.67 0.11
CA LEU A 110 -4.98 -5.02 -0.62
C LEU A 110 -3.85 -4.05 -0.29
N ILE A 111 -2.61 -4.54 -0.34
CA ILE A 111 -1.45 -3.71 -0.05
C ILE A 111 -0.23 -4.20 -0.83
N LEU A 112 0.52 -3.26 -1.39
CA LEU A 112 1.72 -3.59 -2.15
C LEU A 112 2.92 -2.80 -1.65
N VAL A 113 4.09 -3.43 -1.69
CA VAL A 113 5.32 -2.78 -1.24
C VAL A 113 6.49 -3.12 -2.17
N SER A 114 7.19 -2.09 -2.62
CA SER A 114 8.32 -2.27 -3.51
C SER A 114 9.57 -2.68 -2.73
N ARG A 115 9.54 -2.46 -1.42
CA ARG A 115 10.67 -2.79 -0.56
C ARG A 115 10.18 -3.30 0.80
N LEU A 116 10.67 -4.46 1.20
CA LEU A 116 10.29 -5.05 2.48
C LEU A 116 11.17 -4.53 3.60
N PHE A 117 10.54 -3.90 4.60
CA PHE A 117 11.27 -3.35 5.73
C PHE A 117 10.93 -4.10 7.01
N MET A 118 11.95 -4.54 7.73
CA MET A 118 11.76 -5.29 8.97
C MET A 118 11.00 -6.59 8.73
N TRP A 119 11.39 -7.29 7.67
CA TRP A 119 10.74 -8.55 7.32
C TRP A 119 11.48 -9.74 7.95
N GLU A 120 12.20 -9.46 9.04
CA GLU A 120 12.95 -10.50 9.73
C GLU A 120 12.54 -10.57 11.20
N GLU A 121 12.19 -9.42 11.77
CA GLU A 121 11.77 -9.35 13.17
C GLU A 121 10.74 -10.42 13.48
N PRO A 122 10.79 -10.97 14.70
CA PRO A 122 9.86 -12.00 15.16
C PRO A 122 8.44 -11.47 15.36
N GLU A 123 8.32 -10.14 15.32
CA GLU A 123 7.02 -9.50 15.50
C GLU A 123 6.39 -9.16 14.16
N VAL A 124 7.23 -8.75 13.21
CA VAL A 124 6.76 -8.40 11.87
C VAL A 124 6.05 -9.58 11.20
N GLN A 125 6.80 -10.64 10.97
CA GLN A 125 6.26 -11.84 10.33
C GLN A 125 4.95 -12.25 10.99
N ALA A 126 4.97 -12.40 12.30
CA ALA A 126 3.77 -12.78 13.05
C ALA A 126 2.69 -11.71 12.97
N ALA A 127 3.10 -10.51 12.54
CA ALA A 127 2.18 -9.39 12.42
C ALA A 127 1.63 -9.29 11.00
N LEU A 128 2.39 -9.78 10.04
CA LEU A 128 1.99 -9.75 8.64
C LEU A 128 1.21 -11.01 8.26
N LYS A 129 1.57 -12.12 8.90
CA LYS A 129 0.90 -13.39 8.63
C LYS A 129 -0.62 -13.25 8.76
N LYS A 130 -1.05 -12.66 9.87
CA LYS A 130 -2.48 -12.47 10.12
C LYS A 130 -3.18 -11.94 8.88
N LEU A 131 -2.58 -10.92 8.25
CA LEU A 131 -3.14 -10.32 7.05
C LEU A 131 -3.41 -11.38 5.99
N LYS A 132 -2.59 -12.43 5.99
CA LYS A 132 -2.74 -13.51 5.01
C LYS A 132 -3.71 -14.58 5.54
N GLU A 133 -3.93 -14.57 6.85
CA GLU A 133 -4.83 -15.53 7.47
C GLU A 133 -6.25 -14.97 7.55
N ALA A 134 -6.35 -13.65 7.53
CA ALA A 134 -7.65 -12.99 7.61
C ALA A 134 -8.29 -12.86 6.24
N GLY A 135 -7.46 -12.82 5.21
CA GLY A 135 -7.96 -12.70 3.85
C GLY A 135 -7.43 -11.48 3.13
N CYS A 136 -6.38 -10.88 3.68
CA CYS A 136 -5.78 -9.69 3.09
C CYS A 136 -4.88 -10.06 1.92
N LYS A 137 -4.63 -9.10 1.03
CA LYS A 137 -3.80 -9.33 -0.13
C LYS A 137 -2.45 -8.62 0.02
N LEU A 138 -1.38 -9.40 0.14
CA LEU A 138 -0.04 -8.84 0.28
C LEU A 138 0.81 -9.16 -0.94
N ARG A 139 1.29 -8.12 -1.61
CA ARG A 139 2.13 -8.29 -2.80
C ARG A 139 3.25 -7.26 -2.82
N ILE A 140 4.13 -7.38 -3.80
CA ILE A 140 5.25 -6.46 -3.94
C ILE A 140 4.99 -5.45 -5.07
N MET A 141 4.83 -4.18 -4.70
CA MET A 141 4.57 -3.13 -5.66
C MET A 141 5.31 -3.42 -6.98
N LYS A 142 4.61 -4.03 -7.92
CA LYS A 142 5.19 -4.36 -9.22
C LYS A 142 5.43 -3.11 -10.04
N PRO A 143 6.37 -3.19 -10.99
CA PRO A 143 6.72 -2.06 -11.87
C PRO A 143 5.61 -1.75 -12.86
N GLN A 144 4.56 -2.56 -12.85
CA GLN A 144 3.44 -2.36 -13.76
C GLN A 144 2.35 -1.52 -13.09
N ASP A 145 2.24 -1.64 -11.78
CA ASP A 145 1.24 -0.89 -11.02
C ASP A 145 1.66 0.57 -10.86
N PHE A 146 2.88 0.78 -10.38
CA PHE A 146 3.39 2.13 -10.18
C PHE A 146 2.98 3.05 -11.33
N GLU A 147 3.21 2.60 -12.56
CA GLU A 147 2.85 3.38 -13.73
C GLU A 147 1.57 4.16 -13.50
N TYR A 148 0.48 3.44 -13.23
CA TYR A 148 -0.82 4.06 -12.99
C TYR A 148 -0.74 5.05 -11.83
N ILE A 149 0.02 4.69 -10.80
CA ILE A 149 0.17 5.54 -9.64
C ILE A 149 1.10 6.72 -9.93
N TRP A 150 1.84 6.62 -11.02
CA TRP A 150 2.77 7.67 -11.42
C TRP A 150 2.11 8.62 -12.42
N GLN A 151 1.16 8.10 -13.18
CA GLN A 151 0.44 8.90 -14.17
C GLN A 151 -0.88 9.41 -13.63
N ASN A 152 -1.38 8.73 -12.60
CA ASN A 152 -2.64 9.12 -11.98
C ASN A 152 -2.41 9.72 -10.59
N PHE A 153 -1.94 8.89 -9.67
CA PHE A 153 -1.67 9.33 -8.30
C PHE A 153 -0.58 10.41 -8.29
N VAL A 154 0.03 10.65 -9.45
CA VAL A 154 1.08 11.64 -9.56
C VAL A 154 0.82 12.58 -10.75
N GLU A 155 0.76 13.88 -10.47
CA GLU A 155 0.52 14.87 -11.51
C GLU A 155 1.77 15.06 -12.37
N GLN A 156 1.56 15.10 -13.68
CA GLN A 156 2.67 15.27 -14.63
C GLN A 156 2.83 16.75 -15.00
N GLU A 157 3.95 17.06 -15.65
CA GLU A 157 4.23 18.43 -16.06
C GLU A 157 4.03 18.60 -17.56
N GLU A 158 4.33 19.79 -18.07
CA GLU A 158 4.17 20.08 -19.48
C GLU A 158 5.45 19.75 -20.24
N GLY A 159 5.29 19.41 -21.52
CA GLY A 159 6.44 19.06 -22.34
C GLY A 159 7.15 17.83 -21.85
N GLU A 160 6.59 17.18 -20.83
CA GLU A 160 7.19 15.98 -20.25
C GLU A 160 6.41 14.74 -20.68
N SER A 161 5.77 14.09 -19.72
CA SER A 161 5.00 12.89 -20.00
C SER A 161 5.91 11.66 -20.05
N LYS A 162 6.69 11.46 -19.00
CA LYS A 162 7.60 10.33 -18.92
C LYS A 162 6.87 9.06 -18.49
N ALA A 163 7.63 8.01 -18.22
CA ALA A 163 7.04 6.75 -17.79
C ALA A 163 8.02 5.95 -16.93
N PHE A 164 7.59 5.58 -15.73
CA PHE A 164 8.43 4.84 -14.81
C PHE A 164 9.02 3.61 -15.49
N GLU A 165 10.24 3.75 -16.00
CA GLU A 165 10.93 2.66 -16.69
C GLU A 165 12.16 2.22 -15.90
N PRO A 166 12.00 1.15 -15.11
CA PRO A 166 13.10 0.61 -14.30
C PRO A 166 14.17 -0.06 -15.14
N TRP A 167 15.37 0.50 -15.12
CA TRP A 167 16.48 -0.03 -15.90
C TRP A 167 17.31 -1.01 -15.05
N GLU A 168 17.55 -0.64 -13.80
CA GLU A 168 18.33 -1.47 -12.89
C GLU A 168 17.86 -2.92 -12.96
N ASP A 169 16.58 -3.14 -12.66
CA ASP A 169 16.01 -4.48 -12.69
C ASP A 169 14.49 -4.42 -12.83
N ILE A 170 13.97 -5.14 -13.82
CA ILE A 170 12.53 -5.16 -14.05
C ILE A 170 11.88 -6.34 -13.34
N GLN A 171 12.47 -7.52 -13.50
CA GLN A 171 11.95 -8.73 -12.87
C GLN A 171 12.65 -9.00 -11.54
N GLU A 172 13.94 -9.31 -11.60
CA GLU A 172 14.72 -9.58 -10.40
C GLU A 172 14.28 -8.68 -9.25
N ASN A 173 14.04 -7.41 -9.55
CA ASN A 173 13.62 -6.45 -8.54
C ASN A 173 12.36 -6.94 -7.82
N PHE A 174 11.28 -7.13 -8.59
CA PHE A 174 10.02 -7.58 -8.02
C PHE A 174 10.18 -8.97 -7.39
N LEU A 175 10.79 -9.88 -8.14
CA LEU A 175 11.01 -11.24 -7.65
C LEU A 175 11.70 -11.23 -6.28
N TYR A 176 12.74 -10.42 -6.17
CA TYR A 176 13.49 -10.32 -4.91
C TYR A 176 12.55 -10.10 -3.73
N TYR A 177 12.00 -8.90 -3.63
CA TYR A 177 11.09 -8.56 -2.56
C TYR A 177 9.90 -9.53 -2.52
N GLU A 178 9.62 -10.16 -3.66
CA GLU A 178 8.52 -11.11 -3.75
C GLU A 178 8.75 -12.31 -2.83
N GLU A 179 10.00 -12.75 -2.75
CA GLU A 179 10.36 -13.88 -1.90
C GLU A 179 10.36 -13.49 -0.43
N LYS A 180 10.75 -12.25 -0.16
CA LYS A 180 10.78 -11.75 1.22
C LYS A 180 9.41 -11.85 1.87
N LEU A 181 8.41 -11.28 1.23
CA LEU A 181 7.05 -11.31 1.75
C LEU A 181 6.60 -12.74 2.04
N ALA A 182 6.56 -13.56 1.00
CA ALA A 182 6.15 -14.95 1.14
C ALA A 182 6.96 -15.65 2.24
N ASP A 183 8.27 -15.48 2.21
CA ASP A 183 9.14 -16.08 3.20
C ASP A 183 8.46 -16.12 4.56
N ILE A 184 8.05 -14.95 5.05
CA ILE A 184 7.40 -14.85 6.34
C ILE A 184 6.33 -15.94 6.51
N LEU A 185 5.42 -16.01 5.56
CA LEU A 185 4.35 -17.01 5.59
C LEU A 185 4.92 -18.41 5.81
N LYS A 186 5.99 -18.73 5.09
CA LYS A 186 6.63 -20.03 5.20
C LYS A 186 7.82 -19.97 6.16
N SER A 187 8.57 -21.07 6.25
CA SER A 187 9.72 -21.14 7.13
C SER A 187 10.96 -21.59 6.35
N GLY A 188 10.85 -22.72 5.67
CA GLY A 188 11.96 -23.24 4.90
C GLY A 188 12.26 -24.69 5.22
N PRO A 189 13.37 -25.21 4.68
CA PRO A 189 13.78 -26.60 4.89
C PRO A 189 14.23 -26.85 6.31
N SER A 190 13.32 -27.36 7.14
CA SER A 190 13.63 -27.64 8.54
C SER A 190 14.65 -28.77 8.65
N SER A 191 14.59 -29.72 7.71
CA SER A 191 15.51 -30.84 7.71
C SER A 191 16.66 -30.60 6.72
N GLY A 192 17.85 -30.39 7.26
CA GLY A 192 19.01 -30.14 6.42
C GLY A 192 20.22 -29.71 7.21
N GLY A 1 -13.96 21.07 9.41
CA GLY A 1 -13.92 19.84 8.64
C GLY A 1 -14.19 20.07 7.17
N SER A 2 -13.26 20.72 6.49
CA SER A 2 -13.41 21.01 5.06
C SER A 2 -12.16 20.59 4.29
N SER A 3 -12.27 20.58 2.96
CA SER A 3 -11.15 20.21 2.10
C SER A 3 -11.29 20.84 0.73
N GLY A 4 -10.25 20.70 -0.08
CA GLY A 4 -10.26 21.28 -1.42
C GLY A 4 -8.93 21.11 -2.14
N SER A 5 -8.70 19.93 -2.69
CA SER A 5 -7.46 19.65 -3.40
C SER A 5 -7.51 18.27 -4.06
N SER A 6 -6.51 18.00 -4.90
CA SER A 6 -6.44 16.72 -5.60
C SER A 6 -6.04 15.60 -4.65
N GLY A 7 -5.86 14.40 -5.20
CA GLY A 7 -5.48 13.26 -4.38
C GLY A 7 -4.19 12.61 -4.86
N ARG A 8 -3.38 13.37 -5.59
CA ARG A 8 -2.12 12.86 -6.11
C ARG A 8 -0.96 13.80 -5.76
N LEU A 9 0.25 13.41 -6.14
CA LEU A 9 1.43 14.21 -5.85
C LEU A 9 2.09 14.67 -7.14
N PRO A 10 2.62 15.91 -7.13
CA PRO A 10 3.29 16.50 -8.29
C PRO A 10 4.62 15.82 -8.60
N VAL A 11 4.77 15.35 -9.83
CA VAL A 11 6.00 14.68 -10.25
C VAL A 11 7.22 15.35 -9.64
N ASN A 12 7.46 16.60 -10.03
CA ASN A 12 8.60 17.36 -9.53
C ASN A 12 8.89 17.00 -8.08
N PHE A 13 7.83 16.76 -7.32
CA PHE A 13 7.98 16.40 -5.91
C PHE A 13 8.03 14.89 -5.73
N PHE A 14 6.92 14.22 -6.07
CA PHE A 14 6.84 12.77 -5.94
C PHE A 14 8.16 12.11 -6.35
N LYS A 15 8.90 12.78 -7.21
CA LYS A 15 10.18 12.26 -7.68
C LYS A 15 11.07 11.86 -6.50
N PHE A 16 11.22 12.77 -5.55
CA PHE A 16 12.03 12.52 -4.36
C PHE A 16 11.23 11.78 -3.29
N GLN A 17 10.21 12.45 -2.77
CA GLN A 17 9.36 11.86 -1.74
C GLN A 17 9.17 10.36 -1.99
N PHE A 18 8.61 10.03 -3.15
CA PHE A 18 8.37 8.63 -3.50
C PHE A 18 9.67 7.84 -3.49
N ARG A 19 10.59 8.19 -4.37
CA ARG A 19 11.88 7.50 -4.46
C ARG A 19 12.60 7.53 -3.12
N ASN A 20 12.60 6.40 -2.42
CA ASN A 20 13.26 6.30 -1.13
C ASN A 20 14.40 5.29 -1.18
N VAL A 21 15.29 5.46 -2.15
CA VAL A 21 16.44 4.57 -2.30
C VAL A 21 17.76 5.31 -2.10
N GLU A 22 18.83 4.56 -1.87
CA GLU A 22 20.14 5.15 -1.67
C GLU A 22 20.36 6.33 -2.60
N TYR A 23 20.54 6.04 -3.89
CA TYR A 23 20.76 7.09 -4.87
C TYR A 23 19.72 8.20 -4.75
N SER A 24 18.61 7.88 -4.09
CA SER A 24 17.53 8.84 -3.90
C SER A 24 17.20 9.00 -2.42
N SER A 25 18.23 8.93 -1.58
CA SER A 25 18.06 9.06 -0.14
C SER A 25 17.63 10.48 0.23
N GLY A 26 16.55 10.60 0.99
CA GLY A 26 16.06 11.91 1.40
C GLY A 26 15.01 11.82 2.48
N ARG A 27 15.38 12.20 3.70
CA ARG A 27 14.46 12.16 4.83
C ARG A 27 13.24 13.02 4.56
N ASN A 28 12.06 12.39 4.55
CA ASN A 28 10.82 13.11 4.30
C ASN A 28 9.61 12.19 4.51
N LYS A 29 8.50 12.77 4.95
CA LYS A 29 7.28 12.00 5.19
C LYS A 29 6.78 11.35 3.91
N THR A 30 6.51 10.05 3.99
CA THR A 30 6.03 9.30 2.84
C THR A 30 4.50 9.27 2.80
N PHE A 31 3.95 9.25 1.59
CA PHE A 31 2.50 9.22 1.41
C PHE A 31 2.04 7.84 0.93
N LEU A 32 0.91 7.39 1.47
CA LEU A 32 0.37 6.09 1.09
C LEU A 32 -0.88 6.24 0.24
N CYS A 33 -0.85 5.67 -0.96
CA CYS A 33 -1.98 5.75 -1.88
C CYS A 33 -3.07 4.76 -1.49
N TYR A 34 -4.33 5.16 -1.65
CA TYR A 34 -5.46 4.30 -1.33
C TYR A 34 -6.55 4.40 -2.38
N VAL A 35 -7.08 3.25 -2.79
CA VAL A 35 -8.13 3.20 -3.80
C VAL A 35 -9.28 2.32 -3.34
N VAL A 36 -10.32 2.94 -2.80
CA VAL A 36 -11.49 2.21 -2.32
C VAL A 36 -12.58 2.18 -3.39
N GLU A 37 -13.11 0.98 -3.65
CA GLU A 37 -14.16 0.82 -4.64
C GLU A 37 -15.32 0.00 -4.08
N VAL A 38 -16.37 0.69 -3.63
CA VAL A 38 -17.54 0.03 -3.07
C VAL A 38 -18.62 -0.18 -4.12
N GLN A 39 -19.54 -1.10 -3.86
CA GLN A 39 -20.61 -1.39 -4.79
C GLN A 39 -21.95 -1.52 -4.05
N SER A 40 -23.04 -1.28 -4.77
CA SER A 40 -24.37 -1.37 -4.18
C SER A 40 -25.43 -1.52 -5.26
N LYS A 41 -26.46 -2.30 -4.97
CA LYS A 41 -27.55 -2.55 -5.91
C LYS A 41 -27.00 -2.97 -7.27
N GLY A 42 -25.85 -3.63 -7.26
CA GLY A 42 -25.25 -4.08 -8.50
C GLY A 42 -25.27 -3.02 -9.57
N GLY A 43 -25.01 -1.78 -9.19
CA GLY A 43 -25.01 -0.68 -10.14
C GLY A 43 -24.41 0.59 -9.58
N GLN A 44 -24.61 0.81 -8.28
CA GLN A 44 -24.09 2.00 -7.62
C GLN A 44 -22.81 1.67 -6.85
N ALA A 45 -21.71 2.29 -7.25
CA ALA A 45 -20.43 2.08 -6.59
C ALA A 45 -19.74 3.40 -6.27
N GLN A 46 -19.00 3.43 -5.17
CA GLN A 46 -18.29 4.63 -4.76
C GLN A 46 -16.79 4.43 -4.82
N ALA A 47 -16.12 5.17 -5.70
CA ALA A 47 -14.67 5.07 -5.86
C ALA A 47 -13.98 6.28 -5.24
N THR A 48 -12.90 6.01 -4.51
CA THR A 48 -12.14 7.08 -3.87
C THR A 48 -10.64 6.92 -4.12
N GLN A 49 -9.90 8.02 -4.00
CA GLN A 49 -8.46 7.99 -4.21
C GLN A 49 -7.79 9.17 -3.50
N GLY A 50 -6.53 8.97 -3.11
CA GLY A 50 -5.79 10.02 -2.42
C GLY A 50 -4.59 9.50 -1.68
N TYR A 51 -4.22 10.18 -0.60
CA TYR A 51 -3.08 9.78 0.20
C TYR A 51 -3.28 10.15 1.67
N LEU A 52 -2.78 9.30 2.57
CA LEU A 52 -2.90 9.54 4.00
C LEU A 52 -1.54 9.84 4.62
N GLU A 53 -1.52 10.77 5.57
CA GLU A 53 -0.28 11.15 6.25
C GLU A 53 -0.11 10.35 7.53
N ASP A 54 1.08 9.78 7.71
CA ASP A 54 1.39 8.99 8.90
C ASP A 54 1.63 9.89 10.10
N GLU A 55 0.95 9.61 11.20
CA GLU A 55 1.08 10.39 12.42
C GLU A 55 2.37 10.03 13.16
N HIS A 56 3.18 11.03 13.46
CA HIS A 56 4.43 10.81 14.16
C HIS A 56 4.22 9.94 15.40
N ALA A 57 3.04 10.06 16.00
CA ALA A 57 2.71 9.28 17.20
C ALA A 57 1.19 9.19 17.38
N GLY A 58 0.56 8.31 16.63
CA GLY A 58 -0.88 8.15 16.73
C GLY A 58 -1.43 7.17 15.70
N ALA A 59 -1.94 7.68 14.60
CA ALA A 59 -2.50 6.85 13.55
C ALA A 59 -1.66 6.95 12.27
N HIS A 60 -0.98 5.86 11.93
CA HIS A 60 -0.15 5.84 10.74
C HIS A 60 -1.04 5.99 9.50
N ALA A 61 -0.39 6.29 8.38
CA ALA A 61 -1.09 6.47 7.11
C ALA A 61 -2.07 5.32 6.86
N GLU A 62 -1.65 4.11 7.22
CA GLU A 62 -2.49 2.92 7.03
C GLU A 62 -3.73 3.00 7.92
N GLU A 63 -3.54 3.38 9.17
CA GLU A 63 -4.64 3.48 10.12
C GLU A 63 -5.57 4.63 9.74
N ALA A 64 -5.00 5.83 9.64
CA ALA A 64 -5.78 7.01 9.29
C ALA A 64 -6.85 6.68 8.26
N PHE A 65 -6.59 5.66 7.45
CA PHE A 65 -7.54 5.24 6.42
C PHE A 65 -8.89 4.90 7.04
N PHE A 66 -8.97 3.75 7.71
CA PHE A 66 -10.20 3.33 8.34
C PHE A 66 -10.65 4.32 9.42
N ASN A 67 -9.79 5.28 9.71
CA ASN A 67 -10.10 6.30 10.72
C ASN A 67 -11.05 7.34 10.15
N THR A 68 -10.86 7.70 8.88
CA THR A 68 -11.70 8.69 8.23
C THR A 68 -12.13 8.22 6.85
N ILE A 69 -11.19 7.62 6.12
CA ILE A 69 -11.47 7.13 4.77
C ILE A 69 -12.59 6.09 4.79
N LEU A 70 -12.27 4.89 5.29
CA LEU A 70 -13.24 3.81 5.37
C LEU A 70 -13.61 3.51 6.82
N PRO A 71 -14.47 4.36 7.41
CA PRO A 71 -14.91 4.21 8.79
C PRO A 71 -15.84 3.00 8.98
N ALA A 72 -16.78 2.84 8.05
CA ALA A 72 -17.72 1.73 8.12
C ALA A 72 -17.97 1.16 6.73
N PHE A 73 -18.48 -0.07 6.69
CA PHE A 73 -18.76 -0.74 5.41
C PHE A 73 -20.03 -1.57 5.51
N ASP A 74 -21.02 -1.23 4.69
CA ASP A 74 -22.29 -1.94 4.68
C ASP A 74 -22.10 -3.40 4.29
N PRO A 75 -22.75 -4.31 5.02
CA PRO A 75 -22.67 -5.74 4.76
C PRO A 75 -23.36 -6.14 3.46
N ALA A 76 -23.83 -5.15 2.71
CA ALA A 76 -24.50 -5.39 1.44
C ALA A 76 -23.72 -4.82 0.27
N LEU A 77 -22.58 -4.21 0.58
CA LEU A 77 -21.73 -3.62 -0.45
C LEU A 77 -20.37 -4.32 -0.50
N LYS A 78 -19.67 -4.17 -1.62
CA LYS A 78 -18.36 -4.79 -1.79
C LYS A 78 -17.28 -3.72 -1.92
N TYR A 79 -16.61 -3.43 -0.80
CA TYR A 79 -15.55 -2.43 -0.78
C TYR A 79 -14.23 -3.01 -1.28
N ASN A 80 -13.69 -2.43 -2.33
CA ASN A 80 -12.44 -2.89 -2.91
C ASN A 80 -11.32 -1.86 -2.70
N VAL A 81 -10.57 -2.02 -1.61
CA VAL A 81 -9.48 -1.09 -1.30
C VAL A 81 -8.16 -1.59 -1.90
N THR A 82 -7.33 -0.64 -2.32
CA THR A 82 -6.04 -0.98 -2.91
C THR A 82 -4.98 0.05 -2.53
N TRP A 83 -4.03 -0.37 -1.71
CA TRP A 83 -2.95 0.52 -1.28
C TRP A 83 -1.69 0.29 -2.10
N TYR A 84 -0.99 1.38 -2.41
CA TYR A 84 0.23 1.30 -3.20
C TYR A 84 1.36 2.08 -2.53
N VAL A 85 2.22 1.37 -1.81
CA VAL A 85 3.34 2.00 -1.13
C VAL A 85 4.66 1.32 -1.50
N SER A 86 5.76 1.85 -0.97
CA SER A 86 7.08 1.30 -1.24
C SER A 86 7.72 0.74 0.03
N SER A 87 7.14 1.09 1.18
CA SER A 87 7.65 0.62 2.46
C SER A 87 6.59 -0.19 3.20
N SER A 88 7.00 -1.35 3.71
CA SER A 88 6.09 -2.22 4.43
C SER A 88 5.63 -1.56 5.74
N PRO A 89 4.36 -1.81 6.10
CA PRO A 89 3.77 -1.24 7.32
C PRO A 89 4.35 -1.86 8.59
N CYS A 90 4.43 -1.07 9.65
CA CYS A 90 4.97 -1.53 10.91
C CYS A 90 4.09 -2.63 11.51
N ALA A 91 4.64 -3.33 12.50
CA ALA A 91 3.91 -4.42 13.15
C ALA A 91 2.59 -3.92 13.74
N ALA A 92 2.42 -2.59 13.78
CA ALA A 92 1.21 -1.99 14.31
C ALA A 92 0.24 -1.65 13.19
N CYS A 93 0.78 -1.24 12.04
CA CYS A 93 -0.04 -0.87 10.90
C CYS A 93 -0.75 -2.10 10.32
N ALA A 94 -0.06 -3.23 10.31
CA ALA A 94 -0.62 -4.46 9.80
C ALA A 94 -1.59 -5.09 10.80
N ASP A 95 -1.56 -4.58 12.03
CA ASP A 95 -2.45 -5.09 13.08
C ASP A 95 -3.89 -4.66 12.83
N ARG A 96 -4.16 -3.38 13.04
CA ARG A 96 -5.50 -2.85 12.84
C ARG A 96 -6.07 -3.26 11.49
N ILE A 97 -5.23 -3.19 10.46
CA ILE A 97 -5.63 -3.57 9.11
C ILE A 97 -6.26 -4.96 9.09
N LEU A 98 -5.73 -5.86 9.92
CA LEU A 98 -6.24 -7.22 10.00
C LEU A 98 -7.54 -7.27 10.80
N LYS A 99 -7.67 -6.36 11.76
CA LYS A 99 -8.86 -6.29 12.59
C LYS A 99 -10.06 -5.80 11.79
N THR A 100 -9.79 -5.19 10.65
CA THR A 100 -10.84 -4.67 9.79
C THR A 100 -11.27 -5.71 8.75
N LEU A 101 -10.37 -6.65 8.47
CA LEU A 101 -10.66 -7.70 7.49
C LEU A 101 -11.29 -8.91 8.17
N SER A 102 -10.84 -9.19 9.39
CA SER A 102 -11.37 -10.34 10.14
C SER A 102 -12.82 -10.10 10.55
N LYS A 103 -13.30 -8.88 10.32
CA LYS A 103 -14.67 -8.53 10.66
C LYS A 103 -15.49 -8.25 9.40
N THR A 104 -14.86 -7.61 8.42
CA THR A 104 -15.54 -7.28 7.17
C THR A 104 -15.05 -8.18 6.04
N LYS A 105 -15.93 -9.05 5.57
CA LYS A 105 -15.60 -9.97 4.49
C LYS A 105 -15.76 -9.29 3.13
N ASN A 106 -16.95 -8.78 2.86
CA ASN A 106 -17.23 -8.11 1.60
C ASN A 106 -16.14 -7.09 1.28
N LEU A 107 -15.39 -6.67 2.30
CA LEU A 107 -14.32 -5.70 2.13
C LEU A 107 -13.01 -6.40 1.78
N ARG A 108 -12.37 -5.94 0.71
CA ARG A 108 -11.12 -6.51 0.26
C ARG A 108 -10.00 -5.47 0.31
N LEU A 109 -9.20 -5.52 1.36
CA LEU A 109 -8.09 -4.58 1.53
C LEU A 109 -6.81 -5.15 0.91
N LEU A 110 -6.25 -4.41 -0.04
CA LEU A 110 -5.02 -4.83 -0.71
C LEU A 110 -3.87 -3.90 -0.36
N ILE A 111 -2.66 -4.45 -0.27
CA ILE A 111 -1.49 -3.66 0.05
C ILE A 111 -0.25 -4.19 -0.69
N LEU A 112 0.41 -3.31 -1.43
CA LEU A 112 1.60 -3.69 -2.18
C LEU A 112 2.80 -2.87 -1.75
N VAL A 113 4.00 -3.46 -1.85
CA VAL A 113 5.22 -2.78 -1.47
C VAL A 113 6.36 -3.11 -2.42
N SER A 114 6.92 -2.10 -3.07
CA SER A 114 8.01 -2.29 -4.01
C SER A 114 9.27 -2.76 -3.29
N ARG A 115 9.23 -2.73 -1.95
CA ARG A 115 10.37 -3.15 -1.16
C ARG A 115 9.92 -3.58 0.24
N LEU A 116 10.46 -4.69 0.72
CA LEU A 116 10.12 -5.20 2.04
C LEU A 116 10.96 -4.53 3.13
N PHE A 117 10.34 -4.25 4.26
CA PHE A 117 11.02 -3.61 5.38
C PHE A 117 10.86 -4.42 6.66
N MET A 118 11.91 -4.46 7.47
CA MET A 118 11.88 -5.20 8.73
C MET A 118 11.22 -6.56 8.54
N TRP A 119 11.70 -7.32 7.57
CA TRP A 119 11.16 -8.65 7.29
C TRP A 119 11.92 -9.73 8.06
N GLU A 120 12.89 -9.29 8.86
CA GLU A 120 13.69 -10.22 9.65
C GLU A 120 13.38 -10.09 11.13
N GLU A 121 12.24 -9.47 11.44
CA GLU A 121 11.82 -9.27 12.83
C GLU A 121 10.72 -10.27 13.20
N PRO A 122 10.80 -10.79 14.44
CA PRO A 122 9.83 -11.76 14.94
C PRO A 122 8.47 -11.14 15.20
N GLU A 123 8.41 -9.81 15.19
CA GLU A 123 7.17 -9.08 15.41
C GLU A 123 6.50 -8.74 14.08
N VAL A 124 7.30 -8.63 13.03
CA VAL A 124 6.78 -8.29 11.71
C VAL A 124 6.11 -9.51 11.06
N GLN A 125 6.80 -10.64 11.11
CA GLN A 125 6.27 -11.88 10.53
C GLN A 125 4.83 -12.12 11.00
N ALA A 126 4.68 -12.44 12.28
CA ALA A 126 3.36 -12.71 12.83
C ALA A 126 2.42 -11.54 12.60
N ALA A 127 2.99 -10.37 12.28
CA ALA A 127 2.20 -9.17 12.03
C ALA A 127 1.74 -9.12 10.58
N LEU A 128 2.49 -9.76 9.70
CA LEU A 128 2.17 -9.78 8.27
C LEU A 128 1.34 -11.02 7.93
N LYS A 129 1.64 -12.14 8.58
CA LYS A 129 0.92 -13.39 8.34
C LYS A 129 -0.59 -13.17 8.50
N LYS A 130 -1.00 -12.72 9.67
CA LYS A 130 -2.41 -12.47 9.95
C LYS A 130 -3.12 -11.92 8.71
N LEU A 131 -2.60 -10.81 8.20
CA LEU A 131 -3.18 -10.16 7.02
C LEU A 131 -3.52 -11.21 5.95
N LYS A 132 -2.62 -12.15 5.74
CA LYS A 132 -2.82 -13.20 4.75
C LYS A 132 -3.73 -14.30 5.31
N GLU A 133 -3.80 -14.38 6.63
CA GLU A 133 -4.64 -15.39 7.29
C GLU A 133 -6.06 -14.87 7.49
N ALA A 134 -6.23 -13.56 7.37
CA ALA A 134 -7.54 -12.94 7.54
C ALA A 134 -8.25 -12.79 6.19
N GLY A 135 -7.47 -12.60 5.14
CA GLY A 135 -8.04 -12.45 3.81
C GLY A 135 -7.45 -11.27 3.06
N CYS A 136 -6.49 -10.60 3.67
CA CYS A 136 -5.84 -9.44 3.05
C CYS A 136 -4.98 -9.88 1.87
N LYS A 137 -4.71 -8.94 0.97
CA LYS A 137 -3.91 -9.23 -0.21
C LYS A 137 -2.58 -8.49 -0.15
N LEU A 138 -1.48 -9.25 -0.20
CA LEU A 138 -0.15 -8.68 -0.15
C LEU A 138 0.68 -9.11 -1.35
N ARG A 139 1.11 -8.14 -2.15
CA ARG A 139 1.90 -8.41 -3.34
C ARG A 139 3.00 -7.36 -3.52
N ILE A 140 4.20 -7.81 -3.86
CA ILE A 140 5.33 -6.92 -4.06
C ILE A 140 5.05 -5.93 -5.18
N MET A 141 4.81 -4.68 -4.81
CA MET A 141 4.54 -3.63 -5.79
C MET A 141 5.32 -3.87 -7.08
N LYS A 142 4.68 -4.54 -8.03
CA LYS A 142 5.33 -4.84 -9.31
C LYS A 142 5.50 -3.57 -10.14
N PRO A 143 6.39 -3.64 -11.14
CA PRO A 143 6.66 -2.50 -12.03
C PRO A 143 5.49 -2.16 -12.94
N GLN A 144 4.43 -2.98 -12.87
CA GLN A 144 3.24 -2.76 -13.68
C GLN A 144 2.23 -1.89 -12.95
N ASP A 145 2.42 -1.77 -11.64
CA ASP A 145 1.51 -0.96 -10.82
C ASP A 145 2.01 0.48 -10.71
N PHE A 146 3.32 0.63 -10.53
CA PHE A 146 3.92 1.95 -10.42
C PHE A 146 3.42 2.88 -11.52
N GLU A 147 3.65 2.49 -12.77
CA GLU A 147 3.23 3.29 -13.91
C GLU A 147 1.89 3.98 -13.63
N TYR A 148 0.85 3.19 -13.47
CA TYR A 148 -0.48 3.73 -13.20
C TYR A 148 -0.43 4.74 -12.05
N ILE A 149 0.29 4.39 -10.99
CA ILE A 149 0.42 5.26 -9.83
C ILE A 149 1.33 6.45 -10.14
N TRP A 150 2.08 6.35 -11.23
CA TRP A 150 2.99 7.41 -11.64
C TRP A 150 2.33 8.34 -12.64
N GLN A 151 1.37 7.82 -13.39
CA GLN A 151 0.66 8.61 -14.39
C GLN A 151 -0.68 9.09 -13.85
N ASN A 152 -1.16 8.44 -12.79
CA ASN A 152 -2.43 8.81 -12.17
C ASN A 152 -2.20 9.44 -10.80
N PHE A 153 -1.63 8.66 -9.89
CA PHE A 153 -1.37 9.15 -8.54
C PHE A 153 -0.26 10.19 -8.54
N VAL A 154 0.26 10.49 -9.74
CA VAL A 154 1.33 11.48 -9.88
C VAL A 154 1.01 12.46 -11.00
N GLU A 155 1.13 13.75 -10.70
CA GLU A 155 0.84 14.79 -11.68
C GLU A 155 2.07 15.05 -12.55
N GLN A 156 1.86 15.05 -13.86
CA GLN A 156 2.95 15.28 -14.81
C GLN A 156 2.83 16.67 -15.44
N GLU A 157 3.96 17.24 -15.81
CA GLU A 157 3.99 18.57 -16.43
C GLU A 157 4.00 18.46 -17.95
N GLU A 158 3.79 19.58 -18.62
CA GLU A 158 3.77 19.61 -20.08
C GLU A 158 5.19 19.52 -20.64
N GLY A 159 5.30 19.04 -21.88
CA GLY A 159 6.60 18.91 -22.50
C GLY A 159 7.34 17.66 -22.05
N GLU A 160 7.24 17.35 -20.76
CA GLU A 160 7.91 16.19 -20.21
C GLU A 160 7.08 14.93 -20.44
N SER A 161 6.51 14.39 -19.36
CA SER A 161 5.69 13.19 -19.44
C SER A 161 6.58 11.94 -19.49
N LYS A 162 7.49 11.83 -18.53
CA LYS A 162 8.39 10.69 -18.46
C LYS A 162 7.61 9.39 -18.19
N ALA A 163 8.35 8.33 -17.88
CA ALA A 163 7.73 7.04 -17.59
C ALA A 163 8.63 6.19 -16.71
N PHE A 164 8.07 5.66 -15.63
CA PHE A 164 8.83 4.83 -14.70
C PHE A 164 9.55 3.71 -15.45
N GLU A 165 10.81 3.96 -15.79
CA GLU A 165 11.61 2.97 -16.50
C GLU A 165 12.71 2.41 -15.61
N PRO A 166 12.45 1.23 -15.01
CA PRO A 166 13.41 0.57 -14.12
C PRO A 166 14.61 0.03 -14.87
N TRP A 167 15.78 0.60 -14.59
CA TRP A 167 17.02 0.16 -15.24
C TRP A 167 17.76 -0.86 -14.38
N GLU A 168 17.81 -0.60 -13.07
CA GLU A 168 18.49 -1.50 -12.15
C GLU A 168 18.12 -2.95 -12.42
N ASP A 169 16.82 -3.24 -12.38
CA ASP A 169 16.33 -4.59 -12.62
C ASP A 169 14.80 -4.61 -12.71
N ILE A 170 14.28 -5.33 -13.69
CA ILE A 170 12.84 -5.43 -13.88
C ILE A 170 12.27 -6.65 -13.17
N GLN A 171 12.78 -7.82 -13.50
CA GLN A 171 12.33 -9.06 -12.89
C GLN A 171 13.10 -9.33 -11.59
N GLU A 172 14.39 -9.61 -11.73
CA GLU A 172 15.23 -9.89 -10.57
C GLU A 172 14.84 -9.01 -9.38
N ASN A 173 14.39 -7.79 -9.68
CA ASN A 173 13.98 -6.85 -8.63
C ASN A 173 12.75 -7.37 -7.90
N PHE A 174 11.64 -7.48 -8.62
CA PHE A 174 10.38 -7.96 -8.04
C PHE A 174 10.58 -9.33 -7.40
N LEU A 175 11.23 -10.23 -8.11
CA LEU A 175 11.47 -11.58 -7.62
C LEU A 175 12.13 -11.54 -6.24
N TYR A 176 13.02 -10.57 -6.05
CA TYR A 176 13.72 -10.42 -4.78
C TYR A 176 12.74 -10.27 -3.63
N TYR A 177 12.11 -9.09 -3.54
CA TYR A 177 11.15 -8.82 -2.48
C TYR A 177 10.02 -9.84 -2.49
N GLU A 178 9.89 -10.57 -3.61
CA GLU A 178 8.86 -11.58 -3.75
C GLU A 178 9.10 -12.75 -2.81
N GLU A 179 10.37 -13.14 -2.68
CA GLU A 179 10.75 -14.25 -1.82
C GLU A 179 10.76 -13.82 -0.36
N LYS A 180 11.00 -12.53 -0.13
CA LYS A 180 11.04 -11.99 1.22
C LYS A 180 9.65 -11.99 1.85
N LEU A 181 8.68 -11.40 1.15
CA LEU A 181 7.31 -11.33 1.64
C LEU A 181 6.78 -12.73 1.96
N ALA A 182 6.91 -13.64 1.01
CA ALA A 182 6.44 -15.01 1.19
C ALA A 182 7.18 -15.69 2.33
N ASP A 183 8.51 -15.59 2.31
CA ASP A 183 9.33 -16.19 3.35
C ASP A 183 8.63 -16.15 4.70
N ILE A 184 8.26 -14.95 5.13
CA ILE A 184 7.58 -14.76 6.41
C ILE A 184 6.43 -15.75 6.57
N LEU A 185 5.61 -15.86 5.53
CA LEU A 185 4.47 -16.77 5.54
C LEU A 185 4.90 -18.18 5.90
N LYS A 186 6.00 -18.63 5.29
CA LYS A 186 6.52 -19.97 5.54
C LYS A 186 7.66 -19.92 6.56
N SER A 187 7.40 -20.47 7.75
CA SER A 187 8.40 -20.48 8.81
C SER A 187 8.25 -21.74 9.67
N GLY A 188 9.38 -22.24 10.16
CA GLY A 188 9.36 -23.44 10.99
C GLY A 188 10.58 -23.54 11.89
N PRO A 189 10.53 -24.46 12.85
CA PRO A 189 11.62 -24.68 13.80
C PRO A 189 12.85 -25.30 13.14
N SER A 190 13.65 -24.47 12.47
CA SER A 190 14.84 -24.94 11.79
C SER A 190 15.51 -26.06 12.58
N SER A 191 15.85 -27.14 11.88
CA SER A 191 16.50 -28.28 12.52
C SER A 191 17.74 -28.72 11.74
N GLY A 192 18.91 -28.54 12.35
CA GLY A 192 20.15 -28.91 11.70
C GLY A 192 20.98 -29.87 12.54
N GLY A 1 -5.19 24.64 6.50
CA GLY A 1 -5.26 23.46 5.65
C GLY A 1 -6.19 22.39 6.21
N SER A 2 -7.49 22.65 6.10
CA SER A 2 -8.49 21.72 6.60
C SER A 2 -9.21 21.03 5.44
N SER A 3 -8.56 20.96 4.29
CA SER A 3 -9.14 20.34 3.11
C SER A 3 -8.13 19.40 2.45
N GLY A 4 -7.15 19.97 1.77
CA GLY A 4 -6.14 19.17 1.10
C GLY A 4 -6.07 19.46 -0.39
N SER A 5 -5.06 18.88 -1.05
CA SER A 5 -4.87 19.08 -2.48
C SER A 5 -5.32 17.86 -3.26
N SER A 6 -5.12 17.89 -4.58
CA SER A 6 -5.51 16.79 -5.44
C SER A 6 -5.14 15.45 -4.82
N GLY A 7 -5.71 14.37 -5.35
CA GLY A 7 -5.42 13.05 -4.83
C GLY A 7 -4.12 12.47 -5.37
N ARG A 8 -3.34 13.32 -6.03
CA ARG A 8 -2.06 12.90 -6.59
C ARG A 8 -0.95 13.86 -6.20
N LEU A 9 0.29 13.47 -6.51
CA LEU A 9 1.45 14.31 -6.19
C LEU A 9 2.20 14.70 -7.46
N PRO A 10 2.73 15.93 -7.47
CA PRO A 10 3.49 16.46 -8.62
C PRO A 10 4.84 15.77 -8.77
N VAL A 11 5.10 15.26 -9.98
CA VAL A 11 6.36 14.59 -10.26
C VAL A 11 7.54 15.32 -9.62
N ASN A 12 7.74 16.57 -10.01
CA ASN A 12 8.82 17.38 -9.48
C ASN A 12 9.00 17.13 -7.98
N PHE A 13 7.89 16.84 -7.30
CA PHE A 13 7.93 16.58 -5.87
C PHE A 13 8.05 15.09 -5.59
N PHE A 14 7.03 14.34 -5.98
CA PHE A 14 7.02 12.89 -5.78
C PHE A 14 8.41 12.30 -5.98
N LYS A 15 9.06 12.69 -7.08
CA LYS A 15 10.40 12.20 -7.39
C LYS A 15 11.32 12.35 -6.19
N PHE A 16 11.24 13.50 -5.53
CA PHE A 16 12.07 13.77 -4.36
C PHE A 16 11.65 12.91 -3.18
N GLN A 17 10.40 13.10 -2.73
CA GLN A 17 9.88 12.34 -1.60
C GLN A 17 9.95 10.84 -1.87
N PHE A 18 9.25 10.39 -2.91
CA PHE A 18 9.23 8.98 -3.27
C PHE A 18 10.60 8.53 -3.77
N ARG A 19 11.53 9.48 -3.87
CA ARG A 19 12.88 9.18 -4.33
C ARG A 19 13.33 7.81 -3.86
N ASN A 20 13.15 6.80 -4.72
CA ASN A 20 13.52 5.44 -4.38
C ASN A 20 14.96 5.38 -3.86
N VAL A 21 15.12 5.49 -2.55
CA VAL A 21 16.43 5.45 -1.93
C VAL A 21 17.11 4.10 -2.14
N GLU A 22 18.22 4.11 -2.87
CA GLU A 22 18.96 2.89 -3.16
C GLU A 22 19.43 2.22 -1.86
N TYR A 23 19.90 3.03 -0.92
CA TYR A 23 20.38 2.53 0.36
C TYR A 23 19.25 2.42 1.37
N SER A 24 19.59 2.10 2.61
CA SER A 24 18.60 1.97 3.67
C SER A 24 17.47 2.98 3.49
N SER A 25 16.25 2.57 3.79
CA SER A 25 15.09 3.44 3.67
C SER A 25 15.45 4.88 4.03
N GLY A 26 16.11 5.05 5.17
CA GLY A 26 16.50 6.37 5.62
C GLY A 26 15.35 7.12 6.28
N ARG A 27 15.38 8.45 6.18
CA ARG A 27 14.35 9.29 6.78
C ARG A 27 13.63 10.11 5.72
N ASN A 28 12.41 9.72 5.39
CA ASN A 28 11.63 10.42 4.38
C ASN A 28 10.15 10.04 4.48
N LYS A 29 9.29 11.05 4.57
CA LYS A 29 7.85 10.84 4.67
C LYS A 29 7.30 10.29 3.36
N THR A 30 6.78 9.06 3.41
CA THR A 30 6.22 8.43 2.22
C THR A 30 4.70 8.53 2.22
N PHE A 31 4.11 8.60 1.03
CA PHE A 31 2.66 8.69 0.90
C PHE A 31 2.07 7.38 0.40
N LEU A 32 0.97 6.95 1.02
CA LEU A 32 0.31 5.71 0.64
C LEU A 32 -1.01 5.99 -0.07
N CYS A 33 -1.13 5.46 -1.29
CA CYS A 33 -2.34 5.66 -2.09
C CYS A 33 -3.38 4.60 -1.74
N TYR A 34 -4.63 5.06 -1.55
CA TYR A 34 -5.72 4.15 -1.20
C TYR A 34 -6.85 4.25 -2.23
N VAL A 35 -7.35 3.09 -2.66
CA VAL A 35 -8.42 3.04 -3.64
C VAL A 35 -9.55 2.12 -3.18
N VAL A 36 -10.64 2.72 -2.71
CA VAL A 36 -11.78 1.95 -2.24
C VAL A 36 -12.89 1.92 -3.28
N GLU A 37 -13.39 0.73 -3.56
CA GLU A 37 -14.47 0.56 -4.55
C GLU A 37 -15.59 -0.31 -3.99
N VAL A 38 -16.70 0.33 -3.66
CA VAL A 38 -17.86 -0.39 -3.11
C VAL A 38 -18.89 -0.67 -4.21
N GLN A 39 -19.74 -1.66 -3.96
CA GLN A 39 -20.78 -2.03 -4.91
C GLN A 39 -21.98 -2.65 -4.21
N SER A 40 -23.15 -2.51 -4.82
CA SER A 40 -24.38 -3.05 -4.25
C SER A 40 -25.10 -3.96 -5.24
N LYS A 41 -24.73 -5.23 -5.24
CA LYS A 41 -25.35 -6.20 -6.15
C LYS A 41 -25.21 -5.75 -7.59
N GLY A 42 -24.16 -4.99 -7.88
CA GLY A 42 -23.93 -4.51 -9.23
C GLY A 42 -24.64 -3.19 -9.50
N GLY A 43 -25.13 -2.55 -8.44
CA GLY A 43 -25.82 -1.29 -8.59
C GLY A 43 -24.89 -0.10 -8.49
N GLN A 44 -25.19 0.81 -7.57
CA GLN A 44 -24.36 2.00 -7.37
C GLN A 44 -23.08 1.65 -6.63
N ALA A 45 -21.96 2.15 -7.13
CA ALA A 45 -20.66 1.90 -6.51
C ALA A 45 -19.98 3.20 -6.11
N GLN A 46 -19.34 3.20 -4.95
CA GLN A 46 -18.64 4.39 -4.46
C GLN A 46 -17.14 4.21 -4.54
N ALA A 47 -16.50 4.96 -5.43
CA ALA A 47 -15.06 4.88 -5.60
C ALA A 47 -14.36 6.06 -4.93
N THR A 48 -13.26 5.78 -4.24
CA THR A 48 -12.50 6.82 -3.56
C THR A 48 -11.01 6.70 -3.85
N GLN A 49 -10.29 7.81 -3.70
CA GLN A 49 -8.85 7.82 -3.95
C GLN A 49 -8.17 8.94 -3.16
N GLY A 50 -6.90 8.76 -2.87
CA GLY A 50 -6.15 9.75 -2.13
C GLY A 50 -4.93 9.17 -1.44
N TYR A 51 -4.04 10.05 -0.97
CA TYR A 51 -2.82 9.62 -0.30
C TYR A 51 -2.83 10.05 1.16
N LEU A 52 -2.32 9.17 2.03
CA LEU A 52 -2.27 9.45 3.46
C LEU A 52 -0.84 9.76 3.90
N GLU A 53 -0.71 10.58 4.95
CA GLU A 53 0.60 10.93 5.47
C GLU A 53 0.90 10.19 6.77
N ASP A 54 2.11 9.65 6.86
CA ASP A 54 2.52 8.91 8.05
C ASP A 54 2.83 9.85 9.20
N GLU A 55 2.06 9.72 10.29
CA GLU A 55 2.25 10.57 11.45
C GLU A 55 3.55 10.21 12.19
N HIS A 56 4.40 11.21 12.40
CA HIS A 56 5.67 11.01 13.08
C HIS A 56 5.47 10.24 14.38
N ALA A 57 4.29 10.38 14.97
CA ALA A 57 3.96 9.70 16.22
C ALA A 57 2.45 9.69 16.46
N GLY A 58 1.77 8.78 15.77
CA GLY A 58 0.33 8.67 15.92
C GLY A 58 -0.29 7.68 14.95
N ALA A 59 -0.84 8.19 13.85
CA ALA A 59 -1.46 7.35 12.84
C ALA A 59 -0.68 7.40 11.53
N HIS A 60 0.03 6.32 11.22
CA HIS A 60 0.80 6.25 9.99
C HIS A 60 -0.13 6.37 8.79
N ALA A 61 0.48 6.36 7.61
CA ALA A 61 -0.27 6.47 6.36
C ALA A 61 -1.37 5.40 6.29
N GLU A 62 -1.06 4.21 6.77
CA GLU A 62 -2.02 3.10 6.76
C GLU A 62 -3.18 3.38 7.71
N GLU A 63 -2.85 3.64 8.97
CA GLU A 63 -3.87 3.93 9.98
C GLU A 63 -4.79 5.05 9.52
N ALA A 64 -4.19 6.16 9.10
CA ALA A 64 -4.96 7.31 8.63
C ALA A 64 -6.12 6.88 7.74
N PHE A 65 -5.97 5.72 7.11
CA PHE A 65 -6.99 5.18 6.23
C PHE A 65 -8.29 4.93 6.98
N PHE A 66 -8.30 3.88 7.79
CA PHE A 66 -9.49 3.53 8.57
C PHE A 66 -9.85 4.64 9.55
N ASN A 67 -8.96 5.64 9.66
CA ASN A 67 -9.19 6.76 10.56
C ASN A 67 -10.22 7.73 9.96
N THR A 68 -10.07 8.01 8.68
CA THR A 68 -10.98 8.92 7.99
C THR A 68 -11.42 8.36 6.64
N ILE A 69 -10.47 7.77 5.92
CA ILE A 69 -10.76 7.19 4.62
C ILE A 69 -11.90 6.17 4.71
N LEU A 70 -11.61 5.02 5.29
CA LEU A 70 -12.61 3.97 5.44
C LEU A 70 -12.98 3.77 6.90
N PRO A 71 -13.85 4.67 7.41
CA PRO A 71 -14.31 4.62 8.81
C PRO A 71 -15.22 3.43 9.07
N ALA A 72 -16.16 3.19 8.16
CA ALA A 72 -17.10 2.08 8.30
C ALA A 72 -17.47 1.51 6.93
N PHE A 73 -17.97 0.28 6.93
CA PHE A 73 -18.37 -0.38 5.69
C PHE A 73 -19.61 -1.23 5.90
N ASP A 74 -20.48 -1.26 4.89
CA ASP A 74 -21.72 -2.03 4.97
C ASP A 74 -21.50 -3.45 4.46
N PRO A 75 -21.94 -4.44 5.25
CA PRO A 75 -21.81 -5.86 4.90
C PRO A 75 -22.71 -6.25 3.73
N ALA A 76 -23.37 -5.26 3.14
CA ALA A 76 -24.26 -5.51 2.01
C ALA A 76 -23.62 -5.06 0.70
N LEU A 77 -22.46 -4.41 0.81
CA LEU A 77 -21.75 -3.92 -0.38
C LEU A 77 -20.36 -4.54 -0.46
N LYS A 78 -19.84 -4.65 -1.68
CA LYS A 78 -18.52 -5.21 -1.90
C LYS A 78 -17.45 -4.11 -1.99
N TYR A 79 -16.80 -3.84 -0.87
CA TYR A 79 -15.76 -2.81 -0.83
C TYR A 79 -14.43 -3.35 -1.34
N ASN A 80 -13.82 -2.62 -2.26
CA ASN A 80 -12.54 -3.02 -2.84
C ASN A 80 -11.46 -1.98 -2.55
N VAL A 81 -10.73 -2.19 -1.45
CA VAL A 81 -9.66 -1.28 -1.06
C VAL A 81 -8.32 -1.73 -1.62
N THR A 82 -7.51 -0.77 -2.05
CA THR A 82 -6.20 -1.06 -2.61
C THR A 82 -5.15 -0.08 -2.11
N TRP A 83 -4.10 -0.61 -1.49
CA TRP A 83 -3.02 0.23 -0.96
C TRP A 83 -1.77 0.11 -1.82
N TYR A 84 -1.15 1.25 -2.11
CA TYR A 84 0.05 1.27 -2.93
C TYR A 84 1.17 2.04 -2.23
N VAL A 85 2.08 1.30 -1.58
CA VAL A 85 3.19 1.92 -0.88
C VAL A 85 4.51 1.29 -1.30
N SER A 86 5.61 1.85 -0.79
CA SER A 86 6.94 1.35 -1.12
C SER A 86 7.58 0.67 0.09
N SER A 87 7.04 0.95 1.28
CA SER A 87 7.55 0.37 2.52
C SER A 87 6.45 -0.38 3.26
N SER A 88 6.71 -1.63 3.60
CA SER A 88 5.75 -2.46 4.32
C SER A 88 5.37 -1.81 5.65
N PRO A 89 4.11 -2.00 6.06
CA PRO A 89 3.59 -1.45 7.31
C PRO A 89 4.19 -2.13 8.54
N CYS A 90 4.29 -1.39 9.64
CA CYS A 90 4.84 -1.93 10.87
C CYS A 90 3.97 -3.04 11.44
N ALA A 91 4.30 -3.52 12.63
CA ALA A 91 3.53 -4.58 13.27
C ALA A 91 2.20 -4.05 13.81
N ALA A 92 2.09 -2.72 13.89
CA ALA A 92 0.88 -2.10 14.40
C ALA A 92 -0.03 -1.68 13.24
N CYS A 93 0.57 -1.35 12.11
CA CYS A 93 -0.18 -0.93 10.93
C CYS A 93 -0.92 -2.11 10.31
N ALA A 94 -0.25 -3.26 10.27
CA ALA A 94 -0.85 -4.46 9.70
C ALA A 94 -1.82 -5.12 10.68
N ASP A 95 -1.78 -4.66 11.92
CA ASP A 95 -2.65 -5.20 12.96
C ASP A 95 -4.10 -4.75 12.74
N ARG A 96 -4.37 -3.48 13.00
CA ARG A 96 -5.71 -2.93 12.83
C ARG A 96 -6.29 -3.31 11.48
N ILE A 97 -5.41 -3.70 10.56
CA ILE A 97 -5.84 -4.10 9.21
C ILE A 97 -6.39 -5.53 9.22
N LEU A 98 -5.68 -6.42 9.89
CA LEU A 98 -6.09 -7.81 9.97
C LEU A 98 -7.41 -7.95 10.72
N LYS A 99 -7.59 -7.11 11.74
CA LYS A 99 -8.82 -7.14 12.53
C LYS A 99 -9.99 -6.59 11.73
N THR A 100 -9.72 -5.67 10.81
CA THR A 100 -10.76 -5.08 9.99
C THR A 100 -11.20 -6.03 8.89
N LEU A 101 -10.26 -6.86 8.42
CA LEU A 101 -10.56 -7.82 7.36
C LEU A 101 -11.20 -9.08 7.93
N SER A 102 -10.74 -9.49 9.11
CA SER A 102 -11.27 -10.68 9.76
C SER A 102 -12.74 -10.50 10.13
N LYS A 103 -13.17 -9.24 10.21
CA LYS A 103 -14.55 -8.92 10.53
C LYS A 103 -15.35 -8.57 9.28
N THR A 104 -14.69 -7.92 8.33
CA THR A 104 -15.34 -7.53 7.08
C THR A 104 -14.87 -8.39 5.92
N LYS A 105 -15.65 -9.42 5.60
CA LYS A 105 -15.32 -10.32 4.50
C LYS A 105 -15.55 -9.65 3.14
N ASN A 106 -16.78 -9.19 2.92
CA ASN A 106 -17.13 -8.54 1.67
C ASN A 106 -16.10 -7.48 1.31
N LEU A 107 -15.33 -7.05 2.30
CA LEU A 107 -14.30 -6.03 2.08
C LEU A 107 -12.98 -6.67 1.66
N ARG A 108 -12.49 -6.28 0.50
CA ARG A 108 -11.23 -6.82 -0.02
C ARG A 108 -10.14 -5.74 -0.04
N LEU A 109 -9.28 -5.76 0.98
CA LEU A 109 -8.20 -4.79 1.08
C LEU A 109 -6.91 -5.35 0.50
N LEU A 110 -6.20 -4.53 -0.26
CA LEU A 110 -4.95 -4.94 -0.88
C LEU A 110 -3.80 -4.03 -0.45
N ILE A 111 -2.58 -4.56 -0.46
CA ILE A 111 -1.40 -3.80 -0.07
C ILE A 111 -0.17 -4.26 -0.82
N LEU A 112 0.56 -3.31 -1.41
CA LEU A 112 1.76 -3.63 -2.17
C LEU A 112 2.96 -2.88 -1.61
N VAL A 113 4.15 -3.48 -1.74
CA VAL A 113 5.37 -2.86 -1.25
C VAL A 113 6.54 -3.17 -2.18
N SER A 114 7.19 -2.11 -2.67
CA SER A 114 8.33 -2.26 -3.57
C SER A 114 9.58 -2.65 -2.79
N ARG A 115 9.52 -2.53 -1.47
CA ARG A 115 10.66 -2.87 -0.62
C ARG A 115 10.17 -3.36 0.74
N LEU A 116 10.67 -4.53 1.16
CA LEU A 116 10.30 -5.10 2.44
C LEU A 116 11.16 -4.53 3.57
N PHE A 117 10.50 -3.95 4.56
CA PHE A 117 11.21 -3.36 5.70
C PHE A 117 10.86 -4.10 7.00
N MET A 118 11.89 -4.46 7.76
CA MET A 118 11.70 -5.17 9.01
C MET A 118 11.03 -6.52 8.77
N TRP A 119 11.60 -7.31 7.86
CA TRP A 119 11.04 -8.63 7.55
C TRP A 119 11.84 -9.72 8.24
N GLU A 120 12.37 -9.41 9.43
CA GLU A 120 13.15 -10.37 10.19
C GLU A 120 12.79 -10.31 11.67
N GLU A 121 11.74 -9.55 11.99
CA GLU A 121 11.30 -9.40 13.37
C GLU A 121 10.06 -10.25 13.65
N PRO A 122 10.00 -10.85 14.84
CA PRO A 122 8.89 -11.70 15.25
C PRO A 122 7.60 -10.90 15.47
N GLU A 123 7.73 -9.58 15.50
CA GLU A 123 6.59 -8.71 15.72
C GLU A 123 5.96 -8.30 14.38
N VAL A 124 6.79 -8.25 13.34
CA VAL A 124 6.32 -7.88 12.01
C VAL A 124 5.93 -9.11 11.20
N GLN A 125 6.75 -10.14 11.26
CA GLN A 125 6.50 -11.38 10.53
C GLN A 125 5.17 -12.00 10.97
N ALA A 126 4.95 -12.02 12.27
CA ALA A 126 3.73 -12.59 12.83
C ALA A 126 2.56 -11.62 12.71
N ALA A 127 2.88 -10.35 12.45
CA ALA A 127 1.87 -9.32 12.31
C ALA A 127 1.42 -9.18 10.86
N LEU A 128 2.25 -9.65 9.95
CA LEU A 128 1.94 -9.58 8.52
C LEU A 128 1.20 -10.83 8.06
N LYS A 129 1.59 -11.98 8.60
CA LYS A 129 0.95 -13.24 8.25
C LYS A 129 -0.57 -13.12 8.33
N LYS A 130 -1.07 -12.66 9.46
CA LYS A 130 -2.51 -12.50 9.66
C LYS A 130 -3.17 -11.93 8.40
N LEU A 131 -2.63 -10.82 7.90
CA LEU A 131 -3.17 -10.19 6.71
C LEU A 131 -3.40 -11.21 5.60
N LYS A 132 -2.51 -12.20 5.52
CA LYS A 132 -2.61 -13.24 4.50
C LYS A 132 -3.55 -14.35 4.98
N GLU A 133 -3.77 -14.42 6.28
CA GLU A 133 -4.64 -15.44 6.85
C GLU A 133 -6.06 -14.90 7.04
N ALA A 134 -6.21 -13.59 6.94
CA ALA A 134 -7.51 -12.95 7.09
C ALA A 134 -8.17 -12.71 5.74
N GLY A 135 -7.36 -12.70 4.68
CA GLY A 135 -7.89 -12.49 3.35
C GLY A 135 -7.19 -11.35 2.63
N CYS A 136 -6.50 -10.51 3.38
CA CYS A 136 -5.79 -9.37 2.80
C CYS A 136 -4.91 -9.81 1.64
N LYS A 137 -4.57 -8.88 0.76
CA LYS A 137 -3.74 -9.16 -0.39
C LYS A 137 -2.38 -8.47 -0.26
N LEU A 138 -1.33 -9.27 -0.06
CA LEU A 138 0.01 -8.75 0.08
C LEU A 138 0.86 -9.07 -1.15
N ARG A 139 1.39 -8.03 -1.79
CA ARG A 139 2.20 -8.20 -2.98
C ARG A 139 3.35 -7.19 -3.00
N ILE A 140 4.23 -7.32 -4.00
CA ILE A 140 5.37 -6.42 -4.12
C ILE A 140 5.16 -5.43 -5.25
N MET A 141 5.00 -4.16 -4.89
CA MET A 141 4.79 -3.10 -5.88
C MET A 141 5.50 -3.43 -7.20
N LYS A 142 4.75 -4.03 -8.12
CA LYS A 142 5.30 -4.41 -9.42
C LYS A 142 5.53 -3.17 -10.28
N PRO A 143 6.42 -3.32 -11.28
CA PRO A 143 6.76 -2.22 -12.19
C PRO A 143 5.62 -1.88 -13.14
N GLN A 144 4.53 -2.65 -13.05
CA GLN A 144 3.37 -2.43 -13.89
C GLN A 144 2.35 -1.52 -13.21
N ASP A 145 2.24 -1.66 -11.89
CA ASP A 145 1.32 -0.85 -11.11
C ASP A 145 1.82 0.59 -10.98
N PHE A 146 3.09 0.72 -10.59
CA PHE A 146 3.69 2.04 -10.43
C PHE A 146 3.28 2.98 -11.56
N GLU A 147 3.61 2.59 -12.79
CA GLU A 147 3.27 3.40 -13.96
C GLU A 147 1.93 4.11 -13.76
N TYR A 148 0.90 3.32 -13.47
CA TYR A 148 -0.43 3.88 -13.27
C TYR A 148 -0.45 4.86 -12.11
N ILE A 149 0.29 4.52 -11.06
CA ILE A 149 0.37 5.38 -9.88
C ILE A 149 1.26 6.59 -10.14
N TRP A 150 2.04 6.53 -11.21
CA TRP A 150 2.94 7.61 -11.57
C TRP A 150 2.28 8.56 -12.57
N GLN A 151 1.38 8.02 -13.38
CA GLN A 151 0.67 8.81 -14.37
C GLN A 151 -0.69 9.26 -13.85
N ASN A 152 -1.19 8.57 -12.83
CA ASN A 152 -2.48 8.89 -12.24
C ASN A 152 -2.31 9.52 -10.86
N PHE A 153 -1.82 8.72 -9.92
CA PHE A 153 -1.60 9.18 -8.55
C PHE A 153 -0.55 10.27 -8.51
N VAL A 154 0.09 10.53 -9.65
CA VAL A 154 1.12 11.55 -9.75
C VAL A 154 0.90 12.44 -10.97
N GLU A 155 0.92 13.74 -10.75
CA GLU A 155 0.72 14.70 -11.83
C GLU A 155 2.01 14.89 -12.62
N GLN A 156 2.00 14.45 -13.88
CA GLN A 156 3.16 14.58 -14.75
C GLN A 156 3.55 16.04 -14.93
N GLU A 157 4.57 16.28 -15.76
CA GLU A 157 5.04 17.64 -16.02
C GLU A 157 4.09 18.37 -16.95
N GLU A 158 4.43 19.61 -17.29
CA GLU A 158 3.60 20.42 -18.17
C GLU A 158 4.17 20.43 -19.59
N GLY A 159 3.30 20.25 -20.57
CA GLY A 159 3.73 20.25 -21.96
C GLY A 159 4.64 19.08 -22.27
N GLU A 160 4.85 18.21 -21.29
CA GLU A 160 5.71 17.05 -21.46
C GLU A 160 5.00 15.77 -21.04
N SER A 161 5.71 14.64 -21.10
CA SER A 161 5.15 13.35 -20.73
C SER A 161 6.23 12.29 -20.63
N LYS A 162 6.56 11.91 -19.41
CA LYS A 162 7.59 10.89 -19.17
C LYS A 162 6.96 9.56 -18.78
N ALA A 163 7.80 8.56 -18.56
CA ALA A 163 7.33 7.24 -18.17
C ALA A 163 8.43 6.45 -17.46
N PHE A 164 8.21 6.15 -16.18
CA PHE A 164 9.17 5.40 -15.40
C PHE A 164 9.32 3.98 -15.93
N GLU A 165 10.31 3.77 -16.79
CA GLU A 165 10.55 2.46 -17.38
C GLU A 165 11.91 1.92 -16.94
N PRO A 166 11.91 1.07 -15.90
CA PRO A 166 13.14 0.47 -15.37
C PRO A 166 13.74 -0.55 -16.32
N TRP A 167 14.95 -0.27 -16.79
CA TRP A 167 15.64 -1.16 -17.72
C TRP A 167 16.61 -2.07 -16.96
N GLU A 168 17.32 -1.51 -16.00
CA GLU A 168 18.28 -2.28 -15.21
C GLU A 168 17.68 -3.61 -14.77
N ASP A 169 16.58 -3.54 -14.03
CA ASP A 169 15.90 -4.73 -13.55
C ASP A 169 14.44 -4.44 -13.21
N ILE A 170 13.54 -5.13 -13.90
CA ILE A 170 12.11 -4.94 -13.67
C ILE A 170 11.58 -5.95 -12.65
N GLN A 171 11.88 -7.22 -12.87
CA GLN A 171 11.44 -8.28 -11.97
C GLN A 171 12.51 -8.61 -10.94
N GLU A 172 13.75 -8.70 -11.41
CA GLU A 172 14.88 -9.01 -10.53
C GLU A 172 14.68 -8.38 -9.15
N ASN A 173 14.09 -7.18 -9.13
CA ASN A 173 13.85 -6.48 -7.88
C ASN A 173 12.54 -6.94 -7.24
N PHE A 174 11.53 -7.16 -8.06
CA PHE A 174 10.23 -7.61 -7.58
C PHE A 174 10.34 -9.00 -6.96
N LEU A 175 10.87 -9.94 -7.72
CA LEU A 175 11.03 -11.32 -7.25
C LEU A 175 11.79 -11.36 -5.93
N TYR A 176 12.84 -10.55 -5.84
CA TYR A 176 13.65 -10.49 -4.63
C TYR A 176 12.80 -10.13 -3.41
N TYR A 177 12.01 -9.07 -3.54
CA TYR A 177 11.14 -8.62 -2.45
C TYR A 177 9.95 -9.55 -2.29
N GLU A 178 9.57 -10.21 -3.39
CA GLU A 178 8.44 -11.13 -3.37
C GLU A 178 8.67 -12.26 -2.37
N GLU A 179 9.87 -12.83 -2.40
CA GLU A 179 10.22 -13.93 -1.51
C GLU A 179 10.24 -13.45 -0.05
N LYS A 180 10.61 -12.19 0.15
CA LYS A 180 10.67 -11.62 1.48
C LYS A 180 9.30 -11.61 2.13
N LEU A 181 8.34 -10.96 1.48
CA LEU A 181 6.97 -10.88 2.00
C LEU A 181 6.33 -12.26 2.06
N ALA A 182 6.45 -13.01 0.95
CA ALA A 182 5.88 -14.35 0.88
C ALA A 182 6.56 -15.29 1.87
N ASP A 183 7.86 -15.07 2.08
CA ASP A 183 8.63 -15.89 3.01
C ASP A 183 7.90 -16.05 4.34
N ILE A 184 7.65 -14.93 4.99
CA ILE A 184 6.97 -14.94 6.28
C ILE A 184 5.68 -15.75 6.22
N LEU A 185 4.97 -15.64 5.09
CA LEU A 185 3.72 -16.37 4.90
C LEU A 185 3.98 -17.87 4.80
N LYS A 186 5.21 -18.23 4.47
CA LYS A 186 5.59 -19.63 4.34
C LYS A 186 6.76 -19.97 5.26
N SER A 187 6.48 -20.76 6.30
CA SER A 187 7.51 -21.16 7.26
C SER A 187 7.83 -22.64 7.13
N GLY A 188 8.86 -23.08 7.84
CA GLY A 188 9.26 -24.47 7.79
C GLY A 188 9.75 -24.99 9.13
N PRO A 189 10.23 -26.24 9.15
CA PRO A 189 10.74 -26.88 10.37
C PRO A 189 12.05 -26.26 10.84
N SER A 190 12.08 -25.85 12.11
CA SER A 190 13.26 -25.24 12.69
C SER A 190 14.16 -26.29 13.32
N SER A 191 13.58 -27.11 14.20
CA SER A 191 14.33 -28.17 14.88
C SER A 191 14.31 -29.45 14.07
N GLY A 192 15.47 -30.07 13.90
CA GLY A 192 15.56 -31.31 13.16
C GLY A 192 16.96 -31.87 13.13
#